data_8VJ7
#
_entry.id   8VJ7
#
_cell.length_a   1.00
_cell.length_b   1.00
_cell.length_c   1.00
_cell.angle_alpha   90.00
_cell.angle_beta   90.00
_cell.angle_gamma   90.00
#
_symmetry.space_group_name_H-M   'P 1'
#
loop_
_entity.id
_entity.type
_entity.pdbx_description
1 polymer 'Isoform Flip of Glutamate receptor 2'
2 non-polymer 'GLUTAMIC ACID'
3 non-polymer 4-[(5S,8R)-8-methyl-6,7,8,9-tetrahydro-2H,5H-[1,3]dioxolo[4,5-h][2,3]benzodiazepin-5-yl]aniline
#
_entity_poly.entity_id   1
_entity_poly.type   'polypeptide(L)'
_entity_poly.pdbx_seq_one_letter_code
;NSIQIGGLFPRGADQEYSAFRVGMVQFSTSEFRLTPHIDNLEVANSFAVTNAFCSQFSRGVYAIFGFYDKKSVNTITSFC
GTLHVSFITPSFPTDGTHPFVIQMRPDLKGALLSLIEYYQWDKFAYLYDSDRGLSTLQAVLDSAAEKKWQVTAINVGNIN
NDKKDETYRSLFQDLELKKERRVILDCERDKVNDIVDQVITIGKHVKGYHYIIANLGFTDGDLLKIQFGGAEVSGFQIVD
YDDSLVSKFIERWSTLEEKEYPGAHTATIKYTSALTYDAVQVMTEAFRNLRKQRIEISRRGNAGDCLANPAVPWGQGVEI
ERALKQVQVEGLSGNIKFDQNGKRINYTINIMELKTNGPRKIGYWSEVDKMVLTEDDTSGLEQKTVVVTTILESPYVMMK
KNHEMLEGNERYEGYCVDLAAEIAKHCGFKYKLTIVGDGKYGARDADTKIWNGMVGELVYGKADIAIAPLTITLVREEVI
DFSKPFMSLGISIMIKKPQKSKPGVFSFLDPLAYEIWMCIVFAYIGVSVVLFLVSRFSPYSESTNEFGIFNSLWFSLGAF
MQQGCDISPRSLSGRIVGGVWWFFTLIIISSYTANLAAFLTVERMVSPIESAEDLSKQTEIAYGTLDSGSTKEFFRRSKI
AVFDKMWTYMRSAEPSVFVRTTAEGVARVRKSKGKYAYLLESTMNEYIEQRKPCDTMKVGGNLDSKGYGIATPKGSSLGT
PVNLAVLKLSEQGVLDKLKNKWWYDKGECGAKDSGSKEKTSALSLSNVAGVFYILVGGLGLAMLVALIEFCYKSRAE
;
_entity_poly.pdbx_strand_id   A,B,C,D
#
# COMPACT_ATOMS: atom_id res chain seq x y z
N ASN A 1 -0.04 84.29 -33.99
CA ASN A 1 0.66 83.05 -33.68
C ASN A 1 -0.18 81.84 -34.07
N SER A 2 0.49 80.78 -34.50
CA SER A 2 -0.19 79.56 -34.90
C SER A 2 0.51 78.37 -34.25
N ILE A 3 -0.25 77.29 -34.07
CA ILE A 3 0.28 76.11 -33.40
C ILE A 3 1.14 75.29 -34.36
N GLN A 4 2.34 74.93 -33.90
CA GLN A 4 3.22 74.04 -34.62
C GLN A 4 3.37 72.73 -33.84
N ILE A 5 3.09 71.61 -34.50
CA ILE A 5 3.18 70.29 -33.87
C ILE A 5 4.13 69.43 -34.68
N GLY A 6 4.77 68.49 -34.00
CA GLY A 6 5.71 67.60 -34.66
C GLY A 6 5.06 66.26 -34.99
N GLY A 7 5.51 65.66 -36.09
CA GLY A 7 4.96 64.40 -36.54
C GLY A 7 6.02 63.37 -36.91
N LEU A 8 6.00 62.24 -36.22
CA LEU A 8 6.89 61.12 -36.51
C LEU A 8 6.06 60.00 -37.14
N PHE A 9 6.48 59.55 -38.31
CA PHE A 9 5.75 58.51 -39.01
C PHE A 9 6.68 57.39 -39.44
N PRO A 10 6.25 56.14 -39.29
CA PRO A 10 7.05 55.03 -39.84
C PRO A 10 7.01 55.06 -41.36
N ARG A 11 8.06 54.50 -41.97
CA ARG A 11 8.14 54.48 -43.42
C ARG A 11 7.06 53.56 -43.99
N GLY A 12 6.40 54.04 -45.05
CA GLY A 12 5.32 53.29 -45.66
C GLY A 12 3.97 53.47 -45.02
N ALA A 13 3.84 54.32 -44.00
CA ALA A 13 2.57 54.56 -43.35
C ALA A 13 1.74 55.58 -44.13
N ASP A 14 1.45 55.27 -45.40
CA ASP A 14 0.70 56.20 -46.23
C ASP A 14 -0.73 56.38 -45.73
N GLN A 15 -1.38 55.28 -45.34
CA GLN A 15 -2.78 55.37 -44.91
C GLN A 15 -2.90 56.19 -43.62
N GLU A 16 -1.98 55.98 -42.67
CA GLU A 16 -2.02 56.76 -41.43
C GLU A 16 -1.76 58.24 -41.70
N TYR A 17 -0.85 58.54 -42.62
CA TYR A 17 -0.59 59.94 -42.98
C TYR A 17 -1.80 60.57 -43.64
N SER A 18 -2.49 59.83 -44.52
CA SER A 18 -3.69 60.35 -45.15
C SER A 18 -4.80 60.58 -44.11
N ALA A 19 -4.92 59.66 -43.16
CA ALA A 19 -5.90 59.84 -42.08
C ALA A 19 -5.57 61.08 -41.25
N PHE A 20 -4.29 61.29 -40.96
CA PHE A 20 -3.89 62.49 -40.23
C PHE A 20 -4.23 63.75 -41.04
N ARG A 21 -4.00 63.71 -42.35
CA ARG A 21 -4.29 64.87 -43.19
C ARG A 21 -5.78 65.17 -43.22
N VAL A 22 -6.62 64.15 -43.40
CA VAL A 22 -8.06 64.39 -43.44
C VAL A 22 -8.57 64.81 -42.06
N GLY A 23 -7.96 64.31 -40.98
CA GLY A 23 -8.34 64.76 -39.66
C GLY A 23 -8.00 66.22 -39.44
N MET A 24 -6.82 66.65 -39.90
CA MET A 24 -6.46 68.06 -39.80
C MET A 24 -7.41 68.92 -40.65
N VAL A 25 -7.80 68.42 -41.81
CA VAL A 25 -8.73 69.15 -42.67
C VAL A 25 -10.09 69.31 -41.97
N GLN A 26 -10.58 68.23 -41.36
CA GLN A 26 -11.93 68.27 -40.78
C GLN A 26 -11.95 69.08 -39.48
N PHE A 27 -10.94 68.90 -38.63
CA PHE A 27 -10.95 69.50 -37.30
C PHE A 27 -10.25 70.86 -37.25
N SER A 28 -9.79 71.39 -38.38
CA SER A 28 -9.21 72.72 -38.39
C SER A 28 -10.29 73.75 -38.07
N THR A 29 -9.91 74.77 -37.30
CA THR A 29 -10.82 75.84 -36.92
C THR A 29 -10.35 77.14 -37.56
N SER A 30 -11.22 78.15 -37.50
CA SER A 30 -10.96 79.42 -38.16
C SER A 30 -10.21 80.38 -37.24
N GLU A 31 -9.63 79.86 -36.16
CA GLU A 31 -8.85 80.69 -35.25
C GLU A 31 -7.40 80.24 -35.21
N PHE A 32 -7.18 78.92 -35.29
CA PHE A 32 -5.84 78.36 -35.23
C PHE A 32 -5.80 77.09 -36.07
N ARG A 33 -4.59 76.72 -36.46
CA ARG A 33 -4.35 75.48 -37.21
C ARG A 33 -3.20 74.72 -36.57
N LEU A 34 -3.29 73.39 -36.59
CA LEU A 34 -2.22 72.53 -36.10
C LEU A 34 -1.26 72.26 -37.25
N THR A 35 -0.30 73.18 -37.40
CA THR A 35 0.69 73.07 -38.47
C THR A 35 1.64 71.92 -38.16
N PRO A 36 1.71 70.90 -39.02
CA PRO A 36 2.52 69.73 -38.70
C PRO A 36 3.94 69.83 -39.25
N HIS A 37 4.86 69.21 -38.53
CA HIS A 37 6.21 68.96 -39.02
C HIS A 37 6.39 67.45 -39.12
N ILE A 38 6.43 66.94 -40.35
CA ILE A 38 6.35 65.51 -40.62
C ILE A 38 7.75 64.99 -40.95
N ASP A 39 8.13 63.90 -40.29
CA ASP A 39 9.39 63.22 -40.55
C ASP A 39 9.14 61.74 -40.73
N ASN A 40 9.55 61.20 -41.88
CA ASN A 40 9.43 59.78 -42.19
C ASN A 40 10.79 59.13 -42.02
N LEU A 41 10.85 58.05 -41.24
CA LEU A 41 12.11 57.46 -40.84
C LEU A 41 11.88 56.01 -40.40
N GLU A 42 12.98 55.34 -40.09
CA GLU A 42 12.94 54.01 -39.47
C GLU A 42 12.60 54.19 -38.00
N VAL A 43 11.30 54.07 -37.70
CA VAL A 43 10.80 54.34 -36.35
C VAL A 43 11.36 53.38 -35.31
N ALA A 44 11.80 52.18 -35.72
CA ALA A 44 12.37 51.25 -34.76
C ALA A 44 13.77 51.67 -34.31
N ASN A 45 14.52 52.34 -35.19
CA ASN A 45 15.89 52.72 -34.88
C ASN A 45 15.90 53.81 -33.82
N SER A 46 16.72 53.63 -32.79
CA SER A 46 16.78 54.61 -31.70
C SER A 46 17.46 55.90 -32.14
N PHE A 47 18.54 55.78 -32.92
CA PHE A 47 19.26 56.98 -33.36
C PHE A 47 18.39 57.84 -34.27
N ALA A 48 17.64 57.22 -35.17
CA ALA A 48 16.81 57.98 -36.10
C ALA A 48 15.70 58.72 -35.37
N VAL A 49 14.99 58.04 -34.46
CA VAL A 49 13.94 58.70 -33.71
C VAL A 49 14.52 59.77 -32.80
N THR A 50 15.70 59.53 -32.25
CA THR A 50 16.35 60.54 -31.42
C THR A 50 16.65 61.80 -32.24
N ASN A 51 17.18 61.62 -33.45
CA ASN A 51 17.48 62.77 -34.29
C ASN A 51 16.22 63.53 -34.69
N ALA A 52 15.17 62.79 -35.07
CA ALA A 52 13.92 63.44 -35.45
C ALA A 52 13.30 64.19 -34.27
N PHE A 53 13.31 63.56 -33.09
CA PHE A 53 12.76 64.20 -31.90
C PHE A 53 13.55 65.44 -31.53
N CYS A 54 14.88 65.38 -31.64
CA CYS A 54 15.70 66.55 -31.33
C CYS A 54 15.46 67.67 -32.32
N SER A 55 15.31 67.35 -33.60
CA SER A 55 15.03 68.38 -34.60
C SER A 55 13.69 69.04 -34.32
N GLN A 56 12.66 68.25 -34.01
CA GLN A 56 11.36 68.81 -33.72
C GLN A 56 11.35 69.62 -32.43
N PHE A 57 12.10 69.17 -31.41
CA PHE A 57 12.20 69.93 -30.17
C PHE A 57 12.93 71.25 -30.38
N SER A 58 13.96 71.24 -31.22
CA SER A 58 14.64 72.48 -31.57
C SER A 58 13.71 73.42 -32.33
N ARG A 59 12.85 72.86 -33.19
CA ARG A 59 11.82 73.67 -33.82
C ARG A 59 10.88 74.31 -32.81
N GLY A 60 10.67 73.67 -31.67
CA GLY A 60 9.80 74.22 -30.65
C GLY A 60 8.34 73.86 -30.80
N VAL A 61 8.04 72.66 -31.31
CA VAL A 61 6.65 72.24 -31.45
C VAL A 61 6.01 72.10 -30.08
N TYR A 62 4.75 72.51 -29.99
CA TYR A 62 4.04 72.47 -28.71
C TYR A 62 3.66 71.05 -28.31
N ALA A 63 3.23 70.23 -29.27
CA ALA A 63 2.88 68.84 -29.00
C ALA A 63 3.45 67.98 -30.11
N ILE A 64 3.74 66.72 -29.78
CA ILE A 64 4.37 65.79 -30.70
C ILE A 64 3.45 64.59 -30.90
N PHE A 65 3.22 64.26 -32.17
CA PHE A 65 2.54 63.03 -32.56
C PHE A 65 3.55 62.10 -33.23
N GLY A 66 3.46 60.82 -32.93
CA GLY A 66 4.40 59.87 -33.52
C GLY A 66 4.07 58.45 -33.10
N PHE A 67 4.82 57.53 -33.69
CA PHE A 67 4.74 56.11 -33.39
C PHE A 67 6.04 55.64 -32.76
N TYR A 68 6.07 54.38 -32.35
CA TYR A 68 7.28 53.77 -31.84
C TYR A 68 7.16 52.25 -31.93
N ASP A 69 8.29 51.59 -31.70
CA ASP A 69 8.36 50.13 -31.62
C ASP A 69 9.00 49.74 -30.31
N LYS A 70 9.22 48.43 -30.13
CA LYS A 70 9.88 47.95 -28.91
C LYS A 70 11.32 48.45 -28.84
N LYS A 71 11.90 48.83 -29.97
CA LYS A 71 13.29 49.28 -30.01
C LYS A 71 13.43 50.79 -29.85
N SER A 72 12.33 51.53 -29.77
CA SER A 72 12.38 52.98 -29.61
C SER A 72 11.35 53.54 -28.65
N VAL A 73 10.56 52.70 -27.97
CA VAL A 73 9.56 53.22 -27.04
C VAL A 73 10.24 53.81 -25.80
N ASN A 74 11.27 53.14 -25.28
CA ASN A 74 11.96 53.62 -24.09
C ASN A 74 12.62 54.98 -24.32
N THR A 75 13.27 55.15 -25.47
CA THR A 75 13.92 56.42 -25.78
C THR A 75 12.91 57.56 -25.84
N ILE A 76 11.78 57.32 -26.51
CA ILE A 76 10.74 58.34 -26.64
C ILE A 76 10.17 58.69 -25.26
N THR A 77 9.88 57.67 -24.45
CA THR A 77 9.32 57.92 -23.13
C THR A 77 10.30 58.71 -22.26
N SER A 78 11.58 58.35 -22.30
CA SER A 78 12.58 59.07 -21.51
C SER A 78 12.73 60.52 -21.98
N PHE A 79 12.76 60.72 -23.30
CA PHE A 79 12.89 62.08 -23.83
C PHE A 79 11.69 62.94 -23.44
N CYS A 80 10.50 62.37 -23.48
CA CYS A 80 9.30 63.13 -23.15
C CYS A 80 9.23 63.40 -21.65
N GLY A 81 9.67 62.44 -20.84
CA GLY A 81 9.71 62.67 -19.41
C GLY A 81 10.72 63.72 -19.00
N THR A 82 11.84 63.80 -19.72
CA THR A 82 12.88 64.77 -19.36
C THR A 82 12.56 66.16 -19.90
N LEU A 83 12.28 66.27 -21.20
CA LEU A 83 12.08 67.56 -21.85
C LEU A 83 10.69 68.13 -21.62
N HIS A 84 9.80 67.38 -20.97
CA HIS A 84 8.43 67.82 -20.65
C HIS A 84 7.68 68.22 -21.93
N VAL A 85 7.52 67.24 -22.82
CA VAL A 85 6.75 67.42 -24.05
C VAL A 85 5.80 66.24 -24.17
N SER A 86 4.53 66.54 -24.43
CA SER A 86 3.54 65.49 -24.61
C SER A 86 3.80 64.73 -25.91
N PHE A 87 3.55 63.42 -25.87
CA PHE A 87 3.78 62.55 -27.02
C PHE A 87 2.49 61.80 -27.31
N ILE A 88 1.78 62.25 -28.35
CA ILE A 88 0.57 61.57 -28.80
C ILE A 88 0.96 60.40 -29.70
N THR A 89 0.54 59.19 -29.33
CA THR A 89 0.99 57.98 -30.02
C THR A 89 -0.07 56.91 -30.16
N PRO A 90 -0.27 56.39 -31.38
CA PRO A 90 -1.21 55.27 -31.57
C PRO A 90 -0.60 53.89 -31.38
N SER A 91 0.66 53.79 -30.97
CA SER A 91 1.32 52.49 -30.88
C SER A 91 0.82 51.71 -29.66
N PHE A 92 1.42 50.55 -29.44
CA PHE A 92 0.99 49.68 -28.36
C PHE A 92 1.22 50.34 -27.01
N PRO A 93 0.35 50.11 -26.02
CA PRO A 93 0.52 50.76 -24.72
C PRO A 93 1.83 50.35 -24.05
N THR A 94 2.41 51.29 -23.31
CA THR A 94 3.64 51.01 -22.57
C THR A 94 3.33 50.12 -21.37
N ASP A 95 4.27 49.24 -21.04
CA ASP A 95 4.09 48.36 -19.90
C ASP A 95 4.04 49.15 -18.59
N GLY A 96 4.91 50.15 -18.45
CA GLY A 96 4.92 50.96 -17.26
C GLY A 96 4.12 52.24 -17.40
N THR A 97 3.99 52.94 -16.28
CA THR A 97 3.26 54.22 -16.23
C THR A 97 4.17 55.41 -16.52
N HIS A 98 4.70 55.46 -17.73
CA HIS A 98 5.58 56.55 -18.10
C HIS A 98 4.77 57.83 -18.29
N PRO A 99 5.19 58.96 -17.71
CA PRO A 99 4.46 60.21 -17.90
C PRO A 99 4.72 60.80 -19.28
N PHE A 100 3.90 61.82 -19.60
CA PHE A 100 4.06 62.64 -20.79
C PHE A 100 3.85 61.87 -22.10
N VAL A 101 3.41 60.63 -22.01
CA VAL A 101 3.04 59.89 -23.22
C VAL A 101 1.54 59.61 -23.19
N ILE A 102 0.84 60.02 -24.24
CA ILE A 102 -0.60 59.88 -24.34
C ILE A 102 -0.90 58.66 -25.20
N GLN A 103 -1.51 57.63 -24.59
CA GLN A 103 -1.69 56.33 -25.23
C GLN A 103 -3.18 56.15 -25.55
N MET A 104 -3.52 56.32 -26.83
CA MET A 104 -4.90 56.14 -27.25
C MET A 104 -5.24 54.68 -27.50
N ARG A 105 -4.25 53.83 -27.68
CA ARG A 105 -4.55 52.44 -28.00
C ARG A 105 -5.13 51.76 -26.76
N PRO A 106 -6.34 51.20 -26.83
CA PRO A 106 -6.92 50.55 -25.66
C PRO A 106 -6.12 49.31 -25.28
N ASP A 107 -6.13 49.01 -23.98
CA ASP A 107 -5.42 47.85 -23.47
C ASP A 107 -6.23 46.62 -23.84
N LEU A 108 -5.67 45.81 -24.74
CA LEU A 108 -6.40 44.65 -25.26
C LEU A 108 -6.17 43.41 -24.42
N LYS A 109 -5.27 43.46 -23.43
CA LYS A 109 -4.99 42.29 -22.62
C LYS A 109 -6.23 41.83 -21.86
N GLY A 110 -6.97 42.77 -21.27
CA GLY A 110 -8.16 42.40 -20.52
C GLY A 110 -9.22 41.78 -21.40
N ALA A 111 -9.45 42.36 -22.59
CA ALA A 111 -10.43 41.79 -23.52
C ALA A 111 -10.00 40.41 -23.98
N LEU A 112 -8.71 40.22 -24.24
CA LEU A 112 -8.21 38.92 -24.69
C LEU A 112 -8.40 37.86 -23.60
N LEU A 113 -8.07 38.23 -22.36
CA LEU A 113 -8.25 37.28 -21.25
C LEU A 113 -9.72 36.96 -21.03
N SER A 114 -10.60 37.96 -21.10
CA SER A 114 -12.02 37.71 -20.93
C SER A 114 -12.58 36.88 -22.08
N LEU A 115 -12.01 37.02 -23.28
CA LEU A 115 -12.45 36.20 -24.40
C LEU A 115 -12.00 34.75 -24.23
N ILE A 116 -10.79 34.55 -23.70
CA ILE A 116 -10.37 33.19 -23.37
C ILE A 116 -11.30 32.59 -22.32
N GLU A 117 -11.64 33.37 -21.30
CA GLU A 117 -12.52 32.87 -20.24
C GLU A 117 -13.94 32.63 -20.76
N TYR A 118 -14.34 33.36 -21.80
CA TYR A 118 -15.68 33.21 -22.34
C TYR A 118 -15.87 31.87 -23.03
N TYR A 119 -14.82 31.38 -23.71
CA TYR A 119 -14.87 30.08 -24.36
C TYR A 119 -14.50 28.93 -23.42
N GLN A 120 -14.25 29.21 -22.15
CA GLN A 120 -13.87 28.19 -21.15
C GLN A 120 -12.61 27.44 -21.58
N TRP A 121 -11.65 28.15 -22.16
CA TRP A 121 -10.43 27.51 -22.62
C TRP A 121 -9.50 27.21 -21.44
N ASP A 122 -8.85 26.05 -21.51
CA ASP A 122 -7.83 25.68 -20.55
C ASP A 122 -6.59 25.07 -21.19
N LYS A 123 -6.51 25.03 -22.51
CA LYS A 123 -5.35 24.47 -23.21
C LYS A 123 -5.35 25.04 -24.62
N PHE A 124 -4.37 25.89 -24.91
CA PHE A 124 -4.30 26.55 -26.22
C PHE A 124 -2.87 26.93 -26.54
N ALA A 125 -2.59 27.11 -27.82
CA ALA A 125 -1.29 27.58 -28.27
C ALA A 125 -1.30 29.10 -28.39
N TYR A 126 -0.10 29.69 -28.41
CA TYR A 126 0.06 31.14 -28.43
C TYR A 126 1.16 31.48 -29.44
N LEU A 127 0.76 31.79 -30.67
CA LEU A 127 1.68 32.24 -31.69
C LEU A 127 1.81 33.76 -31.63
N TYR A 128 2.99 34.24 -31.22
CA TYR A 128 3.19 35.66 -30.95
C TYR A 128 4.38 36.19 -31.74
N ASP A 129 4.32 37.48 -32.06
CA ASP A 129 5.43 38.18 -32.69
C ASP A 129 6.21 38.93 -31.62
N SER A 130 7.53 38.75 -31.61
CA SER A 130 8.35 39.39 -30.59
C SER A 130 8.51 40.88 -30.85
N ASP A 131 8.12 41.35 -32.03
CA ASP A 131 8.33 42.75 -32.43
C ASP A 131 7.18 43.67 -32.05
N ARG A 132 6.38 43.29 -31.05
CA ARG A 132 5.33 44.17 -30.56
C ARG A 132 5.25 44.19 -29.04
N GLY A 133 6.30 43.76 -28.34
CA GLY A 133 6.24 43.72 -26.90
C GLY A 133 5.72 42.39 -26.38
N LEU A 134 6.25 41.98 -25.24
CA LEU A 134 5.87 40.72 -24.62
C LEU A 134 4.95 40.91 -23.41
N SER A 135 4.33 42.09 -23.28
CA SER A 135 3.40 42.31 -22.18
C SER A 135 2.20 41.37 -22.26
N THR A 136 1.66 41.19 -23.47
CA THR A 136 0.53 40.27 -23.64
C THR A 136 0.94 38.84 -23.30
N LEU A 137 2.14 38.43 -23.72
CA LEU A 137 2.61 37.08 -23.42
C LEU A 137 2.75 36.86 -21.93
N GLN A 138 3.33 37.85 -21.23
CA GLN A 138 3.48 37.73 -19.78
C GLN A 138 2.11 37.71 -19.09
N ALA A 139 1.17 38.51 -19.57
CA ALA A 139 -0.17 38.50 -19.00
C ALA A 139 -0.85 37.15 -19.19
N VAL A 140 -0.74 36.57 -20.39
CA VAL A 140 -1.38 35.27 -20.63
C VAL A 140 -0.70 34.18 -19.81
N LEU A 141 0.63 34.27 -19.63
CA LEU A 141 1.33 33.28 -18.83
C LEU A 141 0.96 33.37 -17.35
N ASP A 142 0.88 34.59 -16.81
CA ASP A 142 0.49 34.73 -15.41
C ASP A 142 -0.96 34.33 -15.18
N SER A 143 -1.83 34.61 -16.15
CA SER A 143 -3.21 34.13 -16.06
C SER A 143 -3.27 32.60 -16.11
N ALA A 144 -2.46 31.98 -16.97
CA ALA A 144 -2.41 30.52 -17.01
C ALA A 144 -1.92 29.96 -15.68
N ALA A 145 -0.93 30.61 -15.06
CA ALA A 145 -0.49 30.19 -13.74
C ALA A 145 -1.60 30.34 -12.71
N GLU A 146 -2.35 31.44 -12.78
CA GLU A 146 -3.42 31.69 -11.81
C GLU A 146 -4.64 30.81 -12.10
N LYS A 147 -5.00 30.65 -13.37
CA LYS A 147 -6.21 29.94 -13.75
C LYS A 147 -5.95 28.51 -14.20
N LYS A 148 -4.74 27.99 -13.96
CA LYS A 148 -4.41 26.59 -14.25
C LYS A 148 -4.62 26.25 -15.73
N TRP A 149 -4.28 27.19 -16.60
CA TRP A 149 -4.28 26.92 -18.03
C TRP A 149 -2.95 26.30 -18.47
N GLN A 150 -2.93 25.80 -19.69
CA GLN A 150 -1.73 25.27 -20.32
C GLN A 150 -1.49 26.03 -21.62
N VAL A 151 -0.40 26.78 -21.68
CA VAL A 151 -0.09 27.63 -22.82
C VAL A 151 1.19 27.13 -23.47
N THR A 152 1.10 26.78 -24.76
CA THR A 152 2.27 26.41 -25.55
C THR A 152 2.71 27.60 -26.40
N ALA A 153 3.36 28.55 -25.73
CA ALA A 153 3.78 29.79 -26.38
C ALA A 153 4.95 29.52 -27.32
N ILE A 154 4.83 29.98 -28.56
CA ILE A 154 5.85 29.78 -29.59
C ILE A 154 6.10 31.10 -30.30
N ASN A 155 7.36 31.48 -30.45
CA ASN A 155 7.74 32.71 -31.12
C ASN A 155 7.66 32.47 -32.62
N VAL A 156 6.64 33.04 -33.27
CA VAL A 156 6.47 32.88 -34.71
C VAL A 156 7.08 34.03 -35.50
N GLY A 157 7.36 35.17 -34.87
CA GLY A 157 7.92 36.29 -35.60
C GLY A 157 9.35 36.06 -36.04
N ASN A 158 10.03 35.09 -35.43
CA ASN A 158 11.42 34.82 -35.80
C ASN A 158 11.55 34.21 -37.19
N ILE A 159 10.45 33.76 -37.79
CA ILE A 159 10.49 33.24 -39.15
C ILE A 159 10.75 34.39 -40.11
N ASN A 160 11.81 34.26 -40.91
CA ASN A 160 12.22 35.33 -41.80
C ASN A 160 11.37 35.31 -43.07
N ASN A 161 11.76 36.12 -44.07
CA ASN A 161 10.93 36.31 -45.24
C ASN A 161 10.91 35.07 -46.14
N ASP A 162 12.05 34.41 -46.33
CA ASP A 162 12.13 33.33 -47.31
C ASP A 162 12.09 31.93 -46.74
N LYS A 163 12.48 31.72 -45.48
CA LYS A 163 12.36 30.40 -44.86
C LYS A 163 11.01 30.32 -44.14
N LYS A 164 9.93 30.51 -44.89
CA LYS A 164 8.59 30.67 -44.34
C LYS A 164 7.62 29.61 -44.85
N ASP A 165 8.16 28.51 -45.37
CA ASP A 165 7.30 27.43 -45.84
C ASP A 165 7.54 26.15 -45.04
N GLU A 166 8.81 25.79 -44.85
CA GLU A 166 9.14 24.57 -44.11
C GLU A 166 8.97 24.79 -42.61
N THR A 167 9.23 26.01 -42.14
CA THR A 167 9.16 26.28 -40.70
C THR A 167 7.74 26.12 -40.16
N TYR A 168 6.74 26.55 -40.93
CA TYR A 168 5.36 26.43 -40.48
C TYR A 168 4.93 24.97 -40.38
N ARG A 169 5.37 24.12 -41.32
CA ARG A 169 5.01 22.71 -41.28
C ARG A 169 5.57 22.04 -40.04
N SER A 170 6.83 22.30 -39.72
CA SER A 170 7.44 21.71 -38.53
C SER A 170 6.76 22.20 -37.26
N LEU A 171 6.37 23.47 -37.23
CA LEU A 171 5.66 24.03 -36.09
C LEU A 171 4.31 23.35 -35.90
N PHE A 172 3.50 23.31 -36.96
CA PHE A 172 2.17 22.70 -36.84
C PHE A 172 2.26 21.21 -36.56
N GLN A 173 3.38 20.57 -36.93
CA GLN A 173 3.62 19.22 -36.46
C GLN A 173 3.72 19.18 -34.95
N ASP A 174 4.37 20.18 -34.35
CA ASP A 174 4.50 20.23 -32.90
C ASP A 174 3.17 20.47 -32.21
N LEU A 175 2.36 21.42 -32.71
CA LEU A 175 1.04 21.58 -32.10
C LEU A 175 0.16 20.35 -32.34
N GLU A 176 0.24 19.74 -33.53
CA GLU A 176 -0.60 18.58 -33.82
C GLU A 176 -0.21 17.38 -32.97
N LEU A 177 1.04 17.33 -32.49
CA LEU A 177 1.44 16.24 -31.62
C LEU A 177 0.70 16.25 -30.29
N LYS A 178 0.24 17.42 -29.83
CA LYS A 178 -0.64 17.51 -28.66
C LYS A 178 -2.05 17.91 -29.06
N LYS A 179 -2.33 17.99 -30.36
CA LYS A 179 -3.65 18.33 -30.88
C LYS A 179 -4.15 19.66 -30.32
N GLU A 180 -3.36 20.71 -30.55
CA GLU A 180 -3.71 22.05 -30.09
C GLU A 180 -4.64 22.73 -31.08
N ARG A 181 -5.91 22.31 -31.12
CA ARG A 181 -6.86 22.92 -32.03
C ARG A 181 -7.12 24.39 -31.69
N ARG A 182 -6.90 24.77 -30.43
CA ARG A 182 -7.10 26.14 -29.98
C ARG A 182 -5.80 26.91 -30.18
N VAL A 183 -5.81 27.86 -31.11
CA VAL A 183 -4.63 28.64 -31.45
C VAL A 183 -4.97 30.12 -31.33
N ILE A 184 -4.10 30.88 -30.66
CA ILE A 184 -4.26 32.31 -30.50
C ILE A 184 -3.13 33.01 -31.24
N LEU A 185 -3.48 33.94 -32.12
CA LEU A 185 -2.50 34.66 -32.94
C LEU A 185 -2.28 36.05 -32.37
N ASP A 186 -1.12 36.25 -31.74
CA ASP A 186 -0.73 37.56 -31.23
C ASP A 186 0.22 38.18 -32.26
N CYS A 187 -0.38 38.72 -33.33
CA CYS A 187 0.38 39.27 -34.43
C CYS A 187 -0.43 40.36 -35.11
N GLU A 188 0.24 41.16 -35.94
CA GLU A 188 -0.39 42.24 -36.67
C GLU A 188 -0.67 41.82 -38.12
N ARG A 189 -1.09 42.79 -38.92
CA ARG A 189 -1.60 42.57 -40.27
C ARG A 189 -0.76 41.62 -41.11
N ASP A 190 0.51 41.97 -41.36
CA ASP A 190 1.33 41.16 -42.25
C ASP A 190 1.58 39.76 -41.68
N LYS A 191 1.92 39.67 -40.40
CA LYS A 191 2.18 38.38 -39.78
C LYS A 191 0.92 37.52 -39.73
N VAL A 192 -0.21 38.11 -39.39
CA VAL A 192 -1.47 37.35 -39.37
C VAL A 192 -1.82 36.87 -40.77
N ASN A 193 -1.61 37.71 -41.78
CA ASN A 193 -1.89 37.30 -43.16
C ASN A 193 -0.99 36.14 -43.58
N ASP A 194 0.29 36.20 -43.21
CA ASP A 194 1.20 35.10 -43.53
C ASP A 194 0.78 33.82 -42.82
N ILE A 195 0.39 33.93 -41.55
CA ILE A 195 -0.01 32.75 -40.79
C ILE A 195 -1.26 32.12 -41.41
N VAL A 196 -2.25 32.94 -41.76
CA VAL A 196 -3.48 32.37 -42.33
C VAL A 196 -3.22 31.83 -43.72
N ASP A 197 -2.30 32.44 -44.48
CA ASP A 197 -1.93 31.88 -45.78
C ASP A 197 -1.30 30.50 -45.62
N GLN A 198 -0.41 30.35 -44.64
CA GLN A 198 0.17 29.04 -44.41
C GLN A 198 -0.88 28.05 -43.91
N VAL A 199 -1.85 28.52 -43.13
CA VAL A 199 -2.92 27.67 -42.63
C VAL A 199 -3.76 27.13 -43.79
N ILE A 200 -4.16 28.02 -44.70
CA ILE A 200 -4.97 27.59 -45.84
C ILE A 200 -4.13 26.72 -46.79
N THR A 201 -2.82 26.98 -46.85
CA THR A 201 -1.96 26.12 -47.65
C THR A 201 -1.89 24.70 -47.11
N ILE A 202 -1.74 24.55 -45.80
CA ILE A 202 -1.61 23.23 -45.19
C ILE A 202 -2.96 22.56 -44.93
N GLY A 203 -4.07 23.27 -45.12
CA GLY A 203 -5.38 22.68 -44.96
C GLY A 203 -5.87 22.55 -43.54
N LYS A 204 -5.15 23.09 -42.57
CA LYS A 204 -5.57 23.02 -41.17
C LYS A 204 -6.55 24.14 -40.84
N HIS A 205 -7.71 24.13 -41.51
CA HIS A 205 -8.71 25.17 -41.37
C HIS A 205 -10.14 24.62 -41.32
N VAL A 206 -10.31 23.37 -40.92
CA VAL A 206 -11.60 22.72 -40.96
C VAL A 206 -12.24 22.74 -39.58
N LYS A 207 -13.50 22.34 -39.50
CA LYS A 207 -14.23 22.29 -38.23
C LYS A 207 -13.43 21.52 -37.19
N GLY A 208 -13.34 22.09 -35.99
CA GLY A 208 -12.51 21.54 -34.94
C GLY A 208 -11.43 22.51 -34.54
N TYR A 209 -10.84 23.18 -35.53
CA TYR A 209 -9.85 24.21 -35.24
C TYR A 209 -10.55 25.48 -34.76
N HIS A 210 -9.90 26.18 -33.84
CA HIS A 210 -10.41 27.46 -33.34
C HIS A 210 -9.26 28.45 -33.28
N TYR A 211 -9.48 29.65 -33.82
CA TYR A 211 -8.47 30.69 -33.86
C TYR A 211 -8.98 31.96 -33.18
N ILE A 212 -8.09 32.61 -32.44
CA ILE A 212 -8.35 33.91 -31.85
C ILE A 212 -7.30 34.88 -32.36
N ILE A 213 -7.75 36.04 -32.84
CA ILE A 213 -6.87 37.07 -33.39
C ILE A 213 -6.72 38.14 -32.31
N ALA A 214 -5.49 38.38 -31.88
CA ALA A 214 -5.20 39.32 -30.80
C ALA A 214 -4.81 40.70 -31.33
N ASN A 215 -5.74 41.31 -32.06
CA ASN A 215 -5.59 42.69 -32.51
C ASN A 215 -6.96 43.26 -32.84
N LEU A 216 -7.02 44.59 -32.92
CA LEU A 216 -8.27 45.31 -33.12
C LEU A 216 -8.65 45.49 -34.58
N GLY A 217 -7.87 44.94 -35.51
CA GLY A 217 -8.17 45.09 -36.92
C GLY A 217 -8.60 43.79 -37.57
N PHE A 218 -9.46 43.04 -36.88
CA PHE A 218 -9.87 41.73 -37.37
C PHE A 218 -10.61 41.84 -38.70
N THR A 219 -11.58 42.76 -38.79
CA THR A 219 -12.30 42.96 -40.05
C THR A 219 -11.48 43.69 -41.10
N ASP A 220 -10.39 44.35 -40.71
CA ASP A 220 -9.57 45.10 -41.65
C ASP A 220 -8.48 44.25 -42.30
N GLY A 221 -8.35 42.99 -41.92
CA GLY A 221 -7.34 42.12 -42.50
C GLY A 221 -7.82 41.38 -43.72
N ASP A 222 -7.01 40.41 -44.14
CA ASP A 222 -7.29 39.60 -45.31
C ASP A 222 -7.82 38.21 -44.96
N LEU A 223 -8.25 38.00 -43.71
CA LEU A 223 -8.74 36.71 -43.27
C LEU A 223 -10.12 36.36 -43.82
N LEU A 224 -10.66 37.18 -44.74
CA LEU A 224 -11.98 36.90 -45.29
C LEU A 224 -11.95 35.74 -46.29
N LYS A 225 -10.76 35.35 -46.75
CA LYS A 225 -10.64 34.28 -47.73
C LYS A 225 -10.81 32.89 -47.13
N ILE A 226 -10.72 32.75 -45.81
CA ILE A 226 -10.94 31.47 -45.14
C ILE A 226 -12.24 31.46 -44.37
N GLN A 227 -13.16 32.37 -44.69
CA GLN A 227 -14.43 32.46 -43.98
C GLN A 227 -15.24 31.19 -44.11
N PHE A 228 -15.11 30.48 -45.24
CA PHE A 228 -15.86 29.26 -45.50
C PHE A 228 -15.04 28.00 -45.23
N GLY A 229 -13.89 28.13 -44.58
CA GLY A 229 -13.07 26.97 -44.28
C GLY A 229 -13.72 26.00 -43.32
N GLY A 230 -14.43 26.51 -42.32
CA GLY A 230 -15.11 25.70 -41.32
C GLY A 230 -14.62 25.95 -39.89
N ALA A 231 -13.34 26.28 -39.74
CA ALA A 231 -12.79 26.55 -38.42
C ALA A 231 -13.35 27.85 -37.86
N GLU A 232 -13.48 27.90 -36.53
CA GLU A 232 -14.00 29.08 -35.87
C GLU A 232 -12.90 30.14 -35.75
N VAL A 233 -13.20 31.34 -36.26
CA VAL A 233 -12.24 32.44 -36.25
C VAL A 233 -12.91 33.64 -35.58
N SER A 234 -12.22 34.23 -34.60
CA SER A 234 -12.77 35.36 -33.85
C SER A 234 -11.69 36.42 -33.67
N GLY A 235 -12.10 37.58 -33.17
CA GLY A 235 -11.15 38.66 -32.98
C GLY A 235 -11.79 39.79 -32.20
N PHE A 236 -11.15 40.97 -32.31
CA PHE A 236 -11.60 42.18 -31.62
C PHE A 236 -11.70 43.32 -32.60
N GLN A 237 -12.43 44.37 -32.20
CA GLN A 237 -12.65 45.53 -33.04
C GLN A 237 -12.86 46.77 -32.17
N ILE A 238 -12.26 47.89 -32.58
CA ILE A 238 -12.42 49.15 -31.87
C ILE A 238 -13.13 50.15 -32.77
N VAL A 239 -13.09 49.91 -34.08
CA VAL A 239 -13.75 50.78 -35.05
C VAL A 239 -15.04 50.10 -35.47
N ASP A 240 -16.14 50.44 -34.79
CA ASP A 240 -17.45 49.87 -35.08
C ASP A 240 -18.01 50.57 -36.31
N TYR A 241 -18.03 49.86 -37.45
CA TYR A 241 -18.49 50.46 -38.69
C TYR A 241 -19.98 50.77 -38.67
N ASP A 242 -20.77 50.11 -37.81
CA ASP A 242 -22.20 50.35 -37.76
C ASP A 242 -22.56 51.67 -37.09
N ASP A 243 -21.62 52.32 -36.43
CA ASP A 243 -21.89 53.60 -35.79
C ASP A 243 -22.12 54.69 -36.84
N SER A 244 -22.92 55.68 -36.46
CA SER A 244 -23.26 56.75 -37.38
C SER A 244 -22.03 57.56 -37.77
N LEU A 245 -21.22 57.96 -36.79
CA LEU A 245 -20.04 58.76 -37.07
C LEU A 245 -19.04 57.97 -37.92
N VAL A 246 -18.82 56.70 -37.59
CA VAL A 246 -17.87 55.88 -38.34
C VAL A 246 -18.33 55.70 -39.78
N SER A 247 -19.62 55.41 -39.97
CA SER A 247 -20.13 55.24 -41.33
C SER A 247 -20.06 56.54 -42.12
N LYS A 248 -20.37 57.67 -41.48
CA LYS A 248 -20.29 58.95 -42.16
C LYS A 248 -18.86 59.27 -42.57
N PHE A 249 -17.90 58.99 -41.69
CA PHE A 249 -16.50 59.19 -42.05
C PHE A 249 -16.08 58.27 -43.19
N ILE A 250 -16.50 57.01 -43.13
CA ILE A 250 -16.11 56.03 -44.15
C ILE A 250 -16.65 56.43 -45.52
N GLU A 251 -17.89 56.91 -45.56
CA GLU A 251 -18.46 57.36 -46.83
C GLU A 251 -17.63 58.48 -47.45
N ARG A 252 -17.21 59.43 -46.62
CA ARG A 252 -16.23 60.42 -47.08
C ARG A 252 -14.89 59.75 -47.38
N TRP A 253 -14.46 58.83 -46.50
CA TRP A 253 -13.15 58.20 -46.63
C TRP A 253 -13.05 57.36 -47.90
N SER A 254 -14.09 56.59 -48.19
CA SER A 254 -14.05 55.68 -49.34
C SER A 254 -14.06 56.42 -50.67
N THR A 255 -14.60 57.63 -50.71
CA THR A 255 -14.68 58.40 -51.95
C THR A 255 -13.51 59.34 -52.13
N LEU A 256 -12.52 59.30 -51.23
CA LEU A 256 -11.35 60.16 -51.37
C LEU A 256 -10.50 59.73 -52.57
N GLU A 257 -9.87 60.71 -53.21
CA GLU A 257 -8.96 60.43 -54.32
C GLU A 257 -7.71 59.75 -53.79
N GLU A 258 -7.45 58.52 -54.27
CA GLU A 258 -6.34 57.74 -53.76
C GLU A 258 -4.99 58.34 -54.12
N LYS A 259 -4.90 59.08 -55.23
CA LYS A 259 -3.63 59.70 -55.60
C LYS A 259 -3.21 60.75 -54.57
N GLU A 260 -4.16 61.49 -54.01
CA GLU A 260 -3.85 62.47 -52.98
C GLU A 260 -3.84 61.86 -51.59
N TYR A 261 -4.62 60.80 -51.36
CA TYR A 261 -4.67 60.10 -50.08
C TYR A 261 -4.45 58.61 -50.34
N PRO A 262 -3.20 58.18 -50.46
CA PRO A 262 -2.92 56.77 -50.75
C PRO A 262 -3.47 55.85 -49.67
N GLY A 263 -4.03 54.73 -50.09
CA GLY A 263 -4.59 53.77 -49.17
C GLY A 263 -5.91 54.16 -48.55
N ALA A 264 -6.60 55.15 -49.12
CA ALA A 264 -7.84 55.65 -48.52
C ALA A 264 -9.09 55.21 -49.26
N HIS A 265 -8.98 54.79 -50.52
CA HIS A 265 -10.15 54.48 -51.33
C HIS A 265 -10.73 53.11 -51.01
N THR A 266 -11.07 52.88 -49.74
CA THR A 266 -11.67 51.63 -49.31
C THR A 266 -12.82 51.91 -48.36
N ALA A 267 -13.75 50.96 -48.27
CA ALA A 267 -14.88 51.07 -47.36
C ALA A 267 -14.48 50.62 -45.96
N THR A 268 -13.24 50.16 -45.82
CA THR A 268 -12.71 49.75 -44.53
C THR A 268 -11.41 50.49 -44.28
N ILE A 269 -11.10 50.69 -43.00
CA ILE A 269 -9.92 51.44 -42.60
C ILE A 269 -9.20 50.66 -41.51
N LYS A 270 -7.88 50.63 -41.59
CA LYS A 270 -7.08 50.03 -40.53
C LYS A 270 -7.29 50.78 -39.22
N TYR A 271 -7.28 50.05 -38.11
CA TYR A 271 -7.54 50.67 -36.82
C TYR A 271 -6.49 51.71 -36.47
N THR A 272 -5.27 51.58 -37.01
CA THR A 272 -4.24 52.57 -36.75
C THR A 272 -4.57 53.92 -37.37
N SER A 273 -5.12 53.93 -38.58
CA SER A 273 -5.45 55.19 -39.23
C SER A 273 -6.61 55.90 -38.53
N ALA A 274 -7.65 55.15 -38.17
CA ALA A 274 -8.75 55.72 -37.40
C ALA A 274 -8.27 56.20 -36.03
N LEU A 275 -7.32 55.46 -35.44
CA LEU A 275 -6.72 55.88 -34.18
C LEU A 275 -5.97 57.20 -34.34
N THR A 276 -5.24 57.37 -35.45
CA THR A 276 -4.57 58.64 -35.73
C THR A 276 -5.58 59.76 -35.91
N TYR A 277 -6.67 59.50 -36.62
CA TYR A 277 -7.72 60.51 -36.82
C TYR A 277 -8.30 60.94 -35.48
N ASP A 278 -8.60 59.98 -34.61
CA ASP A 278 -9.09 60.31 -33.28
C ASP A 278 -8.03 61.03 -32.46
N ALA A 279 -6.74 60.76 -32.73
CA ALA A 279 -5.68 61.50 -32.08
C ALA A 279 -5.72 62.97 -32.46
N VAL A 280 -5.94 63.26 -33.74
CA VAL A 280 -6.08 64.65 -34.17
C VAL A 280 -7.28 65.29 -33.50
N GLN A 281 -8.41 64.56 -33.43
CA GLN A 281 -9.59 65.09 -32.76
C GLN A 281 -9.29 65.43 -31.30
N VAL A 282 -8.67 64.49 -30.58
CA VAL A 282 -8.36 64.68 -29.16
C VAL A 282 -7.44 65.88 -28.98
N MET A 283 -6.42 65.99 -29.84
CA MET A 283 -5.36 66.96 -29.60
C MET A 283 -5.84 68.37 -29.96
N THR A 284 -6.64 68.47 -31.02
CA THR A 284 -7.27 69.75 -31.36
C THR A 284 -8.23 70.18 -30.26
N GLU A 285 -9.01 69.23 -29.72
CA GLU A 285 -9.85 69.56 -28.57
C GLU A 285 -9.02 70.03 -27.39
N ALA A 286 -7.83 69.45 -27.23
CA ALA A 286 -6.93 69.86 -26.15
C ALA A 286 -6.54 71.32 -26.28
N PHE A 287 -6.11 71.74 -27.48
CA PHE A 287 -5.79 73.16 -27.62
C PHE A 287 -7.01 74.05 -27.52
N ARG A 288 -8.18 73.59 -28.00
CA ARG A 288 -9.37 74.42 -27.87
C ARG A 288 -9.70 74.67 -26.40
N ASN A 289 -9.67 73.61 -25.59
CA ASN A 289 -9.94 73.75 -24.16
C ASN A 289 -8.86 74.60 -23.48
N LEU A 290 -7.60 74.40 -23.85
CA LEU A 290 -6.52 75.18 -23.24
C LEU A 290 -6.65 76.67 -23.57
N ARG A 291 -6.98 77.00 -24.81
CA ARG A 291 -7.15 78.39 -25.20
C ARG A 291 -8.37 79.00 -24.52
N LYS A 292 -9.43 78.20 -24.32
CA LYS A 292 -10.57 78.70 -23.56
C LYS A 292 -10.19 79.02 -22.12
N GLN A 293 -9.14 78.38 -21.59
CA GLN A 293 -8.67 78.64 -20.24
C GLN A 293 -7.76 79.85 -20.14
N ARG A 294 -7.37 80.45 -21.26
CA ARG A 294 -6.43 81.57 -21.29
C ARG A 294 -5.10 81.19 -20.66
N ILE A 295 -4.41 80.23 -21.27
CA ILE A 295 -3.11 79.76 -20.79
C ILE A 295 -2.11 79.83 -21.94
N GLU A 296 -0.95 80.42 -21.68
CA GLU A 296 0.04 80.64 -22.73
C GLU A 296 0.73 79.33 -23.12
N ILE A 297 1.17 79.29 -24.38
CA ILE A 297 1.86 78.14 -24.95
C ILE A 297 3.14 78.54 -25.67
N SER A 298 3.60 79.77 -25.44
CA SER A 298 4.67 80.35 -26.25
C SER A 298 6.03 79.75 -25.94
N ARG A 299 6.31 78.57 -26.50
CA ARG A 299 7.63 77.99 -26.37
C ARG A 299 8.63 78.78 -27.21
N ARG A 300 9.88 78.81 -26.74
CA ARG A 300 10.91 79.56 -27.43
C ARG A 300 11.16 79.00 -28.83
N GLY A 301 11.45 79.90 -29.77
CA GLY A 301 11.64 79.50 -31.15
C GLY A 301 12.87 78.65 -31.39
N ASN A 302 13.86 78.73 -30.50
CA ASN A 302 15.07 77.91 -30.59
C ASN A 302 15.33 77.33 -29.21
N ALA A 303 14.98 76.06 -29.02
CA ALA A 303 15.13 75.43 -27.71
C ALA A 303 16.55 74.99 -27.43
N GLY A 304 17.46 75.13 -28.39
CA GLY A 304 18.84 74.73 -28.20
C GLY A 304 19.05 73.24 -28.37
N ASP A 305 20.23 72.79 -27.95
CA ASP A 305 20.59 71.39 -28.06
C ASP A 305 19.65 70.54 -27.22
N CYS A 306 19.14 69.46 -27.80
CA CYS A 306 18.21 68.59 -27.08
C CYS A 306 18.89 67.86 -25.93
N LEU A 307 20.16 67.53 -26.08
CA LEU A 307 20.91 66.76 -25.09
C LEU A 307 21.93 67.63 -24.36
N ALA A 308 21.55 68.88 -24.07
CA ALA A 308 22.41 69.77 -23.31
C ALA A 308 22.59 69.26 -21.89
N ASN A 309 23.76 69.54 -21.32
CA ASN A 309 24.12 69.05 -19.99
C ASN A 309 24.30 70.21 -19.03
N PRO A 310 23.33 70.44 -18.13
CA PRO A 310 22.04 69.75 -18.01
C PRO A 310 21.00 70.33 -18.96
N ALA A 311 19.93 69.59 -19.23
CA ALA A 311 18.82 70.13 -20.01
C ALA A 311 17.90 70.95 -19.12
N VAL A 312 16.97 71.68 -19.75
CA VAL A 312 16.01 72.48 -19.02
C VAL A 312 14.60 72.10 -19.44
N PRO A 313 13.68 71.88 -18.49
CA PRO A 313 12.30 71.58 -18.86
C PRO A 313 11.58 72.81 -19.39
N TRP A 314 10.35 72.60 -19.83
CA TRP A 314 9.49 73.67 -20.33
C TRP A 314 8.40 73.92 -19.30
N GLY A 315 8.19 75.20 -18.95
CA GLY A 315 7.29 75.52 -17.86
C GLY A 315 5.85 75.15 -18.15
N GLN A 316 5.36 75.42 -19.35
CA GLN A 316 3.97 75.15 -19.69
C GLN A 316 3.73 73.71 -20.13
N GLY A 317 4.78 72.87 -20.16
CA GLY A 317 4.60 71.49 -20.57
C GLY A 317 3.69 70.71 -19.65
N VAL A 318 3.76 70.99 -18.34
CA VAL A 318 2.91 70.30 -17.38
C VAL A 318 1.44 70.62 -17.62
N GLU A 319 1.13 71.90 -17.83
CA GLU A 319 -0.25 72.29 -18.11
C GLU A 319 -0.75 71.70 -19.42
N ILE A 320 0.11 71.61 -20.44
CA ILE A 320 -0.29 70.99 -21.70
C ILE A 320 -0.62 69.52 -21.49
N GLU A 321 0.20 68.81 -20.72
CA GLU A 321 -0.09 67.41 -20.43
C GLU A 321 -1.38 67.24 -19.65
N ARG A 322 -1.63 68.13 -18.69
CA ARG A 322 -2.88 68.09 -17.94
C ARG A 322 -4.07 68.30 -18.85
N ALA A 323 -3.97 69.28 -19.76
CA ALA A 323 -5.07 69.55 -20.69
C ALA A 323 -5.32 68.36 -21.60
N LEU A 324 -4.24 67.74 -22.10
CA LEU A 324 -4.38 66.56 -22.95
C LEU A 324 -5.03 65.41 -22.19
N LYS A 325 -4.65 65.19 -20.93
CA LYS A 325 -5.25 64.11 -20.16
C LYS A 325 -6.69 64.41 -19.79
N GLN A 326 -7.07 65.69 -19.77
CA GLN A 326 -8.43 66.08 -19.40
C GLN A 326 -9.41 65.98 -20.56
N VAL A 327 -8.94 65.60 -21.76
CA VAL A 327 -9.80 65.64 -22.94
C VAL A 327 -10.70 64.41 -22.98
N GLN A 328 -11.99 64.65 -23.23
CA GLN A 328 -12.96 63.61 -23.51
C GLN A 328 -13.71 63.97 -24.79
N VAL A 329 -13.58 63.11 -25.81
CA VAL A 329 -14.25 63.32 -27.09
C VAL A 329 -14.80 61.99 -27.60
N GLU A 330 -15.69 62.09 -28.56
CA GLU A 330 -16.28 60.93 -29.24
C GLU A 330 -15.74 60.87 -30.66
N GLY A 331 -15.28 59.69 -31.07
CA GLY A 331 -14.70 59.53 -32.39
C GLY A 331 -14.93 58.17 -33.01
N LEU A 332 -14.07 57.81 -33.97
CA LEU A 332 -14.21 56.53 -34.65
C LEU A 332 -14.00 55.35 -33.72
N SER A 333 -12.98 55.43 -32.86
CA SER A 333 -12.61 54.34 -31.96
C SER A 333 -13.34 54.38 -30.62
N GLY A 334 -14.51 55.01 -30.56
CA GLY A 334 -15.27 55.03 -29.32
C GLY A 334 -14.87 56.17 -28.40
N ASN A 335 -15.42 56.16 -27.20
CA ASN A 335 -15.17 57.21 -26.22
C ASN A 335 -13.70 57.21 -25.81
N ILE A 336 -13.12 58.39 -25.71
CA ILE A 336 -11.69 58.56 -25.42
C ILE A 336 -11.56 59.33 -24.12
N LYS A 337 -11.03 58.67 -23.08
CA LYS A 337 -10.76 59.32 -21.81
C LYS A 337 -9.40 58.85 -21.31
N PHE A 338 -8.67 59.75 -20.64
CA PHE A 338 -7.33 59.46 -20.16
C PHE A 338 -7.29 59.58 -18.64
N ASP A 339 -6.42 58.77 -18.04
CA ASP A 339 -6.25 58.74 -16.60
C ASP A 339 -5.15 59.73 -16.18
N GLN A 340 -4.72 59.61 -14.92
CA GLN A 340 -3.66 60.49 -14.41
C GLN A 340 -2.34 60.26 -15.12
N ASN A 341 -2.09 59.05 -15.62
CA ASN A 341 -0.84 58.76 -16.32
C ASN A 341 -0.96 58.90 -17.83
N GLY A 342 -2.11 59.31 -18.34
CA GLY A 342 -2.31 59.43 -19.77
C GLY A 342 -2.80 58.17 -20.45
N LYS A 343 -2.89 57.06 -19.74
CA LYS A 343 -3.41 55.83 -20.30
C LYS A 343 -4.91 55.98 -20.58
N ARG A 344 -5.34 55.49 -21.74
CA ARG A 344 -6.75 55.59 -22.09
C ARG A 344 -7.60 54.70 -21.20
N ILE A 345 -8.78 55.22 -20.83
CA ILE A 345 -9.72 54.53 -19.97
C ILE A 345 -11.11 54.61 -20.61
N ASN A 346 -12.05 53.88 -20.03
CA ASN A 346 -13.45 53.86 -20.48
C ASN A 346 -13.59 53.37 -21.91
N TYR A 347 -12.68 52.51 -22.37
CA TYR A 347 -12.76 51.99 -23.72
C TYR A 347 -13.59 50.70 -23.76
N THR A 348 -14.40 50.58 -24.81
CA THR A 348 -15.22 49.39 -25.04
C THR A 348 -14.77 48.73 -26.32
N ILE A 349 -14.39 47.46 -26.23
CA ILE A 349 -13.87 46.69 -27.35
C ILE A 349 -14.89 45.65 -27.75
N ASN A 350 -15.24 45.62 -29.04
CA ASN A 350 -16.23 44.68 -29.55
C ASN A 350 -15.59 43.34 -29.85
N ILE A 351 -16.31 42.27 -29.51
CA ILE A 351 -15.88 40.90 -29.76
C ILE A 351 -16.80 40.30 -30.82
N MET A 352 -16.22 39.66 -31.81
CA MET A 352 -16.97 39.15 -32.96
C MET A 352 -16.41 37.82 -33.44
N GLU A 353 -17.22 37.09 -34.20
CA GLU A 353 -16.86 35.79 -34.74
C GLU A 353 -17.00 35.83 -36.26
N LEU A 354 -16.10 35.12 -36.95
CA LEU A 354 -16.11 35.09 -38.42
C LEU A 354 -17.17 34.09 -38.89
N LYS A 355 -18.41 34.57 -38.91
CA LYS A 355 -19.54 33.74 -39.32
C LYS A 355 -19.53 33.50 -40.81
N THR A 356 -20.39 32.58 -41.25
CA THR A 356 -20.45 32.24 -42.67
C THR A 356 -20.87 33.42 -43.53
N ASN A 357 -21.84 34.21 -43.06
CA ASN A 357 -22.26 35.42 -43.76
C ASN A 357 -21.19 36.50 -43.73
N GLY A 358 -20.29 36.48 -42.75
CA GLY A 358 -19.29 37.50 -42.59
C GLY A 358 -19.04 37.80 -41.13
N PRO A 359 -17.98 38.54 -40.84
CA PRO A 359 -17.68 38.88 -39.44
C PRO A 359 -18.72 39.84 -38.88
N ARG A 360 -19.29 39.47 -37.74
CA ARG A 360 -20.34 40.26 -37.10
C ARG A 360 -20.16 40.20 -35.59
N LYS A 361 -20.53 41.30 -34.93
CA LYS A 361 -20.34 41.43 -33.49
C LYS A 361 -21.15 40.38 -32.73
N ILE A 362 -20.53 39.81 -31.70
CA ILE A 362 -21.18 38.80 -30.88
C ILE A 362 -21.21 39.25 -29.43
N GLY A 363 -20.42 40.28 -29.11
CA GLY A 363 -20.37 40.77 -27.75
C GLY A 363 -19.41 41.93 -27.63
N TYR A 364 -19.29 42.43 -26.40
CA TYR A 364 -18.45 43.58 -26.11
C TYR A 364 -17.80 43.41 -24.74
N TRP A 365 -16.68 44.10 -24.56
CA TRP A 365 -15.94 44.11 -23.30
C TRP A 365 -15.47 45.53 -23.01
N SER A 366 -15.57 45.94 -21.75
CA SER A 366 -15.26 47.30 -21.36
C SER A 366 -14.23 47.30 -20.23
N GLU A 367 -13.96 48.50 -19.71
CA GLU A 367 -12.96 48.69 -18.67
C GLU A 367 -13.35 47.98 -17.38
N VAL A 368 -14.63 48.03 -17.03
CA VAL A 368 -15.12 47.34 -15.83
C VAL A 368 -16.08 46.22 -16.14
N ASP A 369 -16.77 46.22 -17.28
CA ASP A 369 -17.70 45.16 -17.63
C ASP A 369 -16.94 44.01 -18.27
N LYS A 370 -17.11 42.81 -17.74
CA LYS A 370 -16.49 41.64 -18.34
C LYS A 370 -17.24 41.23 -19.61
N MET A 371 -16.77 40.15 -20.23
CA MET A 371 -17.32 39.72 -21.51
C MET A 371 -18.81 39.47 -21.42
N VAL A 372 -19.59 40.31 -22.10
CA VAL A 372 -21.04 40.21 -22.15
C VAL A 372 -21.44 39.97 -23.60
N LEU A 373 -22.20 38.89 -23.83
CA LEU A 373 -22.55 38.50 -25.18
C LEU A 373 -23.84 39.19 -25.64
N THR A 374 -23.84 39.66 -26.89
CA THR A 374 -25.03 40.23 -27.49
C THR A 374 -25.33 39.62 -28.86
N GLU A 375 -24.85 38.42 -29.15
CA GLU A 375 -25.09 37.78 -30.43
C GLU A 375 -26.53 37.30 -30.54
N ASP A 376 -27.06 37.30 -31.76
CA ASP A 376 -28.40 36.79 -32.01
C ASP A 376 -28.37 35.55 -32.88
N ASP A 377 -27.83 35.67 -34.09
CA ASP A 377 -27.69 34.55 -35.04
C ASP A 377 -26.98 35.00 -36.31
N THR A 378 -27.77 35.22 -37.39
CA THR A 378 -27.30 35.77 -38.66
C THR A 378 -26.35 34.81 -39.37
N SER A 379 -26.12 33.62 -38.78
CA SER A 379 -25.19 32.65 -39.35
C SER A 379 -25.63 32.20 -40.74
N GLY A 380 -24.71 32.27 -41.71
CA GLY A 380 -25.04 31.87 -43.07
C GLY A 380 -25.30 30.39 -43.21
N LEU A 381 -24.51 29.56 -42.54
CA LEU A 381 -24.65 28.11 -42.64
C LEU A 381 -24.99 27.54 -41.26
N GLU A 382 -28.38 27.89 -40.04
CA GLU A 382 -28.94 27.66 -38.72
C GLU A 382 -28.18 26.56 -37.99
N GLN A 383 -27.42 26.96 -36.95
CA GLN A 383 -26.69 26.05 -36.08
C GLN A 383 -25.59 25.29 -36.80
N LYS A 384 -25.40 25.57 -38.09
CA LYS A 384 -24.39 24.92 -38.93
C LYS A 384 -24.53 23.40 -38.93
N THR A 385 -25.76 22.91 -38.65
CA THR A 385 -26.13 21.51 -38.44
C THR A 385 -25.25 20.82 -37.41
N VAL A 386 -25.89 20.06 -36.52
CA VAL A 386 -25.17 19.38 -35.45
C VAL A 386 -24.54 18.10 -36.01
N VAL A 387 -23.23 17.97 -35.85
CA VAL A 387 -22.51 16.78 -36.31
C VAL A 387 -22.64 15.71 -35.23
N VAL A 388 -23.34 14.63 -35.57
CA VAL A 388 -23.62 13.54 -34.64
C VAL A 388 -22.72 12.37 -35.02
N THR A 389 -21.66 12.16 -34.25
CA THR A 389 -20.82 10.99 -34.46
C THR A 389 -21.54 9.75 -33.95
N THR A 390 -21.41 8.65 -34.70
CA THR A 390 -22.05 7.41 -34.33
C THR A 390 -21.18 6.24 -34.78
N ILE A 391 -21.44 5.07 -34.19
CA ILE A 391 -20.67 3.87 -34.46
C ILE A 391 -21.62 2.77 -34.90
N LEU A 392 -21.20 2.01 -35.91
CA LEU A 392 -22.02 0.91 -36.42
C LEU A 392 -22.04 -0.22 -35.41
N GLU A 393 -23.16 -0.36 -34.69
CA GLU A 393 -23.34 -1.43 -33.73
C GLU A 393 -24.81 -1.81 -33.70
N SER A 394 -25.07 -3.11 -33.75
CA SER A 394 -26.45 -3.60 -33.80
C SER A 394 -26.96 -3.85 -32.39
N PRO A 395 -28.22 -3.52 -32.09
CA PRO A 395 -29.21 -2.89 -32.97
C PRO A 395 -29.22 -1.37 -32.85
N TYR A 396 -28.15 -0.79 -32.29
CA TYR A 396 -28.11 0.66 -32.11
C TYR A 396 -28.07 1.39 -33.44
N VAL A 397 -27.14 1.00 -34.32
CA VAL A 397 -27.03 1.62 -35.64
C VAL A 397 -26.87 0.54 -36.69
N MET A 398 -27.95 0.19 -37.37
CA MET A 398 -27.90 -0.75 -38.47
C MET A 398 -27.82 0.01 -39.79
N MET A 399 -26.84 -0.35 -40.61
CA MET A 399 -26.68 0.30 -41.91
C MET A 399 -27.80 -0.14 -42.84
N LYS A 400 -28.59 0.83 -43.31
CA LYS A 400 -29.75 0.52 -44.13
C LYS A 400 -29.32 -0.19 -45.42
N LYS A 401 -30.07 -1.22 -45.80
CA LYS A 401 -29.68 -2.03 -46.96
C LYS A 401 -29.65 -1.20 -48.24
N ASN A 402 -30.39 -0.09 -48.27
CA ASN A 402 -30.39 0.79 -49.43
C ASN A 402 -29.30 1.86 -49.37
N HIS A 403 -28.26 1.65 -48.56
CA HIS A 403 -27.21 2.66 -48.44
C HIS A 403 -26.42 2.84 -49.73
N GLU A 404 -26.43 1.85 -50.62
CA GLU A 404 -25.74 1.99 -51.91
C GLU A 404 -26.41 3.03 -52.80
N MET A 405 -27.66 3.40 -52.54
CA MET A 405 -28.34 4.43 -53.31
C MET A 405 -28.95 5.53 -52.47
N LEU A 406 -29.15 5.34 -51.17
CA LEU A 406 -29.66 6.41 -50.33
C LEU A 406 -28.55 7.40 -49.99
N GLU A 407 -28.97 8.58 -49.51
CA GLU A 407 -28.04 9.65 -49.21
C GLU A 407 -28.46 10.31 -47.90
N GLY A 408 -27.47 10.84 -47.18
CA GLY A 408 -27.77 11.52 -45.93
C GLY A 408 -28.03 10.56 -44.79
N ASN A 409 -28.83 11.01 -43.84
CA ASN A 409 -29.13 10.19 -42.66
C ASN A 409 -30.11 9.07 -42.97
N GLU A 410 -30.67 9.03 -44.18
CA GLU A 410 -31.59 7.95 -44.56
C GLU A 410 -30.88 6.60 -44.64
N ARG A 411 -29.54 6.60 -44.62
CA ARG A 411 -28.75 5.38 -44.79
C ARG A 411 -28.64 4.56 -43.52
N TYR A 412 -29.21 5.01 -42.39
CA TYR A 412 -29.02 4.34 -41.12
C TYR A 412 -30.35 4.12 -40.42
N GLU A 413 -30.43 3.01 -39.69
CA GLU A 413 -31.55 2.71 -38.82
C GLU A 413 -31.03 2.04 -37.56
N GLY A 414 -31.87 2.03 -36.53
CA GLY A 414 -31.53 1.42 -35.26
C GLY A 414 -32.07 2.22 -34.10
N TYR A 415 -31.74 1.74 -32.89
CA TYR A 415 -32.16 2.42 -31.67
C TYR A 415 -31.53 3.80 -31.58
N CYS A 416 -30.25 3.91 -31.92
CA CYS A 416 -29.55 5.18 -31.82
C CYS A 416 -30.00 6.19 -32.87
N VAL A 417 -30.33 5.75 -34.08
CA VAL A 417 -30.84 6.68 -35.09
C VAL A 417 -32.16 7.30 -34.62
N ASP A 418 -33.08 6.46 -34.14
CA ASP A 418 -34.36 6.96 -33.64
C ASP A 418 -34.17 7.84 -32.42
N LEU A 419 -33.25 7.46 -31.54
CA LEU A 419 -32.96 8.29 -30.37
C LEU A 419 -32.40 9.66 -30.76
N ALA A 420 -31.50 9.69 -31.74
CA ALA A 420 -30.96 10.96 -32.22
C ALA A 420 -32.06 11.82 -32.85
N ALA A 421 -32.95 11.19 -33.63
CA ALA A 421 -34.06 11.92 -34.22
C ALA A 421 -34.97 12.51 -33.14
N GLU A 422 -35.28 11.72 -32.11
CA GLU A 422 -36.13 12.19 -31.03
C GLU A 422 -35.47 13.34 -30.27
N ILE A 423 -34.17 13.21 -29.99
CA ILE A 423 -33.44 14.26 -29.27
C ILE A 423 -33.41 15.54 -30.09
N ALA A 424 -33.17 15.42 -31.40
CA ALA A 424 -33.17 16.59 -32.27
C ALA A 424 -34.55 17.26 -32.30
N LYS A 425 -35.61 16.45 -32.37
CA LYS A 425 -36.96 17.01 -32.38
C LYS A 425 -37.28 17.71 -31.06
N HIS A 426 -36.86 17.13 -29.93
CA HIS A 426 -37.20 17.70 -28.64
C HIS A 426 -36.41 18.98 -28.38
N CYS A 427 -35.11 18.96 -28.68
CA CYS A 427 -34.28 20.15 -28.49
C CYS A 427 -34.54 21.21 -29.56
N GLY A 428 -34.77 20.80 -30.81
CA GLY A 428 -35.03 21.73 -31.88
C GLY A 428 -33.81 22.08 -32.72
N PHE A 429 -33.08 21.07 -33.16
CA PHE A 429 -31.93 21.27 -34.02
C PHE A 429 -31.94 20.23 -35.13
N LYS A 430 -31.28 20.57 -36.24
CA LYS A 430 -31.08 19.65 -37.35
C LYS A 430 -29.70 19.02 -37.24
N TYR A 431 -29.63 17.70 -37.45
CA TYR A 431 -28.44 16.94 -37.12
C TYR A 431 -27.91 16.23 -38.35
N LYS A 432 -26.66 15.75 -38.25
CA LYS A 432 -26.00 15.00 -39.31
C LYS A 432 -25.28 13.83 -38.67
N LEU A 433 -25.82 12.62 -38.86
CA LEU A 433 -25.19 11.42 -38.33
C LEU A 433 -23.90 11.12 -39.09
N THR A 434 -22.84 10.81 -38.35
CA THR A 434 -21.52 10.59 -38.95
C THR A 434 -20.94 9.30 -38.39
N ILE A 435 -20.42 8.45 -39.27
CA ILE A 435 -19.77 7.21 -38.85
C ILE A 435 -18.40 7.54 -38.29
N VAL A 436 -18.03 6.86 -37.19
CA VAL A 436 -16.74 7.11 -36.57
C VAL A 436 -15.62 6.74 -37.53
N GLY A 437 -14.58 7.57 -37.56
CA GLY A 437 -13.53 7.40 -38.56
C GLY A 437 -12.74 6.11 -38.39
N ASP A 438 -12.30 5.82 -37.16
CA ASP A 438 -11.46 4.66 -36.91
C ASP A 438 -12.24 3.41 -36.53
N GLY A 439 -13.55 3.51 -36.30
CA GLY A 439 -14.33 2.37 -35.92
C GLY A 439 -14.21 1.97 -34.46
N LYS A 440 -13.49 2.75 -33.65
CA LYS A 440 -13.29 2.46 -32.24
C LYS A 440 -14.27 3.25 -31.39
N TYR A 441 -14.41 2.82 -30.13
CA TYR A 441 -15.25 3.55 -29.18
C TYR A 441 -14.46 4.65 -28.49
N GLY A 442 -13.37 4.29 -27.81
CA GLY A 442 -12.54 5.29 -27.18
C GLY A 442 -11.71 4.83 -25.99
N ALA A 443 -10.46 5.26 -25.99
CA ALA A 443 -9.52 5.03 -24.89
C ALA A 443 -8.30 5.91 -25.11
N ARG A 444 -7.51 6.08 -24.05
CA ARG A 444 -6.30 6.90 -24.13
C ARG A 444 -5.12 6.00 -24.51
N ASP A 445 -4.40 6.40 -25.56
CA ASP A 445 -3.29 5.60 -26.06
C ASP A 445 -2.10 5.70 -25.11
N ALA A 446 -1.36 4.60 -25.01
CA ALA A 446 -0.20 4.55 -24.12
C ALA A 446 0.90 5.47 -24.63
N ASP A 447 1.55 6.16 -23.69
CA ASP A 447 2.71 7.03 -23.94
C ASP A 447 2.33 8.30 -24.67
N THR A 448 1.07 8.41 -25.10
CA THR A 448 0.62 9.61 -25.80
C THR A 448 -0.60 10.23 -25.14
N LYS A 449 -1.38 9.43 -24.41
CA LYS A 449 -2.60 9.89 -23.74
C LYS A 449 -3.61 10.50 -24.70
N ILE A 450 -3.58 10.07 -25.97
CA ILE A 450 -4.50 10.61 -26.97
C ILE A 450 -5.75 9.74 -27.02
N TRP A 451 -6.91 10.36 -26.85
CA TRP A 451 -8.18 9.65 -26.93
C TRP A 451 -8.47 9.29 -28.39
N ASN A 452 -8.89 8.04 -28.62
CA ASN A 452 -9.26 7.59 -29.94
C ASN A 452 -10.78 7.37 -30.02
N GLY A 453 -11.24 7.00 -31.20
CA GLY A 453 -12.64 6.65 -31.38
C GLY A 453 -13.60 7.81 -31.14
N MET A 454 -14.75 7.45 -30.55
CA MET A 454 -15.78 8.46 -30.29
C MET A 454 -15.31 9.51 -29.30
N VAL A 455 -14.58 9.10 -28.26
CA VAL A 455 -14.10 10.07 -27.28
C VAL A 455 -13.10 11.03 -27.91
N GLY A 456 -12.21 10.50 -28.76
CA GLY A 456 -11.27 11.36 -29.47
C GLY A 456 -11.98 12.33 -30.40
N GLU A 457 -13.00 11.84 -31.10
CA GLU A 457 -13.77 12.72 -31.98
C GLU A 457 -14.47 13.82 -31.19
N LEU A 458 -14.98 13.48 -30.01
CA LEU A 458 -15.68 14.46 -29.19
C LEU A 458 -14.73 15.51 -28.62
N VAL A 459 -13.60 15.06 -28.06
CA VAL A 459 -12.70 15.97 -27.35
C VAL A 459 -12.05 16.95 -28.31
N TYR A 460 -11.54 16.44 -29.43
CA TYR A 460 -10.73 17.23 -30.34
C TYR A 460 -11.55 18.00 -31.38
N GLY A 461 -12.83 18.27 -31.08
CA GLY A 461 -13.62 19.14 -31.93
C GLY A 461 -14.16 18.52 -33.20
N LYS A 462 -14.01 17.20 -33.37
CA LYS A 462 -14.50 16.57 -34.59
C LYS A 462 -16.01 16.44 -34.61
N ALA A 463 -16.65 16.37 -33.44
CA ALA A 463 -18.09 16.17 -33.36
C ALA A 463 -18.68 17.05 -32.27
N ASP A 464 -19.98 17.33 -32.40
CA ASP A 464 -20.69 18.17 -31.44
C ASP A 464 -21.52 17.36 -30.46
N ILE A 465 -21.85 16.11 -30.80
CA ILE A 465 -22.63 15.25 -29.91
C ILE A 465 -22.43 13.81 -30.37
N ALA A 466 -22.59 12.87 -29.44
CA ALA A 466 -22.40 11.45 -29.71
C ALA A 466 -23.66 10.69 -29.29
N ILE A 467 -24.48 10.31 -30.28
CA ILE A 467 -25.65 9.46 -30.04
C ILE A 467 -25.22 8.06 -30.43
N ALA A 468 -24.70 7.31 -29.45
CA ALA A 468 -24.14 5.99 -29.70
C ALA A 468 -24.01 5.28 -28.35
N PRO A 469 -23.84 3.96 -28.36
CA PRO A 469 -23.70 3.23 -27.09
C PRO A 469 -22.39 3.51 -26.38
N LEU A 470 -22.25 4.71 -25.82
CA LEU A 470 -21.06 5.06 -25.06
C LEU A 470 -21.29 4.74 -23.58
N THR A 471 -20.52 3.79 -23.05
CA THR A 471 -20.66 3.41 -21.65
C THR A 471 -20.13 4.49 -20.74
N ILE A 472 -20.88 4.80 -19.68
CA ILE A 472 -20.45 5.80 -18.71
C ILE A 472 -19.28 5.27 -17.90
N THR A 473 -18.26 6.10 -17.71
CA THR A 473 -17.12 5.73 -16.91
C THR A 473 -16.40 7.00 -16.45
N LEU A 474 -15.70 6.90 -15.33
CA LEU A 474 -15.07 8.08 -14.74
C LEU A 474 -13.97 8.64 -15.62
N VAL A 475 -13.19 7.76 -16.27
CA VAL A 475 -12.07 8.22 -17.08
C VAL A 475 -12.55 9.05 -18.27
N ARG A 476 -13.76 8.78 -18.76
CA ARG A 476 -14.31 9.56 -19.86
C ARG A 476 -15.04 10.81 -19.38
N GLU A 477 -15.57 10.79 -18.16
CA GLU A 477 -16.21 11.99 -17.62
C GLU A 477 -15.22 13.12 -17.40
N GLU A 478 -13.92 12.83 -17.40
CA GLU A 478 -12.92 13.87 -17.20
C GLU A 478 -12.76 14.77 -18.41
N VAL A 479 -13.13 14.30 -19.60
CA VAL A 479 -12.85 15.05 -20.84
C VAL A 479 -14.13 15.42 -21.56
N ILE A 480 -15.19 14.62 -21.38
CA ILE A 480 -16.46 14.88 -22.05
C ILE A 480 -17.58 14.75 -21.02
N ASP A 481 -18.70 15.40 -21.31
CA ASP A 481 -19.85 15.45 -20.42
C ASP A 481 -20.92 14.51 -20.94
N PHE A 482 -21.38 13.60 -20.09
CA PHE A 482 -22.43 12.65 -20.43
C PHE A 482 -23.79 13.13 -19.90
N SER A 483 -24.84 12.63 -20.55
CA SER A 483 -26.19 12.87 -20.05
C SER A 483 -26.60 11.73 -19.12
N LYS A 484 -27.79 11.87 -18.53
CA LYS A 484 -28.31 10.83 -17.66
C LYS A 484 -28.55 9.56 -18.46
N PRO A 485 -28.32 8.39 -17.85
CA PRO A 485 -28.41 7.14 -18.61
C PRO A 485 -29.80 6.91 -19.18
N PHE A 486 -29.88 6.94 -20.51
CA PHE A 486 -31.12 6.58 -21.19
C PHE A 486 -31.37 5.08 -21.17
N MET A 487 -30.38 4.29 -20.79
CA MET A 487 -30.53 2.86 -20.62
C MET A 487 -29.51 2.39 -19.59
N SER A 488 -29.83 1.28 -18.93
CA SER A 488 -28.96 0.71 -17.90
C SER A 488 -28.68 -0.75 -18.25
N LEU A 489 -27.48 -1.20 -17.90
CA LEU A 489 -27.03 -2.53 -18.28
C LEU A 489 -25.91 -2.96 -17.35
N GLY A 490 -25.24 -4.05 -17.73
CA GLY A 490 -24.07 -4.53 -17.02
C GLY A 490 -23.25 -5.40 -17.95
N ILE A 491 -21.98 -5.58 -17.58
CA ILE A 491 -21.12 -6.45 -18.37
C ILE A 491 -21.57 -7.89 -18.17
N SER A 492 -21.69 -8.63 -19.28
CA SER A 492 -22.16 -10.00 -19.22
C SER A 492 -21.18 -10.90 -19.95
N ILE A 493 -21.34 -12.21 -19.74
CA ILE A 493 -20.44 -13.21 -20.30
C ILE A 493 -21.27 -14.26 -21.03
N MET A 494 -20.83 -14.61 -22.23
CA MET A 494 -21.57 -15.45 -23.14
C MET A 494 -20.66 -16.54 -23.71
N ILE A 495 -21.24 -17.74 -23.88
CA ILE A 495 -20.54 -18.87 -24.46
C ILE A 495 -21.45 -19.50 -25.51
N LYS A 496 -20.82 -20.22 -26.44
CA LYS A 496 -21.55 -20.93 -27.47
C LYS A 496 -22.45 -21.98 -26.82
N LYS A 497 -23.66 -22.14 -27.35
CA LYS A 497 -24.59 -23.10 -26.82
C LYS A 497 -23.97 -24.50 -26.85
N PRO A 498 -23.95 -25.22 -25.74
CA PRO A 498 -23.34 -26.56 -25.73
C PRO A 498 -24.11 -27.49 -26.64
N GLN A 499 -23.43 -28.01 -27.66
CA GLN A 499 -24.05 -28.97 -28.56
C GLN A 499 -24.45 -30.21 -27.78
N LYS A 500 -25.76 -30.44 -27.68
CA LYS A 500 -26.27 -31.54 -26.89
C LYS A 500 -25.78 -32.87 -27.44
N SER A 501 -25.64 -33.84 -26.55
CA SER A 501 -25.36 -35.22 -26.95
C SER A 501 -26.65 -35.80 -27.54
N LYS A 502 -27.00 -35.29 -28.71
CA LYS A 502 -28.24 -35.70 -29.37
C LYS A 502 -28.14 -37.17 -29.74
N PRO A 503 -28.99 -38.03 -29.21
CA PRO A 503 -28.82 -39.47 -29.43
C PRO A 503 -29.26 -39.86 -30.83
N GLY A 504 -28.35 -40.52 -31.55
CA GLY A 504 -28.70 -41.09 -32.83
C GLY A 504 -29.79 -42.13 -32.70
N VAL A 505 -30.24 -42.62 -33.85
CA VAL A 505 -31.27 -43.65 -33.84
C VAL A 505 -30.76 -44.89 -33.12
N PHE A 506 -29.55 -45.32 -33.45
CA PHE A 506 -28.94 -46.51 -32.86
C PHE A 506 -27.97 -46.17 -31.74
N SER A 507 -28.30 -45.18 -30.92
CA SER A 507 -27.46 -44.81 -29.79
C SER A 507 -27.40 -45.88 -28.72
N PHE A 508 -28.25 -46.91 -28.80
CA PHE A 508 -28.17 -47.99 -27.82
C PHE A 508 -26.97 -48.90 -28.04
N LEU A 509 -26.35 -48.85 -29.22
CA LEU A 509 -25.15 -49.63 -29.47
C LEU A 509 -23.89 -48.92 -28.98
N ASP A 510 -24.03 -47.72 -28.45
CA ASP A 510 -22.88 -46.90 -28.09
C ASP A 510 -22.10 -47.38 -26.86
N PRO A 511 -22.71 -48.01 -25.85
CA PRO A 511 -21.91 -48.41 -24.67
C PRO A 511 -20.80 -49.37 -24.98
N LEU A 512 -20.88 -50.12 -26.09
CA LEU A 512 -19.84 -51.04 -26.49
C LEU A 512 -19.31 -50.61 -27.86
N ALA A 513 -17.99 -50.66 -28.02
CA ALA A 513 -17.41 -50.23 -29.29
C ALA A 513 -17.88 -51.11 -30.43
N TYR A 514 -17.79 -50.57 -31.64
CA TYR A 514 -18.21 -51.31 -32.83
C TYR A 514 -17.49 -52.64 -32.96
N GLU A 515 -16.22 -52.69 -32.57
CA GLU A 515 -15.47 -53.94 -32.65
C GLU A 515 -16.04 -55.00 -31.73
N ILE A 516 -16.52 -54.61 -30.55
CA ILE A 516 -17.09 -55.61 -29.64
C ILE A 516 -18.34 -56.22 -30.25
N TRP A 517 -19.17 -55.41 -30.90
CA TRP A 517 -20.38 -55.97 -31.52
C TRP A 517 -20.05 -56.88 -32.68
N MET A 518 -19.08 -56.47 -33.51
CA MET A 518 -18.66 -57.33 -34.61
C MET A 518 -18.11 -58.66 -34.09
N CYS A 519 -17.28 -58.62 -33.06
CA CYS A 519 -16.71 -59.85 -32.53
C CYS A 519 -17.74 -60.65 -31.74
N ILE A 520 -18.79 -60.01 -31.21
CA ILE A 520 -19.87 -60.76 -30.57
C ILE A 520 -20.63 -61.54 -31.62
N VAL A 521 -20.89 -60.94 -32.77
CA VAL A 521 -21.55 -61.67 -33.85
C VAL A 521 -20.68 -62.84 -34.30
N PHE A 522 -19.38 -62.60 -34.47
CA PHE A 522 -18.49 -63.68 -34.89
C PHE A 522 -18.43 -64.80 -33.86
N ALA A 523 -18.36 -64.44 -32.57
CA ALA A 523 -18.32 -65.46 -31.53
C ALA A 523 -19.62 -66.23 -31.46
N TYR A 524 -20.76 -65.56 -31.68
CA TYR A 524 -22.03 -66.25 -31.72
C TYR A 524 -22.07 -67.27 -32.85
N ILE A 525 -21.63 -66.88 -34.04
CA ILE A 525 -21.62 -67.83 -35.15
C ILE A 525 -20.67 -68.98 -34.86
N GLY A 526 -19.50 -68.69 -34.30
CA GLY A 526 -18.54 -69.74 -34.01
C GLY A 526 -19.06 -70.72 -32.97
N VAL A 527 -19.68 -70.21 -31.91
CA VAL A 527 -20.21 -71.07 -30.86
C VAL A 527 -21.36 -71.91 -31.40
N SER A 528 -22.22 -71.31 -32.23
CA SER A 528 -23.32 -72.08 -32.80
C SER A 528 -22.80 -73.24 -33.64
N VAL A 529 -21.84 -72.96 -34.53
CA VAL A 529 -21.32 -74.01 -35.39
C VAL A 529 -20.59 -75.07 -34.57
N VAL A 530 -19.79 -74.67 -33.58
CA VAL A 530 -19.06 -75.64 -32.79
C VAL A 530 -20.00 -76.49 -31.96
N LEU A 531 -21.06 -75.90 -31.40
CA LEU A 531 -22.00 -76.67 -30.62
C LEU A 531 -22.73 -77.68 -31.48
N PHE A 532 -23.13 -77.27 -32.69
CA PHE A 532 -23.71 -78.24 -33.62
C PHE A 532 -22.75 -79.37 -33.92
N LEU A 533 -21.51 -79.03 -34.28
CA LEU A 533 -20.53 -80.05 -34.65
C LEU A 533 -20.32 -81.03 -33.51
N VAL A 534 -20.10 -80.51 -32.30
CA VAL A 534 -19.84 -81.35 -31.15
C VAL A 534 -21.03 -82.24 -30.83
N SER A 535 -22.25 -81.70 -30.86
CA SER A 535 -23.40 -82.50 -30.46
C SER A 535 -23.91 -83.41 -31.57
N ARG A 536 -23.43 -83.26 -32.81
CA ARG A 536 -24.06 -83.96 -33.92
C ARG A 536 -23.11 -84.64 -34.90
N PHE A 537 -22.13 -85.39 -34.44
CA PHE A 537 -21.58 -86.44 -35.28
C PHE A 537 -21.67 -87.78 -34.55
N SER A 538 -21.24 -88.85 -35.23
CA SER A 538 -21.71 -90.19 -34.90
C SER A 538 -21.46 -90.51 -33.43
N PRO A 539 -22.41 -91.17 -32.76
CA PRO A 539 -22.24 -91.46 -31.33
C PRO A 539 -21.36 -92.67 -31.03
N TYR A 540 -21.18 -93.57 -31.98
CA TYR A 540 -20.32 -94.72 -31.76
C TYR A 540 -18.86 -94.36 -31.99
N SER A 541 -27.20 -93.77 -32.92
CA SER A 541 -28.16 -92.80 -33.43
C SER A 541 -27.73 -91.39 -33.07
N GLU A 542 -27.70 -90.50 -34.06
CA GLU A 542 -27.38 -89.10 -33.80
C GLU A 542 -28.62 -88.27 -33.44
N SER A 543 -29.82 -88.85 -33.54
CA SER A 543 -31.05 -88.16 -33.22
C SER A 543 -31.42 -88.24 -31.74
N THR A 544 -30.46 -88.54 -30.86
CA THR A 544 -30.74 -88.64 -29.44
C THR A 544 -30.93 -87.29 -28.77
N ASN A 545 -30.57 -86.20 -29.45
CA ASN A 545 -30.69 -84.86 -28.89
C ASN A 545 -31.22 -83.92 -29.96
N GLU A 546 -31.62 -82.73 -29.52
CA GLU A 546 -32.33 -81.79 -30.38
C GLU A 546 -31.41 -80.78 -31.07
N PHE A 547 -30.10 -80.95 -30.98
CA PHE A 547 -29.18 -79.88 -31.38
C PHE A 547 -28.75 -79.94 -32.84
N GLY A 548 -29.70 -79.84 -33.76
CA GLY A 548 -29.36 -79.46 -35.11
C GLY A 548 -28.80 -78.06 -35.14
N ILE A 549 -28.39 -77.61 -36.32
CA ILE A 549 -27.76 -76.29 -36.38
C ILE A 549 -28.78 -75.19 -36.12
N PHE A 550 -30.01 -75.36 -36.58
CA PHE A 550 -31.02 -74.34 -36.31
C PHE A 550 -31.30 -74.25 -34.81
N ASN A 551 -31.45 -75.40 -34.15
CA ASN A 551 -31.61 -75.38 -32.71
C ASN A 551 -30.36 -74.90 -32.01
N SER A 552 -29.19 -75.15 -32.59
CA SER A 552 -27.95 -74.64 -31.99
C SER A 552 -27.91 -73.13 -32.01
N LEU A 553 -28.27 -72.52 -33.15
CA LEU A 553 -28.32 -71.07 -33.25
C LEU A 553 -29.35 -70.50 -32.30
N TRP A 554 -30.51 -71.14 -32.20
CA TRP A 554 -31.51 -70.66 -31.26
C TRP A 554 -31.03 -70.75 -29.82
N PHE A 555 -30.38 -71.85 -29.45
CA PHE A 555 -29.89 -71.99 -28.07
C PHE A 555 -28.84 -70.95 -27.76
N SER A 556 -27.89 -70.71 -28.68
CA SER A 556 -26.86 -69.74 -28.38
C SER A 556 -27.40 -68.31 -28.35
N LEU A 557 -28.37 -68.00 -29.22
CA LEU A 557 -29.02 -66.69 -29.15
C LEU A 557 -29.80 -66.51 -27.86
N GLY A 558 -30.48 -67.55 -27.40
CA GLY A 558 -31.16 -67.48 -26.12
C GLY A 558 -30.19 -67.36 -24.96
N ALA A 559 -29.03 -68.01 -25.06
CA ALA A 559 -28.05 -67.94 -23.99
C ALA A 559 -27.42 -66.56 -23.92
N PHE A 560 -27.27 -65.89 -25.07
CA PHE A 560 -26.73 -64.53 -25.01
C PHE A 560 -27.70 -63.56 -24.38
N MET A 561 -28.97 -63.56 -24.81
CA MET A 561 -29.94 -62.65 -24.26
C MET A 561 -30.35 -63.00 -22.84
N GLN A 562 -29.77 -64.06 -22.25
CA GLN A 562 -30.08 -64.52 -20.91
C GLN A 562 -31.57 -64.85 -20.75
N GLN A 563 -32.12 -65.52 -21.76
CA GLN A 563 -33.50 -65.98 -21.70
C GLN A 563 -33.63 -67.48 -21.64
N GLY A 564 -32.88 -68.22 -22.45
CA GLY A 564 -32.88 -69.65 -22.36
C GLY A 564 -34.03 -70.31 -23.11
N CYS A 565 -33.70 -71.27 -23.98
CA CYS A 565 -34.72 -72.00 -24.71
C CYS A 565 -35.09 -73.28 -23.96
N ASP A 566 -35.79 -74.17 -24.65
CA ASP A 566 -36.34 -75.37 -24.03
C ASP A 566 -35.35 -76.52 -23.94
N ILE A 567 -34.14 -76.36 -24.48
CA ILE A 567 -33.20 -77.47 -24.56
C ILE A 567 -31.88 -77.04 -23.94
N SER A 568 -31.09 -78.03 -23.52
CA SER A 568 -29.81 -77.82 -22.91
C SER A 568 -28.90 -78.99 -23.26
N PRO A 569 -27.63 -78.73 -23.57
CA PRO A 569 -26.75 -79.82 -24.00
C PRO A 569 -26.57 -80.86 -22.89
N ARG A 570 -26.50 -82.12 -23.29
CA ARG A 570 -26.39 -83.21 -22.34
C ARG A 570 -25.10 -84.01 -22.44
N SER A 571 -24.30 -83.81 -23.47
CA SER A 571 -23.00 -84.46 -23.54
C SER A 571 -22.00 -83.73 -22.67
N LEU A 572 -20.74 -84.18 -22.70
CA LEU A 572 -19.69 -83.47 -22.00
C LEU A 572 -19.27 -82.23 -22.78
N SER A 573 -18.79 -82.42 -24.00
CA SER A 573 -18.23 -81.32 -24.77
C SER A 573 -19.30 -80.28 -25.11
N GLY A 574 -20.53 -80.73 -25.37
CA GLY A 574 -21.62 -79.78 -25.51
C GLY A 574 -21.78 -78.91 -24.29
N ARG A 575 -21.65 -79.50 -23.10
CA ARG A 575 -21.76 -78.72 -21.88
C ARG A 575 -20.55 -77.81 -21.70
N ILE A 576 -19.37 -78.23 -22.17
CA ILE A 576 -18.19 -77.39 -22.07
C ILE A 576 -18.40 -76.10 -22.87
N VAL A 577 -18.83 -76.25 -24.13
CA VAL A 577 -19.00 -75.06 -24.97
C VAL A 577 -20.18 -74.23 -24.47
N GLY A 578 -21.24 -74.88 -24.00
CA GLY A 578 -22.33 -74.13 -23.40
C GLY A 578 -21.88 -73.30 -22.21
N GLY A 579 -21.06 -73.89 -21.34
CA GLY A 579 -20.63 -73.17 -20.15
C GLY A 579 -19.72 -72.00 -20.48
N VAL A 580 -18.80 -72.19 -21.44
CA VAL A 580 -17.93 -71.09 -21.82
C VAL A 580 -18.73 -69.95 -22.45
N TRP A 581 -19.70 -70.28 -23.30
CA TRP A 581 -20.56 -69.25 -23.86
C TRP A 581 -21.36 -68.53 -22.78
N TRP A 582 -21.83 -69.27 -21.77
CA TRP A 582 -22.54 -68.64 -20.67
C TRP A 582 -21.67 -67.63 -19.93
N PHE A 583 -20.43 -68.00 -19.65
CA PHE A 583 -19.54 -67.05 -18.97
C PHE A 583 -19.30 -65.82 -19.84
N PHE A 584 -19.09 -66.02 -21.14
CA PHE A 584 -18.86 -64.87 -22.02
C PHE A 584 -20.06 -63.95 -22.03
N THR A 585 -21.27 -64.50 -22.12
CA THR A 585 -22.43 -63.63 -22.18
C THR A 585 -22.67 -62.92 -20.86
N LEU A 586 -22.38 -63.57 -19.74
CA LEU A 586 -22.49 -62.91 -18.44
C LEU A 586 -21.57 -61.70 -18.37
N ILE A 587 -20.31 -61.90 -18.75
CA ILE A 587 -19.35 -60.80 -18.70
C ILE A 587 -19.79 -59.66 -19.62
N ILE A 588 -20.21 -59.99 -20.84
CA ILE A 588 -20.53 -58.93 -21.80
C ILE A 588 -21.78 -58.16 -21.39
N ILE A 589 -22.80 -58.85 -20.91
CA ILE A 589 -24.02 -58.15 -20.50
C ILE A 589 -23.76 -57.26 -19.29
N SER A 590 -23.04 -57.76 -18.29
CA SER A 590 -22.76 -56.91 -17.14
C SER A 590 -21.86 -55.75 -17.52
N SER A 591 -20.95 -55.95 -18.48
CA SER A 591 -20.11 -54.85 -18.94
C SER A 591 -20.93 -53.79 -19.65
N TYR A 592 -21.89 -54.21 -20.47
CA TYR A 592 -22.76 -53.24 -21.15
C TYR A 592 -23.55 -52.43 -20.13
N THR A 593 -24.16 -53.10 -19.15
CA THR A 593 -24.91 -52.36 -18.14
C THR A 593 -24.01 -51.41 -17.36
N ALA A 594 -22.82 -51.87 -16.95
CA ALA A 594 -21.93 -51.02 -16.19
C ALA A 594 -21.48 -49.81 -16.99
N ASN A 595 -21.13 -50.01 -18.27
CA ASN A 595 -20.67 -48.90 -19.08
C ASN A 595 -21.78 -47.91 -19.37
N LEU A 596 -23.00 -48.40 -19.62
CA LEU A 596 -24.12 -47.48 -19.83
C LEU A 596 -24.39 -46.66 -18.57
N ALA A 597 -24.34 -47.30 -17.40
CA ALA A 597 -24.54 -46.55 -16.16
C ALA A 597 -23.43 -45.53 -15.97
N ALA A 598 -22.20 -45.88 -16.33
CA ALA A 598 -21.10 -44.93 -16.21
C ALA A 598 -21.32 -43.72 -17.09
N PHE A 599 -21.75 -43.95 -18.33
CA PHE A 599 -21.98 -42.83 -19.22
C PHE A 599 -23.09 -41.93 -18.70
N LEU A 600 -24.21 -42.53 -18.26
CA LEU A 600 -25.31 -41.72 -17.77
C LEU A 600 -24.92 -40.94 -16.53
N THR A 601 -24.14 -41.55 -15.65
CA THR A 601 -23.70 -40.84 -14.44
C THR A 601 -22.78 -39.67 -14.78
N VAL A 602 -21.74 -39.91 -15.58
CA VAL A 602 -20.81 -38.82 -15.86
C VAL A 602 -21.48 -37.75 -16.73
N GLU A 603 -22.51 -38.11 -17.48
CA GLU A 603 -23.26 -37.10 -18.20
C GLU A 603 -24.23 -36.38 -17.28
N ARG A 604 -24.50 -36.94 -16.11
CA ARG A 604 -25.31 -36.25 -15.13
C ARG A 604 -24.49 -35.26 -14.31
N MET A 605 -23.17 -35.24 -14.48
CA MET A 605 -22.29 -34.31 -13.77
C MET A 605 -21.73 -33.22 -14.68
N VAL A 606 -22.53 -32.70 -15.62
CA VAL A 606 -21.98 -31.79 -16.62
C VAL A 606 -21.49 -30.49 -15.99
N SER A 607 -22.30 -29.87 -15.12
CA SER A 607 -21.96 -28.63 -14.43
C SER A 607 -21.46 -27.56 -15.41
N PRO A 608 -22.34 -26.98 -16.22
CA PRO A 608 -21.89 -25.98 -17.21
C PRO A 608 -21.35 -24.72 -16.54
N ILE A 609 -20.63 -23.95 -17.35
CA ILE A 609 -19.98 -22.74 -16.84
C ILE A 609 -21.01 -21.64 -16.62
N GLU A 610 -20.96 -21.02 -15.44
CA GLU A 610 -21.93 -20.02 -15.06
C GLU A 610 -21.32 -19.05 -14.06
N SER A 611 -21.96 -17.88 -13.92
CA SER A 611 -21.67 -16.90 -12.88
C SER A 611 -20.32 -16.21 -13.05
N ALA A 612 -19.59 -16.55 -14.11
CA ALA A 612 -18.31 -15.93 -14.46
C ALA A 612 -17.23 -16.25 -13.44
N GLU A 613 -17.59 -16.94 -12.35
CA GLU A 613 -16.58 -17.39 -11.39
C GLU A 613 -15.84 -18.61 -11.91
N ASP A 614 -16.54 -19.49 -12.65
CA ASP A 614 -15.91 -20.67 -13.21
C ASP A 614 -14.82 -20.30 -14.19
N LEU A 615 -14.97 -19.19 -14.91
CA LEU A 615 -13.91 -18.71 -15.80
C LEU A 615 -12.67 -18.30 -15.03
N SER A 616 -12.84 -17.68 -13.86
CA SER A 616 -11.69 -17.43 -13.00
C SER A 616 -11.12 -18.72 -12.46
N LYS A 617 -11.96 -19.74 -12.27
CA LYS A 617 -11.53 -21.03 -11.76
C LYS A 617 -10.95 -21.92 -12.87
N GLN A 618 -11.77 -22.25 -13.86
CA GLN A 618 -11.41 -23.24 -14.86
C GLN A 618 -10.54 -22.62 -15.95
N THR A 619 -9.62 -23.43 -16.48
CA THR A 619 -8.67 -22.99 -17.51
C THR A 619 -8.96 -23.54 -18.89
N GLU A 620 -10.01 -24.36 -19.06
CA GLU A 620 -10.23 -25.01 -20.36
C GLU A 620 -10.91 -24.09 -21.36
N ILE A 621 -11.47 -22.97 -20.90
CA ILE A 621 -12.23 -22.06 -21.75
C ILE A 621 -11.59 -20.68 -21.69
N ALA A 622 -11.28 -20.12 -22.86
CA ALA A 622 -10.69 -18.79 -22.94
C ALA A 622 -11.77 -17.73 -23.10
N TYR A 623 -11.40 -16.47 -22.80
CA TYR A 623 -12.35 -15.37 -22.82
C TYR A 623 -11.60 -14.05 -23.00
N GLY A 624 -12.32 -13.04 -23.46
CA GLY A 624 -11.73 -11.73 -23.68
C GLY A 624 -12.80 -10.69 -23.96
N THR A 625 -12.36 -9.43 -23.97
CA THR A 625 -13.22 -8.27 -24.18
C THR A 625 -12.90 -7.59 -25.50
N LEU A 626 -13.55 -6.46 -25.73
CA LEU A 626 -13.25 -5.63 -26.89
C LEU A 626 -12.05 -4.73 -26.61
N ASP A 627 -11.30 -4.43 -27.66
CA ASP A 627 -10.18 -3.50 -27.54
C ASP A 627 -10.67 -2.06 -27.49
N SER A 628 -10.04 -1.27 -26.62
CA SER A 628 -10.41 0.13 -26.41
C SER A 628 -11.89 0.27 -26.05
N GLY A 629 -12.34 -0.58 -25.14
CA GLY A 629 -13.73 -0.53 -24.69
C GLY A 629 -13.79 -0.47 -23.18
N SER A 630 -14.94 -0.03 -22.66
CA SER A 630 -15.08 0.16 -21.22
C SER A 630 -15.03 -1.17 -20.47
N THR A 631 -15.24 -2.28 -21.16
CA THR A 631 -15.10 -3.59 -20.51
C THR A 631 -13.65 -3.89 -20.16
N LYS A 632 -12.73 -3.66 -21.12
CA LYS A 632 -11.31 -3.84 -20.84
C LYS A 632 -10.83 -2.88 -19.77
N GLU A 633 -11.29 -1.62 -19.83
CA GLU A 633 -10.93 -0.66 -18.79
C GLU A 633 -11.48 -1.08 -17.44
N PHE A 634 -12.70 -1.60 -17.41
CA PHE A 634 -13.30 -2.06 -16.15
C PHE A 634 -12.50 -3.20 -15.55
N PHE A 635 -12.09 -4.16 -16.38
CA PHE A 635 -11.28 -5.27 -15.87
C PHE A 635 -9.90 -4.78 -15.44
N ARG A 636 -9.35 -3.79 -16.15
CA ARG A 636 -8.02 -3.27 -15.79
C ARG A 636 -8.06 -2.54 -14.46
N ARG A 637 -9.12 -1.76 -14.22
CA ARG A 637 -9.21 -0.91 -13.04
C ARG A 637 -9.96 -1.55 -11.88
N SER A 638 -10.49 -2.76 -12.06
CA SER A 638 -11.29 -3.38 -11.01
C SER A 638 -10.40 -3.85 -9.86
N LYS A 639 -11.05 -4.13 -8.72
CA LYS A 639 -10.37 -4.62 -7.54
C LYS A 639 -11.01 -5.88 -6.96
N ILE A 640 -12.10 -6.37 -7.56
CA ILE A 640 -12.76 -7.58 -7.08
C ILE A 640 -11.93 -8.79 -7.47
N ALA A 641 -11.82 -9.76 -6.54
CA ALA A 641 -10.86 -10.86 -6.71
C ALA A 641 -11.14 -11.67 -7.97
N VAL A 642 -12.42 -12.01 -8.21
CA VAL A 642 -12.75 -12.78 -9.41
C VAL A 642 -12.45 -11.97 -10.66
N PHE A 643 -12.83 -10.69 -10.66
CA PHE A 643 -12.50 -9.84 -11.79
C PHE A 643 -11.00 -9.62 -11.92
N ASP A 644 -10.28 -9.54 -10.79
CA ASP A 644 -8.83 -9.41 -10.86
C ASP A 644 -8.18 -10.61 -11.51
N LYS A 645 -8.60 -11.82 -11.13
CA LYS A 645 -8.06 -13.03 -11.75
C LYS A 645 -8.43 -13.10 -13.22
N MET A 646 -9.66 -12.68 -13.55
CA MET A 646 -10.12 -12.69 -14.93
C MET A 646 -9.26 -11.75 -15.79
N TRP A 647 -9.03 -10.53 -15.29
CA TRP A 647 -8.16 -9.58 -15.96
C TRP A 647 -6.74 -10.12 -16.08
N THR A 648 -6.25 -10.80 -15.03
CA THR A 648 -4.92 -11.38 -15.09
C THR A 648 -4.82 -12.40 -16.21
N TYR A 649 -5.82 -13.26 -16.34
CA TYR A 649 -5.79 -14.25 -17.40
C TYR A 649 -5.81 -13.59 -18.77
N MET A 650 -6.71 -12.63 -18.98
CA MET A 650 -6.78 -11.98 -20.29
C MET A 650 -5.49 -11.24 -20.61
N ARG A 651 -4.82 -10.70 -19.59
CA ARG A 651 -3.55 -10.01 -19.83
C ARG A 651 -2.42 -10.99 -20.10
N SER A 652 -2.48 -12.18 -19.51
CA SER A 652 -1.43 -13.17 -19.67
C SER A 652 -1.68 -14.16 -20.80
N ALA A 653 -2.92 -14.27 -21.28
CA ALA A 653 -3.23 -15.27 -22.30
C ALA A 653 -2.69 -14.85 -23.66
N GLU A 654 -2.22 -15.85 -24.41
CA GLU A 654 -1.82 -15.68 -25.80
C GLU A 654 -2.37 -16.86 -26.59
N PRO A 655 -2.81 -16.65 -27.84
CA PRO A 655 -2.81 -15.40 -28.61
C PRO A 655 -3.84 -14.39 -28.10
N SER A 656 -3.85 -13.18 -28.64
CA SER A 656 -4.72 -12.12 -28.14
C SER A 656 -6.18 -12.55 -28.19
N VAL A 657 -6.86 -12.40 -27.05
CA VAL A 657 -8.27 -12.76 -26.96
C VAL A 657 -9.19 -11.61 -27.33
N PHE A 658 -8.66 -10.38 -27.36
CA PHE A 658 -9.48 -9.21 -27.65
C PHE A 658 -9.77 -9.11 -29.14
N VAL A 659 -10.93 -8.53 -29.46
CA VAL A 659 -11.39 -8.38 -30.82
C VAL A 659 -11.61 -6.90 -31.12
N ARG A 660 -11.38 -6.53 -32.37
CA ARG A 660 -11.55 -5.15 -32.81
C ARG A 660 -13.00 -4.72 -32.86
N THR A 661 -13.89 -5.61 -33.32
CA THR A 661 -15.31 -5.31 -33.41
C THR A 661 -16.10 -6.40 -32.71
N THR A 662 -17.30 -6.03 -32.24
CA THR A 662 -18.14 -6.96 -31.52
C THR A 662 -18.59 -8.13 -32.39
N ALA A 663 -18.90 -7.85 -33.66
CA ALA A 663 -19.31 -8.91 -34.58
C ALA A 663 -18.20 -9.93 -34.76
N GLU A 664 -16.94 -9.47 -34.76
CA GLU A 664 -15.82 -10.40 -34.84
C GLU A 664 -15.78 -11.32 -33.63
N GLY A 665 -16.05 -10.78 -32.43
CA GLY A 665 -16.09 -11.64 -31.25
C GLY A 665 -17.22 -12.63 -31.29
N VAL A 666 -18.39 -12.20 -31.76
CA VAL A 666 -19.53 -13.10 -31.86
C VAL A 666 -19.23 -14.25 -32.82
N ALA A 667 -18.66 -13.92 -33.99
CA ALA A 667 -18.28 -14.94 -34.95
C ALA A 667 -17.20 -15.86 -34.38
N ARG A 668 -16.24 -15.29 -33.65
CA ARG A 668 -15.20 -16.10 -33.02
C ARG A 668 -15.80 -17.11 -32.05
N VAL A 669 -16.75 -16.67 -31.22
CA VAL A 669 -17.38 -17.59 -30.27
C VAL A 669 -18.16 -18.67 -31.02
N ARG A 670 -18.91 -18.27 -32.05
CA ARG A 670 -19.75 -19.24 -32.77
C ARG A 670 -18.90 -20.29 -33.47
N LYS A 671 -17.76 -19.89 -34.03
CA LYS A 671 -16.93 -20.83 -34.79
C LYS A 671 -16.06 -21.68 -33.87
N SER A 672 -15.89 -21.27 -32.61
CA SER A 672 -14.87 -21.87 -31.75
C SER A 672 -15.41 -22.98 -30.86
N LYS A 673 -16.44 -23.70 -31.31
CA LYS A 673 -16.90 -24.94 -30.66
C LYS A 673 -17.20 -24.74 -29.18
N GLY A 674 -17.44 -23.51 -28.75
CA GLY A 674 -17.70 -23.24 -27.36
C GLY A 674 -16.47 -23.12 -26.48
N LYS A 675 -15.27 -23.20 -27.05
CA LYS A 675 -14.07 -23.08 -26.25
C LYS A 675 -13.69 -21.64 -25.94
N TYR A 676 -14.35 -20.67 -26.58
CA TYR A 676 -14.06 -19.26 -26.37
C TYR A 676 -15.32 -18.54 -25.92
N ALA A 677 -15.17 -17.65 -24.94
CA ALA A 677 -16.27 -16.85 -24.42
C ALA A 677 -15.99 -15.39 -24.71
N TYR A 678 -17.05 -14.61 -24.93
CA TYR A 678 -16.94 -13.19 -25.21
C TYR A 678 -17.53 -12.39 -24.06
N LEU A 679 -16.89 -11.28 -23.73
CA LEU A 679 -17.32 -10.39 -22.65
C LEU A 679 -17.96 -9.15 -23.28
N LEU A 680 -19.21 -8.86 -22.90
CA LEU A 680 -19.98 -7.85 -23.59
C LEU A 680 -21.05 -7.30 -22.66
N GLU A 681 -21.69 -6.23 -23.11
CA GLU A 681 -22.77 -5.61 -22.37
C GLU A 681 -24.00 -6.52 -22.36
N SER A 682 -24.82 -6.37 -21.32
CA SER A 682 -26.00 -7.23 -21.18
C SER A 682 -27.04 -6.94 -22.26
N THR A 683 -27.33 -5.66 -22.50
CA THR A 683 -28.36 -5.30 -23.47
C THR A 683 -28.01 -5.74 -24.89
N MET A 684 -26.77 -5.54 -25.33
CA MET A 684 -26.38 -6.00 -26.66
C MET A 684 -26.33 -7.52 -26.71
N ASN A 685 -26.01 -8.16 -25.58
CA ASN A 685 -26.07 -9.61 -25.49
C ASN A 685 -27.50 -10.10 -25.71
N GLU A 686 -28.47 -9.38 -25.17
CA GLU A 686 -29.87 -9.78 -25.32
C GLU A 686 -30.31 -9.73 -26.78
N TYR A 687 -29.71 -8.85 -27.59
CA TYR A 687 -30.10 -8.74 -28.98
C TYR A 687 -29.52 -9.87 -29.82
N ILE A 688 -28.22 -10.15 -29.65
CA ILE A 688 -27.60 -11.27 -30.37
C ILE A 688 -28.26 -12.59 -29.97
N GLU A 689 -28.64 -12.73 -28.70
CA GLU A 689 -29.32 -13.93 -28.23
C GLU A 689 -30.66 -14.14 -28.91
N GLN A 690 -31.28 -13.08 -29.43
CA GLN A 690 -32.63 -13.17 -29.99
C GLN A 690 -32.66 -13.13 -31.51
N ARG A 691 -31.51 -13.26 -32.18
CA ARG A 691 -31.46 -13.25 -33.63
C ARG A 691 -30.75 -14.49 -34.13
N LYS A 692 -31.15 -14.93 -35.33
CA LYS A 692 -30.63 -16.18 -35.88
C LYS A 692 -29.13 -16.05 -36.18
N PRO A 693 -28.36 -17.16 -36.16
CA PRO A 693 -28.75 -18.56 -35.95
C PRO A 693 -29.22 -18.91 -34.54
N CYS A 694 -29.15 -17.97 -33.60
CA CYS A 694 -29.77 -18.09 -32.29
C CYS A 694 -29.25 -19.30 -31.51
N ASP A 695 -27.93 -19.50 -31.52
CA ASP A 695 -27.28 -20.48 -30.67
C ASP A 695 -26.45 -19.82 -29.59
N THR A 696 -26.82 -18.60 -29.20
CA THR A 696 -26.05 -17.78 -28.27
C THR A 696 -26.85 -17.53 -27.01
N MET A 697 -26.41 -18.13 -25.91
CA MET A 697 -27.08 -18.00 -24.62
C MET A 697 -26.15 -17.33 -23.61
N LYS A 698 -26.70 -16.36 -22.87
CA LYS A 698 -25.99 -15.74 -21.76
C LYS A 698 -25.89 -16.74 -20.61
N VAL A 699 -24.82 -16.62 -19.81
CA VAL A 699 -24.53 -17.63 -18.80
C VAL A 699 -24.32 -17.01 -17.42
N GLY A 700 -24.98 -15.90 -17.13
CA GLY A 700 -24.86 -15.32 -15.82
C GLY A 700 -25.52 -13.95 -15.75
N GLY A 701 -25.41 -13.34 -14.57
CA GLY A 701 -25.98 -12.03 -14.35
C GLY A 701 -25.03 -10.91 -14.76
N ASN A 702 -25.51 -9.68 -14.59
CA ASN A 702 -24.71 -8.51 -14.94
C ASN A 702 -23.60 -8.30 -13.92
N LEU A 703 -22.44 -7.85 -14.41
CA LEU A 703 -21.28 -7.65 -13.54
C LEU A 703 -21.30 -6.31 -12.81
N ASP A 704 -21.97 -5.30 -13.36
CA ASP A 704 -21.98 -3.98 -12.76
C ASP A 704 -23.28 -3.27 -13.10
N SER A 705 -23.43 -2.05 -12.59
CA SER A 705 -24.59 -1.20 -12.83
C SER A 705 -24.11 0.08 -13.51
N LYS A 706 -23.99 0.03 -14.84
CA LYS A 706 -23.60 1.19 -15.64
C LYS A 706 -24.41 1.19 -16.93
N GLY A 707 -24.58 2.39 -17.50
CA GLY A 707 -25.42 2.55 -18.67
C GLY A 707 -24.75 3.42 -19.72
N TYR A 708 -25.56 3.83 -20.69
CA TYR A 708 -25.12 4.68 -21.80
C TYR A 708 -25.64 6.10 -21.61
N GLY A 709 -24.77 7.07 -21.83
CA GLY A 709 -25.14 8.47 -21.75
C GLY A 709 -24.71 9.22 -23.00
N ILE A 710 -25.50 10.20 -23.39
CA ILE A 710 -25.18 11.03 -24.54
C ILE A 710 -24.01 11.95 -24.18
N ALA A 711 -22.96 11.93 -24.98
CA ALA A 711 -21.72 12.63 -24.68
C ALA A 711 -21.53 13.82 -25.61
N THR A 712 -21.08 14.92 -25.04
CA THR A 712 -20.84 16.17 -25.74
C THR A 712 -19.46 16.70 -25.36
N PRO A 713 -18.88 17.54 -26.21
CA PRO A 713 -17.59 18.16 -25.85
C PRO A 713 -17.71 18.99 -24.58
N LYS A 714 -16.62 19.01 -23.81
CA LYS A 714 -16.62 19.75 -22.56
C LYS A 714 -16.82 21.25 -22.83
N GLY A 715 -17.78 21.84 -22.14
CA GLY A 715 -18.10 23.23 -22.35
C GLY A 715 -19.02 23.51 -23.53
N SER A 716 -19.61 22.48 -24.12
CA SER A 716 -20.51 22.68 -25.25
C SER A 716 -21.85 23.23 -24.78
N SER A 717 -22.45 24.08 -25.61
CA SER A 717 -23.76 24.63 -25.30
C SER A 717 -24.87 23.61 -25.48
N LEU A 718 -24.60 22.49 -26.16
CA LEU A 718 -25.63 21.49 -26.39
C LEU A 718 -25.82 20.54 -25.21
N GLY A 719 -24.93 20.59 -24.22
CA GLY A 719 -25.00 19.62 -23.14
C GLY A 719 -26.27 19.71 -22.33
N THR A 720 -26.55 20.89 -21.79
CA THR A 720 -27.72 21.05 -20.93
C THR A 720 -29.05 20.80 -21.66
N PRO A 721 -29.29 21.36 -22.86
CA PRO A 721 -30.58 21.07 -23.52
C PRO A 721 -30.75 19.61 -23.87
N VAL A 722 -29.69 18.94 -24.32
CA VAL A 722 -29.80 17.53 -24.66
C VAL A 722 -30.02 16.69 -23.41
N ASN A 723 -29.37 17.03 -22.31
CA ASN A 723 -29.61 16.32 -21.05
C ASN A 723 -31.04 16.51 -20.58
N LEU A 724 -31.57 17.73 -20.70
CA LEU A 724 -32.95 17.98 -20.34
C LEU A 724 -33.90 17.18 -21.21
N ALA A 725 -33.62 17.11 -22.52
CA ALA A 725 -34.45 16.31 -23.42
C ALA A 725 -34.41 14.85 -23.05
N VAL A 726 -33.22 14.33 -22.70
CA VAL A 726 -33.09 12.93 -22.29
C VAL A 726 -33.91 12.68 -21.04
N LEU A 727 -33.83 13.58 -20.06
CA LEU A 727 -34.60 13.40 -18.82
C LEU A 727 -36.10 13.44 -19.09
N LYS A 728 -36.54 14.37 -19.94
CA LYS A 728 -37.96 14.48 -20.24
C LYS A 728 -38.47 13.26 -20.98
N LEU A 729 -37.69 12.75 -21.96
CA LEU A 729 -38.08 11.54 -22.66
C LEU A 729 -38.09 10.33 -21.72
N SER A 730 -37.18 10.30 -20.75
CA SER A 730 -37.25 9.27 -19.73
C SER A 730 -38.54 9.37 -18.92
N GLU A 731 -38.96 10.60 -18.61
CA GLU A 731 -40.26 10.79 -17.98
C GLU A 731 -41.39 10.38 -18.91
N GLN A 732 -41.29 10.72 -20.19
CA GLN A 732 -42.34 10.39 -21.15
C GLN A 732 -42.34 8.92 -21.55
N GLY A 733 -41.25 8.19 -21.29
CA GLY A 733 -41.19 6.78 -21.63
C GLY A 733 -40.87 6.48 -23.08
N VAL A 734 -40.44 7.48 -23.86
CA VAL A 734 -40.06 7.24 -25.24
C VAL A 734 -38.84 6.32 -25.31
N LEU A 735 -37.91 6.47 -24.35
CA LEU A 735 -36.74 5.61 -24.30
C LEU A 735 -37.12 4.14 -24.11
N ASP A 736 -38.03 3.87 -23.16
CA ASP A 736 -38.49 2.50 -22.96
C ASP A 736 -39.30 2.00 -24.15
N LYS A 737 -40.06 2.89 -24.80
CA LYS A 737 -40.79 2.49 -25.99
C LYS A 737 -39.85 2.06 -27.10
N LEU A 738 -38.76 2.82 -27.32
CA LEU A 738 -37.78 2.43 -28.32
C LEU A 738 -37.06 1.15 -27.93
N LYS A 739 -36.78 0.97 -26.63
CA LYS A 739 -36.20 -0.27 -26.15
C LYS A 739 -37.10 -1.46 -26.48
N ASN A 740 -38.41 -1.33 -26.22
CA ASN A 740 -39.34 -2.38 -26.56
C ASN A 740 -39.37 -2.62 -28.07
N LYS A 741 -39.38 -1.54 -28.84
CA LYS A 741 -39.50 -1.65 -30.30
C LYS A 741 -38.32 -2.37 -30.91
N TRP A 742 -37.11 -2.05 -30.45
CA TRP A 742 -35.91 -2.59 -31.08
C TRP A 742 -35.41 -3.88 -30.47
N TRP A 743 -35.61 -4.07 -29.16
CA TRP A 743 -35.14 -5.29 -28.50
C TRP A 743 -36.24 -6.34 -28.40
N TYR A 744 -37.33 -6.00 -27.71
CA TYR A 744 -38.39 -6.98 -27.47
C TYR A 744 -39.27 -7.17 -28.71
N ASP A 745 -39.51 -6.11 -29.47
CA ASP A 745 -40.42 -6.19 -30.60
C ASP A 745 -39.74 -6.61 -31.89
N LYS A 746 -38.57 -7.24 -31.82
CA LYS A 746 -37.90 -7.76 -33.01
C LYS A 746 -37.35 -9.17 -32.79
N GLY A 747 -38.07 -10.00 -32.05
CA GLY A 747 -37.62 -11.38 -31.85
C GLY A 747 -38.46 -12.36 -32.67
N GLU A 748 -37.77 -13.33 -33.28
CA GLU A 748 -38.40 -14.33 -34.13
C GLU A 748 -37.77 -15.70 -33.89
N CYS A 749 -37.10 -15.85 -32.74
CA CYS A 749 -36.39 -17.08 -32.40
C CYS A 749 -37.23 -17.91 -31.46
N GLY A 750 -37.16 -19.23 -31.66
CA GLY A 750 -38.04 -20.12 -30.91
C GLY A 750 -37.44 -21.41 -30.40
N ALA A 751 -36.13 -21.44 -30.17
CA ALA A 751 -35.55 -22.58 -29.47
C ALA A 751 -36.10 -22.66 -28.05
N LYS A 752 -35.77 -21.68 -27.23
CA LYS A 752 -36.49 -21.36 -25.97
C LYS A 752 -36.83 -22.61 -25.16
N ASP A 753 -35.80 -23.33 -24.72
CA ASP A 753 -36.00 -24.51 -23.87
C ASP A 753 -36.29 -24.10 -22.43
N SER A 754 -37.48 -24.42 -21.94
CA SER A 754 -37.85 -24.11 -20.57
C SER A 754 -38.92 -25.10 -20.11
N GLY A 755 -39.35 -24.94 -18.86
CA GLY A 755 -40.33 -25.83 -18.28
C GLY A 755 -39.67 -27.05 -17.68
N SER A 756 -40.38 -28.17 -17.68
CA SER A 756 -39.80 -29.41 -17.19
C SER A 756 -38.60 -29.80 -18.03
N LYS A 757 -37.54 -30.26 -17.36
CA LYS A 757 -36.27 -30.58 -18.01
C LYS A 757 -36.07 -32.09 -17.96
N GLU A 758 -35.89 -32.70 -19.13
CA GLU A 758 -35.63 -34.13 -19.19
C GLU A 758 -34.23 -34.45 -18.70
N LYS A 759 -33.29 -33.52 -18.87
CA LYS A 759 -31.93 -33.74 -18.37
C LYS A 759 -31.93 -34.08 -16.88
N THR A 760 -32.78 -33.41 -16.10
CA THR A 760 -32.95 -33.78 -14.70
C THR A 760 -33.87 -34.99 -14.53
N SER A 761 -34.08 -35.76 -15.59
CA SER A 761 -35.14 -36.76 -15.59
C SER A 761 -34.77 -37.98 -16.43
N ALA A 762 -35.78 -38.75 -16.80
CA ALA A 762 -35.67 -40.05 -17.42
C ALA A 762 -35.02 -40.01 -18.80
N LEU A 763 -34.76 -41.20 -19.33
CA LEU A 763 -34.49 -41.36 -20.75
C LEU A 763 -35.73 -41.01 -21.56
N SER A 764 -35.57 -40.16 -22.56
CA SER A 764 -36.69 -39.94 -23.46
C SER A 764 -36.84 -41.13 -24.39
N LEU A 765 -37.90 -41.11 -25.19
CA LEU A 765 -38.07 -42.13 -26.21
C LEU A 765 -36.98 -42.04 -27.27
N SER A 766 -36.49 -40.82 -27.51
CA SER A 766 -35.49 -40.64 -28.56
C SER A 766 -34.18 -41.33 -28.24
N ASN A 767 -33.90 -41.61 -26.97
CA ASN A 767 -32.66 -42.29 -26.61
C ASN A 767 -32.68 -43.77 -26.96
N VAL A 768 -33.83 -44.43 -26.85
CA VAL A 768 -33.96 -45.84 -27.19
C VAL A 768 -34.84 -46.07 -28.40
N ALA A 769 -35.07 -45.05 -29.23
CA ALA A 769 -36.02 -45.20 -30.33
C ALA A 769 -35.54 -46.22 -31.34
N GLY A 770 -34.24 -46.46 -31.42
CA GLY A 770 -33.72 -47.43 -32.35
C GLY A 770 -34.20 -48.84 -32.05
N VAL A 771 -34.37 -49.15 -30.77
CA VAL A 771 -34.79 -50.49 -30.38
C VAL A 771 -36.20 -50.76 -30.87
N PHE A 772 -37.08 -49.77 -30.81
CA PHE A 772 -38.44 -49.96 -31.30
C PHE A 772 -38.46 -50.14 -32.82
N TYR A 773 -37.61 -49.42 -33.53
CA TYR A 773 -37.49 -49.62 -34.97
C TYR A 773 -37.03 -51.03 -35.29
N ILE A 774 -36.01 -51.51 -34.58
CA ILE A 774 -35.54 -52.88 -34.77
C ILE A 774 -36.66 -53.87 -34.47
N LEU A 775 -37.41 -53.62 -33.40
CA LEU A 775 -38.48 -54.54 -33.01
C LEU A 775 -39.55 -54.63 -34.08
N VAL A 776 -40.02 -53.48 -34.57
CA VAL A 776 -41.07 -53.53 -35.58
C VAL A 776 -40.55 -54.07 -36.90
N GLY A 777 -39.30 -53.77 -37.25
CA GLY A 777 -38.72 -54.39 -38.42
C GLY A 777 -38.67 -55.90 -38.30
N GLY A 778 -38.30 -56.41 -37.12
CA GLY A 778 -38.30 -57.84 -36.90
C GLY A 778 -39.69 -58.45 -36.97
N LEU A 779 -40.69 -57.76 -36.43
CA LEU A 779 -42.05 -58.27 -36.54
C LEU A 779 -42.51 -58.34 -37.99
N GLY A 780 -42.25 -57.29 -38.77
CA GLY A 780 -42.61 -57.33 -40.17
C GLY A 780 -41.89 -58.43 -40.91
N LEU A 781 -40.60 -58.61 -40.63
CA LEU A 781 -39.84 -59.67 -41.28
C LEU A 781 -40.36 -61.05 -40.90
N ALA A 782 -40.78 -61.22 -39.65
CA ALA A 782 -41.32 -62.50 -39.23
C ALA A 782 -42.63 -62.81 -39.93
N MET A 783 -43.52 -61.81 -40.04
CA MET A 783 -44.75 -62.04 -40.78
C MET A 783 -44.45 -62.37 -42.23
N LEU A 784 -43.48 -61.69 -42.82
CA LEU A 784 -43.12 -61.96 -44.21
C LEU A 784 -42.59 -63.38 -44.38
N VAL A 785 -41.73 -63.83 -43.46
CA VAL A 785 -41.21 -65.19 -43.54
C VAL A 785 -42.33 -66.20 -43.40
N ALA A 786 -43.25 -65.98 -42.47
CA ALA A 786 -44.38 -66.89 -42.31
C ALA A 786 -45.22 -66.93 -43.58
N LEU A 787 -45.45 -65.77 -44.20
CA LEU A 787 -46.25 -65.75 -45.41
C LEU A 787 -45.57 -66.47 -46.57
N ILE A 788 -44.26 -66.28 -46.76
CA ILE A 788 -43.60 -66.99 -47.86
C ILE A 788 -43.55 -68.48 -47.59
N GLU A 789 -43.38 -68.88 -46.33
CA GLU A 789 -43.39 -70.30 -46.02
C GLU A 789 -44.76 -70.92 -46.26
N PHE A 790 -45.83 -70.21 -45.89
CA PHE A 790 -47.17 -70.69 -46.16
C PHE A 790 -47.45 -70.75 -47.66
N CYS A 791 -47.00 -69.75 -48.41
CA CYS A 791 -47.18 -69.77 -49.85
C CYS A 791 -46.46 -70.95 -50.49
N TYR A 792 -45.24 -71.26 -50.03
CA TYR A 792 -44.57 -72.45 -50.50
C TYR A 792 -45.36 -73.71 -50.17
N LYS A 793 -45.73 -73.87 -48.90
CA LYS A 793 -46.32 -75.13 -48.48
C LYS A 793 -47.74 -75.32 -49.01
N SER A 794 -48.41 -74.25 -49.43
CA SER A 794 -49.77 -74.37 -49.95
C SER A 794 -49.77 -74.79 -51.41
N ARG A 795 -50.92 -74.64 -52.06
CA ARG A 795 -51.20 -74.98 -53.47
C ARG A 795 -50.79 -76.40 -53.83
N ALA A 796 -50.56 -77.25 -52.83
CA ALA A 796 -50.23 -78.65 -53.06
C ALA A 796 -50.47 -79.46 -51.79
N ASN B 1 52.14 59.39 -24.67
CA ASN B 1 51.08 58.93 -25.56
C ASN B 1 49.93 58.33 -24.74
N SER B 2 48.73 58.84 -24.98
CA SER B 2 47.55 58.40 -24.24
C SER B 2 46.41 58.11 -25.22
N ILE B 3 45.53 57.20 -24.82
CA ILE B 3 44.38 56.79 -25.62
C ILE B 3 43.12 57.10 -24.83
N GLN B 4 42.17 57.78 -25.47
CA GLN B 4 40.93 58.16 -24.80
C GLN B 4 39.91 57.03 -24.86
N ILE B 5 39.31 56.72 -23.72
CA ILE B 5 38.24 55.74 -23.63
C ILE B 5 37.09 56.35 -22.82
N GLY B 6 35.87 55.99 -23.17
CA GLY B 6 34.72 56.49 -22.45
C GLY B 6 34.18 55.48 -21.44
N GLY B 7 33.69 56.01 -20.33
CA GLY B 7 33.15 55.17 -19.27
C GLY B 7 31.72 55.49 -18.89
N LEU B 8 30.82 54.52 -19.06
CA LEU B 8 29.43 54.69 -18.67
C LEU B 8 29.13 53.73 -17.52
N PHE B 9 29.41 54.18 -16.30
CA PHE B 9 29.22 53.33 -15.13
C PHE B 9 27.90 53.66 -14.42
N PRO B 10 27.05 52.67 -14.20
CA PRO B 10 25.86 52.90 -13.37
C PRO B 10 26.26 53.27 -11.95
N ARG B 11 25.50 54.18 -11.37
CA ARG B 11 25.78 54.63 -10.00
C ARG B 11 25.52 53.51 -9.01
N GLY B 12 26.45 53.31 -8.08
CA GLY B 12 26.38 52.25 -7.12
C GLY B 12 27.22 51.03 -7.45
N ALA B 13 27.82 50.97 -8.63
CA ALA B 13 28.68 49.85 -9.00
C ALA B 13 30.09 50.07 -8.45
N ASP B 14 30.21 50.09 -7.13
CA ASP B 14 31.50 50.37 -6.51
C ASP B 14 32.51 49.27 -6.81
N GLN B 15 32.09 48.00 -6.73
CA GLN B 15 33.01 46.90 -6.98
C GLN B 15 33.43 46.85 -8.44
N GLU B 16 32.50 47.13 -9.36
CA GLU B 16 32.84 47.17 -10.77
C GLU B 16 33.86 48.28 -11.06
N TYR B 17 33.68 49.45 -10.45
CA TYR B 17 34.63 50.54 -10.63
C TYR B 17 35.99 50.18 -10.04
N SER B 18 35.99 49.52 -8.86
CA SER B 18 37.23 49.11 -8.24
C SER B 18 37.99 48.11 -9.12
N ALA B 19 37.27 47.13 -9.67
CA ALA B 19 37.90 46.18 -10.59
C ALA B 19 38.38 46.86 -11.86
N PHE B 20 37.65 47.85 -12.35
CA PHE B 20 38.08 48.62 -13.51
C PHE B 20 39.41 49.32 -13.22
N ARG B 21 39.51 49.96 -12.06
CA ARG B 21 40.75 50.64 -11.69
C ARG B 21 41.89 49.65 -11.51
N VAL B 22 41.61 48.50 -10.90
CA VAL B 22 42.65 47.48 -10.72
C VAL B 22 43.15 46.98 -12.07
N GLY B 23 42.22 46.74 -13.01
CA GLY B 23 42.64 46.33 -14.34
C GLY B 23 43.45 47.38 -15.05
N MET B 24 43.07 48.66 -14.90
CA MET B 24 43.84 49.74 -15.49
C MET B 24 45.25 49.79 -14.92
N VAL B 25 45.39 49.61 -13.60
CA VAL B 25 46.70 49.61 -12.97
C VAL B 25 47.53 48.43 -13.46
N GLN B 26 46.92 47.25 -13.54
CA GLN B 26 47.66 46.05 -13.92
C GLN B 26 48.11 46.09 -15.37
N PHE B 27 47.22 46.49 -16.27
CA PHE B 27 47.48 46.34 -17.70
C PHE B 27 47.98 47.61 -18.38
N SER B 28 48.24 48.67 -17.62
CA SER B 28 48.82 49.87 -18.22
C SER B 28 50.26 49.62 -18.63
N THR B 29 50.69 50.30 -19.69
CA THR B 29 52.05 50.17 -20.18
C THR B 29 52.61 51.56 -20.46
N SER B 30 53.93 51.67 -20.40
CA SER B 30 54.58 52.98 -20.54
C SER B 30 54.45 53.54 -21.94
N GLU B 31 54.36 52.68 -22.96
CA GLU B 31 54.27 53.15 -24.33
C GLU B 31 52.92 53.79 -24.66
N PHE B 32 51.85 53.41 -23.95
CA PHE B 32 50.57 54.11 -24.08
C PHE B 32 49.74 53.82 -22.83
N ARG B 33 49.21 54.87 -22.22
CA ARG B 33 48.45 54.79 -20.99
C ARG B 33 47.02 55.27 -21.22
N LEU B 34 46.06 54.52 -20.72
CA LEU B 34 44.65 54.83 -20.92
C LEU B 34 44.21 55.99 -20.04
N THR B 35 43.30 56.80 -20.56
CA THR B 35 42.63 57.84 -19.78
C THR B 35 41.12 57.68 -19.92
N PRO B 36 40.38 57.53 -18.83
CA PRO B 36 38.94 57.31 -18.93
C PRO B 36 38.15 58.62 -18.88
N HIS B 37 37.00 58.62 -19.54
CA HIS B 37 36.02 59.70 -19.42
C HIS B 37 34.82 59.11 -18.69
N ILE B 38 34.86 59.15 -17.37
CA ILE B 38 33.88 58.44 -16.55
C ILE B 38 32.62 59.28 -16.41
N ASP B 39 31.49 58.70 -16.80
CA ASP B 39 30.18 59.33 -16.66
C ASP B 39 29.28 58.39 -15.85
N ASN B 40 28.86 58.84 -14.68
CA ASN B 40 28.04 58.05 -13.77
C ASN B 40 26.61 58.56 -13.84
N LEU B 41 25.73 57.79 -14.48
CA LEU B 41 24.35 58.17 -14.69
C LEU B 41 23.43 57.01 -14.32
N GLU B 42 22.13 57.31 -14.26
CA GLU B 42 21.12 56.27 -14.13
C GLU B 42 21.01 55.51 -15.44
N VAL B 43 21.56 54.30 -15.49
CA VAL B 43 21.65 53.55 -16.74
C VAL B 43 20.29 53.20 -17.33
N ALA B 44 19.25 53.15 -16.50
CA ALA B 44 17.91 52.84 -17.01
C ALA B 44 17.32 54.03 -17.76
N ASN B 45 17.85 55.23 -17.52
CA ASN B 45 17.35 56.43 -18.17
C ASN B 45 17.94 56.54 -19.58
N SER B 46 17.09 56.40 -20.60
CA SER B 46 17.57 56.47 -21.97
C SER B 46 18.10 57.86 -22.30
N PHE B 47 17.44 58.91 -21.79
CA PHE B 47 17.92 60.27 -22.03
C PHE B 47 19.30 60.47 -21.43
N ALA B 48 19.51 59.97 -20.22
CA ALA B 48 20.83 60.08 -19.59
C ALA B 48 21.87 59.29 -20.37
N VAL B 49 21.50 58.13 -20.89
CA VAL B 49 22.43 57.33 -21.69
C VAL B 49 22.82 58.10 -22.95
N THR B 50 21.85 58.72 -23.61
CA THR B 50 22.14 59.52 -24.79
C THR B 50 23.04 60.70 -24.45
N ASN B 51 22.78 61.37 -23.33
CA ASN B 51 23.59 62.51 -22.93
C ASN B 51 25.03 62.09 -22.66
N ALA B 52 25.21 60.96 -21.96
CA ALA B 52 26.56 60.47 -21.68
C ALA B 52 27.27 60.06 -22.97
N PHE B 53 26.54 59.40 -23.87
CA PHE B 53 27.12 58.98 -25.15
C PHE B 53 27.60 60.19 -25.95
N CYS B 54 26.77 61.25 -25.99
CA CYS B 54 27.15 62.45 -26.73
C CYS B 54 28.29 63.19 -26.05
N SER B 55 28.31 63.19 -24.71
CA SER B 55 29.41 63.82 -23.98
C SER B 55 30.73 63.12 -24.27
N GLN B 56 30.70 61.79 -24.31
CA GLN B 56 31.91 61.04 -24.63
C GLN B 56 32.30 61.20 -26.11
N PHE B 57 31.32 61.29 -27.00
CA PHE B 57 31.61 61.49 -28.42
C PHE B 57 32.23 62.85 -28.67
N SER B 58 31.76 63.88 -27.96
CA SER B 58 32.36 65.21 -28.11
C SER B 58 33.81 65.23 -27.67
N ARG B 59 34.16 64.38 -26.70
CA ARG B 59 35.55 64.25 -26.27
C ARG B 59 36.38 63.39 -27.19
N GLY B 60 35.77 62.73 -28.17
CA GLY B 60 36.51 61.94 -29.14
C GLY B 60 37.17 60.70 -28.59
N VAL B 61 36.49 59.96 -27.71
CA VAL B 61 37.03 58.70 -27.24
C VAL B 61 36.88 57.64 -28.33
N TYR B 62 37.93 56.85 -28.53
CA TYR B 62 37.93 55.83 -29.57
C TYR B 62 37.09 54.61 -29.19
N ALA B 63 36.91 54.37 -27.90
CA ALA B 63 36.10 53.25 -27.44
C ALA B 63 35.37 53.66 -26.17
N ILE B 64 34.24 53.01 -25.91
CA ILE B 64 33.39 53.31 -24.77
C ILE B 64 33.15 52.04 -23.99
N PHE B 65 33.58 52.03 -22.73
CA PHE B 65 33.25 50.96 -21.81
C PHE B 65 32.07 51.38 -20.93
N GLY B 66 31.23 50.42 -20.58
CA GLY B 66 30.09 50.73 -19.73
C GLY B 66 29.12 49.58 -19.66
N PHE B 67 27.90 49.90 -19.21
CA PHE B 67 26.82 48.94 -19.09
C PHE B 67 25.55 49.56 -19.67
N TYR B 68 24.55 48.70 -19.91
CA TYR B 68 23.25 49.18 -20.36
C TYR B 68 22.15 48.42 -19.63
N ASP B 69 20.94 48.99 -19.68
CA ASP B 69 19.78 48.47 -18.98
C ASP B 69 18.77 48.02 -20.03
N LYS B 70 17.76 47.25 -19.59
CA LYS B 70 16.73 46.77 -20.51
C LYS B 70 16.05 47.91 -21.26
N LYS B 71 15.99 49.09 -20.65
CA LYS B 71 15.42 50.27 -21.30
C LYS B 71 16.46 51.08 -22.09
N SER B 72 17.73 50.67 -22.05
CA SER B 72 18.79 51.41 -22.72
C SER B 72 19.65 50.58 -23.65
N VAL B 73 19.39 49.28 -23.80
CA VAL B 73 20.19 48.45 -24.70
C VAL B 73 20.00 48.91 -26.15
N ASN B 74 18.76 49.23 -26.52
CA ASN B 74 18.48 49.68 -27.88
C ASN B 74 19.22 50.97 -28.20
N THR B 75 19.25 51.92 -27.26
CA THR B 75 19.96 53.17 -27.48
C THR B 75 21.45 52.92 -27.74
N ILE B 76 22.09 52.11 -26.90
CA ILE B 76 23.50 51.84 -27.05
C ILE B 76 23.77 51.16 -28.39
N THR B 77 22.96 50.15 -28.73
CA THR B 77 23.19 49.43 -29.97
C THR B 77 23.03 50.34 -31.19
N SER B 78 21.97 51.15 -31.20
CA SER B 78 21.73 52.03 -32.35
C SER B 78 22.82 53.08 -32.47
N PHE B 79 23.22 53.70 -31.36
CA PHE B 79 24.25 54.73 -31.42
C PHE B 79 25.58 54.15 -31.86
N CYS B 80 25.93 52.95 -31.36
CA CYS B 80 27.18 52.32 -31.76
C CYS B 80 27.16 51.93 -33.23
N GLY B 81 26.03 51.42 -33.71
CA GLY B 81 25.92 51.09 -35.12
C GLY B 81 25.96 52.29 -36.03
N THR B 82 25.43 53.43 -35.60
CA THR B 82 25.39 54.63 -36.43
C THR B 82 26.74 55.35 -36.43
N LEU B 83 27.28 55.64 -35.25
CA LEU B 83 28.50 56.43 -35.14
C LEU B 83 29.78 55.59 -35.18
N HIS B 84 29.66 54.28 -35.35
CA HIS B 84 30.79 53.37 -35.47
C HIS B 84 31.69 53.36 -34.25
N VAL B 85 31.16 53.63 -33.06
CA VAL B 85 31.96 53.60 -31.84
C VAL B 85 31.72 52.28 -31.14
N SER B 86 32.79 51.49 -30.95
CA SER B 86 32.67 50.18 -30.34
C SER B 86 32.31 50.30 -28.85
N PHE B 87 31.41 49.43 -28.41
CA PHE B 87 30.95 49.42 -27.02
C PHE B 87 31.44 48.16 -26.33
N ILE B 88 32.18 48.34 -25.23
CA ILE B 88 32.68 47.25 -24.41
C ILE B 88 31.82 47.18 -23.17
N THR B 89 31.18 46.04 -22.94
CA THR B 89 30.23 45.92 -21.85
C THR B 89 30.17 44.50 -21.29
N PRO B 90 30.17 44.36 -19.96
CA PRO B 90 29.88 43.05 -19.36
C PRO B 90 28.39 42.76 -19.22
N SER B 91 27.53 43.60 -19.79
CA SER B 91 26.09 43.42 -19.64
C SER B 91 25.61 42.21 -20.44
N PHE B 92 24.30 41.98 -20.39
CA PHE B 92 23.72 40.85 -21.09
C PHE B 92 23.91 41.01 -22.60
N PRO B 93 24.25 39.94 -23.31
CA PRO B 93 24.40 40.04 -24.77
C PRO B 93 23.08 40.38 -25.44
N THR B 94 23.17 41.10 -26.56
CA THR B 94 21.99 41.46 -27.31
C THR B 94 21.38 40.24 -27.99
N ASP B 95 20.04 40.25 -28.09
CA ASP B 95 19.35 39.16 -28.77
C ASP B 95 19.72 39.11 -30.25
N GLY B 96 19.82 40.28 -30.89
CA GLY B 96 20.23 40.34 -32.27
C GLY B 96 21.70 40.68 -32.43
N THR B 97 22.25 40.30 -33.59
CA THR B 97 23.66 40.53 -33.89
C THR B 97 23.85 41.99 -34.26
N HIS B 98 24.31 42.81 -33.31
CA HIS B 98 24.48 44.24 -33.53
C HIS B 98 25.96 44.58 -33.60
N PRO B 99 26.44 45.16 -34.69
CA PRO B 99 27.87 45.49 -34.80
C PRO B 99 28.27 46.57 -33.81
N PHE B 100 29.59 46.69 -33.64
CA PHE B 100 30.20 47.68 -32.75
C PHE B 100 29.78 47.49 -31.29
N VAL B 101 29.31 46.30 -30.94
CA VAL B 101 28.97 45.96 -29.56
C VAL B 101 29.70 44.68 -29.20
N ILE B 102 30.51 44.75 -28.15
CA ILE B 102 31.32 43.62 -27.69
C ILE B 102 30.73 43.14 -26.37
N GLN B 103 30.63 41.82 -26.21
CA GLN B 103 30.00 41.23 -25.04
C GLN B 103 31.03 40.43 -24.25
N MET B 104 31.26 40.82 -23.00
CA MET B 104 32.08 40.01 -22.11
C MET B 104 31.27 38.89 -21.45
N ARG B 105 29.96 39.04 -21.36
CA ARG B 105 29.14 38.04 -20.69
C ARG B 105 28.84 36.89 -21.64
N PRO B 106 29.22 35.66 -21.31
CA PRO B 106 28.92 34.53 -22.19
C PRO B 106 27.44 34.20 -22.18
N ASP B 107 27.00 33.51 -23.23
CA ASP B 107 25.62 33.04 -23.33
C ASP B 107 25.40 31.88 -22.37
N LEU B 108 24.46 32.04 -21.44
CA LEU B 108 24.16 31.01 -20.46
C LEU B 108 22.89 30.23 -20.78
N LYS B 109 22.20 30.56 -21.87
CA LYS B 109 20.98 29.84 -22.24
C LYS B 109 21.29 28.38 -22.55
N GLY B 110 22.34 28.14 -23.33
CA GLY B 110 22.71 26.77 -23.63
C GLY B 110 23.14 26.00 -22.40
N ALA B 111 23.89 26.63 -21.51
CA ALA B 111 24.28 25.99 -20.26
C ALA B 111 23.06 25.68 -19.40
N LEU B 112 22.11 26.61 -19.35
CA LEU B 112 20.89 26.38 -18.58
C LEU B 112 20.11 25.19 -19.14
N LEU B 113 19.98 25.11 -20.46
CA LEU B 113 19.27 23.99 -21.06
C LEU B 113 19.99 22.68 -20.82
N SER B 114 21.33 22.70 -20.90
CA SER B 114 22.11 21.49 -20.64
C SER B 114 21.93 21.03 -19.20
N LEU B 115 21.92 21.97 -18.25
CA LEU B 115 21.72 21.61 -16.85
C LEU B 115 20.31 21.07 -16.62
N ILE B 116 19.31 21.67 -17.26
CA ILE B 116 17.93 21.18 -17.12
C ILE B 116 17.82 19.76 -17.68
N GLU B 117 18.46 19.50 -18.83
CA GLU B 117 18.43 18.16 -19.40
C GLU B 117 19.22 17.18 -18.53
N TYR B 118 20.27 17.66 -17.87
CA TYR B 118 21.08 16.79 -17.03
C TYR B 118 20.29 16.25 -15.84
N TYR B 119 19.47 17.09 -15.21
CA TYR B 119 18.58 16.64 -14.15
C TYR B 119 17.30 16.04 -14.68
N GLN B 120 17.22 15.74 -15.99
CA GLN B 120 16.03 15.20 -16.66
C GLN B 120 14.75 15.88 -16.19
N TRP B 121 14.80 17.20 -16.05
CA TRP B 121 13.63 17.97 -15.69
C TRP B 121 12.65 18.06 -16.86
N ASP B 122 11.37 17.89 -16.54
CA ASP B 122 10.32 18.10 -17.53
C ASP B 122 9.26 19.05 -16.98
N LYS B 123 8.98 18.95 -15.68
CA LYS B 123 8.02 19.82 -15.03
C LYS B 123 8.74 20.67 -13.98
N PHE B 124 8.77 21.98 -14.18
CA PHE B 124 9.42 22.87 -13.23
C PHE B 124 8.85 24.27 -13.40
N ALA B 125 9.03 25.08 -12.36
CA ALA B 125 8.62 26.48 -12.38
C ALA B 125 9.77 27.36 -12.85
N TYR B 126 9.42 28.51 -13.43
CA TYR B 126 10.41 29.45 -13.96
C TYR B 126 10.08 30.84 -13.44
N LEU B 127 10.81 31.29 -12.43
CA LEU B 127 10.69 32.65 -11.90
C LEU B 127 11.73 33.51 -12.58
N TYR B 128 11.27 34.57 -13.27
CA TYR B 128 12.13 35.37 -14.12
C TYR B 128 11.96 36.85 -13.80
N ASP B 129 13.00 37.62 -14.16
CA ASP B 129 12.99 39.07 -14.05
C ASP B 129 13.36 39.68 -15.39
N SER B 130 12.93 40.92 -15.60
CA SER B 130 13.21 41.61 -16.85
C SER B 130 14.59 42.26 -16.88
N ASP B 131 15.36 42.14 -15.79
CA ASP B 131 16.63 42.86 -15.68
C ASP B 131 17.58 42.50 -16.82
N ARG B 132 17.69 41.20 -17.13
CA ARG B 132 18.52 40.76 -18.24
C ARG B 132 17.71 40.41 -19.48
N GLY B 133 16.48 40.92 -19.58
CA GLY B 133 15.64 40.67 -20.72
C GLY B 133 14.90 39.36 -20.66
N LEU B 134 14.04 39.10 -21.64
CA LEU B 134 13.27 37.88 -21.71
C LEU B 134 13.82 36.88 -22.72
N SER B 135 15.06 37.06 -23.17
CA SER B 135 15.65 36.13 -24.13
C SER B 135 15.76 34.73 -23.54
N THR B 136 16.17 34.63 -22.27
CA THR B 136 16.21 33.34 -21.62
C THR B 136 14.82 32.74 -21.49
N LEU B 137 13.82 33.56 -21.20
CA LEU B 137 12.44 33.07 -21.13
C LEU B 137 11.98 32.56 -22.49
N GLN B 138 12.31 33.28 -23.57
CA GLN B 138 11.97 32.82 -24.90
C GLN B 138 12.65 31.50 -25.22
N ALA B 139 13.94 31.37 -24.86
CA ALA B 139 14.67 30.14 -25.13
C ALA B 139 14.09 28.96 -24.37
N VAL B 140 13.76 29.17 -23.08
CA VAL B 140 13.21 28.06 -22.31
C VAL B 140 11.80 27.71 -22.78
N LEU B 141 11.01 28.70 -23.23
CA LEU B 141 9.70 28.38 -23.78
C LEU B 141 9.82 27.57 -25.08
N ASP B 142 10.76 27.95 -25.94
CA ASP B 142 10.98 27.19 -27.18
C ASP B 142 11.47 25.78 -26.87
N SER B 143 12.35 25.65 -25.87
CA SER B 143 12.82 24.32 -25.48
C SER B 143 11.71 23.50 -24.85
N ALA B 144 10.79 24.13 -24.12
CA ALA B 144 9.63 23.42 -23.61
C ALA B 144 8.74 22.93 -24.75
N ALA B 145 8.56 23.77 -25.77
CA ALA B 145 7.77 23.36 -26.94
C ALA B 145 8.42 22.19 -27.66
N GLU B 146 9.74 22.22 -27.84
CA GLU B 146 10.43 21.16 -28.56
C GLU B 146 10.48 19.87 -27.75
N LYS B 147 10.86 19.96 -26.47
CA LYS B 147 11.09 18.81 -25.63
C LYS B 147 9.87 18.37 -24.84
N LYS B 148 8.74 19.06 -25.03
CA LYS B 148 7.48 18.73 -24.32
C LYS B 148 7.65 18.85 -22.81
N TRP B 149 7.99 20.07 -22.36
CA TRP B 149 8.10 20.36 -20.94
C TRP B 149 6.80 20.97 -20.41
N GLN B 150 6.78 21.23 -19.11
CA GLN B 150 5.64 21.85 -18.45
C GLN B 150 6.07 23.08 -17.66
N VAL B 151 6.84 23.96 -18.32
CA VAL B 151 7.41 25.12 -17.64
C VAL B 151 6.29 26.06 -17.21
N THR B 152 6.30 26.45 -15.93
CA THR B 152 5.33 27.37 -15.37
C THR B 152 6.05 28.69 -15.10
N ALA B 153 6.03 29.58 -16.09
CA ALA B 153 6.71 30.86 -15.97
C ALA B 153 5.92 31.81 -15.09
N ILE B 154 6.58 32.39 -14.09
CA ILE B 154 5.99 33.38 -13.21
C ILE B 154 6.92 34.58 -13.14
N ASN B 155 6.38 35.78 -13.36
CA ASN B 155 7.16 36.99 -13.25
C ASN B 155 7.45 37.27 -11.78
N VAL B 156 8.73 37.52 -11.46
CA VAL B 156 9.14 37.69 -10.07
C VAL B 156 9.63 39.10 -9.76
N GLY B 157 9.86 39.92 -10.78
CA GLY B 157 10.42 41.25 -10.56
C GLY B 157 9.43 42.38 -10.58
N ASN B 158 8.16 42.07 -10.89
CA ASN B 158 7.14 43.12 -10.96
C ASN B 158 6.57 43.46 -9.59
N ILE B 159 6.96 42.72 -8.54
CA ILE B 159 6.46 43.02 -7.20
C ILE B 159 7.13 44.28 -6.67
N ASN B 160 6.57 44.81 -5.58
CA ASN B 160 7.06 46.02 -4.94
C ASN B 160 7.55 45.72 -3.53
N ASN B 161 8.39 46.60 -3.00
CA ASN B 161 8.99 46.37 -1.68
C ASN B 161 7.96 46.55 -0.56
N ASP B 162 6.91 47.33 -0.79
CA ASP B 162 5.88 47.50 0.22
C ASP B 162 5.10 46.22 0.49
N LYS B 163 5.00 45.34 -0.51
CA LYS B 163 4.30 44.07 -0.36
C LYS B 163 5.18 42.89 -0.75
N LYS B 164 6.49 43.00 -0.51
CA LYS B 164 7.42 41.95 -0.95
C LYS B 164 7.14 40.62 -0.26
N ASP B 165 6.90 40.65 1.05
CA ASP B 165 6.72 39.41 1.79
C ASP B 165 5.41 38.71 1.40
N GLU B 166 4.33 39.47 1.26
CA GLU B 166 3.03 38.86 1.00
C GLU B 166 2.93 38.36 -0.44
N THR B 167 3.49 39.11 -1.39
CA THR B 167 3.42 38.71 -2.79
C THR B 167 4.17 37.41 -3.05
N TYR B 168 5.36 37.26 -2.45
CA TYR B 168 6.13 36.03 -2.67
C TYR B 168 5.50 34.85 -1.95
N ARG B 169 4.88 35.09 -0.79
CA ARG B 169 4.19 34.02 -0.09
C ARG B 169 3.04 33.47 -0.93
N SER B 170 2.24 34.35 -1.53
CA SER B 170 1.16 33.90 -2.40
C SER B 170 1.71 33.26 -3.67
N LEU B 171 2.84 33.79 -4.16
CA LEU B 171 3.48 33.22 -5.36
C LEU B 171 3.88 31.77 -5.12
N PHE B 172 4.49 31.49 -3.97
CA PHE B 172 4.87 30.13 -3.66
C PHE B 172 3.69 29.26 -3.22
N GLN B 173 2.62 29.88 -2.71
CA GLN B 173 1.42 29.12 -2.41
C GLN B 173 0.63 28.80 -3.68
N ASP B 174 0.65 29.70 -4.66
CA ASP B 174 0.06 29.39 -5.96
C ASP B 174 0.81 28.25 -6.65
N LEU B 175 2.10 28.10 -6.35
CA LEU B 175 2.86 26.98 -6.88
C LEU B 175 2.34 25.65 -6.35
N GLU B 176 1.87 25.61 -5.10
CA GLU B 176 1.35 24.37 -4.53
C GLU B 176 0.03 23.95 -5.16
N LEU B 177 -0.62 24.83 -5.93
CA LEU B 177 -1.73 24.38 -6.76
C LEU B 177 -1.27 23.37 -7.80
N LYS B 178 0.00 23.41 -8.19
CA LYS B 178 0.62 22.40 -9.03
C LYS B 178 1.57 21.51 -8.24
N LYS B 179 1.69 21.73 -6.93
CA LYS B 179 2.63 20.99 -6.08
C LYS B 179 4.05 21.05 -6.64
N GLU B 180 4.43 22.25 -7.10
CA GLU B 180 5.72 22.42 -7.75
C GLU B 180 6.86 22.27 -6.76
N ARG B 181 7.89 21.51 -7.17
CA ARG B 181 9.07 21.30 -6.37
C ARG B 181 10.36 21.74 -7.05
N ARG B 182 10.34 22.01 -8.35
CA ARG B 182 11.51 22.41 -9.12
C ARG B 182 11.33 23.84 -9.61
N VAL B 183 12.25 24.72 -9.23
CA VAL B 183 12.15 26.14 -9.54
C VAL B 183 13.51 26.63 -10.04
N ILE B 184 13.49 27.47 -11.07
CA ILE B 184 14.68 28.13 -11.61
C ILE B 184 14.56 29.62 -11.36
N LEU B 185 15.60 30.21 -10.76
CA LEU B 185 15.60 31.62 -10.40
C LEU B 185 16.36 32.40 -11.47
N ASP B 186 15.63 32.98 -12.41
CA ASP B 186 16.24 33.77 -13.49
C ASP B 186 16.16 35.26 -13.15
N CYS B 187 17.05 35.68 -12.26
CA CYS B 187 17.10 37.07 -11.83
C CYS B 187 18.49 37.36 -11.26
N GLU B 188 18.75 38.65 -11.04
CA GLU B 188 20.05 39.05 -10.52
C GLU B 188 20.21 38.63 -9.07
N ARG B 189 21.44 38.81 -8.55
CA ARG B 189 21.82 38.17 -7.29
C ARG B 189 21.01 38.71 -6.11
N ASP B 190 20.68 40.00 -6.09
CA ASP B 190 19.86 40.53 -5.01
C ASP B 190 18.46 39.91 -5.02
N LYS B 191 17.87 39.77 -6.21
CA LYS B 191 16.56 39.13 -6.30
C LYS B 191 16.62 37.67 -5.89
N VAL B 192 17.69 36.97 -6.27
CA VAL B 192 17.86 35.58 -5.85
C VAL B 192 17.97 35.49 -4.34
N ASN B 193 18.71 36.42 -3.73
CA ASN B 193 18.85 36.44 -2.28
C ASN B 193 17.51 36.69 -1.60
N ASP B 194 16.72 37.62 -2.15
CA ASP B 194 15.39 37.89 -1.59
C ASP B 194 14.49 36.66 -1.71
N ILE B 195 14.55 35.97 -2.85
CA ILE B 195 13.75 34.77 -3.03
C ILE B 195 14.18 33.68 -2.06
N VAL B 196 15.50 33.55 -1.83
CA VAL B 196 16.00 32.56 -0.87
C VAL B 196 15.54 32.90 0.53
N ASP B 197 15.53 34.20 0.88
CA ASP B 197 15.03 34.61 2.18
C ASP B 197 13.56 34.28 2.35
N GLN B 198 12.76 34.53 1.31
CA GLN B 198 11.34 34.18 1.37
C GLN B 198 11.14 32.67 1.49
N VAL B 199 11.97 31.89 0.79
CA VAL B 199 11.85 30.43 0.84
C VAL B 199 12.20 29.92 2.23
N ILE B 200 13.32 30.38 2.80
CA ILE B 200 13.74 29.91 4.12
C ILE B 200 12.77 30.39 5.18
N THR B 201 12.12 31.53 4.96
CA THR B 201 11.09 32.00 5.90
C THR B 201 9.87 31.09 5.86
N ILE B 202 9.48 30.62 4.67
CA ILE B 202 8.31 29.76 4.52
C ILE B 202 8.69 28.28 4.52
N GLY B 203 9.98 27.96 4.61
CA GLY B 203 10.41 26.59 4.77
C GLY B 203 10.30 25.70 3.55
N LYS B 204 10.51 26.24 2.35
CA LYS B 204 10.54 25.44 1.14
C LYS B 204 11.96 25.06 0.73
N HIS B 205 12.94 25.34 1.59
CA HIS B 205 14.34 24.97 1.34
C HIS B 205 14.70 23.61 1.90
N VAL B 206 13.71 22.78 2.23
CA VAL B 206 13.97 21.46 2.76
C VAL B 206 14.19 20.47 1.63
N LYS B 207 14.72 19.29 1.98
CA LYS B 207 15.01 18.28 0.98
C LYS B 207 13.73 17.84 0.26
N GLY B 208 13.85 17.64 -1.05
CA GLY B 208 12.72 17.41 -1.94
C GLY B 208 12.51 18.54 -2.92
N TYR B 209 12.91 19.75 -2.57
CA TYR B 209 12.89 20.88 -3.47
C TYR B 209 14.24 21.01 -4.17
N HIS B 210 14.18 21.41 -5.45
CA HIS B 210 15.39 21.61 -6.24
C HIS B 210 15.36 23.00 -6.84
N TYR B 211 16.50 23.68 -6.79
CA TYR B 211 16.63 25.05 -7.27
C TYR B 211 17.83 25.17 -8.20
N ILE B 212 17.68 25.97 -9.25
CA ILE B 212 18.76 26.27 -10.19
C ILE B 212 18.90 27.79 -10.27
N ILE B 213 20.11 28.28 -9.99
CA ILE B 213 20.40 29.71 -10.03
C ILE B 213 20.87 30.04 -11.45
N ALA B 214 19.99 30.68 -12.23
CA ALA B 214 20.25 30.96 -13.63
C ALA B 214 21.04 32.26 -13.82
N ASN B 215 22.28 32.24 -13.34
CA ASN B 215 23.21 33.34 -13.57
C ASN B 215 24.63 32.83 -13.36
N LEU B 216 25.60 33.64 -13.77
CA LEU B 216 27.01 33.31 -13.65
C LEU B 216 27.63 33.79 -12.34
N GLY B 217 26.82 33.97 -11.30
CA GLY B 217 27.28 34.47 -10.02
C GLY B 217 26.82 33.61 -8.86
N PHE B 218 26.89 32.29 -9.04
CA PHE B 218 26.28 31.35 -8.10
C PHE B 218 26.79 31.58 -6.67
N THR B 219 28.10 31.63 -6.48
CA THR B 219 28.67 31.79 -5.14
C THR B 219 28.83 33.25 -4.74
N ASP B 220 28.53 34.20 -5.63
CA ASP B 220 28.62 35.61 -5.28
C ASP B 220 27.43 36.06 -4.44
N GLY B 221 26.40 35.24 -4.32
CA GLY B 221 25.26 35.58 -3.49
C GLY B 221 25.44 35.14 -2.05
N ASP B 222 24.31 35.10 -1.33
CA ASP B 222 24.28 34.69 0.07
C ASP B 222 23.73 33.29 0.24
N LEU B 223 24.08 32.37 -0.66
CA LEU B 223 23.57 30.99 -0.63
C LEU B 223 24.00 30.21 0.61
N LEU B 224 24.76 30.82 1.51
CA LEU B 224 25.17 30.12 2.73
C LEU B 224 23.97 29.77 3.60
N LYS B 225 23.00 30.68 3.69
CA LYS B 225 21.83 30.45 4.54
C LYS B 225 20.95 29.31 4.04
N ILE B 226 20.96 29.03 2.73
CA ILE B 226 20.20 27.91 2.18
C ILE B 226 21.03 26.64 2.07
N GLN B 227 22.30 26.68 2.46
CA GLN B 227 23.18 25.53 2.34
C GLN B 227 22.72 24.36 3.21
N PHE B 228 22.26 24.64 4.43
CA PHE B 228 21.94 23.59 5.39
C PHE B 228 20.47 23.17 5.37
N GLY B 229 19.64 23.77 4.52
CA GLY B 229 18.24 23.42 4.50
C GLY B 229 17.97 22.01 4.03
N GLY B 230 18.74 21.53 3.05
CA GLY B 230 18.56 20.20 2.48
C GLY B 230 18.06 20.19 1.06
N ALA B 231 17.50 21.29 0.57
CA ALA B 231 17.10 21.36 -0.83
C ALA B 231 18.32 21.49 -1.73
N GLU B 232 18.30 20.78 -2.86
CA GLU B 232 19.41 20.84 -3.80
C GLU B 232 19.39 22.15 -4.56
N VAL B 233 20.54 22.83 -4.56
CA VAL B 233 20.69 24.12 -5.22
C VAL B 233 21.88 24.04 -6.18
N SER B 234 21.69 24.56 -7.39
CA SER B 234 22.73 24.52 -8.41
C SER B 234 22.73 25.84 -9.17
N GLY B 235 23.79 26.05 -9.93
CA GLY B 235 23.93 27.28 -10.70
C GLY B 235 25.17 27.25 -11.56
N PHE B 236 25.53 28.42 -12.07
CA PHE B 236 26.68 28.57 -12.95
C PHE B 236 27.60 29.67 -12.42
N GLN B 237 28.89 29.54 -12.73
CA GLN B 237 29.87 30.55 -12.36
C GLN B 237 30.94 30.63 -13.44
N ILE B 238 31.18 31.84 -13.93
CA ILE B 238 32.22 32.05 -14.92
C ILE B 238 33.58 32.29 -14.25
N VAL B 239 33.58 32.64 -12.96
CA VAL B 239 34.83 32.83 -12.23
C VAL B 239 35.20 31.52 -11.55
N ASP B 240 36.33 30.94 -11.95
CA ASP B 240 36.82 29.68 -11.38
C ASP B 240 37.99 30.00 -10.46
N TYR B 241 37.83 29.69 -9.16
CA TYR B 241 38.86 29.99 -8.18
C TYR B 241 39.99 28.97 -8.17
N ASP B 242 39.87 27.89 -8.95
CA ASP B 242 40.95 26.90 -8.99
C ASP B 242 42.12 27.38 -9.86
N ASP B 243 41.89 28.39 -10.70
CA ASP B 243 42.95 28.89 -11.56
C ASP B 243 43.99 29.65 -10.75
N SER B 244 45.25 29.55 -11.18
CA SER B 244 46.33 30.27 -10.50
C SER B 244 46.17 31.77 -10.67
N LEU B 245 45.75 32.22 -11.86
CA LEU B 245 45.54 33.64 -12.08
C LEU B 245 44.46 34.19 -11.16
N VAL B 246 43.35 33.47 -11.01
CA VAL B 246 42.28 33.93 -10.14
C VAL B 246 42.73 33.95 -8.69
N SER B 247 43.50 32.94 -8.28
CA SER B 247 44.01 32.90 -6.90
C SER B 247 44.94 34.08 -6.63
N LYS B 248 45.85 34.36 -7.56
CA LYS B 248 46.76 35.49 -7.40
C LYS B 248 45.99 36.82 -7.35
N PHE B 249 44.99 36.96 -8.23
CA PHE B 249 44.18 38.18 -8.24
C PHE B 249 43.43 38.34 -6.92
N ILE B 250 42.85 37.26 -6.42
CA ILE B 250 42.13 37.31 -5.15
C ILE B 250 43.07 37.69 -4.01
N GLU B 251 44.29 37.15 -4.03
CA GLU B 251 45.28 37.56 -3.04
C GLU B 251 45.57 39.06 -3.16
N ARG B 252 45.69 39.57 -4.39
CA ARG B 252 45.85 41.00 -4.60
C ARG B 252 44.56 41.75 -4.29
N TRP B 253 43.42 41.14 -4.62
CA TRP B 253 42.12 41.81 -4.47
C TRP B 253 41.78 42.05 -3.00
N SER B 254 41.98 41.02 -2.16
CA SER B 254 41.54 41.10 -0.77
C SER B 254 42.39 42.06 0.04
N THR B 255 43.66 42.24 -0.31
CA THR B 255 44.58 43.04 0.47
C THR B 255 44.46 44.54 0.18
N LEU B 256 43.64 44.94 -0.78
CA LEU B 256 43.50 46.35 -1.11
C LEU B 256 42.75 47.09 0.00
N GLU B 257 43.06 48.38 0.13
CA GLU B 257 42.39 49.22 1.11
C GLU B 257 40.95 49.46 0.68
N GLU B 258 40.01 49.23 1.61
CA GLU B 258 38.60 49.34 1.27
C GLU B 258 38.19 50.77 0.94
N LYS B 259 38.72 51.75 1.68
CA LYS B 259 38.37 53.14 1.41
C LYS B 259 38.84 53.60 0.03
N GLU B 260 39.95 53.03 -0.46
CA GLU B 260 40.46 53.35 -1.79
C GLU B 260 39.81 52.50 -2.87
N TYR B 261 39.49 51.25 -2.58
CA TYR B 261 38.85 50.33 -3.51
C TYR B 261 37.62 49.72 -2.83
N PRO B 262 36.50 50.44 -2.83
CA PRO B 262 35.30 49.92 -2.15
C PRO B 262 34.84 48.60 -2.75
N GLY B 263 34.38 47.69 -1.88
CA GLY B 263 33.92 46.39 -2.32
C GLY B 263 35.01 45.42 -2.72
N ALA B 264 36.28 45.76 -2.49
CA ALA B 264 37.39 44.91 -2.92
C ALA B 264 37.98 44.08 -1.78
N HIS B 265 37.76 44.46 -0.52
CA HIS B 265 38.34 43.75 0.61
C HIS B 265 37.49 42.51 0.95
N THR B 266 37.34 41.66 -0.07
CA THR B 266 36.55 40.43 0.05
C THR B 266 37.34 39.27 -0.53
N ALA B 267 37.06 38.07 -0.03
CA ALA B 267 37.70 36.86 -0.54
C ALA B 267 37.11 36.41 -1.87
N THR B 268 35.94 36.92 -2.25
CA THR B 268 35.31 36.58 -3.51
C THR B 268 34.96 37.85 -4.26
N ILE B 269 34.98 37.76 -5.59
CA ILE B 269 34.66 38.88 -6.47
C ILE B 269 33.48 38.49 -7.33
N LYS B 270 32.53 39.42 -7.49
CA LYS B 270 31.37 39.16 -8.32
C LYS B 270 31.79 38.98 -9.77
N TYR B 271 31.01 38.20 -10.51
CA TYR B 271 31.33 37.95 -11.92
C TYR B 271 31.28 39.24 -12.74
N THR B 272 30.45 40.20 -12.31
CA THR B 272 30.38 41.47 -13.02
C THR B 272 31.71 42.21 -12.95
N SER B 273 32.30 42.30 -11.76
CA SER B 273 33.58 42.99 -11.61
C SER B 273 34.71 42.23 -12.30
N ALA B 274 34.67 40.90 -12.23
CA ALA B 274 35.69 40.09 -12.90
C ALA B 274 35.64 40.30 -14.41
N LEU B 275 34.43 40.33 -14.98
CA LEU B 275 34.31 40.60 -16.40
C LEU B 275 34.65 42.05 -16.74
N THR B 276 34.44 42.98 -15.80
CA THR B 276 34.92 44.34 -15.99
C THR B 276 36.44 44.38 -16.12
N TYR B 277 37.13 43.66 -15.24
CA TYR B 277 38.59 43.56 -15.31
C TYR B 277 39.03 42.91 -16.61
N ASP B 278 38.37 41.82 -17.00
CA ASP B 278 38.74 41.12 -18.22
C ASP B 278 38.44 41.96 -19.46
N ALA B 279 37.43 42.82 -19.41
CA ALA B 279 37.14 43.71 -20.52
C ALA B 279 38.26 44.72 -20.72
N VAL B 280 38.76 45.28 -19.62
CA VAL B 280 39.92 46.17 -19.70
C VAL B 280 41.12 45.43 -20.30
N GLN B 281 41.36 44.20 -19.83
CA GLN B 281 42.44 43.40 -20.41
C GLN B 281 42.23 43.23 -21.91
N VAL B 282 41.00 42.95 -22.32
CA VAL B 282 40.71 42.65 -23.72
C VAL B 282 40.93 43.88 -24.59
N MET B 283 40.45 45.04 -24.15
CA MET B 283 40.57 46.22 -25.01
C MET B 283 42.01 46.71 -25.03
N THR B 284 42.74 46.53 -23.93
CA THR B 284 44.16 46.86 -23.93
C THR B 284 44.91 45.96 -24.91
N GLU B 285 44.58 44.66 -24.92
CA GLU B 285 45.15 43.77 -25.92
C GLU B 285 44.76 44.16 -27.33
N ALA B 286 43.54 44.67 -27.51
CA ALA B 286 43.10 45.11 -28.83
C ALA B 286 43.94 46.30 -29.32
N PHE B 287 44.15 47.28 -28.45
CA PHE B 287 45.01 48.40 -28.81
C PHE B 287 46.45 47.95 -29.05
N ARG B 288 46.95 47.01 -28.25
CA ARG B 288 48.29 46.48 -28.46
C ARG B 288 48.41 45.81 -29.82
N ASN B 289 47.41 45.00 -30.20
CA ASN B 289 47.43 44.35 -31.50
C ASN B 289 47.33 45.37 -32.62
N LEU B 290 46.49 46.39 -32.46
CA LEU B 290 46.33 47.41 -33.48
C LEU B 290 47.63 48.18 -33.70
N ARG B 291 48.33 48.50 -32.62
CA ARG B 291 49.62 49.18 -32.76
C ARG B 291 50.67 48.25 -33.34
N LYS B 292 50.64 46.97 -32.97
CA LYS B 292 51.57 46.00 -33.54
C LYS B 292 51.32 45.81 -35.04
N GLN B 293 50.07 45.90 -35.48
CA GLN B 293 49.74 45.85 -36.89
C GLN B 293 50.04 47.15 -37.62
N ARG B 294 50.67 48.11 -36.93
CA ARG B 294 51.08 49.40 -37.50
C ARG B 294 49.89 50.23 -37.97
N ILE B 295 48.72 50.04 -37.36
CA ILE B 295 47.57 50.87 -37.65
C ILE B 295 47.55 52.06 -36.68
N GLU B 296 47.02 53.18 -37.16
CA GLU B 296 47.03 54.42 -36.40
C GLU B 296 45.61 54.78 -35.97
N ILE B 297 45.51 55.38 -34.78
CA ILE B 297 44.26 55.89 -34.23
C ILE B 297 44.34 57.40 -34.00
N SER B 298 45.06 58.12 -34.86
CA SER B 298 45.37 59.53 -34.64
C SER B 298 44.20 60.45 -34.97
N ARG B 299 42.99 59.90 -35.08
CA ARG B 299 41.82 60.73 -35.27
C ARG B 299 41.67 61.70 -34.10
N ARG B 300 41.40 62.97 -34.43
CA ARG B 300 41.38 64.01 -33.40
C ARG B 300 40.23 63.80 -32.44
N GLY B 301 40.41 64.29 -31.21
CA GLY B 301 39.36 64.18 -30.21
C GLY B 301 38.21 65.13 -30.44
N ASN B 302 38.38 66.09 -31.34
CA ASN B 302 37.32 67.05 -31.67
C ASN B 302 36.39 66.45 -32.73
N ALA B 303 35.62 65.46 -32.32
CA ALA B 303 34.73 64.76 -33.25
C ALA B 303 33.54 65.62 -33.66
N GLY B 304 33.05 66.49 -32.78
CA GLY B 304 31.93 67.35 -33.11
C GLY B 304 30.64 66.90 -32.49
N ASP B 305 29.54 67.35 -33.11
CA ASP B 305 28.21 67.03 -32.61
C ASP B 305 27.89 65.55 -32.84
N CYS B 306 27.20 64.94 -31.87
CA CYS B 306 26.82 63.55 -31.99
C CYS B 306 25.65 63.36 -32.96
N LEU B 307 24.77 64.36 -33.04
CA LEU B 307 23.53 64.27 -33.82
C LEU B 307 23.58 65.12 -35.08
N ALA B 308 24.72 65.19 -35.75
CA ALA B 308 24.81 65.91 -37.00
C ALA B 308 24.01 65.21 -38.08
N ASN B 309 23.41 66.00 -38.96
CA ASN B 309 22.60 65.48 -40.06
C ASN B 309 23.28 65.77 -41.39
N PRO B 310 23.72 64.76 -42.14
CA PRO B 310 23.72 63.33 -41.80
C PRO B 310 24.82 62.97 -40.79
N ALA B 311 24.77 61.76 -40.24
CA ALA B 311 25.79 61.33 -39.28
C ALA B 311 27.14 61.14 -39.98
N VAL B 312 28.19 61.12 -39.18
CA VAL B 312 29.55 61.04 -39.72
C VAL B 312 30.25 59.78 -39.20
N PRO B 313 30.17 58.67 -39.93
CA PRO B 313 30.99 57.49 -39.56
C PRO B 313 32.46 57.77 -39.81
N TRP B 314 33.31 57.04 -39.08
CA TRP B 314 34.75 57.17 -39.21
C TRP B 314 35.35 55.81 -39.50
N GLY B 315 36.29 55.77 -40.44
CA GLY B 315 36.81 54.49 -40.92
C GLY B 315 37.57 53.72 -39.86
N GLN B 316 38.33 54.42 -39.02
CA GLN B 316 39.13 53.74 -38.00
C GLN B 316 38.27 53.03 -36.96
N GLY B 317 36.98 53.34 -36.88
CA GLY B 317 36.12 52.64 -35.96
C GLY B 317 35.96 51.17 -36.32
N VAL B 318 35.93 50.88 -37.63
CA VAL B 318 35.87 49.49 -38.07
C VAL B 318 37.17 48.77 -37.73
N GLU B 319 38.30 49.45 -37.87
CA GLU B 319 39.59 48.84 -37.53
C GLU B 319 39.67 48.52 -36.04
N ILE B 320 39.19 49.42 -35.19
CA ILE B 320 39.21 49.18 -33.75
C ILE B 320 38.30 48.01 -33.40
N GLU B 321 37.12 47.95 -34.03
CA GLU B 321 36.22 46.82 -33.80
C GLU B 321 36.85 45.51 -34.25
N ARG B 322 37.53 45.52 -35.39
CA ARG B 322 38.22 44.33 -35.88
C ARG B 322 39.30 43.89 -34.89
N ALA B 323 40.08 44.84 -34.38
CA ALA B 323 41.12 44.52 -33.40
C ALA B 323 40.50 43.95 -32.12
N LEU B 324 39.38 44.52 -31.69
CA LEU B 324 38.70 44.00 -30.49
C LEU B 324 38.21 42.58 -30.70
N LYS B 325 37.63 42.31 -31.88
CA LYS B 325 37.14 40.97 -32.17
C LYS B 325 38.26 39.98 -32.44
N GLN B 326 39.47 40.47 -32.72
CA GLN B 326 40.62 39.60 -32.92
C GLN B 326 41.30 39.20 -31.61
N VAL B 327 40.83 39.70 -30.47
CA VAL B 327 41.50 39.45 -29.21
C VAL B 327 41.21 38.04 -28.73
N GLN B 328 42.27 37.31 -28.38
CA GLN B 328 42.16 36.00 -27.73
C GLN B 328 43.13 35.97 -26.56
N VAL B 329 42.59 36.09 -25.34
CA VAL B 329 43.40 36.19 -24.14
C VAL B 329 42.82 35.28 -23.07
N GLU B 330 43.60 35.04 -22.02
CA GLU B 330 43.16 34.30 -20.86
C GLU B 330 42.95 35.25 -19.70
N GLY B 331 41.73 35.29 -19.18
CA GLY B 331 41.40 36.18 -18.08
C GLY B 331 40.79 35.47 -16.89
N LEU B 332 40.21 36.25 -15.97
CA LEU B 332 39.57 35.65 -14.80
C LEU B 332 38.35 34.83 -15.20
N SER B 333 37.73 35.16 -16.33
CA SER B 333 36.55 34.46 -16.81
C SER B 333 36.93 33.34 -17.77
N GLY B 334 38.17 32.86 -17.69
CA GLY B 334 38.61 31.78 -18.55
C GLY B 334 39.07 32.29 -19.91
N ASN B 335 38.97 31.41 -20.91
CA ASN B 335 39.35 31.77 -22.27
C ASN B 335 38.42 32.83 -22.82
N ILE B 336 38.99 33.81 -23.53
CA ILE B 336 38.23 34.93 -24.08
C ILE B 336 38.43 34.95 -25.58
N LYS B 337 37.33 34.85 -26.33
CA LYS B 337 37.34 34.95 -27.78
C LYS B 337 36.05 35.64 -28.22
N PHE B 338 36.08 36.18 -29.44
CA PHE B 338 34.92 36.85 -30.00
C PHE B 338 34.67 36.37 -31.43
N ASP B 339 33.39 36.30 -31.80
CA ASP B 339 32.99 35.95 -33.15
C ASP B 339 32.81 37.21 -34.00
N GLN B 340 32.23 37.04 -35.19
CA GLN B 340 32.00 38.16 -36.08
C GLN B 340 30.97 39.14 -35.51
N ASN B 341 30.11 38.69 -34.60
CA ASN B 341 29.10 39.55 -34.00
C ASN B 341 29.52 40.14 -32.66
N GLY B 342 30.76 39.87 -32.22
CA GLY B 342 31.22 40.36 -30.95
C GLY B 342 30.83 39.53 -29.75
N LYS B 343 30.08 38.46 -29.96
CA LYS B 343 29.69 37.58 -28.85
C LYS B 343 30.82 36.61 -28.54
N ARG B 344 30.90 36.22 -27.26
CA ARG B 344 32.01 35.37 -26.82
C ARG B 344 31.85 33.95 -27.32
N ILE B 345 32.98 33.37 -27.73
CA ILE B 345 33.04 31.99 -28.23
C ILE B 345 34.20 31.29 -27.55
N ASN B 346 34.18 29.95 -27.61
CA ASN B 346 35.16 29.07 -27.00
C ASN B 346 35.21 29.23 -25.48
N TYR B 347 34.19 29.84 -24.88
CA TYR B 347 34.17 30.04 -23.44
C TYR B 347 33.86 28.75 -22.71
N THR B 348 34.33 28.66 -21.47
CA THR B 348 34.08 27.51 -20.61
C THR B 348 33.35 27.99 -19.36
N ILE B 349 32.19 27.40 -19.08
CA ILE B 349 31.37 27.76 -17.93
C ILE B 349 31.36 26.61 -16.95
N ASN B 350 31.62 26.91 -15.68
CA ASN B 350 31.64 25.89 -14.65
C ASN B 350 30.29 25.79 -13.96
N ILE B 351 29.90 24.57 -13.60
CA ILE B 351 28.62 24.28 -12.97
C ILE B 351 28.88 23.83 -11.55
N MET B 352 28.21 24.46 -10.59
CA MET B 352 28.44 24.19 -9.17
C MET B 352 27.18 23.62 -8.54
N GLU B 353 27.38 22.74 -7.56
CA GLU B 353 26.30 22.18 -6.77
C GLU B 353 26.57 22.45 -5.29
N LEU B 354 25.50 22.78 -4.56
CA LEU B 354 25.61 23.17 -3.15
C LEU B 354 25.44 21.94 -2.28
N LYS B 355 26.49 21.58 -1.57
CA LYS B 355 26.47 20.46 -0.63
C LYS B 355 26.51 20.97 0.80
N THR B 356 26.53 20.01 1.74
CA THR B 356 26.54 20.37 3.16
C THR B 356 27.80 21.14 3.54
N ASN B 357 28.96 20.71 3.03
CA ASN B 357 30.22 21.37 3.36
C ASN B 357 30.43 22.66 2.57
N GLY B 358 29.65 22.91 1.53
CA GLY B 358 29.80 24.10 0.73
C GLY B 358 29.70 23.82 -0.76
N PRO B 359 29.66 24.87 -1.57
CA PRO B 359 29.55 24.68 -3.02
C PRO B 359 30.80 24.01 -3.59
N ARG B 360 30.60 23.20 -4.62
CA ARG B 360 31.68 22.47 -5.28
C ARG B 360 31.36 22.30 -6.75
N LYS B 361 32.40 22.16 -7.56
CA LYS B 361 32.22 21.95 -8.99
C LYS B 361 31.80 20.51 -9.27
N ILE B 362 30.90 20.34 -10.22
CA ILE B 362 30.48 19.02 -10.67
C ILE B 362 30.68 18.80 -12.16
N GLY B 363 30.86 19.86 -12.96
CA GLY B 363 31.04 19.69 -14.38
C GLY B 363 31.24 21.03 -15.06
N TYR B 364 31.41 20.98 -16.38
CA TYR B 364 31.62 22.17 -17.17
C TYR B 364 30.89 22.04 -18.50
N TRP B 365 30.63 23.17 -19.14
CA TRP B 365 29.90 23.22 -20.39
C TRP B 365 30.60 24.15 -21.37
N SER B 366 30.46 23.84 -22.67
CA SER B 366 30.99 24.65 -23.74
C SER B 366 30.19 24.36 -25.00
N GLU B 367 30.37 25.21 -26.02
CA GLU B 367 29.65 25.03 -27.27
C GLU B 367 30.04 23.73 -27.98
N VAL B 368 31.20 23.17 -27.68
CA VAL B 368 31.60 21.88 -28.23
C VAL B 368 31.59 20.77 -27.18
N ASP B 369 31.42 21.12 -25.91
CA ASP B 369 31.35 20.14 -24.80
C ASP B 369 30.06 20.41 -24.04
N LYS B 370 28.99 19.69 -24.39
CA LYS B 370 27.68 19.88 -23.76
C LYS B 370 27.60 19.04 -22.50
N MET B 371 27.68 19.72 -21.35
CA MET B 371 27.49 19.10 -20.04
C MET B 371 28.42 17.92 -19.82
N VAL B 372 29.73 18.19 -19.78
CA VAL B 372 30.73 17.16 -19.55
C VAL B 372 31.14 17.22 -18.08
N LEU B 373 30.73 16.21 -17.32
CA LEU B 373 31.02 16.19 -15.90
C LEU B 373 32.45 15.72 -15.65
N THR B 374 33.02 16.18 -14.53
CA THR B 374 34.44 16.02 -14.26
C THR B 374 34.86 14.60 -13.91
N GLU B 375 33.90 13.69 -13.71
CA GLU B 375 34.18 12.30 -13.37
C GLU B 375 35.02 12.20 -12.09
N ASP B 376 34.64 12.97 -11.08
CA ASP B 376 35.28 12.82 -9.77
C ASP B 376 34.89 11.49 -9.15
N ASP B 377 35.65 11.07 -8.14
CA ASP B 377 35.47 9.78 -7.49
C ASP B 377 35.60 8.65 -8.53
N THR B 378 36.82 8.53 -9.05
CA THR B 378 37.08 7.68 -10.20
C THR B 378 36.62 6.25 -9.97
N SER B 379 36.05 5.65 -11.01
CA SER B 379 35.51 4.29 -10.93
C SER B 379 36.62 3.26 -10.82
N GLY B 380 36.22 2.00 -10.82
CA GLY B 380 37.15 0.89 -10.68
C GLY B 380 36.58 -0.24 -9.84
N LEU B 381 35.66 0.09 -8.93
CA LEU B 381 34.97 -0.89 -8.13
C LEU B 381 33.52 -0.46 -7.92
N GLU B 382 32.61 -1.40 -8.16
CA GLU B 382 31.16 -1.21 -8.03
C GLU B 382 30.63 -0.27 -9.11
N GLN B 383 31.53 0.30 -9.92
CA GLN B 383 31.10 0.97 -11.15
C GLN B 383 31.70 0.27 -12.36
N LYS B 384 32.90 -0.30 -12.21
CA LYS B 384 33.36 -1.36 -13.11
C LYS B 384 32.50 -2.57 -12.84
N THR B 385 31.60 -2.89 -13.77
CA THR B 385 30.54 -3.88 -13.57
C THR B 385 31.06 -5.15 -12.88
N VAL B 386 30.46 -5.49 -11.75
CA VAL B 386 30.87 -6.68 -11.01
C VAL B 386 30.59 -7.92 -11.85
N VAL B 387 31.55 -8.83 -11.88
CA VAL B 387 31.42 -10.04 -12.68
C VAL B 387 30.43 -10.98 -11.98
N VAL B 388 29.23 -11.08 -12.53
CA VAL B 388 28.20 -11.95 -11.98
C VAL B 388 28.19 -13.24 -12.80
N THR B 389 28.52 -14.35 -12.15
CA THR B 389 28.44 -15.67 -12.77
C THR B 389 27.14 -16.34 -12.37
N THR B 390 26.64 -17.20 -13.24
CA THR B 390 25.38 -17.90 -13.01
C THR B 390 25.30 -19.11 -13.94
N ILE B 391 24.27 -19.92 -13.74
CA ILE B 391 24.06 -21.14 -14.51
C ILE B 391 22.71 -21.07 -15.19
N LEU B 392 22.64 -21.55 -16.43
CA LEU B 392 21.39 -21.61 -17.16
C LEU B 392 20.44 -22.60 -16.49
N GLU B 393 19.41 -22.09 -15.82
CA GLU B 393 18.49 -22.95 -15.08
C GLU B 393 17.16 -22.24 -14.97
N SER B 394 16.09 -22.93 -15.34
CA SER B 394 14.75 -22.36 -15.31
C SER B 394 14.11 -22.57 -13.94
N PRO B 395 13.32 -21.59 -13.45
CA PRO B 395 13.00 -20.30 -14.06
C PRO B 395 13.97 -19.20 -13.61
N TYR B 396 15.20 -19.57 -13.29
CA TYR B 396 16.16 -18.62 -12.73
C TYR B 396 16.95 -17.89 -13.82
N VAL B 397 17.66 -18.63 -14.68
CA VAL B 397 18.43 -18.04 -15.77
C VAL B 397 18.19 -18.85 -17.03
N MET B 398 17.77 -18.19 -18.10
CA MET B 398 17.50 -18.84 -19.37
C MET B 398 17.45 -17.79 -20.48
N MET B 399 17.74 -18.23 -21.70
CA MET B 399 17.89 -17.31 -22.83
C MET B 399 16.59 -16.59 -23.18
N LYS B 400 16.69 -15.28 -23.37
CA LYS B 400 15.58 -14.51 -23.90
C LYS B 400 15.25 -14.99 -25.31
N LYS B 401 13.97 -14.84 -25.68
CA LYS B 401 13.50 -15.33 -26.97
C LYS B 401 14.18 -14.62 -28.14
N ASN B 402 14.70 -13.41 -27.93
CA ASN B 402 15.40 -12.66 -28.97
C ASN B 402 16.88 -12.48 -28.66
N HIS B 403 17.51 -13.49 -28.06
CA HIS B 403 18.87 -13.35 -27.55
C HIS B 403 19.93 -13.19 -28.63
N GLU B 404 19.61 -13.58 -29.87
CA GLU B 404 20.62 -13.53 -30.93
C GLU B 404 21.05 -12.10 -31.24
N MET B 405 20.11 -11.15 -31.24
CA MET B 405 20.44 -9.76 -31.52
C MET B 405 20.58 -8.91 -30.26
N LEU B 406 20.14 -9.41 -29.11
CA LEU B 406 20.32 -8.69 -27.86
C LEU B 406 21.76 -8.81 -27.37
N GLU B 407 22.11 -7.97 -26.39
CA GLU B 407 23.44 -7.95 -25.83
C GLU B 407 23.36 -7.63 -24.33
N GLY B 408 24.41 -8.00 -23.62
CA GLY B 408 24.49 -7.67 -22.20
C GLY B 408 23.51 -8.48 -21.37
N ASN B 409 23.09 -7.89 -20.24
CA ASN B 409 22.19 -8.59 -19.34
C ASN B 409 20.78 -8.69 -19.90
N GLU B 410 20.50 -7.99 -20.99
CA GLU B 410 19.19 -8.08 -21.62
C GLU B 410 18.96 -9.43 -22.29
N ARG B 411 20.02 -10.20 -22.54
CA ARG B 411 19.89 -11.53 -23.15
C ARG B 411 19.31 -12.56 -22.19
N TYR B 412 19.25 -12.26 -20.90
CA TYR B 412 18.83 -13.21 -19.88
C TYR B 412 17.61 -12.70 -19.15
N GLU B 413 16.69 -13.61 -18.83
CA GLU B 413 15.56 -13.31 -17.97
C GLU B 413 15.32 -14.47 -17.03
N GLY B 414 14.72 -14.19 -15.89
CA GLY B 414 14.42 -15.22 -14.92
C GLY B 414 14.37 -14.71 -13.48
N TYR B 415 14.15 -15.63 -12.54
CA TYR B 415 14.07 -15.23 -11.14
C TYR B 415 15.40 -14.68 -10.65
N CYS B 416 16.49 -15.43 -10.86
CA CYS B 416 17.81 -14.98 -10.42
C CYS B 416 18.21 -13.67 -11.09
N VAL B 417 17.76 -13.42 -12.32
CA VAL B 417 18.04 -12.15 -12.96
C VAL B 417 17.37 -11.00 -12.20
N ASP B 418 16.11 -11.19 -11.80
CA ASP B 418 15.42 -10.17 -11.02
C ASP B 418 16.09 -9.97 -9.66
N LEU B 419 16.53 -11.06 -9.02
CA LEU B 419 17.26 -10.92 -7.76
C LEU B 419 18.56 -10.15 -7.96
N ALA B 420 19.27 -10.42 -9.06
CA ALA B 420 20.50 -9.67 -9.34
C ALA B 420 20.21 -8.19 -9.52
N ALA B 421 19.14 -7.87 -10.24
CA ALA B 421 18.77 -6.47 -10.44
C ALA B 421 18.43 -5.80 -9.11
N GLU B 422 17.67 -6.50 -8.25
CA GLU B 422 17.30 -5.93 -6.96
C GLU B 422 18.52 -5.74 -6.06
N ILE B 423 19.44 -6.70 -6.09
CA ILE B 423 20.67 -6.58 -5.28
C ILE B 423 21.49 -5.39 -5.75
N ALA B 424 21.61 -5.23 -7.07
CA ALA B 424 22.33 -4.08 -7.61
C ALA B 424 21.64 -2.77 -7.23
N LYS B 425 20.31 -2.73 -7.26
CA LYS B 425 19.59 -1.52 -6.89
C LYS B 425 19.82 -1.17 -5.42
N HIS B 426 19.72 -2.17 -4.53
CA HIS B 426 19.91 -1.90 -3.11
C HIS B 426 21.34 -1.51 -2.78
N CYS B 427 22.32 -2.22 -3.34
CA CYS B 427 23.71 -1.93 -3.05
C CYS B 427 24.28 -0.80 -3.90
N GLY B 428 23.58 -0.41 -4.96
CA GLY B 428 24.02 0.67 -5.81
C GLY B 428 25.28 0.39 -6.63
N PHE B 429 25.38 -0.80 -7.21
CA PHE B 429 26.48 -1.12 -8.11
C PHE B 429 25.92 -1.64 -9.43
N LYS B 430 26.74 -1.59 -10.47
CA LYS B 430 26.38 -2.15 -11.76
C LYS B 430 26.91 -3.58 -11.85
N TYR B 431 26.25 -4.39 -12.69
CA TYR B 431 26.53 -5.81 -12.75
C TYR B 431 26.58 -6.28 -14.20
N LYS B 432 27.35 -7.35 -14.42
CA LYS B 432 27.48 -7.98 -15.73
C LYS B 432 27.24 -9.47 -15.58
N LEU B 433 26.25 -10.00 -16.30
CA LEU B 433 25.87 -11.40 -16.17
C LEU B 433 26.75 -12.28 -17.04
N THR B 434 27.24 -13.37 -16.46
CA THR B 434 28.06 -14.34 -17.17
C THR B 434 27.58 -15.74 -16.83
N ILE B 435 27.86 -16.68 -17.74
CA ILE B 435 27.46 -18.08 -17.58
C ILE B 435 28.68 -18.86 -17.09
N VAL B 436 28.43 -19.84 -16.21
CA VAL B 436 29.52 -20.65 -15.67
C VAL B 436 30.18 -21.43 -16.80
N GLY B 437 31.51 -21.51 -16.76
CA GLY B 437 32.25 -22.07 -17.87
C GLY B 437 32.02 -23.56 -18.07
N ASP B 438 32.04 -24.34 -16.98
CA ASP B 438 31.94 -25.78 -17.06
C ASP B 438 30.51 -26.29 -16.91
N GLY B 439 29.53 -25.39 -16.75
CA GLY B 439 28.14 -25.78 -16.75
C GLY B 439 27.72 -26.73 -15.65
N LYS B 440 28.17 -26.48 -14.41
CA LYS B 440 27.79 -27.32 -13.28
C LYS B 440 27.75 -26.47 -12.02
N TYR B 441 27.13 -27.03 -10.98
CA TYR B 441 27.00 -26.30 -9.72
C TYR B 441 28.28 -26.35 -8.90
N GLY B 442 28.83 -27.53 -8.69
CA GLY B 442 30.13 -27.60 -8.05
C GLY B 442 30.28 -28.62 -6.94
N ALA B 443 31.34 -29.42 -7.02
CA ALA B 443 31.72 -30.35 -5.97
C ALA B 443 33.17 -30.73 -6.20
N ARG B 444 34.02 -30.49 -5.20
CA ARG B 444 35.45 -30.74 -5.38
C ARG B 444 35.73 -32.22 -5.61
N ASP B 445 36.65 -32.50 -6.52
CA ASP B 445 36.99 -33.87 -6.87
C ASP B 445 37.79 -34.51 -5.74
N ALA B 446 37.61 -35.82 -5.56
CA ALA B 446 38.28 -36.53 -4.48
C ALA B 446 39.79 -36.56 -4.71
N ASP B 447 40.53 -36.37 -3.62
CA ASP B 447 41.98 -36.52 -3.58
C ASP B 447 42.72 -35.46 -4.40
N THR B 448 41.98 -34.56 -5.04
CA THR B 448 42.61 -33.49 -5.80
C THR B 448 42.29 -32.11 -5.24
N LYS B 449 41.22 -32.00 -4.45
CA LYS B 449 40.77 -30.76 -3.83
C LYS B 449 40.51 -29.65 -4.85
N ILE B 450 40.31 -29.99 -6.12
CA ILE B 450 40.07 -28.99 -7.16
C ILE B 450 38.57 -28.71 -7.19
N TRP B 451 38.18 -27.50 -6.78
CA TRP B 451 36.79 -27.10 -6.91
C TRP B 451 36.43 -26.89 -8.39
N ASN B 452 35.13 -26.91 -8.65
CA ASN B 452 34.64 -26.81 -10.02
C ASN B 452 33.29 -26.12 -10.01
N GLY B 453 32.83 -25.73 -11.19
CA GLY B 453 31.51 -25.15 -11.32
C GLY B 453 31.39 -23.77 -10.70
N MET B 454 30.25 -23.55 -10.06
CA MET B 454 29.92 -22.22 -9.53
C MET B 454 30.90 -21.85 -8.42
N VAL B 455 31.04 -22.73 -7.42
CA VAL B 455 31.95 -22.49 -6.31
C VAL B 455 33.40 -22.48 -6.81
N GLY B 456 33.70 -23.31 -7.80
CA GLY B 456 35.04 -23.32 -8.36
C GLY B 456 35.40 -21.97 -8.99
N GLU B 457 34.46 -21.39 -9.73
CA GLU B 457 34.68 -20.06 -10.28
C GLU B 457 34.78 -19.01 -9.19
N LEU B 458 34.06 -19.21 -8.09
CA LEU B 458 34.18 -18.27 -6.96
C LEU B 458 35.57 -18.34 -6.33
N VAL B 459 36.08 -19.55 -6.11
CA VAL B 459 37.34 -19.71 -5.37
C VAL B 459 38.52 -19.17 -6.18
N TYR B 460 38.58 -19.51 -7.47
CA TYR B 460 39.67 -19.05 -8.32
C TYR B 460 39.54 -17.60 -8.73
N GLY B 461 38.57 -16.87 -8.21
CA GLY B 461 38.44 -15.45 -8.52
C GLY B 461 37.94 -15.15 -9.90
N LYS B 462 37.24 -16.08 -10.53
CA LYS B 462 36.72 -15.85 -11.87
C LYS B 462 35.61 -14.80 -11.88
N ALA B 463 34.92 -14.60 -10.76
CA ALA B 463 33.83 -13.64 -10.68
C ALA B 463 33.76 -13.05 -9.28
N ASP B 464 33.07 -11.91 -9.18
CA ASP B 464 32.97 -11.19 -7.91
C ASP B 464 31.82 -11.68 -7.03
N ILE B 465 30.68 -12.00 -7.63
CA ILE B 465 29.48 -12.34 -6.86
C ILE B 465 28.82 -13.56 -7.50
N ALA B 466 28.12 -14.34 -6.68
CA ALA B 466 27.41 -15.54 -7.12
C ALA B 466 25.91 -15.31 -6.96
N ILE B 467 25.20 -15.28 -8.07
CA ILE B 467 23.74 -15.12 -8.08
C ILE B 467 23.21 -16.25 -8.95
N ALA B 468 22.87 -17.38 -8.32
CA ALA B 468 22.48 -18.59 -9.02
C ALA B 468 21.72 -19.47 -8.05
N PRO B 469 21.05 -20.52 -8.53
CA PRO B 469 20.37 -21.43 -7.60
C PRO B 469 21.34 -22.28 -6.80
N LEU B 470 22.14 -21.62 -5.96
CA LEU B 470 23.13 -22.32 -5.14
C LEU B 470 22.48 -22.83 -3.86
N THR B 471 22.66 -24.11 -3.57
CA THR B 471 22.11 -24.69 -2.35
C THR B 471 23.08 -24.52 -1.20
N ILE B 472 22.55 -24.15 -0.02
CA ILE B 472 23.40 -23.89 1.14
C ILE B 472 23.88 -25.22 1.71
N THR B 473 25.20 -25.42 1.68
CA THR B 473 25.82 -26.62 2.23
C THR B 473 26.96 -26.21 3.14
N LEU B 474 27.22 -27.04 4.15
CA LEU B 474 28.27 -26.74 5.12
C LEU B 474 29.65 -26.74 4.46
N VAL B 475 29.91 -27.71 3.57
CA VAL B 475 31.22 -27.82 2.94
C VAL B 475 31.53 -26.61 2.07
N ARG B 476 30.52 -26.01 1.45
CA ARG B 476 30.74 -24.80 0.67
C ARG B 476 30.96 -23.58 1.54
N GLU B 477 30.38 -23.56 2.75
CA GLU B 477 30.61 -22.45 3.66
C GLU B 477 32.07 -22.38 4.10
N GLU B 478 32.78 -23.52 4.08
CA GLU B 478 34.19 -23.52 4.43
C GLU B 478 35.06 -22.77 3.43
N VAL B 479 34.61 -22.65 2.18
CA VAL B 479 35.41 -22.00 1.16
C VAL B 479 34.81 -20.69 0.65
N ILE B 480 33.50 -20.51 0.68
CA ILE B 480 32.87 -19.28 0.21
C ILE B 480 31.83 -18.83 1.25
N ASP B 481 31.51 -17.54 1.20
CA ASP B 481 30.57 -16.94 2.13
C ASP B 481 29.19 -16.84 1.50
N PHE B 482 28.17 -17.17 2.27
CA PHE B 482 26.79 -17.13 1.81
C PHE B 482 26.00 -16.06 2.55
N SER B 483 25.04 -15.46 1.84
CA SER B 483 24.10 -14.55 2.47
C SER B 483 22.89 -15.32 2.99
N LYS B 484 21.94 -14.58 3.56
CA LYS B 484 20.71 -15.19 4.02
C LYS B 484 19.91 -15.73 2.84
N PRO B 485 19.21 -16.85 3.03
CA PRO B 485 18.47 -17.45 1.91
C PRO B 485 17.38 -16.54 1.39
N PHE B 486 17.33 -16.40 0.06
CA PHE B 486 16.25 -15.69 -0.61
C PHE B 486 15.15 -16.62 -1.12
N MET B 487 15.29 -17.93 -0.90
CA MET B 487 14.27 -18.89 -1.27
C MET B 487 14.52 -20.18 -0.50
N SER B 488 13.48 -20.68 0.16
CA SER B 488 13.54 -21.90 0.93
C SER B 488 12.86 -23.02 0.16
N LEU B 489 13.43 -24.21 0.22
CA LEU B 489 13.01 -25.32 -0.63
C LEU B 489 13.53 -26.63 -0.05
N GLY B 490 13.38 -27.71 -0.83
CA GLY B 490 13.81 -29.03 -0.42
C GLY B 490 13.89 -29.96 -1.62
N ILE B 491 14.43 -31.16 -1.37
CA ILE B 491 14.61 -32.13 -2.45
C ILE B 491 13.33 -32.94 -2.63
N SER B 492 12.99 -33.23 -3.89
CA SER B 492 11.77 -33.96 -4.21
C SER B 492 12.04 -34.93 -5.36
N ILE B 493 11.04 -35.78 -5.65
CA ILE B 493 11.16 -36.89 -6.59
C ILE B 493 10.41 -36.54 -7.88
N MET B 494 10.80 -37.18 -8.99
CA MET B 494 10.23 -36.91 -10.31
C MET B 494 9.85 -38.22 -10.98
N ILE B 495 8.56 -38.40 -11.25
CA ILE B 495 8.09 -39.49 -12.11
C ILE B 495 7.11 -38.92 -13.12
N LYS B 496 7.12 -39.50 -14.31
CA LYS B 496 6.11 -39.19 -15.31
C LYS B 496 4.72 -39.41 -14.72
N LYS B 497 3.80 -38.50 -15.01
CA LYS B 497 2.44 -38.63 -14.48
C LYS B 497 1.84 -39.95 -14.94
N PRO B 498 1.15 -40.69 -14.07
CA PRO B 498 0.61 -41.98 -14.48
C PRO B 498 -0.76 -41.82 -15.13
N GLN B 499 -0.88 -42.33 -16.36
CA GLN B 499 -2.15 -42.29 -17.06
C GLN B 499 -3.04 -43.44 -16.59
N LYS B 500 -4.15 -43.63 -17.28
CA LYS B 500 -4.95 -44.84 -17.08
C LYS B 500 -4.12 -46.04 -17.49
N SER B 501 -4.11 -47.08 -16.66
CA SER B 501 -3.35 -48.29 -16.96
C SER B 501 -3.92 -48.98 -18.19
N LYS B 502 -3.04 -49.56 -19.01
CA LYS B 502 -3.63 -50.34 -20.09
C LYS B 502 -4.36 -51.55 -19.50
N PRO B 503 -5.62 -51.76 -19.86
CA PRO B 503 -6.36 -52.90 -19.34
C PRO B 503 -5.73 -54.21 -19.78
N GLY B 504 -5.41 -55.07 -18.82
CA GLY B 504 -4.80 -56.34 -19.15
C GLY B 504 -5.75 -57.25 -19.89
N VAL B 505 -5.20 -58.40 -20.30
CA VAL B 505 -6.03 -59.39 -20.99
C VAL B 505 -7.14 -59.88 -20.07
N PHE B 506 -6.79 -60.25 -18.84
CA PHE B 506 -7.76 -60.73 -17.86
C PHE B 506 -8.18 -59.65 -16.90
N SER B 507 -8.34 -58.42 -17.38
CA SER B 507 -8.90 -57.37 -16.56
C SER B 507 -10.40 -57.50 -16.38
N PHE B 508 -11.05 -58.41 -17.12
CA PHE B 508 -12.49 -58.53 -17.00
C PHE B 508 -12.90 -58.98 -15.61
N LEU B 509 -12.01 -59.65 -14.88
CA LEU B 509 -12.31 -60.10 -13.53
C LEU B 509 -11.65 -59.24 -12.47
N ASP B 510 -11.35 -57.98 -12.78
CA ASP B 510 -10.82 -57.08 -11.76
C ASP B 510 -11.85 -56.59 -10.74
N PRO B 511 -13.13 -56.37 -11.08
CA PRO B 511 -14.05 -55.82 -10.07
C PRO B 511 -14.20 -56.66 -8.83
N LEU B 512 -13.89 -57.95 -8.89
CA LEU B 512 -13.89 -58.81 -7.71
C LEU B 512 -12.46 -59.23 -7.42
N ALA B 513 -12.09 -59.25 -6.15
CA ALA B 513 -10.73 -59.59 -5.78
C ALA B 513 -10.41 -61.03 -6.16
N TYR B 514 -9.13 -61.39 -6.01
CA TYR B 514 -8.71 -62.76 -6.26
C TYR B 514 -9.37 -63.73 -5.30
N GLU B 515 -9.46 -63.35 -4.03
CA GLU B 515 -10.02 -64.26 -3.04
C GLU B 515 -11.49 -64.55 -3.33
N ILE B 516 -12.22 -63.59 -3.89
CA ILE B 516 -13.63 -63.83 -4.17
C ILE B 516 -13.80 -64.84 -5.30
N TRP B 517 -12.94 -64.77 -6.32
CA TRP B 517 -13.01 -65.77 -7.38
C TRP B 517 -12.62 -67.15 -6.87
N MET B 518 -11.57 -67.21 -6.05
CA MET B 518 -11.18 -68.49 -5.47
C MET B 518 -12.30 -69.09 -4.64
N CYS B 519 -12.90 -68.28 -3.77
CA CYS B 519 -13.97 -68.77 -2.91
C CYS B 519 -15.24 -69.06 -3.69
N ILE B 520 -15.46 -68.39 -4.83
CA ILE B 520 -16.57 -68.74 -5.69
C ILE B 520 -16.37 -70.13 -6.27
N VAL B 521 -15.14 -70.44 -6.71
CA VAL B 521 -14.88 -71.79 -7.22
C VAL B 521 -15.10 -72.83 -6.12
N PHE B 522 -14.59 -72.56 -4.91
CA PHE B 522 -14.77 -73.51 -3.82
C PHE B 522 -16.24 -73.69 -3.47
N ALA B 523 -17.00 -72.60 -3.41
CA ALA B 523 -18.41 -72.69 -3.08
C ALA B 523 -19.20 -73.40 -4.17
N TYR B 524 -18.81 -73.21 -5.42
CA TYR B 524 -19.43 -73.93 -6.52
C TYR B 524 -19.24 -75.43 -6.37
N ILE B 525 -18.02 -75.87 -6.11
CA ILE B 525 -17.76 -77.30 -5.96
C ILE B 525 -18.49 -77.85 -4.73
N GLY B 526 -18.45 -77.11 -3.63
CA GLY B 526 -19.12 -77.57 -2.42
C GLY B 526 -20.63 -77.71 -2.60
N VAL B 527 -21.26 -76.70 -3.22
CA VAL B 527 -22.70 -76.75 -3.44
C VAL B 527 -23.06 -77.88 -4.39
N SER B 528 -22.28 -78.06 -5.45
CA SER B 528 -22.60 -79.14 -6.38
C SER B 528 -22.51 -80.51 -5.71
N VAL B 529 -21.47 -80.72 -4.91
CA VAL B 529 -21.32 -82.02 -4.25
C VAL B 529 -22.40 -82.23 -3.20
N VAL B 530 -22.77 -81.17 -2.48
CA VAL B 530 -23.83 -81.32 -1.49
C VAL B 530 -25.17 -81.57 -2.15
N LEU B 531 -25.44 -80.93 -3.28
CA LEU B 531 -26.68 -81.19 -4.00
C LEU B 531 -26.72 -82.64 -4.49
N PHE B 532 -25.61 -83.13 -5.02
CA PHE B 532 -25.57 -84.53 -5.44
C PHE B 532 -25.82 -85.46 -4.25
N LEU B 533 -25.13 -85.20 -3.13
CA LEU B 533 -25.29 -86.02 -1.95
C LEU B 533 -26.74 -86.07 -1.52
N VAL B 534 -27.37 -84.91 -1.39
CA VAL B 534 -28.75 -84.86 -0.90
C VAL B 534 -29.71 -85.53 -1.88
N SER B 535 -29.50 -85.33 -3.18
CA SER B 535 -30.49 -85.80 -4.14
C SER B 535 -30.31 -87.27 -4.55
N ARG B 536 -29.14 -87.86 -4.33
CA ARG B 536 -28.96 -89.26 -4.72
C ARG B 536 -28.66 -90.20 -3.57
N PHE B 537 -28.67 -89.73 -2.34
CA PHE B 537 -28.55 -90.60 -1.19
C PHE B 537 -29.93 -91.03 -0.73
N SER B 538 -30.22 -92.34 -0.82
CA SER B 538 -31.55 -92.93 -0.69
C SER B 538 -32.52 -92.28 -1.67
N PRO B 539 -32.41 -92.58 -2.97
CA PRO B 539 -33.26 -91.89 -3.97
C PRO B 539 -34.75 -92.12 -3.76
N TYR B 540 -35.15 -93.30 -3.32
CA TYR B 540 -36.56 -93.67 -3.20
C TYR B 540 -37.37 -93.34 -4.46
N SER B 541 -38.52 -97.67 -11.34
CA SER B 541 -38.44 -98.34 -10.05
C SER B 541 -37.62 -97.51 -9.06
N GLU B 542 -36.58 -96.86 -9.56
CA GLU B 542 -35.68 -96.08 -8.73
C GLU B 542 -35.05 -94.98 -9.58
N SER B 543 -34.24 -94.14 -8.93
CA SER B 543 -33.62 -92.97 -9.55
C SER B 543 -34.69 -92.01 -10.05
N THR B 544 -35.53 -91.53 -9.14
CA THR B 544 -36.65 -90.67 -9.49
C THR B 544 -36.24 -89.26 -9.87
N ASN B 545 -34.97 -88.90 -9.67
CA ASN B 545 -34.48 -87.57 -10.04
C ASN B 545 -33.22 -87.74 -10.89
N GLU B 546 -32.91 -86.69 -11.65
CA GLU B 546 -31.81 -86.72 -12.59
C GLU B 546 -30.53 -86.13 -12.02
N PHE B 547 -30.50 -85.80 -10.74
CA PHE B 547 -29.37 -85.06 -10.17
C PHE B 547 -28.18 -85.93 -9.83
N GLY B 548 -27.60 -86.57 -10.82
CA GLY B 548 -26.31 -87.22 -10.63
C GLY B 548 -25.24 -86.21 -10.30
N ILE B 549 -23.99 -86.67 -10.29
CA ILE B 549 -22.90 -85.76 -9.96
C ILE B 549 -22.69 -84.75 -11.09
N PHE B 550 -22.67 -85.23 -12.34
CA PHE B 550 -22.42 -84.33 -13.46
C PHE B 550 -23.62 -83.42 -13.71
N ASN B 551 -24.83 -83.95 -13.54
CA ASN B 551 -26.01 -83.11 -13.67
C ASN B 551 -26.04 -82.04 -12.58
N SER B 552 -25.58 -82.36 -11.37
CA SER B 552 -25.56 -81.34 -10.33
C SER B 552 -24.49 -80.29 -10.58
N LEU B 553 -23.34 -80.71 -11.13
CA LEU B 553 -22.32 -79.73 -11.50
C LEU B 553 -22.85 -78.80 -12.58
N TRP B 554 -23.57 -79.33 -13.56
CA TRP B 554 -24.18 -78.47 -14.58
C TRP B 554 -25.21 -77.54 -13.96
N PHE B 555 -26.05 -78.05 -13.07
CA PHE B 555 -27.07 -77.19 -12.46
C PHE B 555 -26.45 -76.05 -11.68
N SER B 556 -25.48 -76.36 -10.81
CA SER B 556 -24.86 -75.31 -10.02
C SER B 556 -24.01 -74.37 -10.88
N LEU B 557 -23.55 -74.83 -12.04
CA LEU B 557 -22.94 -73.89 -12.99
C LEU B 557 -24.00 -73.05 -13.68
N GLY B 558 -25.12 -73.66 -14.06
CA GLY B 558 -26.18 -72.91 -14.70
C GLY B 558 -26.79 -71.88 -13.78
N ALA B 559 -26.85 -72.17 -12.48
CA ALA B 559 -27.46 -71.25 -11.55
C ALA B 559 -26.54 -70.09 -11.17
N PHE B 560 -25.23 -70.24 -11.30
CA PHE B 560 -24.36 -69.10 -11.02
C PHE B 560 -24.53 -68.00 -12.06
N MET B 561 -24.47 -68.32 -13.33
CA MET B 561 -25.00 -67.43 -14.34
C MET B 561 -26.52 -67.40 -14.16
N GLN B 562 -27.19 -66.51 -14.86
CA GLN B 562 -28.64 -66.42 -14.73
C GLN B 562 -29.37 -67.29 -15.73
N GLN B 563 -28.70 -68.31 -16.26
CA GLN B 563 -29.31 -69.18 -17.27
C GLN B 563 -30.00 -70.32 -16.54
N GLY B 564 -31.33 -70.36 -16.65
CA GLY B 564 -32.09 -71.42 -16.05
C GLY B 564 -31.72 -72.78 -16.60
N CYS B 565 -31.46 -73.73 -15.71
CA CYS B 565 -31.15 -75.08 -16.12
C CYS B 565 -32.43 -75.81 -16.52
N ASP B 566 -32.27 -77.05 -16.99
CA ASP B 566 -33.41 -77.85 -17.41
C ASP B 566 -33.94 -78.76 -16.32
N ILE B 567 -33.39 -78.70 -15.10
CA ILE B 567 -33.85 -79.52 -13.98
C ILE B 567 -33.98 -78.65 -12.74
N SER B 568 -34.75 -79.13 -11.77
CA SER B 568 -34.98 -78.43 -10.53
C SER B 568 -34.98 -79.44 -9.39
N PRO B 569 -34.52 -79.05 -8.20
CA PRO B 569 -34.24 -80.04 -7.14
C PRO B 569 -35.42 -80.93 -6.74
N ARG B 570 -36.63 -80.39 -6.61
CA ARG B 570 -37.85 -81.19 -6.46
C ARG B 570 -37.97 -81.88 -5.10
N SER B 571 -36.92 -81.83 -4.29
CA SER B 571 -37.03 -82.34 -2.92
C SER B 571 -36.97 -81.16 -1.94
N LEU B 572 -36.91 -81.47 -0.65
CA LEU B 572 -36.88 -80.38 0.33
C LEU B 572 -35.45 -79.88 0.57
N SER B 573 -34.54 -80.78 0.87
CA SER B 573 -33.15 -80.37 1.10
C SER B 573 -32.46 -79.99 -0.20
N GLY B 574 -32.79 -80.66 -1.30
CA GLY B 574 -32.34 -80.19 -2.59
C GLY B 574 -32.79 -78.78 -2.87
N ARG B 575 -34.03 -78.46 -2.52
CA ARG B 575 -34.53 -77.10 -2.73
C ARG B 575 -33.89 -76.10 -1.78
N ILE B 576 -33.49 -76.54 -0.59
CA ILE B 576 -32.78 -75.62 0.30
C ILE B 576 -31.42 -75.26 -0.28
N VAL B 577 -30.68 -76.26 -0.78
CA VAL B 577 -29.41 -75.95 -1.43
C VAL B 577 -29.63 -75.06 -2.64
N GLY B 578 -30.63 -75.37 -3.46
CA GLY B 578 -30.91 -74.54 -4.61
C GLY B 578 -31.22 -73.10 -4.23
N GLY B 579 -32.03 -72.90 -3.20
CA GLY B 579 -32.41 -71.55 -2.81
C GLY B 579 -31.25 -70.75 -2.27
N VAL B 580 -30.44 -71.36 -1.40
CA VAL B 580 -29.34 -70.60 -0.82
C VAL B 580 -28.27 -70.30 -1.87
N TRP B 581 -28.03 -71.23 -2.81
CA TRP B 581 -27.10 -70.96 -3.89
C TRP B 581 -27.63 -69.89 -4.83
N TRP B 582 -28.94 -69.86 -5.05
CA TRP B 582 -29.53 -68.79 -5.86
C TRP B 582 -29.32 -67.44 -5.21
N PHE B 583 -29.51 -67.35 -3.89
CA PHE B 583 -29.26 -66.07 -3.23
C PHE B 583 -27.79 -65.67 -3.34
N PHE B 584 -26.89 -66.63 -3.12
CA PHE B 584 -25.46 -66.34 -3.24
C PHE B 584 -25.12 -65.80 -4.61
N THR B 585 -25.59 -66.47 -5.67
CA THR B 585 -25.22 -66.03 -7.00
C THR B 585 -25.84 -64.69 -7.34
N LEU B 586 -27.06 -64.43 -6.86
CA LEU B 586 -27.68 -63.13 -7.08
C LEU B 586 -26.83 -62.03 -6.48
N ILE B 587 -26.43 -62.20 -5.21
CA ILE B 587 -25.63 -61.16 -4.56
C ILE B 587 -24.30 -60.96 -5.26
N ILE B 588 -23.63 -62.07 -5.62
CA ILE B 588 -22.30 -61.94 -6.23
C ILE B 588 -22.38 -61.27 -7.59
N ILE B 589 -23.35 -61.65 -8.42
CA ILE B 589 -23.47 -61.03 -9.73
C ILE B 589 -23.80 -59.55 -9.60
N SER B 590 -24.72 -59.20 -8.69
CA SER B 590 -25.06 -57.80 -8.51
C SER B 590 -23.85 -57.01 -8.02
N SER B 591 -23.06 -57.58 -7.11
CA SER B 591 -21.86 -56.89 -6.66
C SER B 591 -20.87 -56.69 -7.78
N TYR B 592 -20.70 -57.71 -8.64
CA TYR B 592 -19.76 -57.55 -9.75
C TYR B 592 -20.18 -56.42 -10.66
N THR B 593 -21.45 -56.39 -11.08
CA THR B 593 -21.84 -55.36 -12.03
C THR B 593 -21.88 -53.98 -11.38
N ALA B 594 -22.28 -53.90 -10.11
CA ALA B 594 -22.27 -52.61 -9.43
C ALA B 594 -20.86 -52.08 -9.24
N ASN B 595 -19.92 -52.94 -8.87
CA ASN B 595 -18.54 -52.51 -8.73
C ASN B 595 -17.92 -52.11 -10.06
N LEU B 596 -18.23 -52.85 -11.13
CA LEU B 596 -17.73 -52.45 -12.45
C LEU B 596 -18.29 -51.10 -12.87
N ALA B 597 -19.59 -50.87 -12.66
CA ALA B 597 -20.17 -49.57 -13.00
C ALA B 597 -19.60 -48.49 -12.12
N ALA B 598 -19.13 -48.84 -10.92
CA ALA B 598 -18.40 -47.88 -10.12
C ALA B 598 -17.06 -47.53 -10.72
N PHE B 599 -16.28 -48.53 -11.14
CA PHE B 599 -14.95 -48.24 -11.65
C PHE B 599 -14.95 -47.55 -13.01
N LEU B 600 -15.88 -47.90 -13.89
CA LEU B 600 -15.88 -47.27 -15.22
C LEU B 600 -16.14 -45.78 -15.10
N THR B 601 -16.86 -45.36 -14.07
CA THR B 601 -16.87 -43.98 -13.64
C THR B 601 -15.66 -43.72 -12.75
N VAL B 602 -15.15 -42.49 -12.81
CA VAL B 602 -14.10 -42.00 -11.91
C VAL B 602 -12.74 -42.62 -12.21
N GLU B 603 -11.70 -41.81 -12.07
CA GLU B 603 -10.33 -42.15 -12.43
C GLU B 603 -9.41 -41.64 -11.32
N ARG B 604 -8.14 -41.32 -11.59
CA ARG B 604 -7.15 -40.97 -10.58
C ARG B 604 -6.85 -42.18 -9.71
N MET B 605 -6.30 -43.20 -10.36
CA MET B 605 -5.86 -44.42 -9.72
C MET B 605 -4.34 -44.51 -9.82
N VAL B 606 -3.74 -45.35 -8.97
CA VAL B 606 -2.34 -45.79 -8.91
C VAL B 606 -1.38 -44.62 -8.68
N SER B 607 -0.32 -44.88 -7.93
CA SER B 607 0.76 -43.94 -7.70
C SER B 607 2.02 -44.73 -7.37
N PRO B 608 3.14 -44.43 -8.01
CA PRO B 608 4.35 -45.22 -7.78
C PRO B 608 5.07 -44.88 -6.48
N ILE B 609 5.19 -43.59 -6.18
CA ILE B 609 5.88 -43.14 -4.97
C ILE B 609 5.02 -42.07 -4.31
N GLU B 610 4.79 -42.23 -3.00
CA GLU B 610 3.93 -41.32 -2.28
C GLU B 610 4.60 -40.74 -1.04
N SER B 611 5.38 -41.57 -0.35
CA SER B 611 5.95 -41.21 0.95
C SER B 611 7.43 -40.87 0.89
N ALA B 612 8.06 -40.96 -0.29
CA ALA B 612 9.47 -40.65 -0.49
C ALA B 612 10.36 -41.64 0.25
N GLU B 613 9.76 -42.61 0.93
CA GLU B 613 10.53 -43.66 1.59
C GLU B 613 10.45 -44.97 0.80
N ASP B 614 9.45 -45.09 -0.07
CA ASP B 614 9.27 -46.34 -0.82
C ASP B 614 10.43 -46.59 -1.78
N LEU B 615 11.06 -45.52 -2.28
CA LEU B 615 12.22 -45.68 -3.14
C LEU B 615 13.32 -46.47 -2.45
N SER B 616 13.46 -46.30 -1.13
CA SER B 616 14.45 -47.08 -0.38
C SER B 616 14.12 -48.56 -0.36
N LYS B 617 12.83 -48.90 -0.36
CA LYS B 617 12.41 -50.30 -0.32
C LYS B 617 12.20 -50.87 -1.72
N GLN B 618 11.60 -50.10 -2.62
CA GLN B 618 11.34 -50.60 -3.96
C GLN B 618 12.62 -50.58 -4.80
N THR B 619 12.62 -51.42 -5.85
CA THR B 619 13.76 -51.49 -6.76
C THR B 619 13.38 -51.36 -8.23
N GLU B 620 12.09 -51.36 -8.58
CA GLU B 620 11.71 -51.31 -9.99
C GLU B 620 11.85 -49.92 -10.56
N ILE B 621 11.89 -48.89 -9.72
CA ILE B 621 12.03 -47.51 -10.16
C ILE B 621 13.40 -47.02 -9.73
N ALA B 622 14.27 -46.77 -10.71
CA ALA B 622 15.59 -46.22 -10.42
C ALA B 622 15.48 -44.72 -10.16
N TYR B 623 16.32 -44.24 -9.24
CA TYR B 623 16.29 -42.82 -8.89
C TYR B 623 17.71 -42.30 -8.75
N GLY B 624 17.89 -41.06 -9.16
CA GLY B 624 19.21 -40.46 -9.16
C GLY B 624 19.12 -38.95 -9.05
N THR B 625 20.28 -38.33 -8.78
CA THR B 625 20.40 -36.90 -8.61
C THR B 625 21.37 -36.35 -9.65
N LEU B 626 21.58 -35.04 -9.61
CA LEU B 626 22.56 -34.41 -10.47
C LEU B 626 23.98 -34.80 -10.03
N ASP B 627 24.82 -35.13 -11.00
CA ASP B 627 26.20 -35.49 -10.69
C ASP B 627 26.98 -34.26 -10.25
N SER B 628 27.84 -34.46 -9.25
CA SER B 628 28.63 -33.38 -8.65
C SER B 628 27.73 -32.24 -8.17
N GLY B 629 26.62 -32.59 -7.53
CA GLY B 629 25.64 -31.61 -7.11
C GLY B 629 25.48 -31.61 -5.60
N SER B 630 24.79 -30.58 -5.12
CA SER B 630 24.57 -30.43 -3.68
C SER B 630 23.71 -31.56 -3.13
N THR B 631 22.74 -32.04 -3.91
CA THR B 631 21.93 -33.17 -3.47
C THR B 631 22.78 -34.43 -3.29
N LYS B 632 23.73 -34.66 -4.21
CA LYS B 632 24.63 -35.79 -4.09
C LYS B 632 25.47 -35.69 -2.82
N GLU B 633 25.97 -34.49 -2.52
CA GLU B 633 26.72 -34.27 -1.29
C GLU B 633 25.86 -34.47 -0.05
N PHE B 634 24.60 -34.02 -0.08
CA PHE B 634 23.71 -34.19 1.05
C PHE B 634 23.44 -35.67 1.32
N PHE B 635 23.16 -36.44 0.26
CA PHE B 635 23.00 -37.88 0.43
C PHE B 635 24.30 -38.53 0.88
N ARG B 636 25.44 -37.98 0.44
CA ARG B 636 26.73 -38.56 0.78
C ARG B 636 27.05 -38.44 2.27
N ARG B 637 26.51 -37.42 2.92
CA ARG B 637 26.81 -37.14 4.32
C ARG B 637 25.67 -37.42 5.28
N SER B 638 24.44 -37.51 4.80
CA SER B 638 23.30 -37.69 5.69
C SER B 638 23.42 -38.98 6.49
N LYS B 639 23.18 -38.88 7.80
CA LYS B 639 23.18 -40.03 8.68
C LYS B 639 21.79 -40.57 8.99
N ILE B 640 20.75 -39.98 8.39
CA ILE B 640 19.40 -40.51 8.57
C ILE B 640 19.34 -41.91 8.00
N ALA B 641 18.69 -42.82 8.72
CA ALA B 641 18.70 -44.24 8.35
C ALA B 641 18.13 -44.45 6.95
N VAL B 642 16.96 -43.88 6.67
CA VAL B 642 16.32 -44.08 5.37
C VAL B 642 17.11 -43.37 4.29
N PHE B 643 17.59 -42.15 4.57
CA PHE B 643 18.45 -41.44 3.63
C PHE B 643 19.75 -42.18 3.39
N ASP B 644 20.33 -42.78 4.44
CA ASP B 644 21.51 -43.61 4.26
C ASP B 644 21.21 -44.81 3.37
N LYS B 645 20.02 -45.41 3.52
CA LYS B 645 19.65 -46.52 2.66
C LYS B 645 19.60 -46.10 1.19
N MET B 646 18.92 -44.99 0.90
CA MET B 646 18.86 -44.55 -0.49
C MET B 646 20.25 -44.22 -1.03
N TRP B 647 21.07 -43.54 -0.22
CA TRP B 647 22.42 -43.19 -0.66
C TRP B 647 23.25 -44.42 -0.96
N THR B 648 23.16 -45.44 -0.10
CA THR B 648 23.87 -46.69 -0.36
C THR B 648 23.35 -47.37 -1.62
N TYR B 649 22.06 -47.18 -1.94
CA TYR B 649 21.54 -47.73 -3.18
C TYR B 649 22.15 -47.00 -4.38
N MET B 650 22.17 -45.66 -4.34
CA MET B 650 22.71 -44.90 -5.47
C MET B 650 24.19 -45.19 -5.69
N ARG B 651 24.95 -45.29 -4.60
CA ARG B 651 26.39 -45.45 -4.73
C ARG B 651 26.77 -46.78 -5.38
N SER B 652 25.89 -47.78 -5.27
CA SER B 652 26.17 -49.10 -5.82
C SER B 652 25.38 -49.44 -7.08
N ALA B 653 24.33 -48.67 -7.40
CA ALA B 653 23.49 -48.99 -8.53
C ALA B 653 24.21 -48.71 -9.85
N GLU B 654 24.01 -49.61 -10.81
CA GLU B 654 24.52 -49.45 -12.16
C GLU B 654 23.40 -49.76 -13.14
N PRO B 655 23.28 -49.01 -14.25
CA PRO B 655 24.16 -47.93 -14.71
C PRO B 655 24.06 -46.68 -13.84
N SER B 656 25.04 -45.77 -13.96
CA SER B 656 25.08 -44.59 -13.10
C SER B 656 23.81 -43.76 -13.29
N VAL B 657 23.08 -43.56 -12.18
CA VAL B 657 21.81 -42.84 -12.22
C VAL B 657 21.98 -41.34 -12.23
N PHE B 658 23.20 -40.83 -12.05
CA PHE B 658 23.43 -39.40 -12.05
C PHE B 658 23.38 -38.85 -13.47
N VAL B 659 23.07 -37.55 -13.57
CA VAL B 659 22.96 -36.87 -14.85
C VAL B 659 23.84 -35.63 -14.81
N ARG B 660 24.30 -35.19 -15.99
CA ARG B 660 25.14 -34.01 -16.08
C ARG B 660 24.33 -32.72 -15.94
N THR B 661 23.12 -32.68 -16.49
CA THR B 661 22.27 -31.50 -16.44
C THR B 661 20.88 -31.89 -15.97
N THR B 662 20.16 -30.91 -15.43
CA THR B 662 18.79 -31.17 -14.97
C THR B 662 17.87 -31.53 -16.14
N ALA B 663 18.07 -30.88 -17.29
CA ALA B 663 17.29 -31.25 -18.47
C ALA B 663 17.58 -32.69 -18.89
N GLU B 664 18.82 -33.13 -18.72
CA GLU B 664 19.15 -34.54 -18.95
C GLU B 664 18.35 -35.45 -18.02
N GLY B 665 18.20 -35.06 -16.76
CA GLY B 665 17.41 -35.84 -15.84
C GLY B 665 15.94 -35.87 -16.22
N VAL B 666 15.41 -34.73 -16.68
CA VAL B 666 14.02 -34.68 -17.11
C VAL B 666 13.80 -35.59 -18.31
N ALA B 667 14.73 -35.57 -19.27
CA ALA B 667 14.64 -36.45 -20.42
C ALA B 667 14.74 -37.92 -20.01
N ARG B 668 15.63 -38.23 -19.07
CA ARG B 668 15.76 -39.59 -18.58
C ARG B 668 14.49 -40.08 -17.90
N VAL B 669 13.82 -39.19 -17.16
CA VAL B 669 12.56 -39.57 -16.52
C VAL B 669 11.47 -39.80 -17.57
N ARG B 670 11.34 -38.88 -18.52
CA ARG B 670 10.26 -38.97 -19.49
C ARG B 670 10.43 -40.19 -20.40
N LYS B 671 11.64 -40.41 -20.91
CA LYS B 671 11.87 -41.47 -21.87
C LYS B 671 11.83 -42.87 -21.27
N SER B 672 11.89 -42.98 -19.94
CA SER B 672 11.84 -44.26 -19.27
C SER B 672 10.43 -44.79 -19.09
N LYS B 673 9.42 -44.00 -19.46
CA LYS B 673 8.01 -44.35 -19.23
C LYS B 673 7.74 -44.61 -17.75
N GLY B 674 8.36 -43.81 -16.88
CA GLY B 674 8.08 -43.83 -15.47
C GLY B 674 8.98 -44.72 -14.64
N LYS B 675 10.00 -45.36 -15.23
CA LYS B 675 10.86 -46.25 -14.47
C LYS B 675 12.07 -45.55 -13.86
N TYR B 676 12.33 -44.30 -14.20
CA TYR B 676 13.45 -43.56 -13.62
C TYR B 676 12.93 -42.34 -12.88
N ALA B 677 13.45 -42.13 -11.67
CA ALA B 677 13.05 -41.02 -10.81
C ALA B 677 14.19 -40.03 -10.71
N TYR B 678 13.85 -38.74 -10.76
CA TYR B 678 14.83 -37.68 -10.63
C TYR B 678 14.65 -36.99 -9.29
N LEU B 679 15.74 -36.84 -8.54
CA LEU B 679 15.71 -36.15 -7.27
C LEU B 679 16.24 -34.73 -7.47
N LEU B 680 15.39 -33.74 -7.19
CA LEU B 680 15.74 -32.35 -7.46
C LEU B 680 14.98 -31.46 -6.49
N GLU B 681 15.35 -30.19 -6.51
CA GLU B 681 14.69 -29.46 -5.41
C GLU B 681 13.22 -29.22 -5.69
N SER B 682 12.57 -28.60 -4.73
CA SER B 682 11.11 -28.53 -4.72
C SER B 682 10.59 -27.41 -5.60
N THR B 683 11.22 -26.23 -5.56
CA THR B 683 10.78 -25.14 -6.42
C THR B 683 11.02 -25.46 -7.89
N MET B 684 12.17 -26.04 -8.22
CA MET B 684 12.39 -26.49 -9.60
C MET B 684 11.38 -27.56 -10.00
N ASN B 685 11.09 -28.49 -9.10
CA ASN B 685 10.12 -29.55 -9.40
C ASN B 685 8.73 -28.98 -9.65
N GLU B 686 8.32 -28.00 -8.85
CA GLU B 686 7.01 -27.38 -9.03
C GLU B 686 6.96 -26.56 -10.31
N TYR B 687 8.08 -25.90 -10.66
CA TYR B 687 8.13 -25.17 -11.93
C TYR B 687 8.04 -26.13 -13.11
N ILE B 688 8.71 -27.28 -13.01
CA ILE B 688 8.67 -28.24 -14.10
C ILE B 688 7.29 -28.88 -14.22
N GLU B 689 6.64 -29.17 -13.10
CA GLU B 689 5.27 -29.68 -13.14
C GLU B 689 4.32 -28.64 -13.70
N GLN B 690 4.51 -27.38 -13.33
CA GLN B 690 3.53 -26.35 -13.65
C GLN B 690 3.58 -25.94 -15.11
N ARG B 691 4.76 -25.97 -15.74
CA ARG B 691 4.92 -25.51 -17.11
C ARG B 691 4.72 -26.65 -18.12
N LYS B 692 4.52 -26.25 -19.37
CA LYS B 692 4.17 -27.20 -20.42
C LYS B 692 5.29 -28.23 -20.59
N PRO B 693 4.95 -29.47 -20.97
CA PRO B 693 3.60 -30.00 -21.27
C PRO B 693 2.88 -30.51 -20.02
N CYS B 694 3.46 -30.33 -18.83
CA CYS B 694 2.92 -30.83 -17.58
C CYS B 694 2.63 -32.33 -17.63
N ASP B 695 3.65 -33.12 -17.96
CA ASP B 695 3.53 -34.57 -17.92
C ASP B 695 4.20 -35.17 -16.70
N THR B 696 4.95 -34.39 -15.94
CA THR B 696 5.66 -34.88 -14.77
C THR B 696 5.22 -34.07 -13.56
N MET B 697 4.94 -34.78 -12.47
CA MET B 697 4.45 -34.11 -11.27
C MET B 697 5.22 -34.60 -10.05
N LYS B 698 5.26 -33.74 -9.02
CA LYS B 698 6.02 -34.00 -7.81
C LYS B 698 5.26 -34.95 -6.88
N VAL B 699 6.02 -35.78 -6.16
CA VAL B 699 5.47 -36.73 -5.20
C VAL B 699 6.18 -36.57 -3.87
N GLY B 700 5.42 -36.71 -2.79
CA GLY B 700 5.98 -36.71 -1.45
C GLY B 700 6.36 -35.35 -0.93
N GLY B 701 6.85 -35.29 0.31
CA GLY B 701 7.28 -34.06 0.91
C GLY B 701 8.75 -33.78 0.69
N ASN B 702 9.21 -32.69 1.32
CA ASN B 702 10.61 -32.30 1.21
C ASN B 702 11.49 -33.24 2.04
N LEU B 703 12.57 -33.72 1.41
CA LEU B 703 13.48 -34.63 2.11
C LEU B 703 14.39 -33.87 3.08
N ASP B 704 14.73 -32.64 2.77
CA ASP B 704 15.63 -31.85 3.63
C ASP B 704 15.04 -30.45 3.76
N SER B 705 15.81 -29.53 4.35
CA SER B 705 15.36 -28.16 4.55
C SER B 705 16.55 -27.23 4.49
N LYS B 706 16.80 -26.65 3.33
CA LYS B 706 17.85 -25.65 3.16
C LYS B 706 17.47 -24.75 1.98
N GLY B 707 18.01 -23.54 1.99
CA GLY B 707 17.61 -22.53 1.05
C GLY B 707 18.64 -22.20 -0.01
N TYR B 708 18.37 -21.12 -0.75
CA TYR B 708 19.24 -20.61 -1.79
C TYR B 708 19.83 -19.27 -1.36
N GLY B 709 21.14 -19.15 -1.44
CA GLY B 709 21.83 -17.98 -0.93
C GLY B 709 22.82 -17.40 -1.92
N ILE B 710 22.94 -16.08 -1.89
CA ILE B 710 23.95 -15.38 -2.67
C ILE B 710 25.32 -15.64 -2.07
N ALA B 711 26.30 -15.98 -2.91
CA ALA B 711 27.62 -16.37 -2.46
C ALA B 711 28.67 -15.40 -2.99
N THR B 712 29.71 -15.18 -2.20
CA THR B 712 30.86 -14.39 -2.58
C THR B 712 32.11 -15.16 -2.19
N PRO B 713 33.23 -14.91 -2.88
CA PRO B 713 34.50 -15.51 -2.42
C PRO B 713 34.83 -15.05 -1.01
N LYS B 714 35.51 -15.93 -0.27
CA LYS B 714 35.81 -15.64 1.12
C LYS B 714 36.66 -14.38 1.23
N GLY B 715 36.26 -13.47 2.12
CA GLY B 715 36.96 -12.21 2.30
C GLY B 715 36.60 -11.13 1.31
N SER B 716 35.64 -11.36 0.43
CA SER B 716 35.23 -10.34 -0.52
C SER B 716 34.47 -9.22 0.19
N SER B 717 34.73 -7.98 -0.23
CA SER B 717 34.06 -6.83 0.37
C SER B 717 32.59 -6.73 -0.03
N LEU B 718 32.13 -7.55 -0.98
CA LEU B 718 30.76 -7.47 -1.44
C LEU B 718 29.80 -8.26 -0.55
N GLY B 719 30.31 -9.06 0.38
CA GLY B 719 29.44 -9.94 1.14
C GLY B 719 28.45 -9.21 2.02
N THR B 720 28.95 -8.26 2.82
CA THR B 720 28.06 -7.54 3.73
C THR B 720 27.00 -6.70 3.01
N PRO B 721 27.32 -5.91 1.97
CA PRO B 721 26.25 -5.16 1.31
C PRO B 721 25.19 -6.06 0.68
N VAL B 722 25.57 -7.18 0.08
CA VAL B 722 24.57 -8.05 -0.53
C VAL B 722 23.76 -8.79 0.54
N ASN B 723 24.38 -9.10 1.68
CA ASN B 723 23.61 -9.66 2.78
C ASN B 723 22.58 -8.66 3.29
N LEU B 724 22.98 -7.39 3.44
CA LEU B 724 22.03 -6.37 3.81
C LEU B 724 20.92 -6.23 2.77
N ALA B 725 21.28 -6.35 1.48
CA ALA B 725 20.31 -6.22 0.41
C ALA B 725 19.29 -7.36 0.42
N VAL B 726 19.76 -8.59 0.63
CA VAL B 726 18.83 -9.73 0.67
C VAL B 726 17.94 -9.62 1.91
N LEU B 727 18.49 -9.16 3.03
CA LEU B 727 17.66 -8.95 4.22
C LEU B 727 16.59 -7.89 3.96
N LYS B 728 16.98 -6.79 3.31
CA LYS B 728 16.03 -5.72 3.02
C LYS B 728 14.95 -6.19 2.05
N LEU B 729 15.33 -6.99 1.05
CA LEU B 729 14.34 -7.55 0.14
C LEU B 729 13.40 -8.49 0.87
N SER B 730 13.91 -9.30 1.79
CA SER B 730 13.06 -10.21 2.54
C SER B 730 12.07 -9.45 3.41
N GLU B 731 12.52 -8.38 4.07
CA GLU B 731 11.60 -7.62 4.91
C GLU B 731 10.67 -6.74 4.09
N GLN B 732 11.07 -6.36 2.87
CA GLN B 732 10.20 -5.56 2.01
C GLN B 732 9.19 -6.40 1.23
N GLY B 733 9.33 -7.72 1.24
CA GLY B 733 8.41 -8.57 0.49
C GLY B 733 8.65 -8.62 -1.00
N VAL B 734 9.77 -8.05 -1.48
CA VAL B 734 10.07 -8.10 -2.91
C VAL B 734 10.38 -9.52 -3.34
N LEU B 735 10.97 -10.33 -2.46
CA LEU B 735 11.24 -11.72 -2.80
C LEU B 735 9.96 -12.47 -3.14
N ASP B 736 8.91 -12.25 -2.34
CA ASP B 736 7.63 -12.89 -2.62
C ASP B 736 7.03 -12.42 -3.93
N LYS B 737 7.16 -11.12 -4.23
CA LYS B 737 6.64 -10.60 -5.49
C LYS B 737 7.34 -11.22 -6.69
N LEU B 738 8.68 -11.34 -6.61
CA LEU B 738 9.42 -11.97 -7.69
C LEU B 738 9.10 -13.46 -7.80
N LYS B 739 8.92 -14.14 -6.67
CA LYS B 739 8.52 -15.55 -6.70
C LYS B 739 7.17 -15.71 -7.39
N ASN B 740 6.22 -14.82 -7.09
CA ASN B 740 4.94 -14.86 -7.77
C ASN B 740 5.12 -14.61 -9.28
N LYS B 741 5.85 -13.55 -9.63
CA LYS B 741 6.10 -13.16 -11.01
C LYS B 741 6.79 -14.25 -11.81
N TRP B 742 7.54 -15.15 -11.18
CA TRP B 742 8.21 -16.19 -11.94
C TRP B 742 7.71 -17.61 -11.69
N TRP B 743 6.75 -17.83 -10.78
CA TRP B 743 6.19 -19.16 -10.59
C TRP B 743 4.68 -19.20 -10.82
N TYR B 744 3.94 -18.21 -10.30
CA TYR B 744 2.50 -18.31 -10.19
C TYR B 744 1.72 -17.51 -11.23
N ASP B 745 2.34 -16.52 -11.87
CA ASP B 745 1.64 -15.78 -12.91
C ASP B 745 1.52 -16.61 -14.19
N LYS B 746 2.45 -17.52 -14.42
CA LYS B 746 2.49 -18.34 -15.61
C LYS B 746 1.90 -19.71 -15.33
N GLY B 747 0.87 -19.76 -14.49
CA GLY B 747 0.34 -21.00 -13.94
C GLY B 747 -0.62 -21.78 -14.80
N GLU B 748 -0.81 -21.40 -16.06
CA GLU B 748 -1.77 -22.11 -16.91
C GLU B 748 -1.19 -23.43 -17.40
N CYS B 749 -2.02 -24.47 -17.41
CA CYS B 749 -1.68 -25.78 -17.96
C CYS B 749 -2.86 -26.72 -17.84
N GLY B 750 -2.70 -27.92 -18.41
CA GLY B 750 -3.64 -28.99 -18.20
C GLY B 750 -3.48 -29.70 -16.87
N ALA B 751 -2.51 -29.30 -16.06
CA ALA B 751 -2.35 -29.88 -14.74
C ALA B 751 -3.43 -29.43 -13.76
N LYS B 752 -3.90 -28.19 -13.89
CA LYS B 752 -4.78 -27.61 -12.89
C LYS B 752 -6.16 -28.24 -12.88
N ASP B 753 -6.50 -29.06 -13.86
CA ASP B 753 -7.83 -29.61 -13.98
C ASP B 753 -8.02 -30.90 -13.17
N SER B 754 -7.23 -31.11 -12.13
CA SER B 754 -7.41 -32.26 -11.27
C SER B 754 -8.79 -32.23 -10.61
N GLY B 755 -9.41 -33.39 -10.49
CA GLY B 755 -10.77 -33.47 -10.00
C GLY B 755 -11.81 -33.29 -11.08
N SER B 756 -11.44 -33.52 -12.34
CA SER B 756 -12.36 -33.38 -13.47
C SER B 756 -12.35 -34.68 -14.27
N LYS B 757 -13.48 -34.94 -14.92
CA LYS B 757 -13.68 -36.19 -15.63
C LYS B 757 -14.23 -35.90 -17.02
N GLU B 758 -13.73 -36.64 -18.00
CA GLU B 758 -14.15 -36.52 -19.39
C GLU B 758 -15.20 -37.59 -19.68
N LYS B 759 -16.05 -37.30 -20.66
CA LYS B 759 -17.08 -38.24 -21.10
C LYS B 759 -16.52 -39.64 -21.24
N THR B 760 -17.22 -40.62 -20.67
CA THR B 760 -16.74 -41.99 -20.69
C THR B 760 -16.73 -42.54 -22.11
N SER B 761 -15.57 -43.04 -22.53
CA SER B 761 -15.45 -43.65 -23.83
C SER B 761 -16.21 -44.98 -23.87
N ALA B 762 -16.51 -45.42 -25.08
CA ALA B 762 -17.12 -46.73 -25.24
C ALA B 762 -16.12 -47.82 -24.91
N LEU B 763 -16.61 -48.88 -24.27
CA LEU B 763 -15.78 -50.02 -23.94
C LEU B 763 -15.08 -50.55 -25.19
N SER B 764 -13.76 -50.48 -25.21
CA SER B 764 -13.00 -50.97 -26.34
C SER B 764 -12.89 -52.50 -26.29
N LEU B 765 -12.25 -53.06 -27.31
CA LEU B 765 -12.09 -54.51 -27.34
C LEU B 765 -10.94 -54.98 -26.47
N SER B 766 -10.08 -54.05 -26.05
CA SER B 766 -9.01 -54.43 -25.14
C SER B 766 -9.55 -54.77 -23.76
N ASN B 767 -10.63 -54.08 -23.36
CA ASN B 767 -11.20 -54.30 -21.99
C ASN B 767 -11.72 -55.73 -21.88
N VAL B 768 -12.49 -56.20 -22.86
CA VAL B 768 -13.07 -57.53 -22.81
C VAL B 768 -12.35 -58.52 -23.71
N ALA B 769 -11.07 -58.28 -24.03
CA ALA B 769 -10.36 -59.22 -24.88
C ALA B 769 -10.22 -60.58 -24.21
N GLY B 770 -10.17 -60.61 -22.88
CA GLY B 770 -9.97 -61.86 -22.19
C GLY B 770 -11.08 -62.87 -22.38
N VAL B 771 -12.34 -62.43 -22.31
CA VAL B 771 -13.44 -63.38 -22.44
C VAL B 771 -13.46 -63.98 -23.83
N PHE B 772 -12.97 -63.27 -24.84
CA PHE B 772 -12.93 -63.85 -26.17
C PHE B 772 -11.88 -64.94 -26.27
N TYR B 773 -10.72 -64.75 -25.64
CA TYR B 773 -9.73 -65.81 -25.60
C TYR B 773 -10.24 -67.01 -24.83
N ILE B 774 -10.91 -66.77 -23.70
CA ILE B 774 -11.49 -67.89 -22.96
C ILE B 774 -12.55 -68.59 -23.78
N LEU B 775 -13.34 -67.85 -24.55
CA LEU B 775 -14.35 -68.47 -25.40
C LEU B 775 -13.72 -69.37 -26.45
N VAL B 776 -12.69 -68.87 -27.14
CA VAL B 776 -12.10 -69.69 -28.20
C VAL B 776 -11.33 -70.86 -27.61
N GLY B 777 -10.70 -70.68 -26.45
CA GLY B 777 -10.08 -71.81 -25.79
C GLY B 777 -11.07 -72.86 -25.37
N GLY B 778 -12.23 -72.43 -24.86
CA GLY B 778 -13.28 -73.36 -24.52
C GLY B 778 -13.80 -74.11 -25.73
N LEU B 779 -13.90 -73.42 -26.87
CA LEU B 779 -14.32 -74.10 -28.09
C LEU B 779 -13.30 -75.15 -28.53
N GLY B 780 -12.02 -74.81 -28.47
CA GLY B 780 -10.99 -75.77 -28.80
C GLY B 780 -11.02 -76.98 -27.90
N LEU B 781 -11.12 -76.76 -26.59
CA LEU B 781 -11.21 -77.87 -25.65
C LEU B 781 -12.48 -78.69 -25.88
N ALA B 782 -13.56 -78.04 -26.29
CA ALA B 782 -14.80 -78.75 -26.56
C ALA B 782 -14.63 -79.72 -27.73
N MET B 783 -14.06 -79.26 -28.85
CA MET B 783 -13.90 -80.18 -29.96
C MET B 783 -12.86 -81.25 -29.65
N LEU B 784 -11.84 -80.92 -28.86
CA LEU B 784 -10.87 -81.94 -28.44
C LEU B 784 -11.56 -83.05 -27.64
N VAL B 785 -12.37 -82.66 -26.64
CA VAL B 785 -13.07 -83.65 -25.84
C VAL B 785 -14.01 -84.48 -26.69
N ALA B 786 -14.72 -83.82 -27.61
CA ALA B 786 -15.65 -84.55 -28.46
C ALA B 786 -14.92 -85.60 -29.30
N LEU B 787 -13.77 -85.24 -29.87
CA LEU B 787 -13.04 -86.20 -30.69
C LEU B 787 -12.46 -87.33 -29.86
N ILE B 788 -12.01 -87.03 -28.64
CA ILE B 788 -11.52 -88.10 -27.76
C ILE B 788 -12.64 -89.08 -27.46
N GLU B 789 -13.82 -88.56 -27.13
CA GLU B 789 -14.97 -89.40 -26.85
C GLU B 789 -15.35 -90.23 -28.06
N PHE B 790 -15.29 -89.62 -29.25
CA PHE B 790 -15.59 -90.33 -30.50
C PHE B 790 -14.63 -91.49 -30.72
N CYS B 791 -13.33 -91.25 -30.54
CA CYS B 791 -12.37 -92.31 -30.81
C CYS B 791 -12.44 -93.41 -29.75
N TYR B 792 -12.58 -93.04 -28.47
CA TYR B 792 -12.68 -94.05 -27.42
C TYR B 792 -13.93 -94.90 -27.61
N LYS B 793 -15.05 -94.28 -27.98
CA LYS B 793 -16.24 -95.08 -28.21
C LYS B 793 -16.30 -95.62 -29.62
N SER B 794 -15.24 -95.46 -30.40
CA SER B 794 -15.12 -96.07 -31.72
C SER B 794 -14.61 -97.50 -31.67
N ARG B 795 -14.28 -98.00 -30.48
CA ARG B 795 -13.84 -99.38 -30.30
C ARG B 795 -14.67 -100.06 -29.22
N ASN C 1 58.35 27.24 62.96
CA ASN C 1 57.43 27.75 61.95
C ASN C 1 56.06 27.07 62.07
N SER C 2 55.04 27.89 62.33
CA SER C 2 53.67 27.39 62.46
C SER C 2 52.79 28.11 61.46
N ILE C 3 51.90 27.33 60.82
CA ILE C 3 51.04 27.83 59.76
C ILE C 3 49.59 27.55 60.14
N GLN C 4 48.75 28.57 60.06
CA GLN C 4 47.34 28.42 60.40
C GLN C 4 46.54 28.06 59.15
N ILE C 5 45.73 27.01 59.24
CA ILE C 5 44.89 26.57 58.13
C ILE C 5 43.45 26.50 58.61
N GLY C 6 42.52 26.63 57.67
CA GLY C 6 41.11 26.62 58.02
C GLY C 6 40.48 25.24 57.84
N GLY C 7 39.52 24.94 58.71
CA GLY C 7 38.83 23.67 58.65
C GLY C 7 37.32 23.78 58.78
N LEU C 8 36.61 23.35 57.75
CA LEU C 8 35.15 23.31 57.76
C LEU C 8 34.70 21.86 57.72
N PHE C 9 33.89 21.47 58.71
CA PHE C 9 33.43 20.10 58.78
C PHE C 9 31.93 20.03 58.98
N PRO C 10 31.23 19.16 58.25
CA PRO C 10 29.81 18.97 58.50
C PRO C 10 29.58 18.35 59.87
N ARG C 11 28.45 18.70 60.49
CA ARG C 11 28.12 18.16 61.79
C ARG C 11 27.81 16.67 61.67
N GLY C 12 28.34 15.88 62.60
CA GLY C 12 28.21 14.44 62.57
C GLY C 12 29.28 13.72 61.79
N ALA C 13 30.23 14.44 61.17
CA ALA C 13 31.32 13.82 60.44
C ALA C 13 32.44 13.43 61.39
N ASP C 14 32.14 12.55 62.35
CA ASP C 14 33.15 12.16 63.34
C ASP C 14 34.31 11.42 62.70
N GLN C 15 34.01 10.50 61.78
CA GLN C 15 35.06 9.69 61.17
C GLN C 15 35.99 10.54 60.32
N GLU C 16 35.45 11.50 59.57
CA GLU C 16 36.29 12.38 58.77
C GLU C 16 37.20 13.22 59.64
N TYR C 17 36.67 13.73 60.76
CA TYR C 17 37.51 14.50 61.68
C TYR C 17 38.60 13.63 62.30
N SER C 18 38.27 12.38 62.65
CA SER C 18 39.26 11.46 63.20
C SER C 18 40.35 11.19 62.17
N ALA C 19 39.96 11.00 60.91
CA ALA C 19 40.94 10.77 59.86
C ALA C 19 41.82 11.99 59.65
N PHE C 20 41.23 13.19 59.75
CA PHE C 20 42.01 14.43 59.66
C PHE C 20 43.04 14.49 60.78
N ARG C 21 42.64 14.18 62.01
CA ARG C 21 43.56 14.21 63.14
C ARG C 21 44.67 13.17 62.98
N VAL C 22 44.31 11.96 62.51
CA VAL C 22 45.30 10.92 62.30
C VAL C 22 46.29 11.34 61.21
N GLY C 23 45.78 11.96 60.14
CA GLY C 23 46.66 12.43 59.08
C GLY C 23 47.63 13.49 59.58
N MET C 24 47.14 14.43 60.39
CA MET C 24 48.05 15.42 60.96
C MET C 24 49.09 14.76 61.87
N VAL C 25 48.68 13.79 62.67
CA VAL C 25 49.61 13.12 63.57
C VAL C 25 50.70 12.40 62.77
N GLN C 26 50.30 11.72 61.70
CA GLN C 26 51.27 10.96 60.91
C GLN C 26 52.17 11.86 60.08
N PHE C 27 51.61 12.90 59.45
CA PHE C 27 52.36 13.75 58.55
C PHE C 27 52.93 14.99 59.22
N SER C 28 52.92 15.04 60.56
CA SER C 28 53.54 16.17 61.25
C SER C 28 55.06 16.10 61.11
N THR C 29 55.69 17.27 61.08
CA THR C 29 57.14 17.37 60.99
C THR C 29 57.61 18.55 61.82
N SER C 30 58.87 18.49 62.25
CA SER C 30 59.43 19.55 63.09
C SER C 30 59.70 20.82 62.31
N GLU C 31 59.92 20.73 61.00
CA GLU C 31 60.23 21.92 60.20
C GLU C 31 59.07 22.90 60.20
N PHE C 32 57.84 22.40 60.05
CA PHE C 32 56.66 23.23 60.01
C PHE C 32 55.46 22.42 60.47
N ARG C 33 54.65 23.00 61.37
CA ARG C 33 53.49 22.34 61.93
C ARG C 33 52.24 23.11 61.56
N LEU C 34 51.24 22.41 61.04
CA LEU C 34 49.98 23.04 60.70
C LEU C 34 49.13 23.25 61.94
N THR C 35 48.37 24.36 61.97
CA THR C 35 47.48 24.65 63.08
C THR C 35 46.07 24.90 62.55
N PRO C 36 45.14 23.97 62.72
CA PRO C 36 43.82 24.13 62.11
C PRO C 36 42.96 25.15 62.84
N HIS C 37 41.96 25.66 62.14
CA HIS C 37 40.86 26.40 62.74
C HIS C 37 39.57 25.68 62.34
N ILE C 38 38.91 25.04 63.30
CA ILE C 38 37.86 24.07 63.04
C ILE C 38 36.51 24.69 63.36
N ASP C 39 35.55 24.48 62.46
CA ASP C 39 34.17 24.93 62.65
C ASP C 39 33.23 23.82 62.18
N ASN C 40 32.30 23.44 63.06
CA ASN C 40 31.27 22.46 62.75
C ASN C 40 29.99 23.21 62.41
N LEU C 41 29.40 22.90 61.25
CA LEU C 41 28.35 23.72 60.67
C LEU C 41 27.23 22.84 60.12
N GLU C 42 26.09 23.49 59.87
CA GLU C 42 25.08 22.97 58.95
C GLU C 42 25.50 23.43 57.56
N VAL C 43 26.28 22.57 56.88
CA VAL C 43 26.90 22.91 55.62
C VAL C 43 25.88 23.28 54.54
N ALA C 44 24.72 22.65 54.54
CA ALA C 44 23.69 22.98 53.55
C ALA C 44 23.22 24.43 53.68
N ASN C 45 23.43 25.04 54.85
CA ASN C 45 23.07 26.44 55.06
C ASN C 45 24.16 27.31 54.45
N SER C 46 23.79 28.09 53.43
CA SER C 46 24.76 28.96 52.77
C SER C 46 25.24 30.07 53.71
N PHE C 47 24.34 30.63 54.53
CA PHE C 47 24.72 31.72 55.41
C PHE C 47 25.73 31.27 56.45
N ALA C 48 25.53 30.07 57.01
CA ALA C 48 26.47 29.54 57.99
C ALA C 48 27.84 29.31 57.37
N VAL C 49 27.87 28.75 56.17
CA VAL C 49 29.14 28.53 55.48
C VAL C 49 29.84 29.85 55.22
N THR C 50 29.09 30.86 54.77
CA THR C 50 29.68 32.17 54.51
C THR C 50 30.25 32.77 55.78
N ASN C 51 29.51 32.69 56.89
CA ASN C 51 29.98 33.26 58.15
C ASN C 51 31.23 32.56 58.64
N ALA C 52 31.25 31.22 58.56
CA ALA C 52 32.43 30.47 59.01
C ALA C 52 33.63 30.77 58.13
N PHE C 53 33.42 30.86 56.81
CA PHE C 53 34.52 31.16 55.90
C PHE C 53 35.09 32.55 56.18
N CYS C 54 34.21 33.52 56.40
CA CYS C 54 34.69 34.87 56.72
C CYS C 54 35.42 34.91 58.05
N SER C 55 34.92 34.19 59.06
CA SER C 55 35.59 34.17 60.35
C SER C 55 36.98 33.53 60.23
N GLN C 56 37.07 32.42 59.49
CA GLN C 56 38.36 31.77 59.30
C GLN C 56 39.28 32.61 58.42
N PHE C 57 38.72 33.25 57.40
CA PHE C 57 39.52 34.15 56.56
C PHE C 57 40.05 35.33 57.38
N SER C 58 39.23 35.84 58.30
CA SER C 58 39.67 36.93 59.16
C SER C 58 40.80 36.52 60.09
N ARG C 59 40.98 35.22 60.32
CA ARG C 59 42.11 34.73 61.11
C ARG C 59 43.40 34.66 60.29
N GLY C 60 43.34 34.93 58.99
CA GLY C 60 44.54 34.90 58.17
C GLY C 60 45.05 33.52 57.85
N VAL C 61 44.15 32.55 57.71
CA VAL C 61 44.58 31.20 57.35
C VAL C 61 45.12 31.18 55.93
N TYR C 62 46.26 30.52 55.75
CA TYR C 62 46.89 30.46 54.44
C TYR C 62 46.21 29.47 53.51
N ALA C 63 45.66 28.38 54.05
CA ALA C 63 44.95 27.40 53.26
C ALA C 63 43.70 26.98 54.01
N ILE C 64 42.68 26.57 53.26
CA ILE C 64 41.39 26.19 53.84
C ILE C 64 41.01 24.80 53.34
N PHE C 65 40.65 23.94 54.28
CA PHE C 65 40.09 22.63 53.99
C PHE C 65 38.64 22.60 54.48
N GLY C 66 37.76 21.95 53.72
CA GLY C 66 36.37 21.93 54.10
C GLY C 66 35.55 21.06 53.16
N PHE C 67 34.24 21.09 53.40
CA PHE C 67 33.25 20.39 52.60
C PHE C 67 32.17 21.36 52.15
N TYR C 68 31.43 20.98 51.12
CA TYR C 68 30.29 21.77 50.66
C TYR C 68 29.19 20.84 50.19
N ASP C 69 28.05 21.44 49.84
CA ASP C 69 26.91 20.74 49.28
C ASP C 69 26.40 21.52 48.08
N LYS C 70 25.36 20.99 47.44
CA LYS C 70 24.76 21.68 46.30
C LYS C 70 24.18 23.04 46.68
N LYS C 71 23.88 23.25 47.96
CA LYS C 71 23.34 24.52 48.42
C LYS C 71 24.40 25.48 48.94
N SER C 72 25.67 25.07 48.96
CA SER C 72 26.74 25.95 49.42
C SER C 72 28.02 25.85 48.60
N VAL C 73 28.05 25.10 47.50
CA VAL C 73 29.27 25.01 46.69
C VAL C 73 29.55 26.33 46.00
N ASN C 74 28.50 27.01 45.52
CA ASN C 74 28.69 28.26 44.79
C ASN C 74 29.33 29.33 45.66
N THR C 75 28.93 29.42 46.93
CA THR C 75 29.51 30.40 47.83
C THR C 75 31.02 30.15 47.99
N ILE C 76 31.41 28.90 48.20
CA ILE C 76 32.82 28.56 48.38
C ILE C 76 33.59 28.90 47.12
N THR C 77 33.06 28.50 45.95
CA THR C 77 33.76 28.76 44.70
C THR C 77 33.93 30.25 44.46
N SER C 78 32.88 31.03 44.68
CA SER C 78 32.97 32.48 44.45
C SER C 78 33.94 33.13 45.42
N PHE C 79 33.89 32.75 46.70
CA PHE C 79 34.79 33.34 47.68
C PHE C 79 36.25 33.01 47.36
N CYS C 80 36.51 31.77 46.95
CA CYS C 80 37.88 31.38 46.64
C CYS C 80 38.37 32.05 45.36
N GLY C 81 37.48 32.21 44.38
CA GLY C 81 37.86 32.92 43.17
C GLY C 81 38.13 34.39 43.40
N THR C 82 37.39 35.03 44.31
CA THR C 82 37.55 36.46 44.53
C THR C 82 38.71 36.75 45.47
N LEU C 83 38.72 36.14 46.65
CA LEU C 83 39.71 36.43 47.67
C LEU C 83 41.05 35.76 47.43
N HIS C 84 41.15 34.92 46.41
CA HIS C 84 42.39 34.20 46.07
C HIS C 84 42.88 33.38 47.26
N VAL C 85 42.01 32.48 47.72
CA VAL C 85 42.32 31.57 48.82
C VAL C 85 42.08 30.14 48.32
N SER C 86 43.06 29.28 48.55
CA SER C 86 42.98 27.90 48.08
C SER C 86 42.05 27.08 48.95
N PHE C 87 41.23 26.26 48.32
CA PHE C 87 40.25 25.41 49.01
C PHE C 87 40.47 23.96 48.60
N ILE C 88 40.65 23.09 49.58
CA ILE C 88 40.77 21.65 49.35
C ILE C 88 39.54 20.97 49.93
N THR C 89 38.87 20.16 49.10
CA THR C 89 37.63 19.52 49.53
C THR C 89 37.54 18.08 49.05
N PRO C 90 37.00 17.18 49.88
CA PRO C 90 36.69 15.82 49.40
C PRO C 90 35.32 15.69 48.77
N SER C 91 34.59 16.80 48.59
CA SER C 91 33.22 16.74 48.09
C SER C 91 33.21 16.47 46.58
N PHE C 92 32.00 16.42 46.04
CA PHE C 92 31.83 16.09 44.62
C PHE C 92 32.41 17.22 43.76
N PRO C 93 32.97 16.89 42.60
CA PRO C 93 33.53 17.94 41.73
C PRO C 93 32.46 18.89 41.23
N THR C 94 32.84 20.15 41.06
CA THR C 94 31.92 21.15 40.53
C THR C 94 31.72 20.96 39.04
N ASP C 95 30.56 21.41 38.55
CA ASP C 95 30.26 21.31 37.12
C ASP C 95 31.22 22.16 36.31
N GLY C 96 31.50 23.38 36.76
CA GLY C 96 32.39 24.25 36.04
C GLY C 96 33.83 24.16 36.52
N THR C 97 34.71 24.82 35.79
CA THR C 97 36.13 24.85 36.12
C THR C 97 36.44 26.03 37.04
N HIS C 98 35.89 26.02 38.24
CA HIS C 98 36.12 27.10 39.18
C HIS C 98 37.56 27.03 39.71
N PRO C 99 38.32 28.12 39.64
CA PRO C 99 39.69 28.09 40.17
C PRO C 99 39.69 28.05 41.69
N PHE C 100 40.87 27.72 42.23
CA PHE C 100 41.13 27.73 43.67
C PHE C 100 40.30 26.67 44.40
N VAL C 101 39.71 25.74 43.66
CA VAL C 101 38.95 24.64 44.25
C VAL C 101 39.69 23.34 43.99
N ILE C 102 40.51 22.91 44.96
CA ILE C 102 41.26 21.66 44.83
C ILE C 102 40.31 20.50 45.13
N GLN C 103 39.76 19.89 44.09
CA GLN C 103 38.81 18.80 44.24
C GLN C 103 39.57 17.48 44.30
N MET C 104 39.68 16.93 45.52
CA MET C 104 40.40 15.68 45.69
C MET C 104 39.58 14.48 45.22
N ARG C 105 38.26 14.58 45.25
CA ARG C 105 37.42 13.48 44.81
C ARG C 105 37.56 13.29 43.31
N PRO C 106 37.90 12.08 42.85
CA PRO C 106 37.99 11.85 41.41
C PRO C 106 36.62 11.80 40.76
N ASP C 107 36.60 12.05 39.44
CA ASP C 107 35.36 12.03 38.68
C ASP C 107 34.92 10.59 38.47
N LEU C 108 33.64 10.31 38.76
CA LEU C 108 33.13 8.94 38.66
C LEU C 108 32.17 8.77 37.49
N LYS C 109 31.78 9.86 36.82
CA LYS C 109 30.81 9.77 35.73
C LYS C 109 31.32 8.87 34.61
N GLY C 110 32.57 9.06 34.20
CA GLY C 110 33.12 8.25 33.12
C GLY C 110 33.18 6.78 33.47
N ALA C 111 33.60 6.47 34.70
CA ALA C 111 33.63 5.09 35.14
C ALA C 111 32.24 4.47 35.16
N LEU C 112 31.25 5.23 35.62
CA LEU C 112 29.87 4.74 35.64
C LEU C 112 29.37 4.45 34.23
N LEU C 113 29.64 5.37 33.30
CA LEU C 113 29.21 5.16 31.92
C LEU C 113 29.90 3.96 31.29
N SER C 114 31.21 3.81 31.52
CA SER C 114 31.92 2.68 30.96
C SER C 114 31.48 1.36 31.61
N LEU C 115 31.06 1.41 32.87
CA LEU C 115 30.53 0.20 33.51
C LEU C 115 29.17 -0.16 32.92
N ILE C 116 28.34 0.84 32.61
CA ILE C 116 27.10 0.58 31.89
C ILE C 116 27.40 -0.06 30.54
N GLU C 117 28.38 0.48 29.82
CA GLU C 117 28.72 -0.05 28.51
C GLU C 117 29.30 -1.46 28.60
N TYR C 118 29.99 -1.77 29.69
CA TYR C 118 30.56 -3.10 29.86
C TYR C 118 29.47 -4.16 29.96
N TYR C 119 28.39 -3.87 30.69
CA TYR C 119 27.24 -4.76 30.72
C TYR C 119 26.32 -4.59 29.52
N GLN C 120 26.75 -3.84 28.50
CA GLN C 120 25.98 -3.56 27.28
C GLN C 120 24.49 -3.30 27.58
N TRP C 121 24.22 -2.54 28.63
CA TRP C 121 22.85 -2.21 28.97
C TRP C 121 22.25 -1.25 27.96
N ASP C 122 20.95 -1.39 27.73
CA ASP C 122 20.21 -0.47 26.87
C ASP C 122 18.89 0.00 27.49
N LYS C 123 18.58 -0.42 28.71
CA LYS C 123 17.37 0.01 29.40
C LYS C 123 17.54 -0.24 30.89
N PHE C 124 17.45 0.83 31.68
CA PHE C 124 17.63 0.70 33.12
C PHE C 124 16.96 1.89 33.81
N ALA C 125 16.59 1.68 35.07
CA ALA C 125 16.06 2.75 35.90
C ALA C 125 17.18 3.42 36.69
N TYR C 126 16.95 4.67 37.06
CA TYR C 126 17.99 5.48 37.71
C TYR C 126 17.38 6.17 38.93
N LEU C 127 17.61 5.59 40.11
CA LEU C 127 17.22 6.21 41.37
C LEU C 127 18.33 7.12 41.84
N TYR C 128 18.04 8.42 41.97
CA TYR C 128 19.05 9.43 42.26
C TYR C 128 18.60 10.30 43.41
N ASP C 129 19.59 10.86 44.12
CA ASP C 129 19.35 11.85 45.17
C ASP C 129 19.74 13.22 44.63
N SER C 130 18.84 14.19 44.77
CA SER C 130 19.12 15.53 44.25
C SER C 130 20.26 16.20 45.01
N ASP C 131 20.47 15.82 46.28
CA ASP C 131 21.50 16.44 47.11
C ASP C 131 22.92 16.13 46.64
N ARG C 132 23.11 15.10 45.83
CA ARG C 132 24.45 14.76 45.35
C ARG C 132 24.87 15.57 44.13
N GLY C 133 23.99 16.42 43.60
CA GLY C 133 24.29 17.13 42.37
C GLY C 133 23.81 16.35 41.16
N LEU C 134 23.12 17.04 40.26
CA LEU C 134 22.51 16.37 39.12
C LEU C 134 23.44 16.27 37.91
N SER C 135 24.73 16.51 38.09
CA SER C 135 25.67 16.34 36.98
C SER C 135 25.70 14.89 36.50
N THR C 136 25.69 13.93 37.43
CA THR C 136 25.67 12.53 37.04
C THR C 136 24.39 12.18 36.28
N LEU C 137 23.25 12.72 36.73
CA LEU C 137 21.99 12.45 36.04
C LEU C 137 22.02 13.01 34.62
N GLN C 138 22.53 14.23 34.45
CA GLN C 138 22.62 14.81 33.11
C GLN C 138 23.57 14.02 32.22
N ALA C 139 24.69 13.55 32.79
CA ALA C 139 25.60 12.70 32.01
C ALA C 139 24.92 11.42 31.58
N VAL C 140 24.16 10.79 32.48
CA VAL C 140 23.45 9.56 32.14
C VAL C 140 22.43 9.82 31.04
N LEU C 141 21.70 10.94 31.14
CA LEU C 141 20.69 11.26 30.15
C LEU C 141 21.31 11.54 28.78
N ASP C 142 22.41 12.30 28.73
CA ASP C 142 23.02 12.57 27.44
C ASP C 142 23.66 11.32 26.84
N SER C 143 24.25 10.47 27.67
CA SER C 143 24.78 9.20 27.17
C SER C 143 23.66 8.31 26.66
N ALA C 144 22.49 8.34 27.31
CA ALA C 144 21.35 7.59 26.82
C ALA C 144 20.88 8.12 25.48
N ALA C 145 20.86 9.45 25.33
CA ALA C 145 20.47 10.03 24.05
C ALA C 145 21.45 9.66 22.95
N GLU C 146 22.75 9.64 23.26
CA GLU C 146 23.77 9.36 22.25
C GLU C 146 23.80 7.88 21.88
N LYS C 147 23.67 7.00 22.88
CA LYS C 147 23.81 5.57 22.68
C LYS C 147 22.46 4.84 22.65
N LYS C 148 21.36 5.58 22.51
CA LYS C 148 20.02 5.00 22.36
C LYS C 148 19.61 4.15 23.56
N TRP C 149 20.04 4.55 24.76
CA TRP C 149 19.55 3.89 25.97
C TRP C 149 18.19 4.46 26.36
N GLN C 150 17.49 3.72 27.22
CA GLN C 150 16.23 4.16 27.79
C GLN C 150 16.41 4.26 29.30
N VAL C 151 16.19 5.45 29.86
CA VAL C 151 16.43 5.73 31.27
C VAL C 151 15.12 6.19 31.90
N THR C 152 14.74 5.57 33.01
CA THR C 152 13.58 5.99 33.79
C THR C 152 14.10 6.58 35.11
N ALA C 153 14.40 7.88 35.06
CA ALA C 153 14.98 8.57 36.21
C ALA C 153 13.88 8.98 37.17
N ILE C 154 14.04 8.61 38.45
CA ILE C 154 13.06 8.89 39.49
C ILE C 154 13.78 9.50 40.68
N ASN C 155 13.26 10.62 41.18
CA ASN C 155 13.84 11.30 42.33
C ASN C 155 13.48 10.52 43.60
N VAL C 156 14.50 10.01 44.29
CA VAL C 156 14.28 9.23 45.50
C VAL C 156 14.45 10.07 46.77
N GLY C 157 15.39 11.01 46.76
CA GLY C 157 15.66 11.79 47.95
C GLY C 157 14.48 12.62 48.43
N ASN C 158 13.49 12.82 47.55
CA ASN C 158 12.28 13.54 47.95
C ASN C 158 11.45 12.76 48.96
N ILE C 159 11.74 11.48 49.15
CA ILE C 159 11.01 10.67 50.11
C ILE C 159 11.41 11.09 51.52
N ASN C 160 10.43 11.51 52.32
CA ASN C 160 10.69 11.93 53.69
C ASN C 160 10.63 10.74 54.63
N ASN C 161 11.16 10.95 55.85
CA ASN C 161 11.20 9.88 56.84
C ASN C 161 9.80 9.42 57.24
N ASP C 162 8.86 10.36 57.42
CA ASP C 162 7.50 10.02 57.79
C ASP C 162 6.78 9.22 56.72
N LYS C 163 7.28 9.24 55.48
CA LYS C 163 6.68 8.48 54.39
C LYS C 163 7.74 7.67 53.63
N LYS C 164 8.61 6.97 54.34
CA LYS C 164 9.73 6.25 53.75
C LYS C 164 9.48 4.74 53.63
N ASP C 165 8.24 4.29 53.79
CA ASP C 165 7.94 2.87 53.66
C ASP C 165 7.00 2.62 52.48
N GLU C 166 5.92 3.40 52.41
CA GLU C 166 4.92 3.17 51.36
C GLU C 166 5.39 3.69 50.01
N THR C 167 6.23 4.72 49.99
CA THR C 167 6.66 5.32 48.73
C THR C 167 7.46 4.34 47.89
N TYR C 168 8.34 3.57 48.53
CA TYR C 168 9.18 2.63 47.79
C TYR C 168 8.35 1.51 47.17
N ARG C 169 7.26 1.12 47.84
CA ARG C 169 6.39 0.08 47.30
C ARG C 169 5.76 0.52 45.99
N SER C 170 5.14 1.71 45.98
CA SER C 170 4.56 2.24 44.75
C SER C 170 5.63 2.49 43.70
N LEU C 171 6.80 2.96 44.12
CA LEU C 171 7.90 3.19 43.19
C LEU C 171 8.27 1.91 42.45
N PHE C 172 8.52 0.83 43.19
CA PHE C 172 8.90 -0.42 42.56
C PHE C 172 7.73 -1.04 41.80
N GLN C 173 6.49 -0.73 42.19
CA GLN C 173 5.35 -1.15 41.40
C GLN C 173 5.35 -0.46 40.03
N ASP C 174 5.76 0.80 39.99
CA ASP C 174 5.85 1.51 38.72
C ASP C 174 6.88 0.87 37.80
N LEU C 175 8.06 0.52 38.33
CA LEU C 175 9.08 -0.12 37.50
C LEU C 175 8.65 -1.49 37.02
N GLU C 176 7.81 -2.19 37.79
CA GLU C 176 7.36 -3.51 37.37
C GLU C 176 6.40 -3.45 36.18
N LEU C 177 5.81 -2.29 35.91
CA LEU C 177 5.05 -2.12 34.68
C LEU C 177 5.96 -2.27 33.46
N LYS C 178 7.19 -1.80 33.55
CA LYS C 178 8.21 -2.00 32.53
C LYS C 178 8.98 -3.30 32.73
N LYS C 179 8.70 -4.04 33.82
CA LYS C 179 9.43 -5.26 34.17
C LYS C 179 10.93 -4.99 34.25
N GLU C 180 11.27 -3.89 34.90
CA GLU C 180 12.67 -3.48 35.02
C GLU C 180 13.43 -4.43 35.92
N ARG C 181 14.64 -4.83 35.49
CA ARG C 181 15.53 -5.63 36.29
C ARG C 181 16.93 -5.03 36.41
N ARG C 182 17.22 -3.95 35.69
CA ARG C 182 18.50 -3.26 35.76
C ARG C 182 18.30 -1.96 36.54
N VAL C 183 18.98 -1.83 37.67
CA VAL C 183 18.78 -0.72 38.59
C VAL C 183 20.13 -0.08 38.89
N ILE C 184 20.19 1.25 38.78
CA ILE C 184 21.38 2.03 39.15
C ILE C 184 21.00 2.93 40.31
N LEU C 185 21.76 2.83 41.40
CA LEU C 185 21.50 3.59 42.61
C LEU C 185 22.53 4.69 42.74
N ASP C 186 22.09 5.94 42.56
CA ASP C 186 22.94 7.12 42.71
C ASP C 186 22.51 7.84 43.98
N CYS C 187 23.08 7.40 45.11
CA CYS C 187 22.70 7.94 46.41
C CYS C 187 23.88 7.81 47.36
N GLU C 188 23.82 8.56 48.46
CA GLU C 188 24.85 8.49 49.48
C GLU C 188 24.71 7.22 50.31
N ARG C 189 25.68 7.00 51.19
CA ARG C 189 25.79 5.72 51.89
C ARG C 189 24.55 5.42 52.73
N ASP C 190 24.05 6.41 53.46
CA ASP C 190 22.83 6.21 54.24
C ASP C 190 21.63 5.94 53.35
N LYS C 191 21.48 6.71 52.27
CA LYS C 191 20.37 6.49 51.34
C LYS C 191 20.51 5.14 50.64
N VAL C 192 21.75 4.74 50.31
CA VAL C 192 21.96 3.42 49.72
C VAL C 192 21.55 2.33 50.70
N ASN C 193 21.90 2.48 51.98
CA ASN C 193 21.49 1.51 52.99
C ASN C 193 19.96 1.45 53.09
N ASP C 194 19.31 2.61 53.06
CA ASP C 194 17.85 2.63 53.18
C ASP C 194 17.19 1.96 51.98
N ILE C 195 17.68 2.22 50.76
CA ILE C 195 17.06 1.61 49.59
C ILE C 195 17.35 0.11 49.57
N VAL C 196 18.53 -0.31 50.03
CA VAL C 196 18.81 -1.74 50.13
C VAL C 196 17.87 -2.41 51.13
N ASP C 197 17.63 -1.75 52.26
CA ASP C 197 16.70 -2.29 53.26
C ASP C 197 15.29 -2.40 52.68
N GLN C 198 14.86 -1.38 51.94
CA GLN C 198 13.52 -1.43 51.35
C GLN C 198 13.43 -2.49 50.27
N VAL C 199 14.54 -2.74 49.56
CA VAL C 199 14.57 -3.79 48.54
C VAL C 199 14.46 -5.16 49.19
N ILE C 200 15.25 -5.39 50.25
CA ILE C 200 15.20 -6.70 50.92
C ILE C 200 13.86 -6.88 51.63
N THR C 201 13.22 -5.79 52.04
CA THR C 201 11.92 -5.89 52.70
C THR C 201 10.86 -6.39 51.73
N ILE C 202 10.85 -5.87 50.50
CA ILE C 202 9.81 -6.22 49.52
C ILE C 202 10.11 -7.49 48.75
N GLY C 203 11.24 -8.13 49.01
CA GLY C 203 11.55 -9.39 48.37
C GLY C 203 12.06 -9.30 46.95
N LYS C 204 12.46 -8.12 46.49
CA LYS C 204 12.99 -7.95 45.14
C LYS C 204 14.51 -8.04 45.09
N HIS C 205 15.11 -8.81 46.00
CA HIS C 205 16.56 -9.00 46.04
C HIS C 205 16.98 -10.35 45.44
N VAL C 206 16.16 -10.92 44.56
CA VAL C 206 16.38 -12.26 44.07
C VAL C 206 17.06 -12.22 42.71
N LYS C 207 17.50 -13.38 42.23
CA LYS C 207 18.19 -13.47 40.96
C LYS C 207 17.33 -12.93 39.83
N GLY C 208 17.96 -12.19 38.92
CA GLY C 208 17.26 -11.50 37.85
C GLY C 208 17.45 -10.00 37.95
N TYR C 209 17.38 -9.49 39.17
CA TYR C 209 17.65 -8.07 39.40
C TYR C 209 19.14 -7.79 39.32
N HIS C 210 19.49 -6.62 38.81
CA HIS C 210 20.88 -6.17 38.76
C HIS C 210 20.96 -4.76 39.31
N TYR C 211 21.88 -4.54 40.26
CA TYR C 211 22.04 -3.26 40.91
C TYR C 211 23.46 -2.76 40.73
N ILE C 212 23.59 -1.46 40.44
CA ILE C 212 24.88 -0.78 40.37
C ILE C 212 24.87 0.35 41.39
N ILE C 213 25.91 0.41 42.22
CA ILE C 213 26.03 1.45 43.24
C ILE C 213 26.91 2.55 42.65
N ALA C 214 26.34 3.76 42.55
CA ALA C 214 27.03 4.88 41.91
C ALA C 214 27.70 5.78 42.95
N ASN C 215 28.68 5.20 43.64
CA ASN C 215 29.50 5.94 44.60
C ASN C 215 30.78 5.17 44.87
N LEU C 216 31.75 5.86 45.46
CA LEU C 216 33.04 5.30 45.80
C LEU C 216 33.04 4.58 47.14
N GLY C 217 31.88 4.18 47.64
CA GLY C 217 31.76 3.61 48.97
C GLY C 217 31.01 2.30 48.99
N PHE C 218 31.27 1.46 47.99
CA PHE C 218 30.47 0.26 47.76
C PHE C 218 30.42 -0.63 49.00
N THR C 219 31.57 -0.84 49.64
CA THR C 219 31.64 -1.67 50.85
C THR C 219 31.36 -0.88 52.12
N ASP C 220 31.27 0.45 52.06
CA ASP C 220 31.01 1.23 53.26
C ASP C 220 29.59 1.00 53.79
N GLY C 221 28.65 0.65 52.92
CA GLY C 221 27.29 0.39 53.35
C GLY C 221 27.13 -1.01 53.94
N ASP C 222 25.92 -1.26 54.46
CA ASP C 222 25.59 -2.56 55.04
C ASP C 222 24.99 -3.48 53.99
N LEU C 223 25.80 -3.76 52.97
CA LEU C 223 25.36 -4.56 51.84
C LEU C 223 25.57 -6.06 52.05
N LEU C 224 26.21 -6.46 53.15
CA LEU C 224 26.51 -7.87 53.34
C LEU C 224 25.26 -8.70 53.62
N LYS C 225 24.15 -8.04 53.99
CA LYS C 225 22.93 -8.78 54.26
C LYS C 225 22.20 -9.19 52.98
N ILE C 226 22.50 -8.55 51.85
CA ILE C 226 21.88 -8.91 50.58
C ILE C 226 22.84 -9.60 49.63
N GLN C 227 23.99 -10.08 50.14
CA GLN C 227 24.95 -10.77 49.29
C GLN C 227 24.37 -12.08 48.74
N PHE C 228 23.67 -12.82 49.58
CA PHE C 228 23.13 -14.13 49.21
C PHE C 228 21.68 -14.06 48.76
N GLY C 229 21.15 -12.85 48.55
CA GLY C 229 19.78 -12.74 48.06
C GLY C 229 19.59 -13.28 46.66
N GLY C 230 20.62 -13.18 45.82
CA GLY C 230 20.57 -13.65 44.45
C GLY C 230 20.77 -12.56 43.41
N ALA C 231 20.33 -11.34 43.71
CA ALA C 231 20.48 -10.24 42.78
C ALA C 231 21.95 -9.84 42.66
N GLU C 232 22.34 -9.44 41.45
CA GLU C 232 23.72 -9.04 41.18
C GLU C 232 23.93 -7.61 41.63
N VAL C 233 24.95 -7.39 42.46
CA VAL C 233 25.27 -6.09 43.02
C VAL C 233 26.72 -5.76 42.71
N SER C 234 26.96 -4.55 42.21
CA SER C 234 28.30 -4.10 41.87
C SER C 234 28.40 -2.60 42.11
N GLY C 235 29.63 -2.10 42.14
CA GLY C 235 29.84 -0.70 42.41
C GLY C 235 31.28 -0.30 42.19
N PHE C 236 31.66 0.81 42.81
CA PHE C 236 33.00 1.39 42.69
C PHE C 236 33.56 1.69 44.07
N GLN C 237 34.89 1.76 44.14
CA GLN C 237 35.58 2.14 45.37
C GLN C 237 36.97 2.63 45.02
N ILE C 238 37.38 3.76 45.59
CA ILE C 238 38.71 4.30 45.35
C ILE C 238 39.72 3.78 46.36
N VAL C 239 39.26 3.29 47.51
CA VAL C 239 40.14 2.75 48.54
C VAL C 239 40.46 1.31 48.17
N ASP C 240 41.72 1.04 47.82
CA ASP C 240 42.15 -0.31 47.44
C ASP C 240 42.76 -0.98 48.65
N TYR C 241 42.00 -1.88 49.27
CA TYR C 241 42.47 -2.58 50.45
C TYR C 241 43.60 -3.57 50.15
N ASP C 242 43.81 -3.92 48.89
CA ASP C 242 44.89 -4.85 48.55
C ASP C 242 46.25 -4.20 48.70
N ASP C 243 46.32 -2.88 48.66
CA ASP C 243 47.61 -2.19 48.69
C ASP C 243 48.26 -2.31 50.07
N SER C 244 49.59 -2.32 50.08
CA SER C 244 50.33 -2.43 51.33
C SER C 244 50.10 -1.22 52.22
N LEU C 245 50.11 -0.02 51.64
CA LEU C 245 49.94 1.20 52.42
C LEU C 245 48.56 1.24 53.06
N VAL C 246 47.52 0.88 52.29
CA VAL C 246 46.16 0.88 52.83
C VAL C 246 46.01 -0.14 53.94
N SER C 247 46.58 -1.34 53.75
CA SER C 247 46.50 -2.36 54.78
C SER C 247 47.24 -1.94 56.05
N LYS C 248 48.42 -1.31 55.89
CA LYS C 248 49.15 -0.83 57.05
C LYS C 248 48.37 0.25 57.79
N PHE C 249 47.77 1.19 57.05
CA PHE C 249 46.97 2.24 57.68
C PHE C 249 45.79 1.64 58.42
N ILE C 250 45.10 0.68 57.79
CA ILE C 250 43.95 0.04 58.43
C ILE C 250 44.38 -0.68 59.71
N GLU C 251 45.54 -1.36 59.66
CA GLU C 251 46.06 -1.99 60.86
C GLU C 251 46.30 -0.96 61.96
N ARG C 252 46.84 0.20 61.58
CA ARG C 252 46.92 1.31 62.53
C ARG C 252 45.53 1.86 62.85
N TRP C 253 44.69 2.00 61.82
CA TRP C 253 43.39 2.64 61.96
C TRP C 253 42.46 1.82 62.85
N SER C 254 42.38 0.50 62.59
CA SER C 254 41.46 -0.35 63.32
C SER C 254 41.83 -0.50 64.79
N THR C 255 43.10 -0.34 65.14
CA THR C 255 43.56 -0.45 66.51
C THR C 255 43.49 0.87 67.27
N LEU C 256 43.00 1.93 66.64
CA LEU C 256 42.87 3.21 67.32
C LEU C 256 41.75 3.15 68.35
N GLU C 257 41.89 3.98 69.40
CA GLU C 257 40.87 4.04 70.44
C GLU C 257 39.61 4.70 69.88
N GLU C 258 38.46 4.04 70.10
CA GLU C 258 37.19 4.58 69.62
C GLU C 258 36.85 5.90 70.30
N LYS C 259 37.08 6.00 71.61
CA LYS C 259 36.74 7.22 72.33
C LYS C 259 37.59 8.40 71.86
N GLU C 260 38.88 8.19 71.63
CA GLU C 260 39.76 9.26 71.18
C GLU C 260 39.55 9.61 69.72
N TYR C 261 39.28 8.61 68.89
CA TYR C 261 39.01 8.79 67.46
C TYR C 261 37.68 8.11 67.14
N PRO C 262 36.56 8.82 67.29
CA PRO C 262 35.26 8.21 67.01
C PRO C 262 35.16 7.76 65.56
N GLY C 263 34.55 6.59 65.37
CA GLY C 263 34.40 6.02 64.05
C GLY C 263 35.65 5.39 63.47
N ALA C 264 36.70 5.20 64.27
CA ALA C 264 37.97 4.68 63.76
C ALA C 264 38.19 3.21 64.08
N HIS C 265 37.51 2.65 65.08
CA HIS C 265 37.79 1.30 65.52
C HIS C 265 37.13 0.27 64.63
N THR C 266 37.38 0.34 63.32
CA THR C 266 36.83 -0.60 62.36
C THR C 266 37.92 -0.99 61.37
N ALA C 267 37.75 -2.17 60.76
CA ALA C 267 38.71 -2.66 59.78
C ALA C 267 38.42 -2.07 58.41
N THR C 268 37.35 -1.27 58.32
CA THR C 268 36.99 -0.60 57.08
C THR C 268 36.84 0.88 57.35
N ILE C 269 37.08 1.67 56.31
CA ILE C 269 37.00 3.13 56.40
C ILE C 269 36.19 3.65 55.23
N LYS C 270 35.32 4.62 55.50
CA LYS C 270 34.57 5.26 54.42
C LYS C 270 35.53 6.01 53.50
N TYR C 271 35.16 6.08 52.22
CA TYR C 271 36.03 6.72 51.25
C TYR C 271 36.22 8.19 51.57
N THR C 272 35.25 8.81 52.24
CA THR C 272 35.37 10.23 52.60
C THR C 272 36.48 10.44 53.62
N SER C 273 36.60 9.55 54.60
CA SER C 273 37.62 9.73 55.63
C SER C 273 39.02 9.50 55.08
N ALA C 274 39.20 8.44 54.29
CA ALA C 274 40.49 8.22 53.63
C ALA C 274 40.80 9.36 52.67
N LEU C 275 39.78 9.91 52.03
CA LEU C 275 39.96 11.07 51.16
C LEU C 275 40.43 12.29 51.95
N THR C 276 39.86 12.50 53.15
CA THR C 276 40.32 13.58 54.01
C THR C 276 41.77 13.36 54.45
N TYR C 277 42.13 12.13 54.78
CA TYR C 277 43.51 11.81 55.16
C TYR C 277 44.47 12.12 54.01
N ASP C 278 44.10 11.71 52.79
CA ASP C 278 44.90 12.05 51.63
C ASP C 278 44.94 13.55 51.39
N ALA C 279 43.89 14.26 51.78
CA ALA C 279 43.91 15.73 51.68
C ALA C 279 44.99 16.31 52.60
N VAL C 280 45.11 15.78 53.82
CA VAL C 280 46.18 16.23 54.70
C VAL C 280 47.54 15.92 54.10
N GLN C 281 47.69 14.70 53.55
CA GLN C 281 48.96 14.33 52.91
C GLN C 281 49.30 15.30 51.78
N VAL C 282 48.32 15.60 50.93
CA VAL C 282 48.54 16.48 49.79
C VAL C 282 48.91 17.89 50.26
N MET C 283 48.23 18.37 51.30
CA MET C 283 48.42 19.75 51.71
C MET C 283 49.81 19.89 52.33
N THR C 284 50.21 18.90 53.15
CA THR C 284 51.55 18.90 53.72
C THR C 284 52.62 18.83 52.62
N GLU C 285 52.40 17.99 51.61
CA GLU C 285 53.33 17.94 50.48
C GLU C 285 53.39 19.28 49.75
N ALA C 286 52.26 19.99 49.69
CA ALA C 286 52.24 21.31 49.05
C ALA C 286 53.10 22.30 49.82
N PHE C 287 52.99 22.30 51.14
CA PHE C 287 53.88 23.18 51.91
C PHE C 287 55.34 22.75 51.80
N ARG C 288 55.60 21.45 51.73
CA ARG C 288 56.99 20.99 51.55
C ARG C 288 57.55 21.49 50.23
N ASN C 289 56.75 21.41 49.16
CA ASN C 289 57.20 21.92 47.86
C ASN C 289 57.40 23.43 47.91
N LEU C 290 56.48 24.15 48.56
CA LEU C 290 56.62 25.60 48.64
C LEU C 290 57.88 25.99 49.42
N ARG C 291 58.17 25.30 50.51
CA ARG C 291 59.39 25.58 51.27
C ARG C 291 60.64 25.19 50.50
N LYS C 292 60.55 24.15 49.66
CA LYS C 292 61.70 23.78 48.84
C LYS C 292 62.08 24.91 47.89
N GLN C 293 61.09 25.57 47.29
CA GLN C 293 61.36 26.72 46.42
C GLN C 293 61.65 27.99 47.21
N ARG C 294 61.45 27.97 48.53
CA ARG C 294 61.71 29.11 49.41
C ARG C 294 60.83 30.31 49.02
N ILE C 295 59.53 30.07 48.92
CA ILE C 295 58.58 31.16 48.67
C ILE C 295 58.14 31.75 50.00
N GLU C 296 58.24 33.08 50.12
CA GLU C 296 57.95 33.78 51.37
C GLU C 296 56.45 34.08 51.44
N ILE C 297 55.70 33.14 52.02
CA ILE C 297 54.29 33.35 52.29
C ILE C 297 54.15 34.26 53.50
N SER C 298 53.60 35.45 53.30
CA SER C 298 53.55 36.46 54.36
C SER C 298 52.19 37.13 54.47
N ARG C 299 51.11 36.36 54.39
CA ARG C 299 49.78 36.95 54.57
C ARG C 299 49.58 37.32 56.04
N ARG C 300 49.07 38.53 56.26
CA ARG C 300 48.86 39.01 57.63
C ARG C 300 47.71 38.23 58.28
N GLY C 301 47.83 38.03 59.59
CA GLY C 301 46.78 37.33 60.32
C GLY C 301 45.48 38.09 60.34
N ASN C 302 45.55 39.40 60.57
CA ASN C 302 44.36 40.26 60.59
C ASN C 302 44.02 40.65 59.15
N ALA C 303 43.47 39.68 58.43
CA ALA C 303 43.16 39.87 57.01
C ALA C 303 42.03 40.88 56.79
N GLY C 304 41.27 41.22 57.80
CA GLY C 304 40.19 42.17 57.66
C GLY C 304 38.89 41.52 57.23
N ASP C 305 37.92 42.38 56.93
CA ASP C 305 36.59 41.91 56.55
C ASP C 305 36.64 41.15 55.23
N CYS C 306 35.85 40.07 55.16
CA CYS C 306 35.78 39.30 53.93
C CYS C 306 35.02 40.03 52.84
N LEU C 307 34.18 41.00 53.23
CA LEU C 307 33.32 41.71 52.28
C LEU C 307 33.88 43.08 51.90
N ALA C 308 35.20 43.20 51.76
CA ALA C 308 35.80 44.46 51.36
C ALA C 308 35.29 44.89 49.99
N ASN C 309 35.05 46.19 49.84
CA ASN C 309 34.49 46.75 48.61
C ASN C 309 35.42 47.85 48.13
N PRO C 310 36.21 47.61 47.08
CA PRO C 310 36.35 46.34 46.33
C PRO C 310 37.15 45.30 47.10
N ALA C 311 36.96 44.01 46.80
CA ALA C 311 37.69 42.95 47.48
C ALA C 311 39.11 42.91 46.96
N VAL C 312 40.08 43.15 47.84
CA VAL C 312 41.49 43.16 47.45
C VAL C 312 41.94 41.72 47.21
N PRO C 313 42.69 41.46 46.14
CA PRO C 313 43.25 40.11 45.95
C PRO C 313 44.44 39.86 46.86
N TRP C 314 45.04 38.67 46.76
CA TRP C 314 46.24 38.35 47.52
C TRP C 314 47.28 37.79 46.56
N GLY C 315 48.53 38.18 46.74
CA GLY C 315 49.59 37.81 45.83
C GLY C 315 50.01 36.36 45.88
N GLN C 316 50.40 35.88 47.07
CA GLN C 316 50.96 34.55 47.21
C GLN C 316 49.91 33.45 47.12
N GLY C 317 48.62 33.79 47.08
CA GLY C 317 47.60 32.78 46.92
C GLY C 317 47.72 32.05 45.59
N VAL C 318 48.10 32.76 44.53
CA VAL C 318 48.31 32.13 43.23
C VAL C 318 49.42 31.10 43.30
N GLU C 319 50.54 31.46 43.96
CA GLU C 319 51.64 30.53 44.13
C GLU C 319 51.25 29.34 44.99
N ILE C 320 50.45 29.55 46.03
CA ILE C 320 49.98 28.45 46.86
C ILE C 320 49.11 27.49 46.05
N GLU C 321 48.22 28.04 45.22
CA GLU C 321 47.40 27.21 44.36
C GLU C 321 48.25 26.43 43.36
N ARG C 322 49.27 27.09 42.79
CA ARG C 322 50.17 26.40 41.87
C ARG C 322 50.90 25.25 42.56
N ALA C 323 51.39 25.49 43.78
CA ALA C 323 52.07 24.44 44.52
C ALA C 323 51.12 23.29 44.82
N LEU C 324 49.88 23.59 45.20
CA LEU C 324 48.90 22.54 45.46
C LEU C 324 48.62 21.72 44.21
N LYS C 325 48.49 22.38 43.06
CA LYS C 325 48.25 21.65 41.82
C LYS C 325 49.47 20.86 41.37
N GLN C 326 50.66 21.27 41.81
CA GLN C 326 51.88 20.55 41.47
C GLN C 326 52.04 19.26 42.27
N VAL C 327 51.19 19.03 43.27
CA VAL C 327 51.38 17.90 44.17
C VAL C 327 50.99 16.59 43.49
N GLN C 328 51.87 15.59 43.60
CA GLN C 328 51.58 14.23 43.20
C GLN C 328 52.10 13.29 44.28
N VAL C 329 51.18 12.60 44.96
CA VAL C 329 51.54 11.76 46.10
C VAL C 329 50.80 10.44 46.00
N GLU C 330 51.31 9.44 46.72
CA GLU C 330 50.67 8.14 46.84
C GLU C 330 49.96 8.06 48.18
N GLY C 331 48.71 7.63 48.17
CA GLY C 331 47.94 7.56 49.39
C GLY C 331 46.94 6.44 49.43
N LEU C 332 45.95 6.55 50.33
CA LEU C 332 44.93 5.51 50.45
C LEU C 332 44.07 5.42 49.20
N SER C 333 43.73 6.56 48.59
CA SER C 333 42.86 6.61 47.42
C SER C 333 43.65 6.53 46.11
N GLY C 334 44.83 5.93 46.13
CA GLY C 334 45.59 5.75 44.90
C GLY C 334 46.36 6.99 44.50
N ASN C 335 47.08 6.88 43.38
CA ASN C 335 47.88 7.99 42.88
C ASN C 335 46.97 9.11 42.37
N ILE C 336 47.40 10.36 42.60
CA ILE C 336 46.62 11.52 42.21
C ILE C 336 47.51 12.46 41.42
N LYS C 337 46.89 13.24 40.52
CA LYS C 337 47.53 14.35 39.85
C LYS C 337 46.47 15.44 39.63
N PHE C 338 46.94 16.69 39.58
CA PHE C 338 46.05 17.82 39.38
C PHE C 338 46.32 18.50 38.05
N ASP C 339 45.25 18.88 37.37
CA ASP C 339 45.32 19.60 36.11
C ASP C 339 45.42 21.10 36.38
N GLN C 340 45.24 21.90 35.31
CA GLN C 340 45.28 23.35 35.44
C GLN C 340 44.13 23.89 36.28
N ASN C 341 42.97 23.26 36.23
CA ASN C 341 41.80 23.74 36.98
C ASN C 341 41.67 23.10 38.35
N GLY C 342 42.63 22.27 38.76
CA GLY C 342 42.57 21.63 40.05
C GLY C 342 41.83 20.30 40.08
N LYS C 343 41.28 19.87 38.94
CA LYS C 343 40.61 18.58 38.88
C LYS C 343 41.61 17.45 39.02
N ARG C 344 41.21 16.40 39.75
CA ARG C 344 42.08 15.25 39.91
C ARG C 344 42.15 14.44 38.62
N ILE C 345 43.38 14.14 38.20
CA ILE C 345 43.64 13.35 37.00
C ILE C 345 44.58 12.21 37.37
N ASN C 346 44.80 11.32 36.40
CA ASN C 346 45.66 10.14 36.53
C ASN C 346 45.16 9.16 37.59
N TYR C 347 43.90 9.27 38.00
CA TYR C 347 43.37 8.32 38.98
C TYR C 347 42.90 7.04 38.29
N THR C 348 42.84 5.97 39.06
CA THR C 348 42.34 4.70 38.55
C THR C 348 41.32 4.17 39.55
N ILE C 349 40.11 3.91 39.08
CA ILE C 349 38.99 3.52 39.92
C ILE C 349 38.75 2.02 39.76
N ASN C 350 38.66 1.32 40.88
CA ASN C 350 38.41 -0.12 40.86
C ASN C 350 36.93 -0.40 40.82
N ILE C 351 36.57 -1.51 40.15
CA ILE C 351 35.20 -1.97 40.03
C ILE C 351 35.15 -3.39 40.60
N MET C 352 34.19 -3.65 41.47
CA MET C 352 34.06 -4.95 42.11
C MET C 352 32.59 -5.37 42.17
N GLU C 353 32.38 -6.68 42.23
CA GLU C 353 31.05 -7.27 42.22
C GLU C 353 30.84 -8.08 43.49
N LEU C 354 29.65 -7.95 44.08
CA LEU C 354 29.30 -8.74 45.26
C LEU C 354 28.99 -10.16 44.83
N LYS C 355 29.74 -11.12 45.39
CA LYS C 355 29.69 -12.50 44.91
C LYS C 355 29.89 -13.42 46.11
N THR C 356 30.20 -14.69 45.82
CA THR C 356 30.36 -15.69 46.88
C THR C 356 31.50 -15.33 47.82
N ASN C 357 32.63 -14.86 47.28
CA ASN C 357 33.79 -14.49 48.07
C ASN C 357 33.77 -13.04 48.51
N GLY C 358 32.58 -12.43 48.60
CA GLY C 358 32.47 -11.05 48.99
C GLY C 358 32.56 -10.11 47.81
N PRO C 359 32.74 -8.82 48.07
CA PRO C 359 32.87 -7.84 46.97
C PRO C 359 34.21 -7.97 46.27
N ARG C 360 34.37 -9.00 45.45
CA ARG C 360 35.63 -9.27 44.80
C ARG C 360 35.87 -8.31 43.64
N LYS C 361 37.10 -7.85 43.50
CA LYS C 361 37.47 -6.91 42.45
C LYS C 361 37.41 -7.59 41.09
N ILE C 362 36.88 -6.85 40.11
CA ILE C 362 36.62 -7.43 38.79
C ILE C 362 37.30 -6.62 37.69
N GLY C 363 37.75 -5.41 38.01
CA GLY C 363 38.41 -4.59 37.02
C GLY C 363 38.69 -3.19 37.53
N TYR C 364 39.26 -2.39 36.64
CA TYR C 364 39.65 -1.01 36.93
C TYR C 364 39.35 -0.13 35.73
N TRP C 365 39.21 1.17 35.98
CA TRP C 365 38.91 2.14 34.94
C TRP C 365 39.76 3.38 35.13
N SER C 366 40.08 4.06 34.03
CA SER C 366 40.88 5.27 34.04
C SER C 366 40.36 6.24 33.00
N GLU C 367 40.68 7.53 33.19
CA GLU C 367 40.24 8.56 32.25
C GLU C 367 41.03 8.51 30.95
N VAL C 368 42.26 8.02 30.97
CA VAL C 368 43.07 7.82 29.76
C VAL C 368 43.16 6.36 29.38
N ASP C 369 42.48 5.47 30.10
CA ASP C 369 42.47 4.04 29.79
C ASP C 369 41.09 3.50 30.17
N LYS C 370 40.29 3.17 29.17
CA LYS C 370 38.95 2.67 29.44
C LYS C 370 39.03 1.33 30.17
N MET C 371 37.92 0.98 30.83
CA MET C 371 37.93 -0.10 31.81
C MET C 371 38.38 -1.41 31.20
N VAL C 372 39.31 -2.08 31.88
CA VAL C 372 39.85 -3.36 31.46
C VAL C 372 39.64 -4.34 32.61
N LEU C 373 38.89 -5.41 32.35
CA LEU C 373 38.66 -6.43 33.37
C LEU C 373 39.97 -7.15 33.68
N THR C 374 40.12 -7.52 34.95
CA THR C 374 41.36 -8.14 35.42
C THR C 374 41.05 -9.50 36.02
N GLU C 375 42.04 -10.38 36.00
CA GLU C 375 41.92 -11.75 36.49
C GLU C 375 43.10 -12.09 37.38
N ASP C 376 43.42 -11.22 38.33
CA ASP C 376 44.60 -11.42 39.16
C ASP C 376 44.46 -12.65 40.06
N ASP C 377 43.33 -12.79 40.75
CA ASP C 377 43.17 -13.88 41.70
C ASP C 377 41.70 -14.26 41.77
N THR C 378 41.47 -15.53 42.11
CA THR C 378 40.12 -16.06 42.28
C THR C 378 40.17 -17.19 43.30
N SER C 379 39.05 -17.37 44.00
CA SER C 379 38.98 -18.41 45.02
C SER C 379 38.81 -19.81 44.43
N GLY C 380 38.35 -19.91 43.19
CA GLY C 380 38.14 -21.21 42.59
C GLY C 380 37.51 -21.07 41.22
N LEU C 381 37.02 -22.20 40.71
CA LEU C 381 36.44 -22.27 39.38
C LEU C 381 35.14 -23.05 39.43
N GLU C 382 34.27 -22.77 38.46
CA GLU C 382 33.00 -23.46 38.28
C GLU C 382 32.11 -23.33 39.52
N GLN C 383 31.85 -22.09 39.91
CA GLN C 383 30.97 -21.83 41.06
C GLN C 383 29.51 -21.70 40.65
N LYS C 384 29.24 -20.96 39.57
CA LYS C 384 27.88 -20.74 39.14
C LYS C 384 27.30 -22.00 38.49
N THR C 385 25.97 -22.07 38.49
CA THR C 385 25.24 -23.13 37.79
C THR C 385 24.34 -22.48 36.77
N VAL C 386 24.28 -23.07 35.57
CA VAL C 386 23.49 -22.50 34.48
C VAL C 386 22.04 -22.93 34.65
N VAL C 387 21.14 -21.95 34.79
CA VAL C 387 19.72 -22.23 34.96
C VAL C 387 19.13 -22.50 33.58
N VAL C 388 18.73 -23.75 33.34
CA VAL C 388 18.20 -24.16 32.04
C VAL C 388 16.69 -24.25 32.16
N THR C 389 15.97 -23.32 31.54
CA THR C 389 14.53 -23.40 31.46
C THR C 389 14.14 -24.32 30.32
N THR C 390 13.11 -25.14 30.54
CA THR C 390 12.69 -26.11 29.54
C THR C 390 11.20 -26.31 29.66
N ILE C 391 10.59 -26.78 28.57
CA ILE C 391 9.15 -26.94 28.46
C ILE C 391 8.85 -28.42 28.22
N LEU C 392 7.70 -28.87 28.72
CA LEU C 392 7.29 -30.25 28.53
C LEU C 392 6.66 -30.42 27.14
N GLU C 393 7.35 -31.12 26.25
CA GLU C 393 6.84 -31.38 24.91
C GLU C 393 7.43 -32.69 24.42
N SER C 394 6.57 -33.60 23.98
CA SER C 394 7.03 -34.93 23.60
C SER C 394 7.76 -34.88 22.26
N PRO C 395 8.92 -35.55 22.15
CA PRO C 395 9.64 -36.30 23.17
C PRO C 395 10.84 -35.51 23.71
N TYR C 396 10.70 -34.20 23.88
CA TYR C 396 11.85 -33.38 24.24
C TYR C 396 12.13 -33.46 25.73
N VAL C 397 11.14 -33.14 26.55
CA VAL C 397 11.25 -33.20 28.01
C VAL C 397 10.01 -33.88 28.56
N MET C 398 10.21 -34.98 29.30
CA MET C 398 9.14 -35.64 30.00
C MET C 398 9.57 -35.94 31.43
N MET C 399 8.59 -36.02 32.33
CA MET C 399 8.87 -36.44 33.69
C MET C 399 9.32 -37.89 33.69
N LYS C 400 10.31 -38.20 34.52
CA LYS C 400 10.77 -39.58 34.65
C LYS C 400 9.67 -40.42 35.28
N LYS C 401 9.69 -41.73 35.01
CA LYS C 401 8.66 -42.61 35.53
C LYS C 401 8.59 -42.55 37.05
N ASN C 402 9.74 -42.32 37.70
CA ASN C 402 9.80 -42.12 39.14
C ASN C 402 10.05 -40.66 39.52
N HIS C 403 9.52 -39.70 38.75
CA HIS C 403 9.78 -38.29 39.02
C HIS C 403 9.21 -37.86 40.36
N GLU C 404 8.14 -38.51 40.82
CA GLU C 404 7.58 -38.21 42.13
C GLU C 404 8.52 -38.58 43.26
N MET C 405 9.48 -39.49 43.01
CA MET C 405 10.46 -39.89 44.00
C MET C 405 11.87 -39.39 43.69
N LEU C 406 12.19 -39.13 42.43
CA LEU C 406 13.51 -38.64 42.08
C LEU C 406 13.64 -37.15 42.42
N GLU C 407 14.87 -36.68 42.46
CA GLU C 407 15.17 -35.30 42.84
C GLU C 407 16.19 -34.73 41.87
N GLY C 408 16.08 -33.44 41.61
CA GLY C 408 17.02 -32.79 40.71
C GLY C 408 16.70 -33.05 39.25
N ASN C 409 17.75 -33.04 38.42
CA ASN C 409 17.57 -33.22 36.99
C ASN C 409 17.27 -34.67 36.62
N GLU C 410 17.38 -35.60 37.57
CA GLU C 410 17.03 -36.99 37.28
C GLU C 410 15.54 -37.17 36.98
N ARG C 411 14.72 -36.16 37.28
CA ARG C 411 13.28 -36.23 37.07
C ARG C 411 12.88 -36.13 35.61
N TYR C 412 13.79 -35.77 34.70
CA TYR C 412 13.43 -35.48 33.33
C TYR C 412 14.22 -36.34 32.36
N GLU C 413 13.62 -36.60 31.21
CA GLU C 413 14.23 -37.38 30.14
C GLU C 413 13.65 -36.93 28.81
N GLY C 414 14.38 -37.22 27.74
CA GLY C 414 13.96 -36.86 26.40
C GLY C 414 15.13 -36.40 25.55
N TYR C 415 14.78 -35.91 24.35
CA TYR C 415 15.79 -35.38 23.43
C TYR C 415 16.48 -34.16 24.02
N CYS C 416 15.71 -33.24 24.60
CA CYS C 416 16.29 -32.02 25.15
C CYS C 416 17.13 -32.27 26.40
N VAL C 417 16.74 -33.23 27.25
CA VAL C 417 17.55 -33.54 28.42
C VAL C 417 18.90 -34.10 28.00
N ASP C 418 18.92 -35.04 27.05
CA ASP C 418 20.17 -35.60 26.58
C ASP C 418 21.02 -34.55 25.87
N LEU C 419 20.37 -33.68 25.08
CA LEU C 419 21.09 -32.60 24.43
C LEU C 419 21.71 -31.65 25.45
N ALA C 420 20.97 -31.32 26.52
CA ALA C 420 21.52 -30.48 27.58
C ALA C 420 22.70 -31.15 28.26
N ALA C 421 22.60 -32.46 28.51
CA ALA C 421 23.72 -33.18 29.09
C ALA C 421 24.96 -33.13 28.19
N GLU C 422 24.76 -33.34 26.89
CA GLU C 422 25.89 -33.28 25.96
C GLU C 422 26.49 -31.88 25.89
N ILE C 423 25.64 -30.85 25.88
CA ILE C 423 26.12 -29.47 25.84
C ILE C 423 26.92 -29.14 27.10
N ALA C 424 26.43 -29.57 28.26
CA ALA C 424 27.15 -29.36 29.50
C ALA C 424 28.49 -30.09 29.51
N LYS C 425 28.51 -31.32 28.99
CA LYS C 425 29.76 -32.06 28.91
C LYS C 425 30.77 -31.37 27.99
N HIS C 426 30.30 -30.88 26.83
CA HIS C 426 31.21 -30.27 25.87
C HIS C 426 31.73 -28.93 26.38
N CYS C 427 30.84 -28.07 26.86
CA CYS C 427 31.28 -26.75 27.32
C CYS C 427 31.95 -26.82 28.69
N GLY C 428 31.46 -27.68 29.58
CA GLY C 428 32.06 -27.85 30.89
C GLY C 428 31.34 -27.16 32.03
N PHE C 429 30.12 -26.67 31.82
CA PHE C 429 29.39 -26.01 32.89
C PHE C 429 28.42 -26.97 33.57
N LYS C 430 28.06 -26.64 34.81
CA LYS C 430 26.98 -27.33 35.50
C LYS C 430 25.65 -26.65 35.20
N TYR C 431 24.59 -27.44 35.10
CA TYR C 431 23.31 -26.93 34.66
C TYR C 431 22.20 -27.44 35.58
N LYS C 432 21.11 -26.67 35.62
CA LYS C 432 19.92 -27.04 36.39
C LYS C 432 18.70 -26.89 35.48
N LEU C 433 18.07 -28.00 35.15
CA LEU C 433 16.88 -27.98 34.29
C LEU C 433 15.66 -27.54 35.09
N THR C 434 14.98 -26.52 34.59
CA THR C 434 13.81 -25.96 35.27
C THR C 434 12.62 -25.94 34.30
N ILE C 435 11.44 -26.27 34.81
CA ILE C 435 10.23 -26.23 34.01
C ILE C 435 9.72 -24.80 33.97
N VAL C 436 9.30 -24.35 32.79
CA VAL C 436 8.85 -22.98 32.59
C VAL C 436 7.57 -22.73 33.38
N GLY C 437 7.54 -21.64 34.15
CA GLY C 437 6.37 -21.36 34.97
C GLY C 437 5.17 -20.88 34.17
N ASP C 438 5.42 -20.15 33.08
CA ASP C 438 4.33 -19.67 32.24
C ASP C 438 3.64 -20.79 31.47
N GLY C 439 4.39 -21.75 30.94
CA GLY C 439 3.82 -22.83 30.17
C GLY C 439 3.74 -22.53 28.68
N LYS C 440 3.83 -21.26 28.33
CA LYS C 440 3.77 -20.84 26.94
C LYS C 440 5.15 -20.90 26.30
N TYR C 441 5.18 -21.09 24.98
CA TYR C 441 6.45 -21.14 24.26
C TYR C 441 7.08 -19.75 24.17
N GLY C 442 6.28 -18.74 23.82
CA GLY C 442 6.80 -17.38 23.79
C GLY C 442 6.30 -16.53 22.64
N ALA C 443 5.85 -15.32 22.96
CA ALA C 443 5.45 -14.34 21.97
C ALA C 443 5.40 -12.97 22.64
N ARG C 444 5.49 -11.92 21.84
CA ARG C 444 5.42 -10.56 22.35
C ARG C 444 3.95 -10.13 22.43
N ASP C 445 3.49 -9.82 23.65
CA ASP C 445 2.09 -9.50 23.85
C ASP C 445 1.75 -8.17 23.19
N ALA C 446 0.53 -8.08 22.66
CA ALA C 446 0.09 -6.89 21.94
C ALA C 446 -0.03 -5.69 22.87
N ASP C 447 0.42 -4.54 22.38
CA ASP C 447 0.27 -3.24 23.06
C ASP C 447 1.10 -3.14 24.33
N THR C 448 1.80 -4.21 24.70
CA THR C 448 2.64 -4.17 25.89
C THR C 448 4.09 -4.54 25.58
N LYS C 449 4.32 -5.29 24.51
CA LYS C 449 5.65 -5.77 24.09
C LYS C 449 6.32 -6.62 25.16
N ILE C 450 5.56 -7.17 26.11
CA ILE C 450 6.14 -8.04 27.13
C ILE C 450 6.21 -9.45 26.59
N TRP C 451 7.43 -9.98 26.47
CA TRP C 451 7.62 -11.34 25.99
C TRP C 451 7.23 -12.32 27.09
N ASN C 452 6.44 -13.32 26.72
CA ASN C 452 6.06 -14.34 27.69
C ASN C 452 6.81 -15.65 27.40
N GLY C 453 6.64 -16.62 28.28
CA GLY C 453 7.24 -17.92 28.09
C GLY C 453 8.76 -17.90 28.08
N MET C 454 9.32 -18.63 27.11
CA MET C 454 10.77 -18.80 27.05
C MET C 454 11.49 -17.50 26.79
N VAL C 455 11.01 -16.69 25.85
CA VAL C 455 11.66 -15.42 25.55
C VAL C 455 11.58 -14.49 26.74
N GLY C 456 10.45 -14.52 27.45
CA GLY C 456 10.34 -13.71 28.65
C GLY C 456 11.31 -14.14 29.74
N GLU C 457 11.44 -15.44 29.95
CA GLU C 457 12.38 -15.94 30.95
C GLU C 457 13.81 -15.58 30.59
N LEU C 458 14.15 -15.66 29.30
CA LEU C 458 15.52 -15.37 28.87
C LEU C 458 15.82 -13.87 28.95
N VAL C 459 14.90 -13.03 28.47
CA VAL C 459 15.16 -11.60 28.37
C VAL C 459 15.24 -10.96 29.76
N TYR C 460 14.31 -11.30 30.64
CA TYR C 460 14.20 -10.65 31.94
C TYR C 460 15.12 -11.26 32.99
N GLY C 461 16.17 -11.96 32.57
CA GLY C 461 17.18 -12.44 33.49
C GLY C 461 16.82 -13.63 34.33
N LYS C 462 15.71 -14.30 34.03
CA LYS C 462 15.31 -15.45 34.85
C LYS C 462 16.15 -16.68 34.55
N ALA C 463 16.55 -16.88 33.28
CA ALA C 463 17.27 -18.07 32.87
C ALA C 463 18.53 -17.68 32.10
N ASP C 464 19.55 -18.53 32.20
CA ASP C 464 20.81 -18.33 31.50
C ASP C 464 20.87 -19.01 30.14
N ILE C 465 20.09 -20.08 29.94
CA ILE C 465 20.03 -20.76 28.66
C ILE C 465 18.68 -21.47 28.58
N ALA C 466 18.24 -21.77 27.36
CA ALA C 466 16.99 -22.47 27.11
C ALA C 466 17.26 -23.57 26.10
N ILE C 467 17.66 -24.74 26.59
CA ILE C 467 17.80 -25.93 25.75
C ILE C 467 16.43 -26.58 25.64
N ALA C 468 15.68 -26.19 24.61
CA ALA C 468 14.27 -26.54 24.50
C ALA C 468 13.87 -26.45 23.03
N PRO C 469 12.72 -27.05 22.66
CA PRO C 469 12.29 -26.97 21.25
C PRO C 469 11.85 -25.57 20.84
N LEU C 470 12.81 -24.65 20.72
CA LEU C 470 12.50 -23.28 20.33
C LEU C 470 12.79 -23.07 18.85
N THR C 471 11.79 -22.59 18.12
CA THR C 471 11.97 -22.33 16.70
C THR C 471 12.64 -20.97 16.49
N ILE C 472 13.70 -20.94 15.68
CA ILE C 472 14.39 -19.70 15.41
C ILE C 472 13.55 -18.84 14.47
N THR C 473 13.17 -17.66 14.94
CA THR C 473 12.38 -16.72 14.15
C THR C 473 13.05 -15.36 14.18
N LEU C 474 12.76 -14.56 13.15
CA LEU C 474 13.35 -13.23 13.05
C LEU C 474 12.92 -12.34 14.20
N VAL C 475 11.64 -12.41 14.59
CA VAL C 475 11.12 -11.58 15.66
C VAL C 475 11.69 -11.95 17.02
N ARG C 476 12.28 -13.12 17.17
CA ARG C 476 12.94 -13.53 18.41
C ARG C 476 14.44 -13.25 18.39
N GLU C 477 15.05 -13.22 17.20
CA GLU C 477 16.48 -12.96 17.11
C GLU C 477 16.85 -11.57 17.60
N GLU C 478 15.90 -10.64 17.58
CA GLU C 478 16.17 -9.27 18.02
C GLU C 478 16.30 -9.14 19.52
N VAL C 479 15.85 -10.13 20.30
CA VAL C 479 15.92 -10.06 21.75
C VAL C 479 16.70 -11.19 22.38
N ILE C 480 16.83 -12.36 21.74
CA ILE C 480 17.63 -13.46 22.27
C ILE C 480 18.47 -14.03 21.14
N ASP C 481 19.57 -14.68 21.52
CA ASP C 481 20.53 -15.22 20.57
C ASP C 481 20.34 -16.73 20.47
N PHE C 482 20.14 -17.22 19.24
CA PHE C 482 19.97 -18.64 19.00
C PHE C 482 21.28 -19.25 18.50
N SER C 483 21.42 -20.55 18.73
CA SER C 483 22.52 -21.30 18.14
C SER C 483 22.11 -21.77 16.75
N LYS C 484 23.09 -22.35 16.03
CA LYS C 484 22.81 -22.88 14.71
C LYS C 484 21.83 -24.04 14.81
N PRO C 485 20.95 -24.19 13.80
CA PRO C 485 19.88 -25.20 13.90
C PRO C 485 20.40 -26.62 14.17
N PHE C 486 20.08 -27.14 15.36
CA PHE C 486 20.45 -28.50 15.70
C PHE C 486 19.43 -29.51 15.17
N MET C 487 18.25 -29.05 14.77
CA MET C 487 17.25 -29.90 14.15
C MET C 487 16.32 -29.01 13.32
N SER C 488 15.84 -29.56 12.20
CA SER C 488 15.03 -28.80 11.26
C SER C 488 13.69 -29.51 11.04
N LEU C 489 12.66 -28.72 10.75
CA LEU C 489 11.30 -29.24 10.61
C LEU C 489 10.48 -28.21 9.84
N GLY C 490 9.15 -28.43 9.81
CA GLY C 490 8.24 -27.49 9.20
C GLY C 490 6.85 -27.66 9.78
N ILE C 491 5.99 -26.69 9.46
CA ILE C 491 4.60 -26.76 9.89
C ILE C 491 3.88 -27.85 9.12
N SER C 492 3.15 -28.70 9.86
CA SER C 492 2.46 -29.83 9.25
C SER C 492 1.00 -29.80 9.68
N ILE C 493 0.24 -30.76 9.15
CA ILE C 493 -1.21 -30.83 9.33
C ILE C 493 -1.55 -32.13 10.02
N MET C 494 -2.41 -32.05 11.04
CA MET C 494 -2.86 -33.22 11.79
C MET C 494 -4.36 -33.38 11.59
N ILE C 495 -4.79 -34.61 11.29
CA ILE C 495 -6.20 -34.93 11.13
C ILE C 495 -6.43 -36.40 11.49
N LYS C 496 -7.60 -36.64 12.08
CA LYS C 496 -7.99 -37.98 12.49
C LYS C 496 -8.11 -38.88 11.27
N LYS C 497 -7.87 -40.18 11.46
CA LYS C 497 -7.94 -41.12 10.36
C LYS C 497 -9.35 -41.10 9.75
N PRO C 498 -9.47 -41.32 8.43
CA PRO C 498 -10.78 -41.22 7.77
C PRO C 498 -11.89 -41.94 8.51
N GLN C 499 -11.76 -43.27 8.66
CA GLN C 499 -12.74 -44.05 9.42
C GLN C 499 -12.24 -45.48 9.52
N LYS C 500 -12.70 -46.17 10.57
CA LYS C 500 -12.59 -47.63 10.64
C LYS C 500 -13.76 -48.25 9.87
N SER C 501 -13.89 -47.84 8.61
CA SER C 501 -15.03 -48.21 7.77
C SER C 501 -14.87 -49.63 7.25
N LYS C 502 -14.79 -50.56 8.15
CA LYS C 502 -14.76 -51.97 7.85
C LYS C 502 -16.16 -52.49 7.55
N PRO C 503 -16.35 -53.21 6.45
CA PRO C 503 -17.70 -53.66 6.10
C PRO C 503 -18.17 -54.73 7.07
N GLY C 504 -19.42 -54.60 7.53
CA GLY C 504 -19.98 -55.60 8.40
C GLY C 504 -20.08 -56.95 7.73
N VAL C 505 -20.31 -57.97 8.55
CA VAL C 505 -20.41 -59.32 8.01
C VAL C 505 -21.59 -59.41 7.05
N PHE C 506 -22.73 -58.86 7.43
CA PHE C 506 -23.92 -58.84 6.59
C PHE C 506 -24.09 -57.51 5.86
N SER C 507 -22.99 -56.91 5.40
CA SER C 507 -23.05 -55.65 4.68
C SER C 507 -23.71 -55.78 3.32
N PHE C 508 -23.98 -56.99 2.85
CA PHE C 508 -24.67 -57.14 1.57
C PHE C 508 -26.14 -56.78 1.65
N LEU C 509 -26.71 -56.74 2.86
CA LEU C 509 -28.10 -56.31 3.01
C LEU C 509 -28.21 -54.79 3.07
N ASP C 510 -27.07 -54.08 3.03
CA ASP C 510 -27.11 -52.65 3.24
C ASP C 510 -27.73 -51.84 2.11
N PRO C 511 -27.66 -52.21 0.83
CA PRO C 511 -28.24 -51.34 -0.21
C PRO C 511 -29.73 -51.11 -0.07
N LEU C 512 -30.45 -51.97 0.63
CA LEU C 512 -31.88 -51.83 0.85
C LEU C 512 -32.14 -51.74 2.34
N ALA C 513 -33.03 -50.83 2.74
CA ALA C 513 -33.30 -50.65 4.16
C ALA C 513 -33.88 -51.92 4.76
N TYR C 514 -33.78 -52.04 6.08
CA TYR C 514 -34.31 -53.21 6.79
C TYR C 514 -35.80 -53.39 6.51
N GLU C 515 -36.53 -52.29 6.35
CA GLU C 515 -37.96 -52.38 6.10
C GLU C 515 -38.24 -53.03 4.75
N ILE C 516 -37.42 -52.74 3.73
CA ILE C 516 -37.67 -53.35 2.43
C ILE C 516 -37.46 -54.85 2.50
N TRP C 517 -36.45 -55.32 3.24
CA TRP C 517 -36.26 -56.77 3.35
C TRP C 517 -37.39 -57.42 4.14
N MET C 518 -37.82 -56.78 5.22
CA MET C 518 -38.96 -57.32 5.97
C MET C 518 -40.20 -57.41 5.09
N CYS C 519 -40.49 -56.37 4.32
CA CYS C 519 -41.68 -56.39 3.49
C CYS C 519 -41.50 -57.29 2.27
N ILE C 520 -40.27 -57.53 1.83
CA ILE C 520 -40.04 -58.51 0.77
C ILE C 520 -40.38 -59.90 1.27
N VAL C 521 -39.97 -60.22 2.50
CA VAL C 521 -40.33 -61.52 3.07
C VAL C 521 -41.83 -61.64 3.20
N PHE C 522 -42.49 -60.58 3.68
CA PHE C 522 -43.95 -60.63 3.82
C PHE C 522 -44.64 -60.78 2.47
N ALA C 523 -44.18 -60.05 1.46
CA ALA C 523 -44.77 -60.16 0.13
C ALA C 523 -44.54 -61.53 -0.47
N TYR C 524 -43.37 -62.12 -0.23
CA TYR C 524 -43.11 -63.47 -0.68
C TYR C 524 -44.08 -64.47 -0.06
N ILE C 525 -44.29 -64.37 1.25
CA ILE C 525 -45.24 -65.27 1.91
C ILE C 525 -46.64 -65.05 1.37
N GLY C 526 -47.03 -63.80 1.19
CA GLY C 526 -48.37 -63.50 0.70
C GLY C 526 -48.59 -64.02 -0.71
N VAL C 527 -47.62 -63.81 -1.59
CA VAL C 527 -47.74 -64.29 -2.97
C VAL C 527 -47.78 -65.81 -3.01
N SER C 528 -46.94 -66.46 -2.19
CA SER C 528 -46.96 -67.92 -2.16
C SER C 528 -48.32 -68.45 -1.73
N VAL C 529 -48.88 -67.89 -0.65
CA VAL C 529 -50.16 -68.37 -0.16
C VAL C 529 -51.27 -68.09 -1.16
N VAL C 530 -51.27 -66.92 -1.79
CA VAL C 530 -52.31 -66.59 -2.77
C VAL C 530 -52.20 -67.48 -4.00
N LEU C 531 -50.98 -67.72 -4.47
CA LEU C 531 -50.80 -68.56 -5.65
C LEU C 531 -51.19 -70.00 -5.37
N PHE C 532 -51.05 -70.44 -4.12
CA PHE C 532 -51.63 -71.73 -3.75
C PHE C 532 -53.15 -71.67 -3.76
N LEU C 533 -53.72 -70.65 -3.12
CA LEU C 533 -55.17 -70.57 -2.98
C LEU C 533 -55.84 -70.49 -4.33
N VAL C 534 -55.31 -69.65 -5.22
CA VAL C 534 -55.92 -69.42 -6.52
C VAL C 534 -55.90 -70.69 -7.38
N SER C 535 -54.80 -71.41 -7.40
CA SER C 535 -54.66 -72.55 -8.29
C SER C 535 -55.22 -73.85 -7.74
N ARG C 536 -55.67 -73.87 -6.48
CA ARG C 536 -55.99 -75.14 -5.85
C ARG C 536 -57.31 -75.11 -5.07
N PHE C 537 -58.39 -74.62 -5.67
CA PHE C 537 -59.71 -74.89 -5.13
C PHE C 537 -60.64 -75.26 -6.29
N SER C 538 -61.68 -76.03 -5.96
CA SER C 538 -62.25 -77.00 -6.90
C SER C 538 -62.64 -76.34 -8.22
N PRO C 539 -62.44 -77.03 -9.36
CA PRO C 539 -62.80 -76.43 -10.65
C PRO C 539 -64.29 -76.46 -10.94
N TYR C 540 -65.04 -77.33 -10.30
CA TYR C 540 -66.48 -77.43 -10.51
C TYR C 540 -67.18 -76.12 -10.13
N SER C 541 -59.26 -84.53 -12.49
CA SER C 541 -59.96 -84.03 -11.31
C SER C 541 -59.52 -82.60 -10.98
N GLU C 542 -59.44 -82.28 -9.69
CA GLU C 542 -58.98 -80.97 -9.28
C GLU C 542 -57.47 -80.83 -9.41
N SER C 543 -56.73 -81.94 -9.30
CA SER C 543 -55.27 -81.90 -9.32
C SER C 543 -54.73 -81.83 -10.74
N THR C 544 -55.14 -80.81 -11.49
CA THR C 544 -54.69 -80.67 -12.88
C THR C 544 -53.36 -79.94 -13.00
N ASN C 545 -52.79 -79.46 -11.91
CA ASN C 545 -51.55 -78.69 -11.94
C ASN C 545 -50.71 -79.05 -10.72
N GLU C 546 -49.44 -78.66 -10.77
CA GLU C 546 -48.49 -79.04 -9.74
C GLU C 546 -48.29 -77.96 -8.68
N PHE C 547 -49.22 -77.03 -8.53
CA PHE C 547 -49.00 -75.93 -7.59
C PHE C 547 -49.57 -76.16 -6.21
N GLY C 548 -49.09 -77.17 -5.52
CA GLY C 548 -49.33 -77.26 -4.09
C GLY C 548 -48.68 -76.10 -3.35
N ILE C 549 -48.76 -76.13 -2.03
CA ILE C 549 -48.20 -75.04 -1.25
C ILE C 549 -46.69 -75.03 -1.32
N PHE C 550 -46.07 -76.22 -1.25
CA PHE C 550 -44.61 -76.30 -1.30
C PHE C 550 -44.09 -75.89 -2.68
N ASN C 551 -44.75 -76.35 -3.74
CA ASN C 551 -44.36 -75.93 -5.08
C ASN C 551 -44.65 -74.46 -5.29
N SER C 552 -45.68 -73.91 -4.66
CA SER C 552 -45.93 -72.48 -4.76
C SER C 552 -44.81 -71.67 -4.14
N LEU C 553 -44.36 -72.07 -2.94
CA LEU C 553 -43.25 -71.38 -2.30
C LEU C 553 -41.99 -71.48 -3.14
N TRP C 554 -41.72 -72.67 -3.71
CA TRP C 554 -40.55 -72.81 -4.56
C TRP C 554 -40.63 -71.95 -5.80
N PHE C 555 -41.80 -71.90 -6.44
CA PHE C 555 -41.93 -71.09 -7.65
C PHE C 555 -41.73 -69.62 -7.34
N SER C 556 -42.32 -69.12 -6.25
CA SER C 556 -42.16 -67.70 -5.95
C SER C 556 -40.74 -67.37 -5.54
N LEU C 557 -40.07 -68.27 -4.80
CA LEU C 557 -38.66 -68.04 -4.49
C LEU C 557 -37.79 -68.05 -5.73
N GLY C 558 -38.07 -68.95 -6.67
CA GLY C 558 -37.34 -68.93 -7.92
C GLY C 558 -37.62 -67.70 -8.74
N ALA C 559 -38.86 -67.20 -8.70
CA ALA C 559 -39.22 -66.01 -9.46
C ALA C 559 -38.53 -64.78 -8.88
N PHE C 560 -38.35 -64.73 -7.56
CA PHE C 560 -37.65 -63.59 -6.99
C PHE C 560 -36.18 -63.58 -7.38
N MET C 561 -35.50 -64.70 -7.23
CA MET C 561 -34.08 -64.77 -7.55
C MET C 561 -33.80 -64.72 -9.05
N GLN C 562 -34.84 -64.63 -9.88
CA GLN C 562 -34.72 -64.59 -11.33
C GLN C 562 -34.00 -65.83 -11.87
N GLN C 563 -34.22 -66.97 -11.22
CA GLN C 563 -33.63 -68.22 -11.65
C GLN C 563 -34.64 -69.15 -12.31
N GLY C 564 -35.89 -68.71 -12.47
CA GLY C 564 -36.88 -69.55 -13.08
C GLY C 564 -37.30 -70.69 -12.17
N CYS C 565 -37.98 -71.67 -12.76
CA CYS C 565 -38.49 -72.81 -12.02
C CYS C 565 -39.04 -73.82 -13.02
N ASP C 566 -39.36 -75.02 -12.52
CA ASP C 566 -39.77 -76.08 -13.43
C ASP C 566 -41.23 -75.98 -13.85
N ILE C 567 -42.00 -75.06 -13.26
CA ILE C 567 -43.42 -74.94 -13.55
C ILE C 567 -43.76 -73.47 -13.75
N SER C 568 -44.95 -73.23 -14.30
CA SER C 568 -45.48 -71.90 -14.52
C SER C 568 -47.00 -72.00 -14.45
N PRO C 569 -47.66 -71.02 -13.82
CA PRO C 569 -49.11 -71.11 -13.67
C PRO C 569 -49.79 -71.12 -15.03
N ARG C 570 -50.88 -71.88 -15.12
CA ARG C 570 -51.60 -72.03 -16.38
C ARG C 570 -52.99 -71.42 -16.39
N SER C 571 -53.61 -71.21 -15.24
CA SER C 571 -54.90 -70.55 -15.21
C SER C 571 -54.74 -69.06 -15.48
N LEU C 572 -55.86 -68.34 -15.46
CA LEU C 572 -55.80 -66.89 -15.64
C LEU C 572 -55.29 -66.22 -14.37
N SER C 573 -55.93 -66.50 -13.23
CA SER C 573 -55.60 -65.78 -12.01
C SER C 573 -54.23 -66.19 -11.48
N GLY C 574 -53.85 -67.45 -11.65
CA GLY C 574 -52.49 -67.84 -11.35
C GLY C 574 -51.49 -67.06 -12.17
N ARG C 575 -51.82 -66.80 -13.43
CA ARG C 575 -50.92 -66.02 -14.27
C ARG C 575 -50.91 -64.56 -13.88
N ILE C 576 -52.01 -64.03 -13.37
CA ILE C 576 -52.00 -62.65 -12.87
C ILE C 576 -51.06 -62.53 -11.67
N VAL C 577 -51.15 -63.49 -10.75
CA VAL C 577 -50.24 -63.48 -9.59
C VAL C 577 -48.80 -63.58 -10.07
N GLY C 578 -48.53 -64.51 -10.98
CA GLY C 578 -47.18 -64.64 -11.49
C GLY C 578 -46.67 -63.36 -12.11
N GLY C 579 -47.52 -62.69 -12.91
CA GLY C 579 -47.09 -61.49 -13.60
C GLY C 579 -46.78 -60.35 -12.65
N VAL C 580 -47.65 -60.14 -11.67
CA VAL C 580 -47.43 -59.03 -10.75
C VAL C 580 -46.21 -59.30 -9.87
N TRP C 581 -46.00 -60.56 -9.44
CA TRP C 581 -44.80 -60.89 -8.69
C TRP C 581 -43.55 -60.72 -9.53
N TRP C 582 -43.62 -61.06 -10.82
CA TRP C 582 -42.48 -60.85 -11.72
C TRP C 582 -42.13 -59.38 -11.82
N PHE C 583 -43.13 -58.52 -11.98
CA PHE C 583 -42.83 -57.09 -12.03
C PHE C 583 -42.21 -56.61 -10.73
N PHE C 584 -42.74 -57.07 -9.59
CA PHE C 584 -42.17 -56.64 -8.32
C PHE C 584 -40.72 -57.07 -8.19
N THR C 585 -40.40 -58.32 -8.56
CA THR C 585 -39.01 -58.75 -8.40
C THR C 585 -38.09 -58.04 -9.37
N LEU C 586 -38.57 -57.73 -10.59
CA LEU C 586 -37.74 -56.96 -11.51
C LEU C 586 -37.41 -55.60 -10.94
N ILE C 587 -38.41 -54.90 -10.40
CA ILE C 587 -38.17 -53.58 -9.84
C ILE C 587 -37.22 -53.66 -8.66
N ILE C 588 -37.40 -54.65 -7.78
CA ILE C 588 -36.58 -54.70 -6.56
C ILE C 588 -35.14 -55.06 -6.89
N ILE C 589 -34.92 -56.02 -7.81
CA ILE C 589 -33.55 -56.37 -8.16
C ILE C 589 -32.85 -55.22 -8.86
N SER C 590 -33.55 -54.53 -9.77
CA SER C 590 -32.95 -53.37 -10.42
C SER C 590 -32.60 -52.30 -9.40
N SER C 591 -33.47 -52.08 -8.42
CA SER C 591 -33.20 -51.07 -7.40
C SER C 591 -32.00 -51.46 -6.55
N TYR C 592 -31.88 -52.73 -6.21
CA TYR C 592 -30.72 -53.17 -5.42
C TYR C 592 -29.43 -52.96 -6.18
N THR C 593 -29.38 -53.38 -7.45
CA THR C 593 -28.17 -53.19 -8.23
C THR C 593 -27.84 -51.72 -8.38
N ALA C 594 -28.85 -50.89 -8.68
CA ALA C 594 -28.60 -49.47 -8.88
C ALA C 594 -28.11 -48.80 -7.61
N ASN C 595 -28.72 -49.12 -6.46
CA ASN C 595 -28.29 -48.51 -5.21
C ASN C 595 -26.90 -48.97 -4.80
N LEU C 596 -26.58 -50.26 -5.00
CA LEU C 596 -25.24 -50.72 -4.70
C LEU C 596 -24.20 -50.03 -5.57
N ALA C 597 -24.50 -49.85 -6.86
CA ALA C 597 -23.58 -49.12 -7.73
C ALA C 597 -23.45 -47.67 -7.29
N ALA C 598 -24.54 -47.07 -6.83
CA ALA C 598 -24.48 -45.69 -6.36
C ALA C 598 -23.55 -45.57 -5.16
N PHE C 599 -23.66 -46.50 -4.22
CA PHE C 599 -22.78 -46.46 -3.05
C PHE C 599 -21.33 -46.68 -3.45
N LEU C 600 -21.07 -47.71 -4.25
CA LEU C 600 -19.70 -48.01 -4.64
C LEU C 600 -19.10 -46.94 -5.53
N THR C 601 -19.93 -46.09 -6.14
CA THR C 601 -19.40 -44.95 -6.87
C THR C 601 -19.13 -43.75 -5.98
N VAL C 602 -20.15 -43.28 -5.24
CA VAL C 602 -19.93 -42.10 -4.41
C VAL C 602 -19.00 -42.38 -3.25
N GLU C 603 -18.61 -43.64 -3.04
CA GLU C 603 -17.59 -43.91 -2.04
C GLU C 603 -16.19 -43.64 -2.53
N ARG C 604 -16.07 -43.15 -3.77
CA ARG C 604 -14.74 -42.83 -4.34
C ARG C 604 -14.49 -41.32 -4.27
N MET C 605 -15.55 -40.49 -4.33
CA MET C 605 -15.39 -39.05 -4.35
C MET C 605 -15.06 -38.50 -2.96
N VAL C 606 -14.73 -39.39 -2.02
CA VAL C 606 -14.43 -39.00 -0.64
C VAL C 606 -13.30 -37.96 -0.62
N SER C 607 -12.22 -38.20 -1.36
CA SER C 607 -11.16 -37.21 -1.57
C SER C 607 -10.67 -36.61 -0.27
N PRO C 608 -9.87 -37.32 0.52
CA PRO C 608 -9.40 -36.79 1.80
C PRO C 608 -8.59 -35.50 1.62
N ILE C 609 -8.73 -34.62 2.61
CA ILE C 609 -8.13 -33.29 2.51
C ILE C 609 -6.62 -33.37 2.71
N GLU C 610 -5.91 -32.47 2.02
CA GLU C 610 -4.45 -32.40 2.10
C GLU C 610 -3.92 -31.07 1.58
N SER C 611 -2.61 -30.91 1.60
CA SER C 611 -1.90 -29.79 0.97
C SER C 611 -2.21 -28.45 1.61
N ALA C 612 -2.97 -28.45 2.70
CA ALA C 612 -3.28 -27.23 3.46
C ALA C 612 -4.14 -26.26 2.66
N GLU C 613 -4.46 -26.62 1.41
CA GLU C 613 -5.32 -25.76 0.59
C GLU C 613 -6.78 -26.16 0.73
N ASP C 614 -7.06 -27.44 0.96
CA ASP C 614 -8.42 -27.86 1.22
C ASP C 614 -8.96 -27.24 2.52
N LEU C 615 -8.09 -27.01 3.49
CA LEU C 615 -8.51 -26.33 4.72
C LEU C 615 -8.99 -24.92 4.44
N SER C 616 -8.27 -24.19 3.57
CA SER C 616 -8.71 -22.84 3.22
C SER C 616 -9.91 -22.86 2.28
N LYS C 617 -10.08 -23.94 1.51
CA LYS C 617 -11.14 -23.97 0.51
C LYS C 617 -12.51 -24.21 1.14
N GLN C 618 -12.60 -25.02 2.19
CA GLN C 618 -13.89 -25.34 2.78
C GLN C 618 -13.81 -25.13 4.30
N THR C 619 -14.98 -25.20 4.94
CA THR C 619 -15.09 -24.95 6.37
C THR C 619 -15.77 -26.11 7.11
N GLU C 620 -16.04 -27.22 6.42
CA GLU C 620 -16.63 -28.37 7.11
C GLU C 620 -15.69 -28.93 8.16
N ILE C 621 -14.40 -28.94 7.87
CA ILE C 621 -13.38 -29.45 8.79
C ILE C 621 -12.67 -28.25 9.42
N ALA C 622 -12.87 -28.06 10.72
CA ALA C 622 -12.25 -26.95 11.42
C ALA C 622 -10.80 -27.25 11.73
N TYR C 623 -10.02 -26.18 11.93
CA TYR C 623 -8.60 -26.32 12.24
C TYR C 623 -8.17 -25.19 13.16
N GLY C 624 -7.14 -25.44 13.95
CA GLY C 624 -6.67 -24.48 14.91
C GLY C 624 -5.16 -24.46 15.00
N THR C 625 -4.66 -23.73 15.99
CA THR C 625 -3.23 -23.52 16.12
C THR C 625 -2.91 -23.26 17.59
N LEU C 626 -1.75 -23.75 18.02
CA LEU C 626 -1.32 -23.59 19.40
C LEU C 626 -1.24 -22.11 19.78
N ASP C 627 -1.73 -21.78 20.96
CA ASP C 627 -1.71 -20.40 21.44
C ASP C 627 -0.30 -19.98 21.83
N SER C 628 0.05 -18.74 21.45
CA SER C 628 1.33 -18.12 21.80
C SER C 628 2.52 -18.86 21.19
N GLY C 629 2.24 -19.81 20.29
CA GLY C 629 3.31 -20.53 19.62
C GLY C 629 3.83 -19.77 18.41
N SER C 630 4.91 -20.29 17.82
CA SER C 630 5.46 -19.69 16.61
C SER C 630 4.59 -19.97 15.40
N THR C 631 3.73 -20.98 15.45
CA THR C 631 2.84 -21.26 14.33
C THR C 631 1.76 -20.19 14.21
N LYS C 632 1.23 -19.72 15.34
CA LYS C 632 0.26 -18.63 15.32
C LYS C 632 0.87 -17.37 14.73
N GLU C 633 2.09 -17.03 15.13
CA GLU C 633 2.77 -15.88 14.56
C GLU C 633 3.07 -16.09 13.08
N PHE C 634 3.42 -17.32 12.70
CA PHE C 634 3.68 -17.62 11.29
C PHE C 634 2.44 -17.39 10.44
N PHE C 635 1.27 -17.81 10.94
CA PHE C 635 0.03 -17.56 10.21
C PHE C 635 -0.33 -16.08 10.23
N ARG C 636 -0.01 -15.38 11.32
CA ARG C 636 -0.37 -13.96 11.42
C ARG C 636 0.44 -13.11 10.45
N ARG C 637 1.76 -13.37 10.37
CA ARG C 637 2.63 -12.52 9.57
C ARG C 637 2.57 -12.88 8.08
N SER C 638 2.32 -14.14 7.77
CA SER C 638 2.40 -14.61 6.38
C SER C 638 1.35 -13.93 5.51
N LYS C 639 1.77 -13.50 4.32
CA LYS C 639 0.89 -12.88 3.34
C LYS C 639 0.51 -13.82 2.21
N ILE C 640 0.87 -15.10 2.30
CA ILE C 640 0.50 -16.07 1.26
C ILE C 640 -1.00 -16.26 1.28
N ALA C 641 -1.60 -16.38 0.09
CA ALA C 641 -3.05 -16.35 -0.03
C ALA C 641 -3.72 -17.47 0.77
N VAL C 642 -3.20 -18.70 0.66
CA VAL C 642 -3.78 -19.80 1.41
C VAL C 642 -3.57 -19.61 2.91
N PHE C 643 -2.35 -19.24 3.31
CA PHE C 643 -2.07 -19.01 4.72
C PHE C 643 -2.87 -17.82 5.25
N ASP C 644 -3.00 -16.77 4.45
CA ASP C 644 -3.82 -15.62 4.85
C ASP C 644 -5.28 -16.02 5.03
N LYS C 645 -5.80 -16.88 4.13
CA LYS C 645 -7.19 -17.30 4.24
C LYS C 645 -7.41 -18.15 5.49
N MET C 646 -6.49 -19.07 5.77
CA MET C 646 -6.61 -19.86 6.99
C MET C 646 -6.49 -18.98 8.23
N TRP C 647 -5.59 -17.99 8.19
CA TRP C 647 -5.49 -17.03 9.28
C TRP C 647 -6.80 -16.28 9.50
N THR C 648 -7.41 -15.80 8.41
CA THR C 648 -8.66 -15.06 8.52
C THR C 648 -9.77 -15.93 9.10
N TYR C 649 -9.87 -17.17 8.62
CA TYR C 649 -10.91 -18.06 9.14
C TYR C 649 -10.69 -18.36 10.62
N MET C 650 -9.46 -18.72 11.01
CA MET C 650 -9.20 -19.08 12.39
C MET C 650 -9.33 -17.87 13.31
N ARG C 651 -9.12 -16.67 12.77
CA ARG C 651 -9.32 -15.46 13.56
C ARG C 651 -10.81 -15.13 13.71
N SER C 652 -11.61 -15.41 12.68
CA SER C 652 -13.04 -15.20 12.74
C SER C 652 -13.82 -16.39 13.29
N ALA C 653 -13.17 -17.54 13.48
CA ALA C 653 -13.87 -18.73 13.94
C ALA C 653 -14.22 -18.63 15.42
N GLU C 654 -15.42 -19.08 15.76
CA GLU C 654 -15.86 -19.20 17.14
C GLU C 654 -16.58 -20.53 17.30
N PRO C 655 -16.37 -21.23 18.43
CA PRO C 655 -15.53 -20.87 19.59
C PRO C 655 -14.04 -20.92 19.28
N SER C 656 -13.20 -20.44 20.20
CA SER C 656 -11.77 -20.33 19.95
C SER C 656 -11.17 -21.69 19.62
N VAL C 657 -10.41 -21.74 18.53
CA VAL C 657 -9.76 -22.97 18.12
C VAL C 657 -8.40 -23.15 18.78
N PHE C 658 -7.90 -22.13 19.47
CA PHE C 658 -6.60 -22.20 20.11
C PHE C 658 -6.63 -23.17 21.28
N VAL C 659 -5.48 -23.78 21.56
CA VAL C 659 -5.30 -24.67 22.71
C VAL C 659 -4.14 -24.14 23.53
N ARG C 660 -4.29 -24.21 24.85
CA ARG C 660 -3.25 -23.71 25.75
C ARG C 660 -1.96 -24.50 25.60
N THR C 661 -2.05 -25.81 25.45
CA THR C 661 -0.87 -26.66 25.31
C THR C 661 -1.11 -27.63 24.16
N THR C 662 -0.01 -28.18 23.63
CA THR C 662 -0.10 -29.08 22.49
C THR C 662 -0.88 -30.34 22.84
N ALA C 663 -0.76 -30.84 24.08
CA ALA C 663 -1.47 -32.05 24.48
C ALA C 663 -2.98 -31.85 24.42
N GLU C 664 -3.47 -30.67 24.81
CA GLU C 664 -4.89 -30.38 24.68
C GLU C 664 -5.33 -30.41 23.22
N GLY C 665 -4.49 -29.88 22.33
CA GLY C 665 -4.81 -29.94 20.91
C GLY C 665 -4.88 -31.36 20.39
N VAL C 666 -3.92 -32.20 20.83
CA VAL C 666 -3.92 -33.61 20.43
C VAL C 666 -5.19 -34.30 20.91
N ALA C 667 -5.57 -34.06 22.16
CA ALA C 667 -6.80 -34.65 22.69
C ALA C 667 -8.03 -34.17 21.91
N ARG C 668 -8.06 -32.86 21.60
CA ARG C 668 -9.19 -32.31 20.86
C ARG C 668 -9.32 -32.94 19.48
N VAL C 669 -8.20 -33.06 18.76
CA VAL C 669 -8.27 -33.59 17.39
C VAL C 669 -8.58 -35.09 17.43
N ARG C 670 -8.10 -35.80 18.46
CA ARG C 670 -8.42 -37.21 18.57
C ARG C 670 -9.92 -37.42 18.84
N LYS C 671 -10.49 -36.62 19.74
CA LYS C 671 -11.87 -36.85 20.17
C LYS C 671 -12.89 -36.39 19.13
N SER C 672 -12.58 -35.36 18.36
CA SER C 672 -13.59 -34.65 17.56
C SER C 672 -13.92 -35.33 16.24
N LYS C 673 -14.20 -36.64 16.24
CA LYS C 673 -14.83 -37.36 15.14
C LYS C 673 -14.17 -37.11 13.79
N GLY C 674 -12.92 -36.65 13.78
CA GLY C 674 -12.30 -36.28 12.53
C GLY C 674 -12.78 -34.97 11.95
N LYS C 675 -13.55 -34.20 12.71
CA LYS C 675 -14.06 -32.92 12.23
C LYS C 675 -13.08 -31.79 12.43
N TYR C 676 -12.22 -31.86 13.46
CA TYR C 676 -11.29 -30.80 13.79
C TYR C 676 -9.89 -31.23 13.42
N ALA C 677 -9.13 -30.31 12.83
CA ALA C 677 -7.73 -30.54 12.47
C ALA C 677 -6.84 -29.67 13.34
N TYR C 678 -5.60 -30.11 13.55
CA TYR C 678 -4.63 -29.37 14.35
C TYR C 678 -3.43 -29.02 13.48
N LEU C 679 -3.06 -27.74 13.49
CA LEU C 679 -1.88 -27.27 12.75
C LEU C 679 -0.69 -27.24 13.70
N LEU C 680 0.35 -28.00 13.35
CA LEU C 680 1.45 -28.26 14.27
C LEU C 680 2.74 -28.49 13.48
N GLU C 681 3.84 -28.53 14.21
CA GLU C 681 5.14 -28.78 13.59
C GLU C 681 5.28 -30.25 13.21
N SER C 682 6.17 -30.51 12.25
CA SER C 682 6.24 -31.85 11.65
C SER C 682 6.76 -32.91 12.62
N THR C 683 7.68 -32.54 13.52
CA THR C 683 8.19 -33.53 14.47
C THR C 683 7.13 -33.93 15.48
N MET C 684 6.33 -32.97 15.95
CA MET C 684 5.24 -33.28 16.87
C MET C 684 4.21 -34.17 16.16
N ASN C 685 3.95 -33.92 14.89
CA ASN C 685 3.05 -34.77 14.12
C ASN C 685 3.60 -36.18 13.98
N GLU C 686 4.90 -36.30 13.67
CA GLU C 686 5.46 -37.63 13.40
C GLU C 686 5.76 -38.42 14.67
N TYR C 687 5.86 -37.76 15.83
CA TYR C 687 6.07 -38.52 17.06
C TYR C 687 4.74 -39.04 17.60
N ILE C 688 3.72 -38.18 17.62
CA ILE C 688 2.39 -38.62 18.04
C ILE C 688 1.85 -39.68 17.09
N GLU C 689 2.18 -39.54 15.80
CA GLU C 689 1.80 -40.55 14.81
C GLU C 689 2.34 -41.93 15.17
N GLN C 690 3.51 -42.00 15.80
CA GLN C 690 4.18 -43.26 16.09
C GLN C 690 3.93 -43.75 17.51
N ARG C 691 3.03 -43.11 18.25
CA ARG C 691 2.73 -43.49 19.63
C ARG C 691 1.25 -43.87 19.74
N LYS C 692 0.97 -44.79 20.65
CA LYS C 692 -0.38 -45.32 20.80
C LYS C 692 -1.32 -44.22 21.31
N PRO C 693 -2.61 -44.28 20.97
CA PRO C 693 -3.34 -45.32 20.22
C PRO C 693 -3.07 -45.33 18.72
N CYS C 694 -2.22 -44.43 18.22
CA CYS C 694 -1.86 -44.39 16.80
C CYS C 694 -3.10 -44.24 15.92
N ASP C 695 -4.04 -43.42 16.37
CA ASP C 695 -5.27 -43.14 15.64
C ASP C 695 -5.07 -42.03 14.62
N THR C 696 -3.82 -41.73 14.25
CA THR C 696 -3.47 -40.52 13.53
C THR C 696 -2.55 -40.86 12.36
N MET C 697 -2.49 -39.96 11.38
CA MET C 697 -1.46 -40.00 10.35
C MET C 697 -0.73 -38.68 10.37
N LYS C 698 0.13 -38.48 9.37
CA LYS C 698 0.55 -37.14 8.99
C LYS C 698 0.11 -36.91 7.54
N VAL C 699 -0.50 -35.76 7.26
CA VAL C 699 -1.11 -35.49 5.97
C VAL C 699 -0.40 -34.32 5.30
N GLY C 700 -0.05 -34.50 4.04
CA GLY C 700 0.53 -33.43 3.24
C GLY C 700 1.98 -33.15 3.56
N GLY C 701 2.61 -32.28 2.77
CA GLY C 701 3.97 -31.89 3.03
C GLY C 701 4.07 -30.78 4.07
N ASN C 702 5.30 -30.47 4.46
CA ASN C 702 5.53 -29.41 5.42
C ASN C 702 5.21 -28.05 4.81
N LEU C 703 4.56 -27.20 5.60
CA LEU C 703 4.15 -25.88 5.09
C LEU C 703 5.35 -24.96 4.88
N ASP C 704 6.38 -25.07 5.72
CA ASP C 704 7.56 -24.23 5.60
C ASP C 704 8.77 -25.02 6.08
N SER C 705 9.87 -24.32 6.33
CA SER C 705 11.10 -24.92 6.82
C SER C 705 11.72 -24.02 7.88
N LYS C 706 11.57 -24.41 9.14
CA LYS C 706 12.14 -23.66 10.25
C LYS C 706 12.84 -24.63 11.18
N GLY C 707 13.96 -24.18 11.76
CA GLY C 707 14.82 -25.03 12.56
C GLY C 707 14.81 -24.65 14.02
N TYR C 708 15.17 -25.61 14.87
CA TYR C 708 15.26 -25.40 16.31
C TYR C 708 16.64 -24.92 16.69
N GLY C 709 16.69 -24.09 17.72
CA GLY C 709 17.95 -23.56 18.21
C GLY C 709 17.93 -23.36 19.70
N ILE C 710 19.12 -23.38 20.29
CA ILE C 710 19.27 -23.12 21.72
C ILE C 710 19.39 -21.61 21.92
N ALA C 711 18.50 -21.04 22.72
CA ALA C 711 18.44 -19.59 22.89
C ALA C 711 19.05 -19.17 24.21
N THR C 712 19.71 -18.02 24.19
CA THR C 712 20.37 -17.43 25.35
C THR C 712 19.98 -15.97 25.44
N PRO C 713 20.10 -15.36 26.62
CA PRO C 713 19.88 -13.91 26.73
C PRO C 713 20.83 -13.14 25.84
N LYS C 714 20.34 -12.04 25.28
CA LYS C 714 21.14 -11.26 24.34
C LYS C 714 22.35 -10.66 25.04
N GLY C 715 23.53 -10.88 24.47
CA GLY C 715 24.77 -10.44 25.07
C GLY C 715 25.35 -11.38 26.11
N SER C 716 24.75 -12.55 26.32
CA SER C 716 25.26 -13.49 27.31
C SER C 716 26.56 -14.12 26.81
N SER C 717 27.45 -14.43 27.77
CA SER C 717 28.70 -15.09 27.44
C SER C 717 28.50 -16.55 27.03
N LEU C 718 27.33 -17.12 27.30
CA LEU C 718 27.09 -18.53 26.99
C LEU C 718 26.73 -18.75 25.52
N GLY C 719 26.44 -17.69 24.78
CA GLY C 719 25.93 -17.87 23.42
C GLY C 719 26.94 -18.54 22.50
N THR C 720 28.13 -17.94 22.37
CA THR C 720 29.11 -18.47 21.42
C THR C 720 29.61 -19.87 21.78
N PRO C 721 29.98 -20.19 23.03
CA PRO C 721 30.41 -21.58 23.31
C PRO C 721 29.32 -22.61 23.07
N VAL C 722 28.07 -22.28 23.41
CA VAL C 722 26.98 -23.24 23.20
C VAL C 722 26.72 -23.41 21.71
N ASN C 723 26.80 -22.33 20.93
CA ASN C 723 26.65 -22.44 19.49
C ASN C 723 27.76 -23.30 18.89
N LEU C 724 29.00 -23.12 19.37
CA LEU C 724 30.11 -23.94 18.90
C LEU C 724 29.89 -25.41 19.25
N ALA C 725 29.39 -25.67 20.46
CA ALA C 725 29.11 -27.05 20.85
C ALA C 725 28.03 -27.67 19.99
N VAL C 726 26.99 -26.88 19.68
CA VAL C 726 25.91 -27.37 18.82
C VAL C 726 26.45 -27.70 17.43
N LEU C 727 27.28 -26.82 16.88
CA LEU C 727 27.87 -27.07 15.57
C LEU C 727 28.75 -28.32 15.59
N LYS C 728 29.55 -28.48 16.65
CA LYS C 728 30.39 -29.67 16.76
C LYS C 728 29.55 -30.94 16.83
N LEU C 729 28.48 -30.92 17.63
CA LEU C 729 27.61 -32.09 17.72
C LEU C 729 26.93 -32.37 16.39
N SER C 730 26.60 -31.32 15.63
CA SER C 730 26.08 -31.53 14.28
C SER C 730 27.12 -32.20 13.39
N GLU C 731 28.38 -31.79 13.52
CA GLU C 731 29.45 -32.48 12.80
C GLU C 731 29.61 -33.90 13.29
N GLN C 732 29.55 -34.12 14.60
CA GLN C 732 29.71 -35.45 15.17
C GLN C 732 28.49 -36.34 14.97
N GLY C 733 27.35 -35.78 14.57
CA GLY C 733 26.16 -36.59 14.37
C GLY C 733 25.43 -36.98 15.63
N VAL C 734 25.77 -36.39 16.78
CA VAL C 734 25.07 -36.71 18.02
C VAL C 734 23.63 -36.24 17.95
N LEU C 735 23.39 -35.10 17.29
CA LEU C 735 22.03 -34.61 17.14
C LEU C 735 21.16 -35.58 16.36
N ASP C 736 21.66 -36.08 15.22
CA ASP C 736 20.92 -37.08 14.45
C ASP C 736 20.74 -38.35 15.25
N LYS C 737 21.77 -38.78 15.98
CA LYS C 737 21.67 -39.99 16.79
C LYS C 737 20.59 -39.88 17.84
N LEU C 738 20.51 -38.73 18.53
CA LEU C 738 19.43 -38.52 19.49
C LEU C 738 18.08 -38.42 18.81
N LYS C 739 18.05 -37.85 17.59
CA LYS C 739 16.80 -37.83 16.83
C LYS C 739 16.29 -39.24 16.57
N ASN C 740 17.17 -40.14 16.12
CA ASN C 740 16.75 -41.53 15.93
C ASN C 740 16.35 -42.15 17.26
N LYS C 741 17.12 -41.88 18.31
CA LYS C 741 16.88 -42.51 19.62
C LYS C 741 15.50 -42.16 20.16
N TRP C 742 15.06 -40.92 19.97
CA TRP C 742 13.81 -40.48 20.56
C TRP C 742 12.62 -40.47 19.61
N TRP C 743 12.85 -40.52 18.30
CA TRP C 743 11.75 -40.63 17.35
C TRP C 743 11.63 -42.06 16.80
N TYR C 744 12.69 -42.56 16.18
CA TYR C 744 12.60 -43.84 15.49
C TYR C 744 12.75 -45.01 16.46
N ASP C 745 13.52 -44.83 17.53
CA ASP C 745 13.75 -45.93 18.46
C ASP C 745 12.61 -46.10 19.46
N LYS C 746 11.64 -45.19 19.46
CA LYS C 746 10.43 -45.36 20.25
C LYS C 746 9.23 -45.77 19.41
N GLY C 747 9.46 -46.30 18.21
CA GLY C 747 8.35 -46.74 17.38
C GLY C 747 8.01 -48.19 17.59
N GLU C 748 6.73 -48.51 17.44
CA GLU C 748 6.22 -49.88 17.45
C GLU C 748 5.20 -50.06 16.34
N CYS C 749 5.34 -49.28 15.26
CA CYS C 749 4.47 -49.36 14.10
C CYS C 749 4.71 -50.67 13.34
N GLY C 750 3.72 -51.08 12.56
CA GLY C 750 2.45 -50.44 12.25
C GLY C 750 2.37 -50.18 10.75
N ALA C 751 2.22 -48.91 10.38
CA ALA C 751 2.28 -48.48 8.99
C ALA C 751 1.22 -49.13 8.11
N LYS C 752 0.04 -49.39 8.67
CA LYS C 752 -1.06 -49.94 7.88
C LYS C 752 -2.19 -48.93 7.78
N ASP C 753 -3.26 -49.34 7.09
CA ASP C 753 -4.49 -48.56 6.94
C ASP C 753 -4.24 -47.16 6.37
N SER C 754 -3.21 -47.01 5.53
CA SER C 754 -2.94 -45.74 4.88
C SER C 754 -3.92 -45.45 3.75
N GLY C 755 -4.74 -46.45 3.41
CA GLY C 755 -5.73 -46.29 2.31
C GLY C 755 -5.07 -45.75 1.06
N SER C 756 -3.73 -45.78 1.02
CA SER C 756 -2.98 -45.29 -0.17
C SER C 756 -2.87 -46.41 -1.21
N LYS C 757 -1.67 -46.63 -1.74
CA LYS C 757 -1.44 -47.71 -2.74
C LYS C 757 -2.23 -48.95 -2.30
N GLU C 758 -2.06 -49.37 -1.04
CA GLU C 758 -2.81 -50.55 -0.51
C GLU C 758 -4.22 -50.56 -1.08
N LYS C 759 -5.00 -49.50 -0.82
CA LYS C 759 -6.39 -49.41 -1.32
C LYS C 759 -6.46 -50.01 -2.73
N THR C 760 -7.10 -51.16 -2.88
CA THR C 760 -7.23 -51.81 -4.22
C THR C 760 -8.70 -52.11 -4.49
N SER C 761 -9.30 -51.44 -5.47
CA SER C 761 -10.74 -51.66 -5.81
C SER C 761 -11.10 -53.14 -5.62
N ALA C 762 -10.72 -54.01 -6.56
CA ALA C 762 -10.99 -55.43 -6.47
C ALA C 762 -11.69 -55.77 -5.16
N LEU C 763 -12.99 -55.50 -5.05
CA LEU C 763 -13.77 -55.72 -3.84
C LEU C 763 -13.28 -56.90 -3.03
N SER C 764 -12.97 -56.68 -1.76
CA SER C 764 -12.34 -57.72 -0.96
C SER C 764 -13.37 -58.77 -0.57
N LEU C 765 -12.88 -59.90 -0.06
CA LEU C 765 -13.77 -60.94 0.42
C LEU C 765 -14.56 -60.47 1.64
N SER C 766 -13.99 -59.56 2.43
CA SER C 766 -14.67 -59.12 3.65
C SER C 766 -15.97 -58.38 3.35
N ASN C 767 -16.14 -57.89 2.13
CA ASN C 767 -17.37 -57.10 1.83
C ASN C 767 -18.54 -58.07 1.62
N VAL C 768 -18.31 -59.20 0.93
CA VAL C 768 -19.35 -60.18 0.69
C VAL C 768 -19.18 -61.43 1.53
N ALA C 769 -18.42 -61.36 2.63
CA ALA C 769 -18.13 -62.56 3.40
C ALA C 769 -19.40 -63.13 4.01
N GLY C 770 -20.40 -62.29 4.26
CA GLY C 770 -21.63 -62.79 4.84
C GLY C 770 -22.37 -63.76 3.93
N VAL C 771 -22.25 -63.56 2.62
CA VAL C 771 -22.96 -64.43 1.68
C VAL C 771 -22.39 -65.83 1.73
N PHE C 772 -21.07 -65.96 1.89
CA PHE C 772 -20.48 -67.29 2.00
C PHE C 772 -20.89 -67.97 3.29
N TYR C 773 -21.01 -67.21 4.38
CA TYR C 773 -21.49 -67.78 5.63
C TYR C 773 -22.91 -68.29 5.48
N ILE C 774 -23.77 -67.50 4.85
CA ILE C 774 -25.15 -67.94 4.60
C ILE C 774 -25.16 -69.18 3.72
N LEU C 775 -24.31 -69.21 2.71
CA LEU C 775 -24.27 -70.35 1.79
C LEU C 775 -23.88 -71.63 2.52
N VAL C 776 -22.80 -71.58 3.31
CA VAL C 776 -22.36 -72.80 4.00
C VAL C 776 -23.36 -73.19 5.08
N GLY C 777 -23.96 -72.21 5.76
CA GLY C 777 -25.02 -72.53 6.70
C GLY C 777 -26.18 -73.24 6.04
N GLY C 778 -26.57 -72.77 4.85
CA GLY C 778 -27.63 -73.43 4.11
C GLY C 778 -27.26 -74.84 3.68
N LEU C 779 -26.00 -75.03 3.26
CA LEU C 779 -25.57 -76.38 2.89
C LEU C 779 -25.62 -77.32 4.09
N GLY C 780 -25.11 -76.88 5.25
CA GLY C 780 -25.18 -77.71 6.43
C GLY C 780 -26.61 -78.01 6.82
N LEU C 781 -27.48 -77.01 6.76
CA LEU C 781 -28.89 -77.21 7.10
C LEU C 781 -29.54 -78.21 6.14
N ALA C 782 -29.18 -78.14 4.86
CA ALA C 782 -29.76 -79.06 3.89
C ALA C 782 -29.31 -80.49 4.15
N MET C 783 -28.03 -80.68 4.45
CA MET C 783 -27.58 -82.04 4.78
C MET C 783 -28.27 -82.55 6.04
N LEU C 784 -28.45 -81.68 7.04
CA LEU C 784 -29.13 -82.09 8.26
C LEU C 784 -30.58 -82.46 7.99
N VAL C 785 -31.27 -81.68 7.15
CA VAL C 785 -32.65 -81.99 6.81
C VAL C 785 -32.73 -83.32 6.08
N ALA C 786 -31.81 -83.56 5.14
CA ALA C 786 -31.82 -84.83 4.43
C ALA C 786 -31.57 -85.99 5.39
N LEU C 787 -30.66 -85.81 6.35
CA LEU C 787 -30.39 -86.90 7.29
C LEU C 787 -31.59 -87.18 8.18
N ILE C 788 -32.26 -86.15 8.69
CA ILE C 788 -33.41 -86.42 9.55
C ILE C 788 -34.56 -87.01 8.75
N GLU C 789 -34.73 -86.58 7.49
CA GLU C 789 -35.75 -87.18 6.65
C GLU C 789 -35.45 -88.65 6.37
N PHE C 790 -34.17 -88.96 6.09
CA PHE C 790 -33.79 -90.35 5.85
C PHE C 790 -34.02 -91.20 7.10
N CYS C 791 -33.63 -90.69 8.26
CA CYS C 791 -33.85 -91.44 9.50
C CYS C 791 -35.32 -91.69 9.77
N TYR C 792 -36.16 -90.65 9.62
CA TYR C 792 -37.59 -90.83 9.83
C TYR C 792 -38.18 -91.81 8.84
N LYS C 793 -37.82 -91.70 7.57
CA LYS C 793 -38.47 -92.52 6.56
C LYS C 793 -37.94 -93.94 6.55
N SER C 794 -36.75 -94.18 7.10
CA SER C 794 -36.23 -95.53 7.24
C SER C 794 -36.69 -96.22 8.52
N ARG C 795 -36.82 -95.47 9.62
CA ARG C 795 -37.29 -96.07 10.86
C ARG C 795 -38.80 -96.19 10.92
N ALA C 796 -39.51 -95.68 9.91
CA ALA C 796 -40.96 -95.79 9.87
C ALA C 796 -41.46 -96.19 8.48
N ASN D 1 7.06 61.20 54.65
CA ASN D 1 7.73 60.01 55.16
C ASN D 1 8.01 59.02 54.04
N SER D 2 9.11 58.29 54.17
CA SER D 2 9.52 57.34 53.14
C SER D 2 10.04 56.07 53.83
N ILE D 3 9.97 54.97 53.11
CA ILE D 3 10.43 53.67 53.59
C ILE D 3 11.55 53.18 52.67
N GLN D 4 12.70 52.85 53.27
CA GLN D 4 13.86 52.45 52.51
C GLN D 4 13.76 50.99 52.07
N ILE D 5 14.02 50.74 50.79
CA ILE D 5 14.06 49.39 50.25
C ILE D 5 15.35 49.22 49.46
N GLY D 6 15.76 47.97 49.26
CA GLY D 6 16.98 47.67 48.55
C GLY D 6 16.72 47.08 47.17
N GLY D 7 17.64 47.34 46.24
CA GLY D 7 17.51 46.83 44.89
C GLY D 7 18.70 46.00 44.46
N LEU D 8 18.43 44.81 43.90
CA LEU D 8 19.46 43.90 43.40
C LEU D 8 19.15 43.59 41.94
N PHE D 9 19.60 44.46 41.03
CA PHE D 9 19.25 44.16 39.66
C PHE D 9 20.44 43.57 38.90
N PRO D 10 20.20 42.61 38.01
CA PRO D 10 21.28 42.16 37.13
C PRO D 10 21.69 43.26 36.16
N ARG D 11 22.96 43.26 35.78
CA ARG D 11 23.46 44.26 34.84
C ARG D 11 22.94 43.96 33.45
N GLY D 12 22.36 44.97 32.81
CA GLY D 12 21.75 44.82 31.50
C GLY D 12 20.24 44.69 31.51
N ALA D 13 19.62 44.65 32.69
CA ALA D 13 18.17 44.56 32.78
C ALA D 13 17.54 45.94 32.65
N ASP D 14 17.71 46.56 31.48
CA ASP D 14 17.21 47.93 31.27
C ASP D 14 15.69 47.98 31.32
N GLN D 15 15.03 47.00 30.67
CA GLN D 15 13.57 47.02 30.66
C GLN D 15 13.00 46.77 32.05
N GLU D 16 13.63 45.86 32.82
CA GLU D 16 13.18 45.63 34.18
C GLU D 16 13.34 46.87 35.04
N TYR D 17 14.45 47.59 34.90
CA TYR D 17 14.64 48.82 35.66
C TYR D 17 13.63 49.88 35.25
N SER D 18 13.35 49.99 33.95
CA SER D 18 12.37 50.96 33.47
C SER D 18 10.97 50.65 34.02
N ALA D 19 10.58 49.37 33.99
CA ALA D 19 9.30 48.98 34.56
C ALA D 19 9.27 49.18 36.07
N PHE D 20 10.42 48.99 36.73
CA PHE D 20 10.52 49.26 38.16
C PHE D 20 10.21 50.73 38.46
N ARG D 21 10.87 51.63 37.74
CA ARG D 21 10.67 53.07 37.96
C ARG D 21 9.25 53.48 37.61
N VAL D 22 8.70 52.91 36.53
CA VAL D 22 7.32 53.20 36.16
C VAL D 22 6.37 52.73 37.25
N GLY D 23 6.66 51.58 37.85
CA GLY D 23 5.84 51.10 38.96
C GLY D 23 5.88 52.02 40.16
N MET D 24 7.08 52.50 40.53
CA MET D 24 7.16 53.47 41.62
C MET D 24 6.40 54.75 41.28
N VAL D 25 6.50 55.21 40.03
CA VAL D 25 5.79 56.42 39.63
C VAL D 25 4.29 56.23 39.75
N GLN D 26 3.78 55.10 39.25
CA GLN D 26 2.33 54.89 39.20
C GLN D 26 1.75 54.64 40.59
N PHE D 27 2.39 53.77 41.37
CA PHE D 27 1.78 53.27 42.60
C PHE D 27 2.16 54.07 43.84
N SER D 28 3.04 55.06 43.73
CA SER D 28 3.34 55.88 44.89
C SER D 28 2.18 56.83 45.19
N THR D 29 2.08 57.23 46.46
CA THR D 29 1.05 58.15 46.91
C THR D 29 1.71 59.31 47.63
N SER D 30 0.97 60.41 47.73
CA SER D 30 1.50 61.60 48.40
C SER D 30 1.78 61.35 49.88
N GLU D 31 1.10 60.38 50.49
CA GLU D 31 1.32 60.08 51.90
C GLU D 31 2.73 59.54 52.13
N PHE D 32 3.17 58.61 51.28
CA PHE D 32 4.49 58.03 51.41
C PHE D 32 4.92 57.43 50.08
N ARG D 33 6.23 57.44 49.85
CA ARG D 33 6.84 56.86 48.66
C ARG D 33 8.09 56.09 49.05
N LEU D 34 8.25 54.91 48.44
CA LEU D 34 9.42 54.09 48.73
C LEU D 34 10.68 54.71 48.15
N THR D 35 11.76 54.69 48.94
CA THR D 35 13.04 55.21 48.49
C THR D 35 14.02 54.06 48.31
N PRO D 36 14.29 53.62 47.09
CA PRO D 36 15.18 52.47 46.88
C PRO D 36 16.62 52.90 46.69
N HIS D 37 17.54 51.99 47.06
CA HIS D 37 18.94 52.09 46.70
C HIS D 37 19.26 50.95 45.75
N ILE D 38 19.79 51.28 44.57
CA ILE D 38 19.93 50.34 43.46
C ILE D 38 21.40 49.99 43.29
N ASP D 39 21.68 48.69 43.30
CA ASP D 39 23.02 48.19 43.01
C ASP D 39 22.92 47.16 41.88
N ASN D 40 23.75 47.35 40.85
CA ASN D 40 23.75 46.49 39.68
C ASN D 40 24.83 45.42 39.87
N LEU D 41 24.42 44.16 39.83
CA LEU D 41 25.27 43.05 40.26
C LEU D 41 25.40 42.00 39.17
N GLU D 42 26.54 41.31 39.19
CA GLU D 42 26.66 40.04 38.50
C GLU D 42 25.97 38.98 39.34
N VAL D 43 24.72 38.65 39.00
CA VAL D 43 23.88 37.83 39.87
C VAL D 43 24.48 36.45 40.10
N ALA D 44 25.10 35.85 39.08
CA ALA D 44 25.71 34.54 39.24
C ALA D 44 26.89 34.56 40.22
N ASN D 45 27.45 35.73 40.51
CA ASN D 45 28.55 35.85 41.45
C ASN D 45 27.99 35.87 42.87
N SER D 46 28.19 34.76 43.58
CA SER D 46 27.67 34.66 44.94
C SER D 46 28.36 35.64 45.89
N PHE D 47 29.67 35.84 45.73
CA PHE D 47 30.39 36.76 46.60
C PHE D 47 29.87 38.18 46.44
N ALA D 48 29.68 38.60 45.18
CA ALA D 48 29.16 39.95 44.92
C ALA D 48 27.74 40.08 45.45
N VAL D 49 26.92 39.04 45.30
CA VAL D 49 25.55 39.08 45.80
C VAL D 49 25.55 39.24 47.32
N THR D 50 26.41 38.49 48.01
CA THR D 50 26.51 38.62 49.46
C THR D 50 26.97 40.01 49.86
N ASN D 51 27.97 40.55 49.15
CA ASN D 51 28.45 41.89 49.46
C ASN D 51 27.36 42.94 49.30
N ALA D 52 26.62 42.87 48.19
CA ALA D 52 25.54 43.83 47.95
C ALA D 52 24.42 43.67 48.97
N PHE D 53 24.08 42.42 49.30
CA PHE D 53 23.02 42.17 50.26
C PHE D 53 23.39 42.74 51.63
N CYS D 54 24.64 42.52 52.06
CA CYS D 54 25.07 43.05 53.34
C CYS D 54 25.16 44.57 53.33
N SER D 55 25.59 45.15 52.21
CA SER D 55 25.65 46.60 52.10
C SER D 55 24.26 47.21 52.20
N GLN D 56 23.27 46.60 51.53
CA GLN D 56 21.91 47.11 51.59
C GLN D 56 21.31 46.90 52.97
N PHE D 57 21.61 45.78 53.62
CA PHE D 57 21.10 45.53 54.95
C PHE D 57 21.66 46.53 55.96
N SER D 58 22.95 46.86 55.82
CA SER D 58 23.57 47.81 56.73
C SER D 58 22.99 49.22 56.55
N ARG D 59 22.38 49.50 55.41
CA ARG D 59 21.76 50.79 55.17
C ARG D 59 20.35 50.89 55.73
N GLY D 60 19.81 49.81 56.30
CA GLY D 60 18.52 49.84 56.96
C GLY D 60 17.32 49.69 56.06
N VAL D 61 17.46 49.04 54.90
CA VAL D 61 16.31 48.81 54.04
C VAL D 61 15.39 47.79 54.69
N TYR D 62 14.09 48.01 54.58
CA TYR D 62 13.12 47.09 55.18
C TYR D 62 12.95 45.83 54.34
N ALA D 63 13.01 45.95 53.02
CA ALA D 63 12.89 44.80 52.13
C ALA D 63 13.77 45.04 50.91
N ILE D 64 14.16 43.95 50.26
CA ILE D 64 15.07 44.00 49.12
C ILE D 64 14.39 43.38 47.92
N PHE D 65 14.26 44.15 46.84
CA PHE D 65 13.76 43.64 45.57
C PHE D 65 14.93 43.32 44.66
N GLY D 66 14.92 42.12 44.08
CA GLY D 66 16.04 41.72 43.24
C GLY D 66 15.75 40.43 42.52
N PHE D 67 16.82 39.88 41.93
CA PHE D 67 16.77 38.63 41.18
C PHE D 67 17.90 37.73 41.64
N TYR D 68 17.74 36.43 41.44
CA TYR D 68 18.78 35.46 41.79
C TYR D 68 18.97 34.49 40.63
N ASP D 69 20.10 33.79 40.67
CA ASP D 69 20.50 32.81 39.67
C ASP D 69 20.63 31.46 40.35
N LYS D 70 20.84 30.41 39.54
CA LYS D 70 21.01 29.07 40.10
C LYS D 70 22.19 29.00 41.05
N LYS D 71 23.17 29.88 40.88
CA LYS D 71 24.31 29.96 41.80
C LYS D 71 24.04 30.91 42.97
N SER D 72 22.92 31.62 42.96
CA SER D 72 22.64 32.60 44.02
C SER D 72 21.27 32.43 44.67
N VAL D 73 20.44 31.50 44.23
CA VAL D 73 19.14 31.28 44.88
C VAL D 73 19.34 30.78 46.30
N ASN D 74 20.28 29.85 46.50
CA ASN D 74 20.54 29.32 47.84
C ASN D 74 21.04 30.41 48.77
N THR D 75 21.94 31.27 48.29
CA THR D 75 22.46 32.35 49.11
C THR D 75 21.34 33.28 49.57
N ILE D 76 20.50 33.72 48.63
CA ILE D 76 19.42 34.65 48.94
C ILE D 76 18.45 34.01 49.92
N THR D 77 18.06 32.76 49.66
CA THR D 77 17.11 32.09 50.54
C THR D 77 17.66 31.92 51.94
N SER D 78 18.92 31.48 52.07
CA SER D 78 19.50 31.29 53.39
C SER D 78 19.64 32.61 54.14
N PHE D 79 20.11 33.66 53.45
CA PHE D 79 20.27 34.95 54.12
C PHE D 79 18.93 35.51 54.57
N CYS D 80 17.90 35.40 53.74
CA CYS D 80 16.58 35.92 54.10
C CYS D 80 15.97 35.12 55.24
N GLY D 81 16.15 33.79 55.23
CA GLY D 81 15.66 32.98 56.32
C GLY D 81 16.36 33.26 57.63
N THR D 82 17.67 33.55 57.58
CA THR D 82 18.42 33.79 58.81
C THR D 82 18.13 35.17 59.37
N LEU D 83 18.29 36.21 58.54
CA LEU D 83 18.16 37.59 59.01
C LEU D 83 16.72 38.09 59.03
N HIS D 84 15.75 37.26 58.59
CA HIS D 84 14.34 37.63 58.58
C HIS D 84 14.10 38.91 57.78
N VAL D 85 14.67 38.98 56.58
CA VAL D 85 14.48 40.09 55.66
C VAL D 85 13.69 39.59 54.46
N SER D 86 12.55 40.23 54.19
CA SER D 86 11.69 39.79 53.11
C SER D 86 12.30 40.14 51.77
N PHE D 87 12.34 39.16 50.86
CA PHE D 87 12.93 39.33 49.53
C PHE D 87 11.83 39.20 48.49
N ILE D 88 11.71 40.22 47.64
CA ILE D 88 10.74 40.23 46.55
C ILE D 88 11.49 40.01 45.26
N THR D 89 11.11 38.95 44.52
CA THR D 89 11.84 38.57 43.33
C THR D 89 10.92 38.07 42.23
N PRO D 90 11.11 38.56 41.00
CA PRO D 90 10.41 37.97 39.84
C PRO D 90 11.10 36.76 39.27
N SER D 91 12.15 36.25 39.92
CA SER D 91 12.91 35.13 39.39
C SER D 91 12.11 33.83 39.51
N PHE D 92 12.76 32.74 39.14
CA PHE D 92 12.10 31.44 39.17
C PHE D 92 11.73 31.07 40.61
N PRO D 93 10.64 30.35 40.83
CA PRO D 93 10.26 29.99 42.20
C PRO D 93 11.28 29.08 42.85
N THR D 94 11.39 29.19 44.18
CA THR D 94 12.32 28.35 44.92
C THR D 94 11.88 26.90 44.92
N ASP D 95 12.86 26.00 45.02
CA ASP D 95 12.56 24.57 45.05
C ASP D 95 11.75 24.20 46.28
N GLY D 96 12.10 24.77 47.44
CA GLY D 96 11.41 24.52 48.68
C GLY D 96 10.60 25.71 49.15
N THR D 97 9.94 25.51 50.29
CA THR D 97 9.10 26.53 50.90
C THR D 97 9.94 27.46 51.79
N HIS D 98 10.88 28.13 51.16
CA HIS D 98 11.81 29.00 51.88
C HIS D 98 11.10 30.28 52.31
N PRO D 99 11.12 30.63 53.61
CA PRO D 99 10.40 31.82 54.06
C PRO D 99 11.09 33.10 53.58
N PHE D 100 10.32 34.20 53.65
CA PHE D 100 10.80 35.54 53.34
C PHE D 100 11.17 35.69 51.87
N VAL D 101 10.77 34.72 51.04
CA VAL D 101 11.05 34.76 49.61
C VAL D 101 9.72 35.01 48.89
N ILE D 102 9.46 36.27 48.57
CA ILE D 102 8.27 36.65 47.81
C ILE D 102 8.61 36.52 46.33
N GLN D 103 8.07 35.48 45.69
CA GLN D 103 8.40 35.14 44.31
C GLN D 103 7.23 35.50 43.41
N MET D 104 7.50 36.30 42.38
CA MET D 104 6.44 36.77 41.49
C MET D 104 6.10 35.78 40.38
N ARG D 105 7.05 34.95 39.98
CA ARG D 105 6.86 34.09 38.81
C ARG D 105 5.96 32.91 39.16
N PRO D 106 4.82 32.75 38.48
CA PRO D 106 3.95 31.61 38.79
C PRO D 106 4.57 30.30 38.34
N ASP D 107 4.12 29.22 38.97
CA ASP D 107 4.57 27.88 38.60
C ASP D 107 3.97 27.50 37.26
N LEU D 108 4.83 27.28 36.27
CA LEU D 108 4.39 26.90 34.94
C LEU D 108 4.54 25.41 34.66
N LYS D 109 5.03 24.63 35.63
CA LYS D 109 5.17 23.19 35.43
C LYS D 109 3.81 22.54 35.23
N GLY D 110 2.82 22.92 36.04
CA GLY D 110 1.48 22.37 35.86
C GLY D 110 0.88 22.75 34.52
N ALA D 111 1.07 24.00 34.10
CA ALA D 111 0.59 24.42 32.78
C ALA D 111 1.30 23.66 31.67
N LEU D 112 2.61 23.42 31.83
CA LEU D 112 3.35 22.65 30.83
C LEU D 112 2.79 21.23 30.73
N LEU D 113 2.55 20.59 31.87
CA LEU D 113 2.00 19.24 31.83
C LEU D 113 0.59 19.22 31.23
N SER D 114 -0.22 20.23 31.56
CA SER D 114 -1.56 20.30 30.99
C SER D 114 -1.50 20.47 29.48
N LEU D 115 -0.58 21.30 28.98
CA LEU D 115 -0.45 21.48 27.53
C LEU D 115 0.07 20.21 26.86
N ILE D 116 0.99 19.51 27.51
CA ILE D 116 1.49 18.25 26.96
C ILE D 116 0.36 17.22 26.87
N GLU D 117 -0.47 17.15 27.92
CA GLU D 117 -1.60 16.23 27.90
C GLU D 117 -2.64 16.65 26.87
N TYR D 118 -2.78 17.96 26.63
CA TYR D 118 -3.76 18.45 25.66
C TYR D 118 -3.42 17.98 24.26
N TYR D 119 -2.14 18.02 23.88
CA TYR D 119 -1.72 17.49 22.59
C TYR D 119 -1.50 15.98 22.61
N GLN D 120 -1.88 15.31 23.71
CA GLN D 120 -1.74 13.85 23.89
C GLN D 120 -0.39 13.34 23.39
N TRP D 121 0.67 14.08 23.74
CA TRP D 121 2.02 13.68 23.37
C TRP D 121 2.44 12.43 24.12
N ASP D 122 3.01 11.46 23.40
CA ASP D 122 3.54 10.25 24.03
C ASP D 122 5.07 10.24 24.02
N LYS D 123 5.68 10.68 22.91
CA LYS D 123 7.12 10.74 22.79
C LYS D 123 7.52 12.13 22.31
N PHE D 124 8.45 12.77 23.01
CA PHE D 124 8.89 14.11 22.65
C PHE D 124 10.27 14.36 23.22
N ALA D 125 10.96 15.34 22.64
CA ALA D 125 12.26 15.76 23.11
C ALA D 125 12.13 16.93 24.08
N TYR D 126 13.14 17.08 24.94
CA TYR D 126 13.14 18.13 25.96
C TYR D 126 14.52 18.79 25.96
N LEU D 127 14.57 20.03 25.50
CA LEU D 127 15.80 20.83 25.52
C LEU D 127 15.66 21.87 26.63
N TYR D 128 16.64 21.91 27.53
CA TYR D 128 16.56 22.74 28.72
C TYR D 128 17.88 23.48 28.94
N ASP D 129 17.80 24.54 29.74
CA ASP D 129 18.97 25.33 30.11
C ASP D 129 19.22 25.18 31.60
N SER D 130 20.49 25.15 31.99
CA SER D 130 20.88 24.96 33.38
C SER D 130 20.39 26.09 34.28
N ASP D 131 20.48 27.33 33.79
CA ASP D 131 20.13 28.48 34.60
C ASP D 131 18.67 28.52 35.02
N ARG D 132 17.77 27.95 34.22
CA ARG D 132 16.34 27.99 34.53
C ARG D 132 15.98 27.18 35.77
N GLY D 133 16.88 26.34 36.26
CA GLY D 133 16.55 25.45 37.36
C GLY D 133 15.95 24.16 36.86
N LEU D 134 16.47 23.03 37.34
CA LEU D 134 16.06 21.72 36.86
C LEU D 134 14.80 21.21 37.53
N SER D 135 14.06 22.07 38.24
CA SER D 135 12.81 21.64 38.85
C SER D 135 11.80 21.21 37.79
N THR D 136 11.70 21.95 36.69
CA THR D 136 10.82 21.56 35.60
C THR D 136 11.28 20.27 34.95
N LEU D 137 12.59 20.07 34.82
CA LEU D 137 13.11 18.81 34.28
C LEU D 137 12.74 17.64 35.18
N GLN D 138 12.88 17.82 36.50
CA GLN D 138 12.47 16.77 37.44
C GLN D 138 10.98 16.49 37.33
N ALA D 139 10.17 17.54 37.23
CA ALA D 139 8.72 17.36 37.13
C ALA D 139 8.35 16.61 35.85
N VAL D 140 8.96 16.97 34.71
CA VAL D 140 8.60 16.29 33.47
C VAL D 140 9.13 14.86 33.46
N LEU D 141 10.28 14.61 34.10
CA LEU D 141 10.75 13.22 34.22
C LEU D 141 9.81 12.39 35.08
N ASP D 142 9.33 12.94 36.19
CA ASP D 142 8.38 12.21 37.04
C ASP D 142 7.07 11.97 36.31
N SER D 143 6.61 12.97 35.54
CA SER D 143 5.39 12.81 34.76
C SER D 143 5.57 11.78 33.66
N ALA D 144 6.76 11.71 33.05
CA ALA D 144 7.02 10.66 32.07
C ALA D 144 7.01 9.29 32.73
N ALA D 145 7.58 9.18 33.94
CA ALA D 145 7.58 7.91 34.64
C ALA D 145 6.15 7.47 34.98
N GLU D 146 5.32 8.39 35.46
CA GLU D 146 3.96 8.02 35.87
C GLU D 146 3.05 7.78 34.67
N LYS D 147 3.14 8.64 33.65
CA LYS D 147 2.28 8.56 32.48
C LYS D 147 2.87 7.71 31.35
N LYS D 148 4.05 7.12 31.56
CA LYS D 148 4.70 6.26 30.56
C LYS D 148 5.03 7.03 29.28
N TRP D 149 5.62 8.21 29.44
CA TRP D 149 6.08 8.98 28.30
C TRP D 149 7.52 8.61 27.93
N GLN D 150 7.98 9.13 26.81
CA GLN D 150 9.36 9.03 26.39
C GLN D 150 9.93 10.43 26.20
N VAL D 151 10.82 10.83 27.11
CA VAL D 151 11.36 12.19 27.13
C VAL D 151 12.85 12.08 26.82
N THR D 152 13.27 12.69 25.71
CA THR D 152 14.68 12.73 25.31
C THR D 152 15.26 14.04 25.81
N ALA D 153 15.57 14.08 27.11
CA ALA D 153 16.11 15.29 27.71
C ALA D 153 17.52 15.54 27.22
N ILE D 154 17.77 16.75 26.72
CA ILE D 154 19.08 17.14 26.20
C ILE D 154 19.46 18.47 26.84
N ASN D 155 20.63 18.53 27.45
CA ASN D 155 21.16 19.79 27.96
C ASN D 155 21.68 20.62 26.80
N VAL D 156 21.24 21.87 26.70
CA VAL D 156 21.61 22.75 25.61
C VAL D 156 22.32 24.00 26.08
N GLY D 157 22.34 24.24 27.40
CA GLY D 157 23.02 25.42 27.91
C GLY D 157 24.52 25.30 27.97
N ASN D 158 25.04 24.07 27.92
CA ASN D 158 26.48 23.86 28.02
C ASN D 158 27.22 24.17 26.72
N ILE D 159 26.50 24.37 25.62
CA ILE D 159 27.15 24.72 24.36
C ILE D 159 27.71 26.14 24.44
N ASN D 160 28.69 26.42 23.60
CA ASN D 160 29.37 27.71 23.59
C ASN D 160 29.34 28.32 22.20
N ASN D 161 29.64 29.62 22.13
CA ASN D 161 29.56 30.33 20.86
C ASN D 161 30.66 29.90 19.89
N ASP D 162 31.77 29.35 20.40
CA ASP D 162 32.82 28.87 19.52
C ASP D 162 32.39 27.66 18.69
N LYS D 163 31.35 26.95 19.11
CA LYS D 163 30.84 25.81 18.36
C LYS D 163 29.31 25.81 18.31
N LYS D 164 28.69 26.99 18.29
CA LYS D 164 27.23 27.07 18.40
C LYS D 164 26.53 26.40 17.22
N ASP D 165 26.92 26.75 15.99
CA ASP D 165 26.22 26.25 14.82
C ASP D 165 26.37 24.74 14.68
N GLU D 166 27.57 24.21 14.90
CA GLU D 166 27.80 22.78 14.70
C GLU D 166 27.14 21.95 15.80
N THR D 167 27.15 22.42 17.04
CA THR D 167 26.52 21.68 18.13
C THR D 167 25.02 21.59 17.94
N TYR D 168 24.38 22.69 17.55
CA TYR D 168 22.94 22.66 17.29
C TYR D 168 22.60 21.74 16.12
N ARG D 169 23.38 21.80 15.05
CA ARG D 169 23.15 20.92 13.91
C ARG D 169 23.33 19.46 14.29
N SER D 170 24.39 19.15 15.04
CA SER D 170 24.61 17.78 15.49
C SER D 170 23.50 17.33 16.44
N LEU D 171 23.05 18.24 17.32
CA LEU D 171 21.97 17.91 18.23
C LEU D 171 20.69 17.55 17.48
N PHE D 172 20.34 18.37 16.48
CA PHE D 172 19.10 18.12 15.74
C PHE D 172 19.24 16.94 14.79
N GLN D 173 20.46 16.61 14.37
CA GLN D 173 20.64 15.40 13.57
C GLN D 173 20.58 14.15 14.43
N ASP D 174 21.07 14.22 15.67
CA ASP D 174 20.88 13.13 16.61
C ASP D 174 19.40 12.97 16.96
N LEU D 175 18.67 14.08 17.04
CA LEU D 175 17.23 14.00 17.22
C LEU D 175 16.57 13.33 16.01
N GLU D 176 17.05 13.65 14.80
CA GLU D 176 16.51 13.02 13.60
C GLU D 176 16.81 11.52 13.55
N LEU D 177 17.83 11.05 14.26
CA LEU D 177 18.05 9.61 14.37
C LEU D 177 16.88 8.94 15.07
N LYS D 178 16.23 9.64 15.99
CA LYS D 178 14.98 9.18 16.59
C LYS D 178 13.76 9.63 15.80
N LYS D 179 13.97 10.33 14.67
CA LYS D 179 12.89 10.90 13.86
C LYS D 179 11.97 11.77 14.72
N GLU D 180 12.57 12.54 15.61
CA GLU D 180 11.80 13.33 16.56
C GLU D 180 11.14 14.52 15.87
N ARG D 181 9.86 14.72 16.18
CA ARG D 181 9.11 15.86 15.68
C ARG D 181 8.53 16.75 16.77
N ARG D 182 8.54 16.32 18.03
CA ARG D 182 7.97 17.06 19.14
C ARG D 182 9.10 17.48 20.07
N VAL D 183 9.29 18.78 20.23
CA VAL D 183 10.37 19.33 21.06
C VAL D 183 9.79 20.44 21.93
N ILE D 184 10.18 20.46 23.20
CA ILE D 184 9.79 21.51 24.14
C ILE D 184 11.02 22.37 24.41
N LEU D 185 10.88 23.68 24.21
CA LEU D 185 12.00 24.61 24.36
C LEU D 185 11.95 25.21 25.77
N ASP D 186 12.57 24.51 26.71
CA ASP D 186 12.67 24.97 28.09
C ASP D 186 13.91 25.84 28.28
N CYS D 187 13.87 27.04 27.69
CA CYS D 187 14.99 27.95 27.69
C CYS D 187 14.52 29.38 27.80
N GLU D 188 15.45 30.27 28.13
CA GLU D 188 15.15 31.69 28.22
C GLU D 188 14.96 32.27 26.81
N ARG D 189 14.47 33.51 26.77
CA ARG D 189 14.06 34.13 25.51
C ARG D 189 15.18 34.15 24.46
N ASP D 190 16.38 34.58 24.87
CA ASP D 190 17.48 34.62 23.92
C ASP D 190 17.87 33.21 23.47
N LYS D 191 17.90 32.24 24.38
CA LYS D 191 18.20 30.87 24.01
C LYS D 191 17.13 30.30 23.08
N VAL D 192 15.86 30.59 23.35
CA VAL D 192 14.78 30.12 22.48
C VAL D 192 14.92 30.75 21.10
N ASN D 193 15.26 32.04 21.04
CA ASN D 193 15.45 32.70 19.75
C ASN D 193 16.62 32.09 18.98
N ASP D 194 17.72 31.79 19.67
CA ASP D 194 18.85 31.15 19.00
C ASP D 194 18.48 29.78 18.48
N ILE D 195 17.74 28.99 19.27
CA ILE D 195 17.32 27.66 18.83
C ILE D 195 16.38 27.79 17.62
N VAL D 196 15.52 28.80 17.64
CA VAL D 196 14.60 29.03 16.53
C VAL D 196 15.38 29.39 15.26
N ASP D 197 16.41 30.23 15.41
CA ASP D 197 17.24 30.59 14.26
C ASP D 197 17.96 29.37 13.71
N GLN D 198 18.47 28.51 14.59
CA GLN D 198 19.12 27.28 14.13
C GLN D 198 18.12 26.36 13.43
N VAL D 199 16.90 26.29 13.93
CA VAL D 199 15.88 25.43 13.33
C VAL D 199 15.51 25.93 11.94
N ILE D 200 15.27 27.24 11.80
CA ILE D 200 14.90 27.78 10.49
C ILE D 200 16.09 27.69 9.54
N THR D 201 17.31 27.76 10.07
CA THR D 201 18.49 27.58 9.23
C THR D 201 18.58 26.14 8.70
N ILE D 202 18.24 25.17 9.54
CA ILE D 202 18.29 23.76 9.14
C ILE D 202 16.94 23.26 8.64
N GLY D 203 15.93 24.13 8.61
CA GLY D 203 14.65 23.78 8.02
C GLY D 203 13.84 22.74 8.74
N LYS D 204 13.85 22.76 10.08
CA LYS D 204 12.97 21.91 10.87
C LYS D 204 11.73 22.66 11.37
N HIS D 205 11.50 23.86 10.87
CA HIS D 205 10.31 24.64 11.20
C HIS D 205 9.18 24.41 10.21
N VAL D 206 9.26 23.35 9.40
CA VAL D 206 8.21 23.06 8.43
C VAL D 206 7.07 22.30 9.12
N LYS D 207 5.95 22.20 8.41
CA LYS D 207 4.78 21.52 8.94
C LYS D 207 5.09 20.05 9.22
N GLY D 208 4.56 19.54 10.33
CA GLY D 208 4.88 18.23 10.85
C GLY D 208 5.72 18.27 12.12
N TYR D 209 6.36 19.41 12.40
CA TYR D 209 7.08 19.60 13.64
C TYR D 209 6.24 20.41 14.61
N HIS D 210 6.27 20.02 15.89
CA HIS D 210 5.52 20.71 16.93
C HIS D 210 6.50 21.19 18.00
N TYR D 211 6.33 22.44 18.42
CA TYR D 211 7.22 23.07 19.40
C TYR D 211 6.39 23.69 20.51
N ILE D 212 6.88 23.56 21.74
CA ILE D 212 6.28 24.19 22.91
C ILE D 212 7.34 25.04 23.60
N ILE D 213 7.04 26.33 23.77
CA ILE D 213 7.96 27.26 24.42
C ILE D 213 7.61 27.25 25.91
N ALA D 214 8.51 26.70 26.73
CA ALA D 214 8.26 26.51 28.16
C ALA D 214 8.69 27.73 28.96
N ASN D 215 8.03 28.85 28.69
CA ASN D 215 8.20 30.06 29.49
C ASN D 215 6.96 30.94 29.33
N LEU D 216 6.84 31.92 30.22
CA LEU D 216 5.71 32.85 30.21
C LEU D 216 5.96 34.08 29.32
N GLY D 217 6.85 33.96 28.33
CA GLY D 217 7.16 35.06 27.44
C GLY D 217 7.06 34.66 25.99
N PHE D 218 6.04 33.87 25.66
CA PHE D 218 5.90 33.28 24.33
C PHE D 218 5.92 34.33 23.21
N THR D 219 5.07 35.35 23.32
CA THR D 219 4.97 36.34 22.27
C THR D 219 5.94 37.51 22.46
N ASP D 220 6.61 37.61 23.60
CA ASP D 220 7.57 38.68 23.82
C ASP D 220 8.89 38.43 23.10
N GLY D 221 9.15 37.20 22.66
CA GLY D 221 10.33 36.91 21.89
C GLY D 221 10.12 37.15 20.40
N ASP D 222 11.18 36.91 19.63
CA ASP D 222 11.12 37.08 18.18
C ASP D 222 10.72 35.77 17.50
N LEU D 223 9.43 35.47 17.60
CA LEU D 223 8.85 34.28 16.98
C LEU D 223 8.23 34.55 15.62
N LEU D 224 8.39 35.76 15.08
CA LEU D 224 7.78 36.09 13.80
C LEU D 224 8.36 35.27 12.66
N LYS D 225 9.67 34.99 12.72
CA LYS D 225 10.35 34.34 11.60
C LYS D 225 9.93 32.89 11.41
N ILE D 226 9.28 32.26 12.39
CA ILE D 226 8.77 30.90 12.24
C ILE D 226 7.25 30.88 12.15
N GLN D 227 6.61 32.05 12.06
CA GLN D 227 5.16 32.11 11.94
C GLN D 227 4.69 31.48 10.63
N PHE D 228 5.43 31.71 9.55
CA PHE D 228 5.01 31.24 8.23
C PHE D 228 5.64 29.91 7.83
N GLY D 229 6.46 29.32 8.69
CA GLY D 229 7.10 28.07 8.35
C GLY D 229 6.14 26.90 8.20
N GLY D 230 5.10 26.86 9.02
CA GLY D 230 4.13 25.79 8.98
C GLY D 230 4.17 24.85 10.16
N ALA D 231 5.25 24.86 10.95
CA ALA D 231 5.30 24.04 12.15
C ALA D 231 4.42 24.62 13.23
N GLU D 232 3.77 23.74 13.98
CA GLU D 232 2.92 24.18 15.09
C GLU D 232 3.80 24.60 16.26
N VAL D 233 3.57 25.82 16.74
CA VAL D 233 4.34 26.39 17.84
C VAL D 233 3.37 26.88 18.90
N SER D 234 3.64 26.54 20.16
CA SER D 234 2.77 26.91 21.26
C SER D 234 3.63 27.33 22.45
N GLY D 235 2.97 27.90 23.45
CA GLY D 235 3.67 28.36 24.63
C GLY D 235 2.71 28.98 25.63
N PHE D 236 3.27 29.66 26.61
CA PHE D 236 2.49 30.29 27.68
C PHE D 236 2.90 31.75 27.82
N GLN D 237 1.98 32.55 28.36
CA GLN D 237 2.22 33.96 28.61
C GLN D 237 1.46 34.38 29.86
N ILE D 238 2.12 35.15 30.72
CA ILE D 238 1.48 35.69 31.90
C ILE D 238 0.90 37.08 31.64
N VAL D 239 1.41 37.77 30.63
CA VAL D 239 0.90 39.09 30.27
C VAL D 239 -0.24 38.91 29.27
N ASP D 240 -1.45 39.29 29.67
CA ASP D 240 -2.63 39.18 28.82
C ASP D 240 -2.88 40.57 28.22
N TYR D 241 -2.54 40.73 26.94
CA TYR D 241 -2.67 42.03 26.28
C TYR D 241 -4.11 42.43 26.02
N ASP D 242 -5.06 41.52 26.21
CA ASP D 242 -6.47 41.84 25.99
C ASP D 242 -7.09 42.59 27.17
N ASP D 243 -6.42 42.61 28.32
CA ASP D 243 -6.96 43.29 29.49
C ASP D 243 -6.88 44.80 29.31
N SER D 244 -7.88 45.51 29.83
CA SER D 244 -7.92 46.96 29.75
C SER D 244 -6.76 47.57 30.54
N LEU D 245 -6.43 46.97 31.68
CA LEU D 245 -5.28 47.43 32.45
C LEU D 245 -3.99 47.32 31.65
N VAL D 246 -3.79 46.19 30.97
CA VAL D 246 -2.59 46.00 30.17
C VAL D 246 -2.59 46.94 28.98
N SER D 247 -3.76 47.18 28.38
CA SER D 247 -3.84 48.12 27.26
C SER D 247 -3.47 49.53 27.69
N LYS D 248 -3.99 49.97 28.84
CA LYS D 248 -3.64 51.29 29.35
C LYS D 248 -2.16 51.38 29.69
N PHE D 249 -1.61 50.32 30.28
CA PHE D 249 -0.18 50.32 30.60
C PHE D 249 0.66 50.40 29.33
N ILE D 250 0.25 49.69 28.28
CA ILE D 250 0.98 49.75 27.00
C ILE D 250 0.90 51.15 26.41
N GLU D 251 -0.28 51.78 26.50
CA GLU D 251 -0.43 53.14 26.01
C GLU D 251 0.49 54.10 26.75
N ARG D 252 0.56 53.96 28.08
CA ARG D 252 1.45 54.80 28.86
C ARG D 252 2.92 54.47 28.63
N TRP D 253 3.20 53.24 28.21
CA TRP D 253 4.57 52.74 28.17
C TRP D 253 5.25 53.05 26.84
N SER D 254 4.57 52.79 25.73
CA SER D 254 5.20 52.97 24.42
C SER D 254 5.52 54.43 24.13
N THR D 255 4.81 55.36 24.77
CA THR D 255 5.02 56.78 24.51
C THR D 255 6.21 57.35 25.27
N LEU D 256 6.83 56.58 26.16
CA LEU D 256 7.94 57.09 26.95
C LEU D 256 9.19 57.27 26.10
N GLU D 257 10.07 58.16 26.55
CA GLU D 257 11.33 58.43 25.86
C GLU D 257 12.35 57.38 26.27
N GLU D 258 12.93 56.69 25.28
CA GLU D 258 13.87 55.61 25.57
C GLU D 258 15.15 56.13 26.21
N LYS D 259 15.54 57.36 25.90
CA LYS D 259 16.74 57.94 26.51
C LYS D 259 16.56 58.10 28.01
N GLU D 260 15.33 58.23 28.48
CA GLU D 260 15.03 58.29 29.91
C GLU D 260 14.60 56.93 30.45
N TYR D 261 13.88 56.14 29.65
CA TYR D 261 13.43 54.80 30.04
C TYR D 261 13.86 53.83 28.95
N PRO D 262 15.08 53.27 29.05
CA PRO D 262 15.56 52.37 28.01
C PRO D 262 14.67 51.14 27.88
N GLY D 263 14.48 50.70 26.63
CA GLY D 263 13.66 49.54 26.35
C GLY D 263 12.17 49.74 26.56
N ALA D 264 11.71 50.99 26.68
CA ALA D 264 10.30 51.27 26.96
C ALA D 264 9.50 51.69 25.74
N HIS D 265 10.16 52.05 24.64
CA HIS D 265 9.45 52.49 23.43
C HIS D 265 9.06 51.28 22.57
N THR D 266 8.38 50.33 23.20
CA THR D 266 7.95 49.10 22.55
C THR D 266 6.47 48.87 22.83
N ALA D 267 5.81 48.19 21.89
CA ALA D 267 4.41 47.82 22.07
C ALA D 267 4.25 46.58 22.93
N THR D 268 5.31 45.83 23.19
CA THR D 268 5.26 44.65 24.03
C THR D 268 6.42 44.69 25.02
N ILE D 269 6.21 44.07 26.17
CA ILE D 269 7.21 44.03 27.22
C ILE D 269 7.46 42.58 27.62
N LYS D 270 8.66 42.32 28.13
CA LYS D 270 8.97 40.99 28.64
C LYS D 270 8.19 40.73 29.92
N TYR D 271 7.92 39.44 30.18
CA TYR D 271 7.16 39.07 31.36
C TYR D 271 7.90 39.45 32.65
N THR D 272 9.24 39.51 32.58
CA THR D 272 10.02 39.91 33.75
C THR D 272 9.70 41.35 34.16
N SER D 273 9.59 42.25 33.20
CA SER D 273 9.28 43.65 33.52
C SER D 273 7.88 43.77 34.12
N ALA D 274 6.91 43.05 33.57
CA ALA D 274 5.55 43.09 34.11
C ALA D 274 5.53 42.52 35.53
N LEU D 275 6.29 41.45 35.77
CA LEU D 275 6.38 40.89 37.11
C LEU D 275 7.03 41.88 38.07
N THR D 276 8.04 42.61 37.62
CA THR D 276 8.65 43.66 38.45
C THR D 276 7.64 44.75 38.78
N TYR D 277 6.86 45.18 37.79
CA TYR D 277 5.84 46.20 38.00
C TYR D 277 4.81 45.74 39.03
N ASP D 278 4.33 44.51 38.89
CA ASP D 278 3.36 43.98 39.84
C ASP D 278 3.96 43.77 41.21
N ALA D 279 5.26 43.42 41.28
CA ALA D 279 5.93 43.31 42.57
C ALA D 279 6.02 44.67 43.26
N VAL D 280 6.30 45.72 42.50
CA VAL D 280 6.28 47.07 43.05
C VAL D 280 4.90 47.39 43.61
N GLN D 281 3.85 47.05 42.84
CA GLN D 281 2.49 47.27 43.32
C GLN D 281 2.24 46.52 44.62
N VAL D 282 2.68 45.25 44.68
CA VAL D 282 2.43 44.42 45.85
C VAL D 282 3.13 44.98 47.08
N MET D 283 4.40 45.36 46.93
CA MET D 283 5.13 45.87 48.09
C MET D 283 4.60 47.25 48.52
N THR D 284 4.19 48.09 47.57
CA THR D 284 3.57 49.35 47.94
C THR D 284 2.27 49.12 48.69
N GLU D 285 1.47 48.15 48.24
CA GLU D 285 0.23 47.82 48.92
C GLU D 285 0.50 47.30 50.33
N ALA D 286 1.53 46.49 50.49
CA ALA D 286 1.88 45.96 51.81
C ALA D 286 2.30 47.08 52.76
N PHE D 287 3.13 48.01 52.27
CA PHE D 287 3.53 49.12 53.11
C PHE D 287 2.36 50.05 53.43
N ARG D 288 1.44 50.24 52.47
CA ARG D 288 0.25 51.02 52.74
C ARG D 288 -0.63 50.35 53.79
N ASN D 289 -0.72 49.01 53.74
CA ASN D 289 -1.46 48.27 54.76
C ASN D 289 -0.80 48.45 56.12
N LEU D 290 0.54 48.42 56.17
CA LEU D 290 1.24 48.65 57.43
C LEU D 290 0.95 50.04 57.98
N ARG D 291 0.94 51.05 57.11
CA ARG D 291 0.60 52.40 57.55
C ARG D 291 -0.84 52.49 58.04
N LYS D 292 -1.76 51.80 57.35
CA LYS D 292 -3.16 51.80 57.77
C LYS D 292 -3.33 51.06 59.09
N GLN D 293 -2.50 50.06 59.34
CA GLN D 293 -2.55 49.29 60.59
C GLN D 293 -1.65 49.88 61.67
N ARG D 294 -1.13 51.10 61.46
CA ARG D 294 -0.27 51.81 62.41
C ARG D 294 0.76 50.87 63.05
N ILE D 295 1.45 50.10 62.21
CA ILE D 295 2.49 49.20 62.69
C ILE D 295 3.71 50.02 63.09
N GLU D 296 4.44 49.53 64.10
CA GLU D 296 5.62 50.22 64.61
C GLU D 296 6.78 50.09 63.63
N ILE D 297 6.71 50.84 62.53
CA ILE D 297 7.71 50.76 61.47
C ILE D 297 8.89 51.67 61.78
N SER D 298 8.93 52.20 63.00
CA SER D 298 10.01 53.08 63.41
C SER D 298 11.29 52.30 63.66
N ARG D 299 11.89 51.77 62.59
CA ARG D 299 13.13 51.02 62.71
C ARG D 299 14.30 51.95 63.03
N ARG D 300 15.30 51.40 63.71
CA ARG D 300 16.48 52.19 64.05
C ARG D 300 17.31 52.47 62.81
N GLY D 301 18.25 53.40 62.94
CA GLY D 301 19.04 53.85 61.80
C GLY D 301 19.95 52.78 61.20
N ASN D 302 20.52 51.92 62.03
CA ASN D 302 21.44 50.88 61.57
C ASN D 302 20.90 49.51 61.98
N ALA D 303 20.82 48.61 61.00
CA ALA D 303 20.36 47.25 61.28
C ALA D 303 21.45 46.37 61.86
N GLY D 304 22.71 46.82 61.83
CA GLY D 304 23.81 46.04 62.33
C GLY D 304 24.50 45.22 61.25
N ASP D 305 25.57 44.55 61.65
CA ASP D 305 26.34 43.73 60.72
C ASP D 305 25.54 42.51 60.29
N CYS D 306 25.63 42.16 59.02
CA CYS D 306 24.95 40.98 58.52
C CYS D 306 25.59 39.70 59.06
N LEU D 307 26.90 39.69 59.25
CA LEU D 307 27.63 38.53 59.73
C LEU D 307 27.87 38.56 61.23
N ALA D 308 27.04 39.28 61.98
CA ALA D 308 27.16 39.29 63.43
C ALA D 308 26.84 37.91 64.00
N ASN D 309 27.56 37.54 65.05
CA ASN D 309 27.40 36.24 65.70
C ASN D 309 26.88 36.44 67.11
N PRO D 310 25.65 36.00 67.42
CA PRO D 310 24.64 35.42 66.51
C PRO D 310 23.97 36.47 65.64
N ALA D 311 23.43 36.08 64.48
CA ALA D 311 22.73 37.00 63.59
C ALA D 311 21.30 37.17 64.09
N VAL D 312 21.14 38.11 65.03
CA VAL D 312 19.85 38.31 65.67
C VAL D 312 18.86 38.86 64.65
N PRO D 313 17.63 38.32 64.57
CA PRO D 313 16.63 38.87 63.64
C PRO D 313 16.07 40.19 64.12
N TRP D 314 15.09 40.72 63.38
CA TRP D 314 14.44 41.98 63.72
C TRP D 314 12.93 41.77 63.76
N GLY D 315 12.26 42.53 64.64
CA GLY D 315 10.86 42.25 64.94
C GLY D 315 9.93 42.50 63.76
N GLN D 316 10.14 43.59 63.04
CA GLN D 316 9.20 43.97 61.98
C GLN D 316 9.24 43.02 60.78
N GLY D 317 10.27 42.18 60.68
CA GLY D 317 10.41 41.34 59.50
C GLY D 317 9.28 40.33 59.36
N VAL D 318 8.91 39.68 60.47
CA VAL D 318 7.87 38.66 60.40
C VAL D 318 6.54 39.27 60.00
N GLU D 319 6.17 40.41 60.60
CA GLU D 319 4.90 41.03 60.25
C GLU D 319 4.92 41.60 58.85
N ILE D 320 6.07 42.11 58.39
CA ILE D 320 6.17 42.58 57.01
C ILE D 320 5.96 41.42 56.03
N GLU D 321 6.59 40.27 56.32
CA GLU D 321 6.41 39.10 55.46
C GLU D 321 4.97 38.63 55.47
N ARG D 322 4.33 38.63 56.65
CA ARG D 322 2.93 38.22 56.74
C ARG D 322 2.02 39.15 55.93
N ALA D 323 2.25 40.46 56.04
CA ALA D 323 1.46 41.42 55.28
C ALA D 323 1.69 41.25 53.77
N LEU D 324 2.94 41.02 53.37
CA LEU D 324 3.24 40.82 51.96
C LEU D 324 2.52 39.58 51.43
N LYS D 325 2.52 38.50 52.21
CA LYS D 325 1.80 37.30 51.81
C LYS D 325 0.29 37.49 51.87
N GLN D 326 -0.19 38.50 52.60
CA GLN D 326 -1.61 38.81 52.65
C GLN D 326 -2.07 39.71 51.51
N VAL D 327 -1.16 40.14 50.63
CA VAL D 327 -1.53 41.09 49.58
C VAL D 327 -2.28 40.38 48.47
N GLN D 328 -3.44 40.93 48.11
CA GLN D 328 -4.21 40.47 46.95
C GLN D 328 -4.58 41.67 46.10
N VAL D 329 -3.95 41.77 44.92
CA VAL D 329 -4.12 42.93 44.05
C VAL D 329 -4.27 42.44 42.62
N GLU D 330 -4.64 43.37 41.73
CA GLU D 330 -4.74 43.10 40.30
C GLU D 330 -3.65 43.86 39.57
N GLY D 331 -2.87 43.14 38.76
CA GLY D 331 -1.79 43.77 38.02
C GLY D 331 -1.69 43.30 36.58
N LEU D 332 -0.54 43.53 35.96
CA LEU D 332 -0.35 43.09 34.58
C LEU D 332 -0.37 41.58 34.47
N SER D 333 -0.02 40.88 35.54
CA SER D 333 0.03 39.42 35.54
C SER D 333 -1.28 38.83 36.04
N GLY D 334 -2.38 39.57 35.92
CA GLY D 334 -3.66 39.08 36.38
C GLY D 334 -3.80 39.17 37.89
N ASN D 335 -4.64 38.28 38.44
CA ASN D 335 -4.85 38.24 39.87
C ASN D 335 -3.57 37.82 40.58
N ILE D 336 -3.24 38.53 41.67
CA ILE D 336 -2.02 38.29 42.43
C ILE D 336 -2.41 37.88 43.85
N LYS D 337 -1.98 36.69 44.25
CA LYS D 337 -2.20 36.19 45.60
C LYS D 337 -0.99 35.36 46.02
N PHE D 338 -0.88 35.13 47.32
CA PHE D 338 0.22 34.34 47.87
C PHE D 338 -0.32 33.30 48.86
N ASP D 339 0.40 32.19 48.99
CA ASP D 339 0.15 31.24 50.05
C ASP D 339 1.08 31.53 51.23
N GLN D 340 1.09 30.62 52.21
CA GLN D 340 1.96 30.80 53.37
C GLN D 340 3.44 30.63 53.02
N ASN D 341 3.75 30.04 51.87
CA ASN D 341 5.13 29.85 51.45
C ASN D 341 5.63 30.97 50.55
N GLY D 342 4.80 31.97 50.26
CA GLY D 342 5.20 33.07 49.40
C GLY D 342 5.02 32.80 47.92
N LYS D 343 4.58 31.60 47.54
CA LYS D 343 4.36 31.27 46.15
C LYS D 343 2.99 31.75 45.70
N ARG D 344 2.89 32.13 44.43
CA ARG D 344 1.66 32.69 43.91
C ARG D 344 0.58 31.62 43.75
N ILE D 345 -0.66 32.02 44.06
CA ILE D 345 -1.83 31.16 43.94
C ILE D 345 -2.93 31.96 43.25
N ASN D 346 -3.93 31.24 42.75
CA ASN D 346 -5.07 31.78 42.02
C ASN D 346 -4.65 32.51 40.74
N TYR D 347 -3.45 32.25 40.24
CA TYR D 347 -2.97 32.91 39.04
C TYR D 347 -3.60 32.30 37.79
N THR D 348 -3.58 33.07 36.71
CA THR D 348 -4.13 32.64 35.43
C THR D 348 -3.03 32.63 34.39
N ILE D 349 -2.87 31.50 33.70
CA ILE D 349 -1.87 31.33 32.65
C ILE D 349 -2.57 31.15 31.32
N ASN D 350 -2.20 31.97 30.35
CA ASN D 350 -2.82 31.91 29.03
C ASN D 350 -1.97 31.08 28.08
N ILE D 351 -2.60 30.12 27.41
CA ILE D 351 -1.96 29.28 26.42
C ILE D 351 -2.20 29.90 25.05
N MET D 352 -1.12 30.15 24.32
CA MET D 352 -1.17 30.87 23.06
C MET D 352 -0.57 30.02 21.96
N GLU D 353 -1.24 30.01 20.81
CA GLU D 353 -0.83 29.20 19.68
C GLU D 353 -0.51 30.10 18.50
N LEU D 354 0.48 29.70 17.71
CA LEU D 354 0.98 30.49 16.59
C LEU D 354 0.27 30.04 15.31
N LYS D 355 -0.52 30.95 14.72
CA LYS D 355 -1.19 30.70 13.45
C LYS D 355 -0.52 31.49 12.33
N THR D 356 -1.06 31.34 11.12
CA THR D 356 -0.50 32.03 9.97
C THR D 356 -0.62 33.55 10.10
N ASN D 357 -1.77 34.04 10.58
CA ASN D 357 -1.98 35.47 10.76
C ASN D 357 -1.32 36.02 12.01
N GLY D 358 -0.86 35.17 12.91
CA GLY D 358 -0.26 35.60 14.14
C GLY D 358 -0.75 34.80 15.33
N PRO D 359 -0.13 34.99 16.49
CA PRO D 359 -0.54 34.24 17.68
C PRO D 359 -1.95 34.63 18.13
N ARG D 360 -2.71 33.62 18.56
CA ARG D 360 -4.06 33.81 19.05
C ARG D 360 -4.27 32.99 20.32
N LYS D 361 -5.09 33.52 21.23
CA LYS D 361 -5.36 32.83 22.48
C LYS D 361 -6.38 31.72 22.28
N ILE D 362 -6.08 30.52 22.78
CA ILE D 362 -6.96 29.39 22.63
C ILE D 362 -7.54 28.91 23.97
N GLY D 363 -6.78 29.01 25.06
CA GLY D 363 -7.26 28.54 26.35
C GLY D 363 -6.49 29.19 27.48
N TYR D 364 -6.92 28.86 28.70
CA TYR D 364 -6.31 29.38 29.92
C TYR D 364 -6.16 28.26 30.93
N TRP D 365 -5.25 28.46 31.89
CA TRP D 365 -4.93 27.45 32.89
C TRP D 365 -4.90 28.07 34.28
N SER D 366 -5.28 27.26 35.27
CA SER D 366 -5.20 27.65 36.68
C SER D 366 -4.94 26.40 37.50
N GLU D 367 -4.85 26.58 38.82
CA GLU D 367 -4.64 25.43 39.70
C GLU D 367 -5.86 24.52 39.76
N VAL D 368 -7.06 25.06 39.54
CA VAL D 368 -8.28 24.27 39.52
C VAL D 368 -8.77 24.15 38.07
N ASP D 369 -8.52 25.19 37.28
CA ASP D 369 -8.88 25.18 35.86
C ASP D 369 -7.72 24.60 35.07
N LYS D 370 -7.70 23.27 34.98
CA LYS D 370 -6.62 22.57 34.29
C LYS D 370 -6.83 22.59 32.78
N MET D 371 -6.30 23.62 32.12
CA MET D 371 -6.35 23.76 30.67
C MET D 371 -7.77 23.72 30.14
N VAL D 372 -8.58 24.72 30.51
CA VAL D 372 -9.94 24.86 30.01
C VAL D 372 -9.88 25.82 28.83
N LEU D 373 -10.19 25.30 27.64
CA LEU D 373 -10.13 26.12 26.43
C LEU D 373 -11.26 27.13 26.42
N THR D 374 -11.03 28.25 25.72
CA THR D 374 -12.05 29.29 25.60
C THR D 374 -13.15 28.95 24.61
N GLU D 375 -12.97 27.86 23.84
CA GLU D 375 -13.95 27.40 22.87
C GLU D 375 -14.32 28.50 21.88
N ASP D 376 -13.31 29.19 21.36
CA ASP D 376 -13.53 30.31 20.45
C ASP D 376 -13.43 29.85 19.00
N ASP D 377 -13.84 30.76 18.09
CA ASP D 377 -13.87 30.51 16.65
C ASP D 377 -14.75 29.29 16.38
N THR D 378 -14.29 28.31 15.60
CA THR D 378 -15.11 27.14 15.31
C THR D 378 -15.39 26.35 16.57
N SER D 379 -16.67 26.32 16.96
CA SER D 379 -17.06 25.62 18.17
C SER D 379 -18.28 24.73 17.93
N GLY D 380 -19.02 24.98 16.85
CA GLY D 380 -20.20 24.21 16.57
C GLY D 380 -20.44 23.86 15.12
N LEU D 381 -19.52 24.29 14.24
CA LEU D 381 -19.59 24.08 12.78
C LEU D 381 -21.01 23.90 12.26
N GLU D 382 -21.41 22.69 11.89
CA GLU D 382 -22.77 22.48 11.41
C GLU D 382 -23.77 22.39 12.57
N GLN D 383 -23.66 21.35 13.39
CA GLN D 383 -24.42 21.20 14.63
C GLN D 383 -23.51 20.60 15.70
N LYS D 384 -22.22 20.95 15.60
CA LYS D 384 -21.12 20.60 16.50
C LYS D 384 -20.66 19.16 16.34
N THR D 385 -21.45 18.28 15.73
CA THR D 385 -20.81 17.23 14.94
C THR D 385 -21.37 17.16 13.53
N VAL D 386 -22.53 16.51 13.41
CA VAL D 386 -23.54 16.43 12.34
C VAL D 386 -24.66 15.61 12.96
N VAL D 387 -25.88 15.72 12.42
CA VAL D 387 -26.93 14.77 12.79
C VAL D 387 -27.09 13.76 11.66
N VAL D 388 -26.83 12.49 11.96
CA VAL D 388 -26.94 11.42 10.97
C VAL D 388 -28.20 10.61 11.24
N THR D 389 -28.96 10.31 10.19
CA THR D 389 -30.10 9.42 10.29
C THR D 389 -29.84 8.16 9.48
N THR D 390 -30.29 7.02 10.02
CA THR D 390 -30.05 5.74 9.37
C THR D 390 -31.11 4.76 9.85
N ILE D 391 -31.17 3.61 9.16
CA ILE D 391 -32.13 2.57 9.47
C ILE D 391 -31.37 1.31 9.86
N LEU D 392 -31.85 0.65 10.91
CA LEU D 392 -31.24 -0.60 11.36
C LEU D 392 -31.43 -1.67 10.29
N GLU D 393 -30.34 -2.05 9.62
CA GLU D 393 -30.46 -2.91 8.44
C GLU D 393 -29.13 -3.62 8.22
N SER D 394 -29.09 -4.92 8.46
CA SER D 394 -27.85 -5.68 8.34
C SER D 394 -27.53 -5.96 6.88
N PRO D 395 -26.24 -6.00 6.51
CA PRO D 395 -25.06 -5.75 7.34
C PRO D 395 -24.69 -4.28 7.37
N TYR D 396 -25.56 -3.43 6.83
CA TYR D 396 -25.27 -2.00 6.79
C TYR D 396 -25.31 -1.40 8.19
N VAL D 397 -26.44 -1.54 8.89
CA VAL D 397 -26.56 -1.07 10.27
C VAL D 397 -27.14 -2.20 11.11
N MET D 398 -26.41 -2.66 12.11
CA MET D 398 -26.83 -3.83 12.87
C MET D 398 -26.45 -3.63 14.33
N MET D 399 -27.43 -3.85 15.22
CA MET D 399 -27.28 -3.50 16.63
C MET D 399 -26.27 -4.43 17.30
N LYS D 400 -25.12 -3.88 17.67
CA LYS D 400 -24.07 -4.69 18.26
C LYS D 400 -24.49 -5.22 19.63
N LYS D 401 -23.84 -6.32 20.03
CA LYS D 401 -24.23 -7.01 21.26
C LYS D 401 -23.91 -6.17 22.50
N ASN D 402 -22.83 -5.40 22.45
CA ASN D 402 -22.35 -4.67 23.62
C ASN D 402 -23.16 -3.41 23.92
N HIS D 403 -24.35 -3.26 23.34
CA HIS D 403 -25.16 -2.07 23.61
C HIS D 403 -25.67 -2.02 25.03
N GLU D 404 -25.62 -3.13 25.77
CA GLU D 404 -26.09 -3.13 27.15
C GLU D 404 -25.22 -2.27 28.05
N MET D 405 -24.01 -1.92 27.61
CA MET D 405 -23.14 -1.03 28.39
C MET D 405 -22.54 0.10 27.57
N LEU D 406 -22.44 -0.01 26.25
CA LEU D 406 -21.89 1.05 25.42
C LEU D 406 -22.87 2.23 25.34
N GLU D 407 -22.38 3.34 24.79
CA GLU D 407 -23.17 4.55 24.67
C GLU D 407 -22.80 5.26 23.37
N GLY D 408 -23.82 5.86 22.73
CA GLY D 408 -23.56 6.63 21.53
C GLY D 408 -23.43 5.76 20.30
N ASN D 409 -22.47 6.13 19.44
CA ASN D 409 -22.34 5.46 18.15
C ASN D 409 -21.81 4.04 18.29
N GLU D 410 -21.15 3.73 19.42
CA GLU D 410 -20.55 2.41 19.59
C GLU D 410 -21.60 1.30 19.65
N ARG D 411 -22.86 1.65 19.90
CA ARG D 411 -23.91 0.64 19.89
C ARG D 411 -24.13 0.07 18.49
N TYR D 412 -23.70 0.78 17.44
CA TYR D 412 -23.96 0.39 16.07
C TYR D 412 -22.66 0.04 15.36
N GLU D 413 -22.65 -1.11 14.69
CA GLU D 413 -21.56 -1.52 13.83
C GLU D 413 -22.14 -2.04 12.53
N GLY D 414 -21.46 -1.75 11.44
CA GLY D 414 -21.93 -2.17 10.13
C GLY D 414 -21.24 -1.42 9.02
N TYR D 415 -21.63 -1.76 7.79
CA TYR D 415 -21.07 -1.14 6.60
C TYR D 415 -21.36 0.36 6.56
N CYS D 416 -22.62 0.75 6.81
CA CYS D 416 -22.99 2.15 6.80
C CYS D 416 -22.39 2.93 7.96
N VAL D 417 -22.24 2.30 9.13
CA VAL D 417 -21.55 2.97 10.23
C VAL D 417 -20.10 3.25 9.84
N ASP D 418 -19.45 2.30 9.17
CA ASP D 418 -18.08 2.49 8.72
C ASP D 418 -17.99 3.61 7.69
N LEU D 419 -18.95 3.68 6.75
CA LEU D 419 -18.95 4.82 5.84
C LEU D 419 -19.16 6.13 6.58
N ALA D 420 -20.02 6.13 7.61
CA ALA D 420 -20.23 7.35 8.38
C ALA D 420 -18.94 7.81 9.04
N ALA D 421 -18.20 6.88 9.64
CA ALA D 421 -16.92 7.21 10.26
C ALA D 421 -15.94 7.74 9.21
N GLU D 422 -15.89 7.10 8.05
CA GLU D 422 -14.95 7.52 7.01
C GLU D 422 -15.30 8.91 6.48
N ILE D 423 -16.60 9.19 6.27
CA ILE D 423 -17.01 10.51 5.81
C ILE D 423 -16.67 11.57 6.85
N ALA D 424 -16.92 11.25 8.13
CA ALA D 424 -16.59 12.19 9.20
C ALA D 424 -15.09 12.48 9.22
N LYS D 425 -14.27 11.45 9.05
CA LYS D 425 -12.82 11.67 8.99
C LYS D 425 -12.41 12.49 7.79
N HIS D 426 -13.01 12.24 6.61
CA HIS D 426 -12.61 12.96 5.41
C HIS D 426 -12.99 14.44 5.50
N CYS D 427 -14.24 14.73 5.84
CA CYS D 427 -14.69 16.12 5.87
C CYS D 427 -14.32 16.84 7.16
N GLY D 428 -13.85 16.10 8.18
CA GLY D 428 -13.35 16.71 9.39
C GLY D 428 -14.33 16.82 10.54
N PHE D 429 -15.63 16.72 10.28
CA PHE D 429 -16.61 16.81 11.36
C PHE D 429 -16.73 15.48 12.09
N LYS D 430 -17.35 15.54 13.28
CA LYS D 430 -17.78 14.33 13.97
C LYS D 430 -19.18 13.94 13.51
N TYR D 431 -19.69 12.84 14.07
CA TYR D 431 -21.00 12.36 13.68
C TYR D 431 -21.72 11.72 14.86
N LYS D 432 -23.05 11.79 14.82
CA LYS D 432 -23.92 11.13 15.79
C LYS D 432 -24.95 10.32 15.02
N LEU D 433 -25.01 9.01 15.29
CA LEU D 433 -25.90 8.12 14.56
C LEU D 433 -27.26 8.06 15.23
N THR D 434 -28.32 8.15 14.43
CA THR D 434 -29.70 8.07 14.91
C THR D 434 -30.48 7.08 14.05
N ILE D 435 -31.50 6.48 14.63
CA ILE D 435 -32.35 5.52 13.94
C ILE D 435 -33.66 6.21 13.54
N VAL D 436 -34.15 5.87 12.34
CA VAL D 436 -35.38 6.48 11.85
C VAL D 436 -36.54 6.05 12.74
N GLY D 437 -37.46 6.99 12.99
CA GLY D 437 -38.54 6.73 13.93
C GLY D 437 -39.52 5.67 13.48
N ASP D 438 -39.94 5.73 12.21
CA ASP D 438 -40.96 4.82 11.71
C ASP D 438 -40.40 3.55 11.07
N GLY D 439 -39.08 3.44 10.94
CA GLY D 439 -38.49 2.22 10.40
C GLY D 439 -38.73 2.01 8.92
N LYS D 440 -38.98 3.08 8.17
CA LYS D 440 -39.26 2.98 6.74
C LYS D 440 -38.16 3.67 5.95
N TYR D 441 -38.16 3.42 4.64
CA TYR D 441 -37.18 4.07 3.76
C TYR D 441 -37.72 5.37 3.18
N GLY D 442 -38.91 5.33 2.60
CA GLY D 442 -39.48 6.57 2.12
C GLY D 442 -40.12 6.45 0.75
N ALA D 443 -41.39 6.83 0.68
CA ALA D 443 -42.14 6.90 -0.57
C ALA D 443 -43.33 7.81 -0.32
N ARG D 444 -43.43 8.90 -1.09
CA ARG D 444 -44.45 9.90 -0.85
C ARG D 444 -45.84 9.30 -1.00
N ASP D 445 -46.71 9.58 -0.03
CA ASP D 445 -48.04 8.99 -0.01
C ASP D 445 -48.92 9.60 -1.08
N ALA D 446 -49.83 8.79 -1.62
CA ALA D 446 -50.72 9.25 -2.67
C ALA D 446 -51.75 10.22 -2.11
N ASP D 447 -52.07 11.23 -2.92
CA ASP D 447 -53.13 12.21 -2.64
C ASP D 447 -52.80 13.09 -1.44
N THR D 448 -51.62 12.93 -0.85
CA THR D 448 -51.20 13.77 0.27
C THR D 448 -49.80 14.34 0.14
N LYS D 449 -48.93 13.77 -0.70
CA LYS D 449 -47.56 14.25 -0.91
C LYS D 449 -46.75 14.28 0.38
N ILE D 450 -47.12 13.46 1.36
CA ILE D 450 -46.41 13.42 2.64
C ILE D 450 -45.29 12.39 2.54
N TRP D 451 -44.05 12.84 2.69
CA TRP D 451 -42.91 11.93 2.66
C TRP D 451 -42.75 11.25 4.03
N ASN D 452 -42.08 10.10 4.02
CA ASN D 452 -41.85 9.35 5.24
C ASN D 452 -40.49 8.68 5.14
N GLY D 453 -40.15 7.90 6.16
CA GLY D 453 -38.91 7.15 6.15
C GLY D 453 -37.68 8.04 6.14
N MET D 454 -36.66 7.55 5.42
CA MET D 454 -35.41 8.30 5.28
C MET D 454 -35.67 9.67 4.66
N VAL D 455 -36.40 9.68 3.53
CA VAL D 455 -36.70 10.92 2.85
C VAL D 455 -37.61 11.80 3.68
N GLY D 456 -38.52 11.19 4.45
CA GLY D 456 -39.37 11.97 5.33
C GLY D 456 -38.58 12.69 6.40
N GLU D 457 -37.63 12.00 7.02
CA GLU D 457 -36.77 12.64 8.00
C GLU D 457 -35.91 13.73 7.36
N LEU D 458 -35.44 13.49 6.13
CA LEU D 458 -34.61 14.48 5.46
C LEU D 458 -35.39 15.75 5.10
N VAL D 459 -36.58 15.59 4.52
CA VAL D 459 -37.32 16.74 4.01
C VAL D 459 -37.73 17.68 5.13
N TYR D 460 -38.25 17.14 6.23
CA TYR D 460 -38.65 17.96 7.37
C TYR D 460 -37.46 18.47 8.18
N GLY D 461 -36.24 18.16 7.76
CA GLY D 461 -35.07 18.70 8.42
C GLY D 461 -34.79 18.14 9.78
N LYS D 462 -35.33 16.95 10.10
CA LYS D 462 -35.07 16.34 11.40
C LYS D 462 -33.64 15.85 11.53
N ALA D 463 -32.96 15.57 10.41
CA ALA D 463 -31.58 15.13 10.42
C ALA D 463 -30.85 15.77 9.25
N ASP D 464 -29.51 15.83 9.36
CA ASP D 464 -28.72 16.55 8.37
C ASP D 464 -28.23 15.65 7.25
N ILE D 465 -27.86 14.40 7.54
CA ILE D 465 -27.26 13.53 6.55
C ILE D 465 -27.83 12.13 6.72
N ALA D 466 -28.13 11.48 5.61
CA ALA D 466 -28.65 10.11 5.60
C ALA D 466 -27.55 9.18 5.11
N ILE D 467 -27.08 8.29 6.00
CA ILE D 467 -26.07 7.29 5.67
C ILE D 467 -26.70 5.94 5.95
N ALA D 468 -27.29 5.34 4.93
CA ALA D 468 -28.07 4.12 5.07
C ALA D 468 -28.17 3.46 3.70
N PRO D 469 -28.60 2.19 3.64
CA PRO D 469 -28.81 1.58 2.32
C PRO D 469 -30.01 2.20 1.60
N LEU D 470 -29.87 3.48 1.26
CA LEU D 470 -30.93 4.23 0.59
C LEU D 470 -30.60 4.32 -0.89
N THR D 471 -31.45 3.72 -1.73
CA THR D 471 -31.19 3.66 -3.16
C THR D 471 -31.46 5.00 -3.83
N ILE D 472 -30.61 5.36 -4.78
CA ILE D 472 -30.78 6.59 -5.54
C ILE D 472 -31.91 6.40 -6.55
N THR D 473 -32.93 7.26 -6.48
CA THR D 473 -34.05 7.20 -7.40
C THR D 473 -34.36 8.61 -7.90
N LEU D 474 -34.96 8.68 -9.08
CA LEU D 474 -35.29 9.97 -9.69
C LEU D 474 -36.32 10.73 -8.86
N VAL D 475 -37.33 10.02 -8.34
CA VAL D 475 -38.40 10.69 -7.59
C VAL D 475 -37.86 11.29 -6.30
N ARG D 476 -36.87 10.64 -5.66
CA ARG D 476 -36.27 11.20 -4.47
C ARG D 476 -35.38 12.40 -4.81
N GLU D 477 -34.85 12.44 -6.03
CA GLU D 477 -33.98 13.55 -6.45
C GLU D 477 -34.70 14.89 -6.41
N GLU D 478 -36.04 14.89 -6.46
CA GLU D 478 -36.78 16.14 -6.48
C GLU D 478 -36.87 16.80 -5.10
N VAL D 479 -36.57 16.07 -4.03
CA VAL D 479 -36.73 16.61 -2.68
C VAL D 479 -35.43 16.49 -1.90
N ILE D 480 -34.55 15.56 -2.30
CA ILE D 480 -33.25 15.38 -1.67
C ILE D 480 -32.21 15.11 -2.75
N ASP D 481 -30.98 15.51 -2.47
CA ASP D 481 -29.87 15.28 -3.39
C ASP D 481 -29.18 13.95 -3.06
N PHE D 482 -28.35 13.50 -3.98
CA PHE D 482 -27.66 12.23 -3.84
C PHE D 482 -26.20 12.36 -4.22
N SER D 483 -25.35 11.63 -3.51
CA SER D 483 -23.95 11.52 -3.87
C SER D 483 -23.77 10.46 -4.95
N LYS D 484 -22.54 10.31 -5.41
CA LYS D 484 -22.23 9.28 -6.40
C LYS D 484 -22.39 7.90 -5.77
N PRO D 485 -22.83 6.91 -6.53
CA PRO D 485 -23.07 5.58 -5.95
C PRO D 485 -21.79 4.98 -5.39
N PHE D 486 -21.82 4.64 -4.10
CA PHE D 486 -20.66 4.05 -3.45
C PHE D 486 -20.61 2.52 -3.61
N MET D 487 -21.68 1.91 -4.09
CA MET D 487 -21.70 0.48 -4.34
C MET D 487 -22.79 0.16 -5.36
N SER D 488 -22.61 -0.97 -6.05
CA SER D 488 -23.57 -1.39 -7.06
C SER D 488 -24.44 -2.52 -6.52
N LEU D 489 -25.68 -2.58 -7.00
CA LEU D 489 -26.64 -3.58 -6.54
C LEU D 489 -27.75 -3.72 -7.58
N GLY D 490 -28.66 -4.65 -7.30
CA GLY D 490 -29.79 -4.88 -8.17
C GLY D 490 -30.87 -5.66 -7.45
N ILE D 491 -32.11 -5.48 -7.91
CA ILE D 491 -33.23 -6.18 -7.32
C ILE D 491 -33.20 -7.65 -7.73
N SER D 492 -33.36 -8.54 -6.75
CA SER D 492 -33.27 -9.98 -7.01
C SER D 492 -34.48 -10.67 -6.39
N ILE D 493 -34.54 -11.98 -6.57
CA ILE D 493 -35.64 -12.81 -6.10
C ILE D 493 -35.10 -13.83 -5.10
N MET D 494 -35.84 -14.03 -4.01
CA MET D 494 -35.42 -14.87 -2.89
C MET D 494 -36.48 -15.88 -2.54
N ILE D 495 -36.09 -17.17 -2.53
CA ILE D 495 -36.96 -18.27 -2.10
C ILE D 495 -36.15 -19.23 -1.25
N LYS D 496 -36.86 -20.09 -0.52
CA LYS D 496 -36.21 -21.14 0.26
C LYS D 496 -35.54 -22.13 -0.67
N LYS D 497 -34.30 -22.50 -0.35
CA LYS D 497 -33.56 -23.34 -1.26
C LYS D 497 -34.23 -24.71 -1.37
N PRO D 498 -34.20 -25.33 -2.55
CA PRO D 498 -35.07 -26.50 -2.78
C PRO D 498 -34.66 -27.70 -1.94
N GLN D 499 -35.54 -28.09 -1.03
CA GLN D 499 -35.37 -29.35 -0.32
C GLN D 499 -35.47 -30.52 -1.29
N LYS D 500 -34.77 -31.60 -0.97
CA LYS D 500 -34.84 -32.81 -1.78
C LYS D 500 -36.28 -33.32 -1.79
N SER D 501 -36.84 -33.45 -2.98
CA SER D 501 -38.24 -33.88 -3.12
C SER D 501 -38.42 -35.31 -2.65
N LYS D 502 -39.42 -35.52 -1.81
CA LYS D 502 -39.72 -36.87 -1.33
C LYS D 502 -40.22 -37.72 -2.49
N PRO D 503 -39.74 -38.95 -2.64
CA PRO D 503 -40.18 -39.78 -3.77
C PRO D 503 -41.68 -40.04 -3.74
N GLY D 504 -42.32 -40.01 -4.91
CA GLY D 504 -43.73 -40.30 -4.99
C GLY D 504 -43.99 -41.78 -4.81
N VAL D 505 -45.29 -42.12 -4.81
CA VAL D 505 -45.67 -43.52 -4.71
C VAL D 505 -45.16 -44.29 -5.93
N PHE D 506 -45.44 -43.78 -7.13
CA PHE D 506 -45.02 -44.41 -8.37
C PHE D 506 -43.75 -43.81 -8.94
N SER D 507 -42.81 -43.42 -8.08
CA SER D 507 -41.51 -42.99 -8.54
C SER D 507 -40.66 -44.15 -9.04
N PHE D 508 -41.08 -45.41 -8.82
CA PHE D 508 -40.28 -46.54 -9.26
C PHE D 508 -40.14 -46.57 -10.78
N LEU D 509 -41.05 -45.92 -11.50
CA LEU D 509 -40.98 -45.90 -12.95
C LEU D 509 -40.52 -44.56 -13.49
N ASP D 510 -39.87 -43.73 -12.68
CA ASP D 510 -39.28 -42.48 -13.14
C ASP D 510 -38.04 -42.65 -14.01
N PRO D 511 -37.20 -43.69 -13.86
CA PRO D 511 -36.01 -43.78 -14.71
C PRO D 511 -36.30 -43.84 -16.20
N LEU D 512 -37.48 -44.29 -16.61
CA LEU D 512 -37.89 -44.25 -18.01
C LEU D 512 -39.06 -43.29 -18.16
N ALA D 513 -39.06 -42.51 -19.24
CA ALA D 513 -40.08 -41.51 -19.42
C ALA D 513 -41.45 -42.14 -19.60
N TYR D 514 -42.48 -41.29 -19.63
CA TYR D 514 -43.84 -41.77 -19.85
C TYR D 514 -43.99 -42.42 -21.22
N GLU D 515 -43.41 -41.80 -22.25
CA GLU D 515 -43.55 -42.35 -23.59
C GLU D 515 -42.92 -43.73 -23.70
N ILE D 516 -41.84 -43.99 -22.98
CA ILE D 516 -41.19 -45.29 -23.09
C ILE D 516 -42.09 -46.38 -22.48
N TRP D 517 -42.76 -46.08 -21.37
CA TRP D 517 -43.68 -47.06 -20.80
C TRP D 517 -44.88 -47.28 -21.71
N MET D 518 -45.42 -46.21 -22.28
CA MET D 518 -46.54 -46.39 -23.20
C MET D 518 -46.14 -47.22 -24.41
N CYS D 519 -44.97 -46.93 -24.99
CA CYS D 519 -44.53 -47.68 -26.16
C CYS D 519 -44.10 -49.09 -25.81
N ILE D 520 -43.67 -49.33 -24.58
CA ILE D 520 -43.43 -50.69 -24.13
C ILE D 520 -44.72 -51.49 -24.10
N VAL D 521 -45.80 -50.88 -23.59
CA VAL D 521 -47.08 -51.58 -23.60
C VAL D 521 -47.51 -51.87 -25.03
N PHE D 522 -47.39 -50.89 -25.92
CA PHE D 522 -47.80 -51.10 -27.31
C PHE D 522 -46.96 -52.18 -27.97
N ALA D 523 -45.65 -52.17 -27.75
CA ALA D 523 -44.78 -53.18 -28.36
C ALA D 523 -45.06 -54.56 -27.79
N TYR D 524 -45.39 -54.64 -26.50
CA TYR D 524 -45.78 -55.90 -25.90
C TYR D 524 -47.00 -56.49 -26.60
N ILE D 525 -48.05 -55.68 -26.77
CA ILE D 525 -49.27 -56.19 -27.40
C ILE D 525 -48.99 -56.56 -28.85
N GLY D 526 -48.24 -55.72 -29.57
CA GLY D 526 -47.95 -56.02 -30.96
C GLY D 526 -47.15 -57.30 -31.13
N VAL D 527 -46.12 -57.48 -30.31
CA VAL D 527 -45.29 -58.69 -30.40
C VAL D 527 -46.11 -59.92 -30.06
N SER D 528 -46.93 -59.84 -29.01
CA SER D 528 -47.73 -61.01 -28.65
C SER D 528 -48.68 -61.40 -29.77
N VAL D 529 -49.35 -60.42 -30.38
CA VAL D 529 -50.30 -60.74 -31.43
C VAL D 529 -49.58 -61.27 -32.67
N VAL D 530 -48.41 -60.71 -32.98
CA VAL D 530 -47.68 -61.20 -34.15
C VAL D 530 -47.15 -62.61 -33.92
N LEU D 531 -46.70 -62.90 -32.71
CA LEU D 531 -46.27 -64.26 -32.40
C LEU D 531 -47.42 -65.24 -32.53
N PHE D 532 -48.59 -64.88 -32.00
CA PHE D 532 -49.75 -65.74 -32.17
C PHE D 532 -50.09 -65.92 -33.64
N LEU D 533 -50.00 -64.85 -34.43
CA LEU D 533 -50.32 -64.94 -35.85
C LEU D 533 -49.40 -65.91 -36.56
N VAL D 534 -48.08 -65.76 -36.38
CA VAL D 534 -47.17 -66.53 -37.21
C VAL D 534 -46.89 -67.90 -36.62
N SER D 535 -47.38 -68.19 -35.42
CA SER D 535 -47.18 -69.52 -34.87
C SER D 535 -48.47 -70.34 -34.79
N ARG D 536 -49.63 -69.74 -35.02
CA ARG D 536 -50.89 -70.47 -35.05
C ARG D 536 -51.64 -70.17 -36.33
N PHE D 537 -50.93 -70.28 -37.44
CA PHE D 537 -51.49 -70.04 -38.76
C PHE D 537 -51.12 -71.23 -39.63
N SER D 538 -52.12 -71.81 -40.30
CA SER D 538 -52.10 -73.24 -40.58
C SER D 538 -50.84 -73.67 -41.33
N PRO D 539 -50.18 -74.75 -40.89
CA PRO D 539 -49.12 -75.35 -41.71
C PRO D 539 -49.67 -76.46 -42.59
N TYR D 540 -49.01 -76.69 -43.71
CA TYR D 540 -49.39 -77.77 -44.62
C TYR D 540 -48.22 -78.15 -45.51
N SER D 541 -52.37 -81.61 -39.43
CA SER D 541 -53.14 -80.95 -38.38
C SER D 541 -52.33 -79.83 -37.73
N GLU D 542 -53.01 -78.73 -37.42
CA GLU D 542 -52.39 -77.64 -36.68
C GLU D 542 -52.37 -78.00 -35.20
N SER D 543 -52.12 -77.01 -34.34
CA SER D 543 -52.04 -77.18 -32.89
C SER D 543 -50.84 -78.02 -32.47
N THR D 544 -49.81 -78.08 -33.31
CA THR D 544 -48.55 -78.72 -32.96
C THR D 544 -47.75 -77.88 -31.96
N ASN D 545 -48.17 -76.64 -31.71
CA ASN D 545 -47.54 -75.77 -30.73
C ASN D 545 -48.62 -75.18 -29.85
N GLU D 546 -48.19 -74.70 -28.68
CA GLU D 546 -49.12 -74.21 -27.67
C GLU D 546 -49.33 -72.71 -27.73
N PHE D 547 -48.86 -72.03 -28.78
CA PHE D 547 -48.85 -70.57 -28.82
C PHE D 547 -50.20 -69.99 -29.24
N GLY D 548 -51.21 -70.28 -28.44
CA GLY D 548 -52.47 -69.56 -28.57
C GLY D 548 -52.29 -68.09 -28.25
N ILE D 549 -53.41 -67.37 -28.19
CA ILE D 549 -53.29 -65.94 -27.87
C ILE D 549 -52.90 -65.75 -26.41
N PHE D 550 -53.49 -66.50 -25.50
CA PHE D 550 -53.17 -66.29 -24.09
C PHE D 550 -51.78 -66.80 -23.78
N ASN D 551 -51.40 -67.94 -24.36
CA ASN D 551 -50.04 -68.43 -24.19
C ASN D 551 -49.02 -67.48 -24.80
N SER D 552 -49.38 -66.80 -25.90
CA SER D 552 -48.46 -65.83 -26.48
C SER D 552 -48.31 -64.60 -25.60
N LEU D 553 -49.42 -64.12 -25.03
CA LEU D 553 -49.33 -62.99 -24.12
C LEU D 553 -48.49 -63.34 -22.91
N TRP D 554 -48.66 -64.55 -22.37
CA TRP D 554 -47.82 -64.98 -21.27
C TRP D 554 -46.36 -65.08 -21.67
N PHE D 555 -46.07 -65.61 -22.86
CA PHE D 555 -44.67 -65.73 -23.27
C PHE D 555 -44.02 -64.38 -23.41
N SER D 556 -44.72 -63.42 -24.02
CA SER D 556 -44.12 -62.09 -24.16
C SER D 556 -43.96 -61.40 -22.82
N LEU D 557 -44.92 -61.55 -21.91
CA LEU D 557 -44.76 -60.98 -20.57
C LEU D 557 -43.59 -61.61 -19.84
N GLY D 558 -43.43 -62.93 -19.94
CA GLY D 558 -42.31 -63.58 -19.31
C GLY D 558 -40.99 -63.16 -19.91
N ALA D 559 -40.97 -62.90 -21.23
CA ALA D 559 -39.72 -62.53 -21.88
C ALA D 559 -39.33 -61.09 -21.58
N PHE D 560 -40.31 -60.22 -21.34
CA PHE D 560 -39.92 -58.84 -21.00
C PHE D 560 -39.21 -58.79 -19.67
N MET D 561 -39.79 -59.39 -18.63
CA MET D 561 -39.00 -59.66 -17.44
C MET D 561 -37.91 -60.66 -17.79
N GLN D 562 -36.92 -60.83 -16.93
CA GLN D 562 -35.90 -61.83 -17.20
C GLN D 562 -36.30 -63.18 -16.65
N GLN D 563 -37.50 -63.65 -17.00
CA GLN D 563 -38.03 -64.92 -16.48
C GLN D 563 -38.29 -65.83 -17.67
N GLY D 564 -37.52 -66.90 -17.77
CA GLY D 564 -37.72 -67.88 -18.80
C GLY D 564 -39.10 -68.52 -18.73
N CYS D 565 -39.81 -68.51 -19.84
CA CYS D 565 -41.12 -69.14 -19.90
C CYS D 565 -40.97 -70.64 -20.07
N ASP D 566 -42.10 -71.33 -20.11
CA ASP D 566 -42.11 -72.77 -20.26
C ASP D 566 -42.24 -73.24 -21.70
N ILE D 567 -42.32 -72.33 -22.67
CA ILE D 567 -42.45 -72.67 -24.08
C ILE D 567 -41.51 -71.82 -24.90
N SER D 568 -41.20 -72.29 -26.11
CA SER D 568 -40.36 -71.59 -27.05
C SER D 568 -40.93 -71.70 -28.46
N PRO D 569 -40.69 -70.71 -29.32
CA PRO D 569 -41.40 -70.65 -30.60
C PRO D 569 -41.26 -71.87 -31.50
N ARG D 570 -40.09 -72.48 -31.59
CA ARG D 570 -39.89 -73.75 -32.31
C ARG D 570 -40.11 -73.65 -33.82
N SER D 571 -40.49 -72.48 -34.32
CA SER D 571 -40.61 -72.28 -35.76
C SER D 571 -39.61 -71.21 -36.20
N LEU D 572 -39.69 -70.81 -37.47
CA LEU D 572 -38.73 -69.85 -37.97
C LEU D 572 -39.20 -68.42 -37.70
N SER D 573 -40.41 -68.09 -38.13
CA SER D 573 -40.96 -66.76 -37.85
C SER D 573 -41.19 -66.55 -36.37
N GLY D 574 -41.67 -67.59 -35.68
CA GLY D 574 -41.80 -67.49 -34.24
C GLY D 574 -40.48 -67.18 -33.57
N ARG D 575 -39.41 -67.82 -34.04
CA ARG D 575 -38.10 -67.58 -33.44
C ARG D 575 -37.55 -66.21 -33.80
N ILE D 576 -37.92 -65.67 -34.97
CA ILE D 576 -37.51 -64.31 -35.29
C ILE D 576 -38.18 -63.32 -34.33
N VAL D 577 -39.49 -63.49 -34.11
CA VAL D 577 -40.16 -62.61 -33.15
C VAL D 577 -39.56 -62.76 -31.77
N GLY D 578 -39.33 -64.01 -31.34
CA GLY D 578 -38.75 -64.23 -30.04
C GLY D 578 -37.38 -63.56 -29.90
N GLY D 579 -36.54 -63.69 -30.93
CA GLY D 579 -35.21 -63.12 -30.84
C GLY D 579 -35.22 -61.60 -30.79
N VAL D 580 -36.02 -60.97 -31.65
CA VAL D 580 -36.02 -59.52 -31.67
C VAL D 580 -36.65 -58.95 -30.40
N TRP D 581 -37.69 -59.60 -29.88
CA TRP D 581 -38.26 -59.18 -28.60
C TRP D 581 -37.30 -59.38 -27.45
N TRP D 582 -36.49 -60.45 -27.50
CA TRP D 582 -35.47 -60.64 -26.47
C TRP D 582 -34.44 -59.52 -26.50
N PHE D 583 -34.00 -59.12 -27.69
CA PHE D 583 -33.07 -58.01 -27.76
C PHE D 583 -33.70 -56.72 -27.23
N PHE D 584 -34.95 -56.46 -27.60
CA PHE D 584 -35.63 -55.27 -27.11
C PHE D 584 -35.69 -55.25 -25.59
N THR D 585 -36.11 -56.36 -24.99
CA THR D 585 -36.27 -56.35 -23.54
C THR D 585 -34.92 -56.27 -22.85
N LEU D 586 -33.88 -56.87 -23.42
CA LEU D 586 -32.54 -56.74 -22.85
C LEU D 586 -32.11 -55.28 -22.81
N ILE D 587 -32.26 -54.58 -23.93
CA ILE D 587 -31.83 -53.18 -23.99
C ILE D 587 -32.64 -52.33 -23.03
N ILE D 588 -33.96 -52.54 -22.98
CA ILE D 588 -34.80 -51.70 -22.13
C ILE D 588 -34.49 -51.93 -20.65
N ILE D 589 -34.32 -53.19 -20.23
CA ILE D 589 -34.01 -53.46 -18.83
C ILE D 589 -32.66 -52.87 -18.46
N SER D 590 -31.65 -53.03 -19.34
CA SER D 590 -30.35 -52.46 -19.03
C SER D 590 -30.42 -50.94 -18.95
N SER D 591 -31.18 -50.30 -19.83
CA SER D 591 -31.32 -48.86 -19.78
C SER D 591 -32.00 -48.41 -18.49
N TYR D 592 -33.03 -49.14 -18.07
CA TYR D 592 -33.71 -48.78 -16.82
C TYR D 592 -32.76 -48.85 -15.64
N THR D 593 -32.05 -49.97 -15.49
CA THR D 593 -31.18 -50.09 -14.32
C THR D 593 -29.99 -49.14 -14.39
N ALA D 594 -29.47 -48.86 -15.59
CA ALA D 594 -28.36 -47.93 -15.70
C ALA D 594 -28.79 -46.50 -15.39
N ASN D 595 -29.94 -46.07 -15.91
CA ASN D 595 -30.43 -44.74 -15.58
C ASN D 595 -30.74 -44.62 -14.09
N LEU D 596 -31.34 -45.66 -13.51
CA LEU D 596 -31.62 -45.59 -12.08
C LEU D 596 -30.34 -45.49 -11.26
N ALA D 597 -29.32 -46.28 -11.61
CA ALA D 597 -28.03 -46.14 -10.92
C ALA D 597 -27.38 -44.80 -11.19
N ALA D 598 -27.74 -44.13 -12.29
CA ALA D 598 -27.28 -42.77 -12.51
C ALA D 598 -27.97 -41.77 -11.61
N PHE D 599 -29.26 -41.95 -11.34
CA PHE D 599 -29.96 -40.95 -10.52
C PHE D 599 -29.59 -41.05 -9.06
N LEU D 600 -29.34 -42.26 -8.55
CA LEU D 600 -29.13 -42.45 -7.12
C LEU D 600 -27.69 -42.09 -6.75
N THR D 601 -26.97 -41.57 -7.73
CA THR D 601 -25.58 -41.17 -7.53
C THR D 601 -25.43 -39.66 -7.53
N VAL D 602 -25.99 -39.00 -8.53
CA VAL D 602 -25.92 -37.55 -8.67
C VAL D 602 -27.31 -36.99 -8.45
N GLU D 603 -27.39 -35.91 -7.68
CA GLU D 603 -28.64 -35.43 -7.11
C GLU D 603 -28.88 -33.95 -7.38
N ARG D 604 -28.82 -33.55 -8.65
CA ARG D 604 -29.04 -32.15 -9.01
C ARG D 604 -30.41 -31.65 -8.56
N MET D 605 -30.47 -30.40 -8.07
CA MET D 605 -31.66 -29.83 -7.46
C MET D 605 -32.55 -29.10 -8.45
N VAL D 606 -32.00 -28.12 -9.17
CA VAL D 606 -32.65 -27.20 -10.11
C VAL D 606 -33.86 -26.48 -9.51
N SER D 607 -33.81 -25.15 -9.50
CA SER D 607 -34.88 -24.31 -8.97
C SER D 607 -36.00 -24.18 -10.00
N PRO D 608 -37.24 -23.93 -9.57
CA PRO D 608 -38.34 -23.86 -10.55
C PRO D 608 -38.53 -22.46 -11.14
N ILE D 609 -37.83 -21.47 -10.60
CA ILE D 609 -37.96 -20.10 -11.08
C ILE D 609 -36.60 -19.56 -11.51
N GLU D 610 -35.78 -20.43 -12.09
CA GLU D 610 -34.40 -20.09 -12.46
C GLU D 610 -34.31 -18.80 -13.28
N SER D 611 -35.13 -18.66 -14.32
CA SER D 611 -34.99 -17.58 -15.28
C SER D 611 -35.45 -16.23 -14.74
N ALA D 612 -36.10 -16.21 -13.57
CA ALA D 612 -36.60 -14.98 -12.94
C ALA D 612 -37.75 -14.38 -13.73
N GLU D 613 -38.09 -14.99 -14.87
CA GLU D 613 -39.24 -14.54 -15.65
C GLU D 613 -40.39 -15.53 -15.52
N ASP D 614 -40.13 -16.73 -15.00
CA ASP D 614 -41.16 -17.75 -14.89
C ASP D 614 -42.28 -17.32 -13.95
N LEU D 615 -41.98 -16.42 -13.02
CA LEU D 615 -43.01 -15.90 -12.13
C LEU D 615 -44.12 -15.19 -12.91
N SER D 616 -43.77 -14.59 -14.05
CA SER D 616 -44.77 -13.90 -14.86
C SER D 616 -45.73 -14.86 -15.55
N LYS D 617 -45.38 -16.14 -15.64
CA LYS D 617 -46.23 -17.14 -16.29
C LYS D 617 -46.83 -18.13 -15.30
N GLN D 618 -46.11 -18.46 -14.24
CA GLN D 618 -46.63 -19.38 -13.23
C GLN D 618 -47.56 -18.64 -12.28
N THR D 619 -48.36 -19.41 -11.55
CA THR D 619 -49.31 -18.83 -10.60
C THR D 619 -49.31 -19.61 -9.28
N GLU D 620 -48.52 -20.68 -9.20
CA GLU D 620 -48.48 -21.48 -7.99
C GLU D 620 -47.53 -20.93 -6.94
N ILE D 621 -46.68 -19.96 -7.29
CA ILE D 621 -45.76 -19.35 -6.34
C ILE D 621 -46.11 -17.88 -6.22
N ALA D 622 -46.50 -17.45 -5.01
CA ALA D 622 -46.78 -16.04 -4.77
C ALA D 622 -45.47 -15.26 -4.63
N TYR D 623 -45.53 -13.97 -4.94
CA TYR D 623 -44.35 -13.14 -4.85
C TYR D 623 -44.75 -11.68 -4.59
N GLY D 624 -43.92 -10.99 -3.83
CA GLY D 624 -44.20 -9.62 -3.48
C GLY D 624 -42.95 -8.89 -3.04
N THR D 625 -43.11 -7.60 -2.79
CA THR D 625 -42.01 -6.71 -2.42
C THR D 625 -42.36 -5.97 -1.14
N LEU D 626 -41.36 -5.27 -0.58
CA LEU D 626 -41.61 -4.43 0.57
C LEU D 626 -42.57 -3.30 0.24
N ASP D 627 -43.55 -3.09 1.11
CA ASP D 627 -44.51 -2.02 0.92
C ASP D 627 -43.86 -0.67 1.17
N SER D 628 -44.22 0.31 0.32
CA SER D 628 -43.70 1.67 0.41
C SER D 628 -42.17 1.69 0.32
N GLY D 629 -41.66 1.17 -0.80
CA GLY D 629 -40.23 1.10 -1.01
C GLY D 629 -39.87 1.42 -2.44
N SER D 630 -38.56 1.40 -2.71
CA SER D 630 -38.07 1.69 -4.06
C SER D 630 -38.44 0.60 -5.05
N THR D 631 -38.49 -0.66 -4.61
CA THR D 631 -38.84 -1.75 -5.51
C THR D 631 -40.31 -1.67 -5.95
N LYS D 632 -41.21 -1.37 -5.01
CA LYS D 632 -42.62 -1.24 -5.36
C LYS D 632 -42.84 -0.12 -6.36
N GLU D 633 -42.20 1.03 -6.13
CA GLU D 633 -42.28 2.13 -7.08
C GLU D 633 -41.64 1.79 -8.41
N PHE D 634 -40.56 0.99 -8.40
CA PHE D 634 -39.93 0.56 -9.64
C PHE D 634 -40.89 -0.28 -10.48
N PHE D 635 -41.53 -1.26 -9.85
CA PHE D 635 -42.53 -2.04 -10.57
C PHE D 635 -43.72 -1.17 -10.98
N ARG D 636 -44.09 -0.21 -10.12
CA ARG D 636 -45.22 0.66 -10.40
C ARG D 636 -45.00 1.55 -11.62
N ARG D 637 -43.75 1.81 -11.99
CA ARG D 637 -43.46 2.81 -13.01
C ARG D 637 -42.82 2.22 -14.26
N SER D 638 -42.11 1.10 -14.12
CA SER D 638 -41.39 0.53 -15.25
C SER D 638 -42.35 0.08 -16.34
N LYS D 639 -41.98 0.36 -17.59
CA LYS D 639 -42.77 0.00 -18.75
C LYS D 639 -42.26 -1.25 -19.47
N ILE D 640 -41.27 -1.94 -18.91
CA ILE D 640 -40.79 -3.17 -19.51
C ILE D 640 -41.92 -4.19 -19.50
N ALA D 641 -42.06 -4.92 -20.61
CA ALA D 641 -43.21 -5.82 -20.77
C ALA D 641 -43.28 -6.86 -19.65
N VAL D 642 -42.17 -7.54 -19.39
CA VAL D 642 -42.18 -8.55 -18.32
C VAL D 642 -42.43 -7.88 -16.97
N PHE D 643 -41.76 -6.75 -16.70
CA PHE D 643 -41.98 -6.03 -15.46
C PHE D 643 -43.39 -5.46 -15.37
N ASP D 644 -43.96 -5.06 -16.51
CA ASP D 644 -45.36 -4.67 -16.52
C ASP D 644 -46.26 -5.83 -16.11
N LYS D 645 -45.93 -7.05 -16.57
CA LYS D 645 -46.69 -8.23 -16.15
C LYS D 645 -46.58 -8.46 -14.66
N MET D 646 -45.36 -8.37 -14.11
CA MET D 646 -45.20 -8.56 -12.66
C MET D 646 -46.02 -7.54 -11.90
N TRP D 647 -45.91 -6.25 -12.25
CA TRP D 647 -46.65 -5.21 -11.56
C TRP D 647 -48.16 -5.43 -11.67
N THR D 648 -48.63 -5.84 -12.86
CA THR D 648 -50.05 -6.12 -13.03
C THR D 648 -50.50 -7.24 -12.11
N TYR D 649 -49.65 -8.26 -11.91
CA TYR D 649 -50.01 -9.34 -11.01
C TYR D 649 -50.06 -8.85 -9.56
N MET D 650 -49.01 -8.14 -9.12
CA MET D 650 -48.95 -7.71 -7.73
C MET D 650 -50.07 -6.73 -7.38
N ARG D 651 -50.47 -5.88 -8.34
CA ARG D 651 -51.51 -4.90 -8.05
C ARG D 651 -52.85 -5.58 -7.80
N SER D 652 -53.14 -6.67 -8.51
CA SER D 652 -54.44 -7.32 -8.43
C SER D 652 -54.45 -8.55 -7.54
N ALA D 653 -53.30 -9.06 -7.14
CA ALA D 653 -53.25 -10.28 -6.34
C ALA D 653 -53.74 -10.05 -4.93
N GLU D 654 -54.60 -10.95 -4.45
CA GLU D 654 -55.07 -10.95 -3.07
C GLU D 654 -54.91 -12.35 -2.52
N PRO D 655 -54.54 -12.50 -1.23
CA PRO D 655 -54.31 -11.45 -0.23
C PRO D 655 -53.05 -10.63 -0.51
N SER D 656 -52.89 -9.48 0.14
CA SER D 656 -51.77 -8.61 -0.14
C SER D 656 -50.44 -9.32 0.09
N VAL D 657 -49.59 -9.30 -0.95
CA VAL D 657 -48.31 -9.99 -0.87
C VAL D 657 -47.20 -9.12 -0.30
N PHE D 658 -47.46 -7.83 -0.10
CA PHE D 658 -46.46 -6.93 0.44
C PHE D 658 -46.26 -7.19 1.94
N VAL D 659 -45.06 -6.89 2.42
CA VAL D 659 -44.71 -7.06 3.82
C VAL D 659 -44.18 -5.74 4.36
N ARG D 660 -44.35 -5.53 5.67
CA ARG D 660 -43.90 -4.29 6.29
C ARG D 660 -42.39 -4.26 6.49
N THR D 661 -41.79 -5.39 6.88
CA THR D 661 -40.38 -5.45 7.18
C THR D 661 -39.73 -6.60 6.41
N THR D 662 -38.41 -6.50 6.24
CA THR D 662 -37.67 -7.56 5.57
C THR D 662 -37.72 -8.87 6.35
N ALA D 663 -37.65 -8.79 7.68
CA ALA D 663 -37.80 -9.97 8.50
C ALA D 663 -39.18 -10.60 8.31
N GLU D 664 -40.22 -9.77 8.19
CA GLU D 664 -41.55 -10.29 7.89
C GLU D 664 -41.55 -11.01 6.55
N GLY D 665 -40.83 -10.46 5.56
CA GLY D 665 -40.73 -11.10 4.26
C GLY D 665 -40.04 -12.45 4.31
N VAL D 666 -38.92 -12.55 5.02
CA VAL D 666 -38.22 -13.83 5.11
C VAL D 666 -39.05 -14.84 5.89
N ALA D 667 -39.77 -14.38 6.92
CA ALA D 667 -40.66 -15.28 7.65
C ALA D 667 -41.79 -15.79 6.75
N ARG D 668 -42.35 -14.91 5.93
CA ARG D 668 -43.39 -15.32 5.00
C ARG D 668 -42.85 -16.31 3.96
N VAL D 669 -41.61 -16.13 3.52
CA VAL D 669 -41.01 -17.06 2.58
C VAL D 669 -40.82 -18.43 3.24
N ARG D 670 -40.27 -18.44 4.45
CA ARG D 670 -39.95 -19.71 5.10
C ARG D 670 -41.22 -20.49 5.48
N LYS D 671 -42.20 -19.79 6.05
CA LYS D 671 -43.40 -20.48 6.55
C LYS D 671 -44.19 -21.14 5.43
N SER D 672 -44.36 -20.46 4.30
CA SER D 672 -45.11 -21.02 3.18
C SER D 672 -44.41 -22.22 2.55
N LYS D 673 -43.15 -22.45 2.87
CA LYS D 673 -42.42 -23.66 2.45
C LYS D 673 -42.31 -23.74 0.93
N GLY D 674 -41.81 -22.66 0.32
CA GLY D 674 -41.52 -22.63 -1.09
C GLY D 674 -42.58 -22.03 -1.98
N LYS D 675 -43.74 -21.67 -1.45
CA LYS D 675 -44.80 -21.13 -2.28
C LYS D 675 -44.81 -19.61 -2.33
N TYR D 676 -43.98 -18.93 -1.56
CA TYR D 676 -43.92 -17.47 -1.59
C TYR D 676 -42.50 -17.01 -1.87
N ALA D 677 -42.39 -15.99 -2.73
CA ALA D 677 -41.12 -15.40 -3.09
C ALA D 677 -41.09 -13.95 -2.62
N TYR D 678 -39.94 -13.50 -2.14
CA TYR D 678 -39.77 -12.12 -1.69
C TYR D 678 -38.71 -11.45 -2.55
N LEU D 679 -39.01 -10.24 -3.01
CA LEU D 679 -38.15 -9.51 -3.93
C LEU D 679 -37.43 -8.40 -3.17
N LEU D 680 -36.11 -8.38 -3.27
CA LEU D 680 -35.29 -7.42 -2.56
C LEU D 680 -33.93 -7.32 -3.25
N GLU D 681 -33.09 -6.44 -2.71
CA GLU D 681 -31.81 -6.14 -3.36
C GLU D 681 -30.87 -7.34 -3.32
N SER D 682 -29.96 -7.39 -4.30
CA SER D 682 -29.07 -8.54 -4.42
C SER D 682 -28.12 -8.66 -3.24
N THR D 683 -27.63 -7.54 -2.72
CA THR D 683 -26.67 -7.57 -1.63
C THR D 683 -27.30 -8.17 -0.37
N MET D 684 -28.50 -7.72 -0.02
CA MET D 684 -29.20 -8.29 1.12
C MET D 684 -29.55 -9.75 0.89
N ASN D 685 -29.96 -10.09 -0.33
CA ASN D 685 -30.27 -11.49 -0.63
C ASN D 685 -29.07 -12.38 -0.38
N GLU D 686 -27.89 -11.96 -0.86
CA GLU D 686 -26.68 -12.76 -0.65
C GLU D 686 -26.29 -12.80 0.82
N TYR D 687 -26.45 -11.67 1.53
CA TYR D 687 -26.10 -11.63 2.94
C TYR D 687 -26.96 -12.59 3.76
N ILE D 688 -28.28 -12.59 3.51
CA ILE D 688 -29.14 -13.53 4.21
C ILE D 688 -28.89 -14.95 3.72
N GLU D 689 -28.44 -15.10 2.47
CA GLU D 689 -28.06 -16.41 1.96
C GLU D 689 -26.91 -17.00 2.76
N GLN D 690 -25.94 -16.17 3.12
CA GLN D 690 -24.80 -16.66 3.89
C GLN D 690 -25.09 -16.81 5.38
N ARG D 691 -26.15 -16.21 5.91
CA ARG D 691 -26.46 -16.31 7.33
C ARG D 691 -27.06 -17.66 7.67
N LYS D 692 -26.85 -18.11 8.91
CA LYS D 692 -27.36 -19.41 9.33
C LYS D 692 -28.86 -19.33 9.60
N PRO D 693 -29.61 -20.43 9.45
CA PRO D 693 -29.14 -21.78 9.05
C PRO D 693 -29.03 -21.95 7.55
N CYS D 694 -29.01 -20.85 6.81
CA CYS D 694 -28.85 -20.87 5.35
C CYS D 694 -29.93 -21.73 4.67
N ASP D 695 -31.17 -21.30 4.83
CA ASP D 695 -32.31 -22.00 4.25
C ASP D 695 -32.94 -21.23 3.11
N THR D 696 -32.33 -20.12 2.68
CA THR D 696 -32.84 -19.33 1.56
C THR D 696 -31.67 -18.90 0.69
N MET D 697 -31.87 -18.94 -0.62
CA MET D 697 -30.87 -18.46 -1.55
C MET D 697 -31.50 -17.55 -2.60
N LYS D 698 -30.64 -16.86 -3.36
CA LYS D 698 -31.07 -15.95 -4.41
C LYS D 698 -31.24 -16.70 -5.72
N VAL D 699 -32.25 -16.31 -6.50
CA VAL D 699 -32.57 -16.97 -7.75
C VAL D 699 -32.76 -15.94 -8.86
N GLY D 700 -32.27 -16.27 -10.05
CA GLY D 700 -32.44 -15.41 -11.21
C GLY D 700 -31.44 -14.27 -11.28
N GLY D 701 -31.48 -13.51 -12.38
CA GLY D 701 -30.61 -12.38 -12.54
C GLY D 701 -31.19 -11.12 -11.91
N ASN D 702 -30.38 -10.06 -11.92
CA ASN D 702 -30.81 -8.79 -11.36
C ASN D 702 -31.83 -8.14 -12.29
N LEU D 703 -32.94 -7.69 -11.70
CA LEU D 703 -34.02 -7.11 -12.50
C LEU D 703 -33.70 -5.70 -12.97
N ASP D 704 -32.81 -4.99 -12.26
CA ASP D 704 -32.50 -3.62 -12.60
C ASP D 704 -31.09 -3.28 -12.12
N SER D 705 -30.63 -2.09 -12.51
CA SER D 705 -29.27 -1.65 -12.22
C SER D 705 -29.32 -0.28 -11.55
N LYS D 706 -28.90 -0.22 -10.30
CA LYS D 706 -28.82 1.02 -9.54
C LYS D 706 -27.95 0.76 -8.30
N GLY D 707 -27.90 1.73 -7.39
CA GLY D 707 -27.09 1.59 -6.21
C GLY D 707 -27.52 2.53 -5.10
N TYR D 708 -27.00 2.26 -3.90
CA TYR D 708 -27.24 3.11 -2.75
C TYR D 708 -26.43 4.39 -2.86
N GLY D 709 -26.83 5.39 -2.09
CA GLY D 709 -26.14 6.67 -2.09
C GLY D 709 -26.38 7.43 -0.80
N ILE D 710 -25.51 8.41 -0.57
CA ILE D 710 -25.68 9.31 0.57
C ILE D 710 -26.61 10.45 0.17
N ALA D 711 -27.62 10.71 1.00
CA ALA D 711 -28.63 11.71 0.71
C ALA D 711 -28.70 12.75 1.81
N THR D 712 -28.95 13.99 1.42
CA THR D 712 -29.10 15.12 2.33
C THR D 712 -30.33 15.90 1.90
N PRO D 713 -30.92 16.70 2.80
CA PRO D 713 -32.04 17.55 2.40
C PRO D 713 -31.63 18.52 1.30
N LYS D 714 -32.58 18.82 0.41
CA LYS D 714 -32.30 19.72 -0.70
C LYS D 714 -31.97 21.11 -0.19
N GLY D 715 -30.89 21.69 -0.71
CA GLY D 715 -30.40 22.97 -0.25
C GLY D 715 -29.44 22.90 0.92
N SER D 716 -29.25 21.73 1.51
CA SER D 716 -28.30 21.59 2.60
C SER D 716 -26.87 21.69 2.08
N SER D 717 -25.99 22.27 2.89
CA SER D 717 -24.61 22.46 2.47
C SER D 717 -23.78 21.19 2.58
N LEU D 718 -24.33 20.11 3.14
CA LEU D 718 -23.56 18.90 3.37
C LEU D 718 -23.46 18.01 2.15
N GLY D 719 -24.24 18.28 1.09
CA GLY D 719 -24.25 17.38 -0.05
C GLY D 719 -22.91 17.32 -0.77
N THR D 720 -22.31 18.49 -1.04
CA THR D 720 -21.04 18.51 -1.77
C THR D 720 -19.92 17.84 -0.98
N PRO D 721 -19.69 18.15 0.30
CA PRO D 721 -18.61 17.46 1.03
C PRO D 721 -18.78 15.96 1.11
N VAL D 722 -20.01 15.47 1.33
CA VAL D 722 -20.19 14.02 1.41
C VAL D 722 -20.06 13.37 0.05
N ASN D 723 -20.45 14.06 -1.03
CA ASN D 723 -20.22 13.50 -2.37
C ASN D 723 -18.73 13.40 -2.66
N LEU D 724 -17.97 14.46 -2.34
CA LEU D 724 -16.52 14.39 -2.53
C LEU D 724 -15.91 13.29 -1.68
N ALA D 725 -16.40 13.13 -0.45
CA ALA D 725 -15.86 12.12 0.44
C ALA D 725 -16.14 10.71 -0.06
N VAL D 726 -17.35 10.45 -0.55
CA VAL D 726 -17.64 9.12 -1.08
C VAL D 726 -16.84 8.87 -2.36
N LEU D 727 -16.63 9.90 -3.17
CA LEU D 727 -15.80 9.73 -4.36
C LEU D 727 -14.37 9.36 -3.97
N LYS D 728 -13.80 10.07 -3.00
CA LYS D 728 -12.44 9.77 -2.57
C LYS D 728 -12.34 8.39 -1.94
N LEU D 729 -13.35 8.01 -1.15
CA LEU D 729 -13.37 6.67 -0.56
C LEU D 729 -13.45 5.59 -1.61
N SER D 730 -14.24 5.81 -2.67
CA SER D 730 -14.25 4.87 -3.78
C SER D 730 -12.89 4.79 -4.44
N GLU D 731 -12.22 5.93 -4.60
CA GLU D 731 -10.84 5.90 -5.09
C GLU D 731 -9.89 5.29 -4.05
N GLN D 732 -10.13 5.54 -2.76
CA GLN D 732 -9.28 4.97 -1.72
C GLN D 732 -9.52 3.48 -1.49
N GLY D 733 -10.59 2.91 -2.05
CA GLY D 733 -10.84 1.49 -1.88
C GLY D 733 -11.37 1.09 -0.52
N VAL D 734 -11.75 2.04 0.32
CA VAL D 734 -12.29 1.70 1.64
C VAL D 734 -13.61 0.97 1.51
N LEU D 735 -14.43 1.37 0.52
CA LEU D 735 -15.74 0.75 0.33
C LEU D 735 -15.61 -0.73 0.03
N ASP D 736 -14.67 -1.10 -0.84
CA ASP D 736 -14.43 -2.50 -1.16
C ASP D 736 -13.97 -3.28 0.08
N LYS D 737 -13.10 -2.66 0.88
CA LYS D 737 -12.63 -3.30 2.10
C LYS D 737 -13.78 -3.56 3.06
N LEU D 738 -14.68 -2.59 3.21
CA LEU D 738 -15.82 -2.77 4.10
C LEU D 738 -16.78 -3.82 3.57
N LYS D 739 -16.99 -3.86 2.24
CA LYS D 739 -17.85 -4.89 1.67
C LYS D 739 -17.27 -6.28 1.91
N ASN D 740 -15.96 -6.43 1.73
CA ASN D 740 -15.33 -7.72 2.03
C ASN D 740 -15.45 -8.05 3.51
N LYS D 741 -15.28 -7.05 4.37
CA LYS D 741 -15.35 -7.26 5.81
C LYS D 741 -16.72 -7.76 6.25
N TRP D 742 -17.79 -7.17 5.69
CA TRP D 742 -19.12 -7.45 6.22
C TRP D 742 -19.90 -8.49 5.42
N TRP D 743 -19.56 -8.70 4.14
CA TRP D 743 -20.24 -9.72 3.34
C TRP D 743 -19.47 -11.03 3.30
N TYR D 744 -18.23 -10.98 2.80
CA TYR D 744 -17.53 -12.21 2.45
C TYR D 744 -16.60 -12.70 3.55
N ASP D 745 -16.17 -11.81 4.45
CA ASP D 745 -15.36 -12.24 5.58
C ASP D 745 -16.20 -12.91 6.66
N LYS D 746 -17.53 -12.91 6.52
CA LYS D 746 -18.41 -13.51 7.51
C LYS D 746 -19.32 -14.57 6.89
N GLY D 747 -18.75 -15.43 6.04
CA GLY D 747 -19.49 -16.50 5.39
C GLY D 747 -19.77 -17.72 6.26
N GLU D 748 -20.72 -17.56 7.18
CA GLU D 748 -20.94 -18.53 8.26
C GLU D 748 -21.48 -19.86 7.77
N CYS D 749 -21.75 -20.00 6.47
CA CYS D 749 -22.08 -21.28 5.86
C CYS D 749 -21.32 -21.42 4.56
N GLY D 750 -21.59 -22.51 3.83
CA GLY D 750 -21.36 -22.57 2.40
C GLY D 750 -21.26 -23.96 1.84
N ALA D 751 -21.88 -24.21 0.70
CA ALA D 751 -21.57 -25.44 0.01
C ALA D 751 -20.16 -25.30 -0.57
N LYS D 752 -19.46 -26.42 -0.67
CA LYS D 752 -18.02 -26.29 -0.85
C LYS D 752 -17.72 -25.80 -2.27
N ASP D 753 -17.92 -26.63 -3.28
CA ASP D 753 -18.25 -26.08 -4.59
C ASP D 753 -19.45 -26.78 -5.19
N SER D 754 -19.31 -28.10 -5.39
CA SER D 754 -20.39 -28.96 -5.84
C SER D 754 -20.28 -30.32 -5.16
N GLY D 755 -19.33 -30.46 -4.25
CA GLY D 755 -18.96 -31.76 -3.71
C GLY D 755 -20.10 -32.52 -3.07
N SER D 756 -20.60 -32.02 -1.93
CA SER D 756 -21.71 -32.62 -1.21
C SER D 756 -21.48 -34.12 -0.97
N LYS D 757 -20.24 -34.48 -0.62
CA LYS D 757 -19.91 -35.88 -0.39
C LYS D 757 -20.69 -36.43 0.80
N GLU D 758 -21.09 -37.70 0.70
CA GLU D 758 -21.79 -38.40 1.76
C GLU D 758 -22.01 -39.84 1.31
N LYS D 759 -22.36 -40.73 2.22
CA LYS D 759 -22.80 -42.06 1.86
C LYS D 759 -24.08 -41.95 1.04
N THR D 760 -24.31 -42.91 0.16
CA THR D 760 -25.53 -42.94 -0.64
C THR D 760 -26.79 -43.09 0.20
N SER D 761 -26.70 -43.84 1.31
CA SER D 761 -27.84 -44.18 2.15
C SER D 761 -28.74 -45.19 1.43
N ALA D 762 -29.35 -46.08 2.20
CA ALA D 762 -30.11 -47.17 1.64
C ALA D 762 -31.46 -46.69 1.15
N LEU D 763 -31.99 -47.36 0.12
CA LEU D 763 -33.35 -47.11 -0.31
C LEU D 763 -34.31 -47.33 0.85
N SER D 764 -35.17 -46.34 1.09
CA SER D 764 -36.21 -46.45 2.08
C SER D 764 -37.42 -47.11 1.46
N LEU D 765 -38.37 -47.51 2.32
CA LEU D 765 -39.58 -48.14 1.80
C LEU D 765 -40.45 -47.16 1.03
N SER D 766 -40.23 -45.86 1.21
CA SER D 766 -40.96 -44.88 0.42
C SER D 766 -40.55 -44.94 -1.05
N ASN D 767 -39.28 -45.23 -1.33
CA ASN D 767 -38.80 -45.23 -2.71
C ASN D 767 -39.49 -46.30 -3.54
N VAL D 768 -39.62 -47.52 -3.02
CA VAL D 768 -40.28 -48.60 -3.73
C VAL D 768 -41.65 -48.92 -3.17
N ALA D 769 -42.32 -47.96 -2.51
CA ALA D 769 -43.62 -48.24 -1.93
C ALA D 769 -44.64 -48.61 -2.99
N GLY D 770 -44.58 -47.94 -4.14
CA GLY D 770 -45.59 -48.16 -5.15
C GLY D 770 -45.62 -49.58 -5.68
N VAL D 771 -44.46 -50.22 -5.78
CA VAL D 771 -44.44 -51.57 -6.33
C VAL D 771 -45.13 -52.55 -5.38
N PHE D 772 -45.09 -52.28 -4.07
CA PHE D 772 -45.81 -53.12 -3.13
C PHE D 772 -47.31 -52.94 -3.27
N TYR D 773 -47.76 -51.71 -3.51
CA TYR D 773 -49.18 -51.49 -3.77
C TYR D 773 -49.61 -52.19 -5.05
N ILE D 774 -48.78 -52.12 -6.09
CA ILE D 774 -49.07 -52.85 -7.32
C ILE D 774 -49.20 -54.33 -7.04
N LEU D 775 -48.29 -54.87 -6.24
CA LEU D 775 -48.30 -56.30 -5.96
C LEU D 775 -49.56 -56.72 -5.18
N VAL D 776 -49.91 -55.97 -4.14
CA VAL D 776 -51.07 -56.36 -3.35
C VAL D 776 -52.36 -56.14 -4.13
N GLY D 777 -52.42 -55.11 -4.96
CA GLY D 777 -53.55 -54.96 -5.84
C GLY D 777 -53.66 -56.11 -6.83
N GLY D 778 -52.52 -56.57 -7.33
CA GLY D 778 -52.53 -57.72 -8.21
C GLY D 778 -53.05 -58.97 -7.53
N LEU D 779 -52.64 -59.18 -6.28
CA LEU D 779 -53.15 -60.33 -5.53
C LEU D 779 -54.65 -60.21 -5.31
N GLY D 780 -55.15 -59.02 -4.97
CA GLY D 780 -56.57 -58.84 -4.81
C GLY D 780 -57.34 -59.10 -6.09
N LEU D 781 -56.84 -58.59 -7.21
CA LEU D 781 -57.47 -58.81 -8.50
C LEU D 781 -57.47 -60.29 -8.85
N ALA D 782 -56.38 -60.98 -8.57
CA ALA D 782 -56.28 -62.40 -8.88
C ALA D 782 -57.27 -63.22 -8.06
N MET D 783 -57.39 -62.92 -6.76
CA MET D 783 -58.38 -63.63 -5.96
C MET D 783 -59.80 -63.36 -6.45
N LEU D 784 -60.09 -62.11 -6.81
CA LEU D 784 -61.41 -61.79 -7.33
C LEU D 784 -61.69 -62.57 -8.61
N VAL D 785 -60.72 -62.62 -9.52
CA VAL D 785 -60.91 -63.32 -10.79
C VAL D 785 -61.12 -64.81 -10.55
N ALA D 786 -60.31 -65.40 -9.66
CA ALA D 786 -60.45 -66.83 -9.38
C ALA D 786 -61.82 -67.13 -8.81
N LEU D 787 -62.30 -66.32 -7.87
CA LEU D 787 -63.60 -66.59 -7.29
C LEU D 787 -64.72 -66.36 -8.31
N ILE D 788 -64.55 -65.37 -9.20
CA ILE D 788 -65.57 -65.14 -10.23
C ILE D 788 -65.68 -66.34 -11.16
N GLU D 789 -64.53 -66.86 -11.61
CA GLU D 789 -64.56 -68.03 -12.47
C GLU D 789 -65.13 -69.25 -11.73
N PHE D 790 -64.78 -69.40 -10.45
CA PHE D 790 -65.31 -70.52 -9.67
C PHE D 790 -66.82 -70.44 -9.52
N CYS D 791 -67.36 -69.24 -9.26
CA CYS D 791 -68.80 -69.11 -9.10
C CYS D 791 -69.52 -69.22 -10.44
N TYR D 792 -68.89 -68.76 -11.51
CA TYR D 792 -69.47 -68.93 -12.84
C TYR D 792 -69.53 -70.40 -13.22
N LYS D 793 -68.48 -71.16 -12.89
CA LYS D 793 -68.48 -72.58 -13.18
C LYS D 793 -69.20 -73.41 -12.12
N SER D 794 -69.67 -72.78 -11.05
CA SER D 794 -70.51 -73.46 -10.09
C SER D 794 -71.99 -73.36 -10.42
N ARG D 795 -72.34 -72.66 -11.50
CA ARG D 795 -73.72 -72.52 -11.93
C ARG D 795 -73.95 -73.22 -13.26
#